data_2QL3
#
_entry.id   2QL3
#
_cell.length_a   114.277
_cell.length_b   114.277
_cell.length_c   175.359
_cell.angle_alpha   90.00
_cell.angle_beta   90.00
_cell.angle_gamma   120.00
#
_symmetry.space_group_name_H-M   'P 32'
#
loop_
_entity.id
_entity.type
_entity.pdbx_description
1 polymer 'Probable transcriptional regulator, LysR family protein'
2 non-polymer 'PHOSPHATE ION'
3 water water
#
_entity_poly.entity_id   1
_entity_poly.type   'polypeptide(L)'
_entity_poly.pdbx_seq_one_letter_code
;GHVAGPIAVGCYPALGPTILPS(MSE)LYAFTAEYPRASVEFREDTQNRLRTQLEGGELDVAIVYDLDLSPEWQTVPL
(MSE)TREP(MSE)VVLGAEHPLAGVDGPVRLADLAEHP(MSE)VLLDAPPSTNHA(MSE)DVCREAGFAPRVAYRTANF
ETARAFVGRGLGWTLLLQRPRVDVTYEGLPVVVKPIAEPKPASVAVVVAWHQEATLSRVARAFIRFVTAGS
;
_entity_poly.pdbx_strand_id   A,B,C,D,E,F,G,H,I,J,K,L
#
loop_
_chem_comp.id
_chem_comp.type
_chem_comp.name
_chem_comp.formula
PO4 non-polymer 'PHOSPHATE ION' 'O4 P -3'
#
# COMPACT_ATOMS: atom_id res chain seq x y z
N VAL A 3 -20.51 66.99 35.70
CA VAL A 3 -20.02 65.80 36.49
C VAL A 3 -18.56 65.50 36.24
N ALA A 4 -17.88 65.12 37.31
CA ALA A 4 -16.44 64.93 37.27
C ALA A 4 -16.02 63.86 38.29
N GLY A 5 -14.86 63.24 38.11
CA GLY A 5 -14.41 62.26 39.07
C GLY A 5 -14.43 60.83 38.51
N PRO A 6 -13.89 59.87 39.30
CA PRO A 6 -13.66 58.47 38.82
C PRO A 6 -14.94 57.67 38.83
N ILE A 7 -15.13 56.79 37.84
CA ILE A 7 -16.17 55.73 37.91
C ILE A 7 -15.52 54.43 37.51
N ALA A 8 -15.80 53.37 38.25
CA ALA A 8 -15.35 52.00 37.88
C ALA A 8 -16.47 51.21 37.19
N VAL A 9 -16.20 50.90 35.93
CA VAL A 9 -17.12 50.15 35.05
C VAL A 9 -16.58 48.75 34.73
N GLY A 10 -17.35 47.75 35.11
CA GLY A 10 -16.92 46.40 34.78
C GLY A 10 -17.75 45.84 33.65
N CYS A 11 -17.26 44.77 33.03
CA CYS A 11 -18.08 44.02 32.07
C CYS A 11 -17.55 42.62 31.85
N TYR A 12 -18.37 41.74 31.24
CA TYR A 12 -17.91 40.40 30.83
C TYR A 12 -17.07 40.56 29.55
N PRO A 13 -15.98 39.77 29.41
CA PRO A 13 -15.06 40.00 28.27
C PRO A 13 -15.66 40.08 26.85
N ALA A 14 -16.65 39.25 26.54
CA ALA A 14 -17.35 39.27 25.26
C ALA A 14 -18.13 40.55 24.98
N LEU A 15 -18.37 41.33 26.03
CA LEU A 15 -19.05 42.61 25.91
C LEU A 15 -18.02 43.73 25.72
N GLY A 16 -16.76 43.48 26.11
CA GLY A 16 -15.70 44.47 25.97
C GLY A 16 -15.51 45.09 24.59
N PRO A 17 -15.42 44.27 23.50
CA PRO A 17 -15.25 44.87 22.12
C PRO A 17 -16.53 45.24 21.34
N THR A 18 -17.69 44.85 21.86
CA THR A 18 -18.92 44.97 21.09
C THR A 18 -19.73 46.15 21.59
N ILE A 19 -19.92 46.22 22.91
CA ILE A 19 -20.76 47.25 23.49
C ILE A 19 -20.01 48.44 24.16
N LEU A 20 -18.94 48.11 24.85
CA LEU A 20 -18.19 49.01 25.66
C LEU A 20 -17.43 50.12 24.93
N PRO A 21 -16.82 49.83 23.77
CA PRO A 21 -16.01 50.91 23.15
C PRO A 21 -16.75 52.20 22.90
N SER A 22 -17.93 52.15 22.23
CA SER A 22 -18.66 53.40 21.95
C SER A 22 -19.24 54.04 23.19
N MSE A 23 -19.68 53.23 24.15
CA MSE A 23 -20.16 53.71 25.43
C MSE A 23 -19.11 54.53 26.14
O MSE A 23 -19.38 55.63 26.55
CB MSE A 23 -20.50 52.52 26.36
CG MSE A 23 -21.92 52.28 26.58
SE MSE A 23 -22.14 50.87 27.98
CE MSE A 23 -20.69 51.28 28.99
N LEU A 24 -17.92 53.97 26.31
CA LEU A 24 -16.80 54.69 26.96
C LEU A 24 -16.41 55.93 26.18
N TYR A 25 -16.33 55.82 24.85
CA TYR A 25 -16.03 56.99 24.01
C TYR A 25 -17.09 58.06 24.19
N ALA A 26 -18.36 57.72 23.97
CA ALA A 26 -19.42 58.71 24.08
C ALA A 26 -19.47 59.33 25.49
N PHE A 27 -19.31 58.50 26.53
CA PHE A 27 -19.41 59.02 27.90
C PHE A 27 -18.31 60.04 28.20
N THR A 28 -17.07 59.68 27.85
CA THR A 28 -15.93 60.49 28.22
C THR A 28 -15.87 61.74 27.38
N ALA A 29 -16.46 61.66 26.19
CA ALA A 29 -16.70 62.80 25.30
C ALA A 29 -17.76 63.73 25.88
N GLU A 30 -18.89 63.21 26.40
CA GLU A 30 -19.79 64.17 27.07
C GLU A 30 -19.30 64.81 28.33
N TYR A 31 -18.51 64.06 29.08
CA TYR A 31 -18.07 64.44 30.43
C TYR A 31 -16.55 64.34 30.49
N PRO A 32 -15.85 65.34 29.96
CA PRO A 32 -14.35 65.32 29.86
C PRO A 32 -13.59 65.23 31.20
N ARG A 33 -14.30 65.49 32.31
CA ARG A 33 -13.72 65.52 33.63
C ARG A 33 -14.11 64.29 34.47
N ALA A 34 -14.86 63.35 33.87
CA ALA A 34 -15.05 62.05 34.49
C ALA A 34 -13.89 61.18 34.07
N SER A 35 -13.46 60.24 34.91
CA SER A 35 -12.51 59.24 34.41
C SER A 35 -13.01 57.81 34.63
N VAL A 36 -12.96 56.98 33.58
CA VAL A 36 -13.40 55.58 33.75
C VAL A 36 -12.34 54.57 34.08
N GLU A 37 -12.61 53.79 35.13
CA GLU A 37 -11.72 52.67 35.43
C GLU A 37 -12.39 51.43 34.87
N PHE A 38 -11.84 50.94 33.77
CA PHE A 38 -12.47 49.86 33.04
C PHE A 38 -11.86 48.53 33.43
N ARG A 39 -12.69 47.56 33.80
CA ARG A 39 -12.22 46.19 34.12
C ARG A 39 -13.13 45.18 33.44
N GLU A 40 -12.56 44.28 32.66
CA GLU A 40 -13.26 43.12 32.17
C GLU A 40 -13.05 42.00 33.15
N ASP A 41 -14.10 41.28 33.52
CA ASP A 41 -13.86 40.10 34.39
C ASP A 41 -14.86 39.04 34.18
N THR A 42 -14.50 37.82 34.62
CA THR A 42 -15.32 36.65 34.44
C THR A 42 -16.50 36.76 35.40
N GLN A 43 -17.40 35.79 35.34
CA GLN A 43 -18.68 35.97 35.97
C GLN A 43 -18.65 36.18 37.50
N ASN A 44 -18.10 35.25 38.27
CA ASN A 44 -18.01 35.46 39.74
C ASN A 44 -17.13 36.64 40.16
N ARG A 45 -16.04 36.86 39.45
CA ARG A 45 -15.10 37.85 39.85
C ARG A 45 -15.75 39.19 39.69
N LEU A 46 -16.50 39.41 38.61
CA LEU A 46 -17.22 40.74 38.41
C LEU A 46 -18.26 40.95 39.52
N ARG A 47 -18.98 39.88 39.86
CA ARG A 47 -20.01 39.95 40.92
C ARG A 47 -19.39 40.30 42.28
N THR A 48 -18.28 39.63 42.55
CA THR A 48 -17.45 39.81 43.72
C THR A 48 -16.89 41.24 43.85
N GLN A 49 -16.40 41.78 42.74
CA GLN A 49 -15.94 43.16 42.71
C GLN A 49 -17.09 44.14 42.93
N LEU A 50 -18.20 43.96 42.22
CA LEU A 50 -19.40 44.79 42.44
C LEU A 50 -19.93 44.75 43.89
N GLU A 51 -20.02 43.57 44.48
CA GLU A 51 -20.45 43.48 45.90
C GLU A 51 -19.52 44.26 46.82
N GLY A 52 -18.22 44.21 46.57
CA GLY A 52 -17.28 44.89 47.48
C GLY A 52 -16.99 46.37 47.20
N GLY A 53 -17.68 46.95 46.22
CA GLY A 53 -17.53 48.34 45.86
C GLY A 53 -16.36 48.68 44.98
N GLU A 54 -15.75 47.67 44.37
CA GLU A 54 -14.60 47.89 43.54
C GLU A 54 -15.06 48.37 42.18
N LEU A 55 -16.29 48.03 41.82
CA LEU A 55 -16.95 48.52 40.62
C LEU A 55 -18.15 49.34 41.04
N ASP A 56 -18.45 50.39 40.28
CA ASP A 56 -19.66 51.20 40.50
C ASP A 56 -20.84 50.54 39.77
N VAL A 57 -20.57 50.15 38.52
CA VAL A 57 -21.57 49.59 37.61
C VAL A 57 -20.93 48.46 36.82
N ALA A 58 -21.79 47.62 36.24
CA ALA A 58 -21.38 46.50 35.39
C ALA A 58 -22.28 46.50 34.14
N ILE A 59 -21.68 46.19 33.00
CA ILE A 59 -22.40 45.93 31.79
C ILE A 59 -22.38 44.43 31.60
N VAL A 60 -23.56 43.80 31.67
CA VAL A 60 -23.62 42.33 31.70
C VAL A 60 -24.80 41.78 30.92
N TYR A 61 -24.75 40.49 30.58
CA TYR A 61 -25.98 39.83 30.18
C TYR A 61 -26.87 39.61 31.39
N ASP A 62 -28.16 39.81 31.23
CA ASP A 62 -29.10 39.54 32.32
C ASP A 62 -29.42 38.05 32.27
N LEU A 63 -28.45 37.26 32.73
CA LEU A 63 -28.52 35.81 32.96
C LEU A 63 -27.88 35.50 34.33
N ASP A 64 -28.65 34.82 35.18
CA ASP A 64 -28.13 34.34 36.48
C ASP A 64 -27.58 35.46 37.41
N LEU A 65 -28.19 36.66 37.39
CA LEU A 65 -27.69 37.80 38.15
C LEU A 65 -28.31 37.74 39.55
N SER A 66 -27.66 38.27 40.59
CA SER A 66 -28.39 38.40 41.86
C SER A 66 -29.60 39.30 41.71
N PRO A 67 -30.67 38.91 42.42
CA PRO A 67 -31.76 39.85 42.70
C PRO A 67 -31.33 41.11 43.43
N GLU A 68 -30.12 41.17 44.00
CA GLU A 68 -29.66 42.37 44.74
C GLU A 68 -29.29 43.53 43.78
N TRP A 69 -29.22 43.23 42.47
CA TRP A 69 -28.78 44.16 41.43
C TRP A 69 -29.96 44.80 40.73
N GLN A 70 -29.94 46.10 40.69
CA GLN A 70 -30.83 46.90 39.86
C GLN A 70 -30.23 46.81 38.46
N THR A 71 -31.07 46.74 37.45
CA THR A 71 -30.61 46.62 36.07
C THR A 71 -31.47 47.52 35.17
N VAL A 72 -30.94 47.95 34.02
CA VAL A 72 -31.71 48.68 33.03
C VAL A 72 -31.25 48.12 31.67
N PRO A 73 -32.19 47.66 30.82
CA PRO A 73 -31.79 47.06 29.56
C PRO A 73 -31.22 48.02 28.54
N LEU A 74 -30.14 47.61 27.88
CA LEU A 74 -29.47 48.48 26.92
C LEU A 74 -29.88 48.02 25.53
N MSE A 75 -30.03 46.71 25.39
CA MSE A 75 -30.32 46.05 24.14
C MSE A 75 -30.66 44.60 24.45
O MSE A 75 -30.40 44.13 25.55
CB MSE A 75 -29.19 46.15 23.11
CG MSE A 75 -27.72 45.91 23.60
SE MSE A 75 -26.93 44.52 22.53
CE MSE A 75 -26.49 45.49 20.86
N THR A 76 -31.31 43.94 23.49
CA THR A 76 -31.69 42.55 23.60
C THR A 76 -31.21 41.85 22.32
N ARG A 77 -30.81 40.60 22.43
CA ARG A 77 -30.40 39.87 21.23
C ARG A 77 -30.78 38.45 21.34
N GLU A 78 -31.20 37.94 20.22
CA GLU A 78 -31.50 36.54 20.00
C GLU A 78 -30.21 35.71 19.84
N PRO A 79 -30.07 34.59 20.57
CA PRO A 79 -28.97 33.66 20.16
C PRO A 79 -29.10 33.28 18.69
N MSE A 80 -27.95 33.15 18.01
CA MSE A 80 -27.83 32.73 16.60
C MSE A 80 -26.81 31.60 16.40
O MSE A 80 -25.86 31.42 17.16
CB MSE A 80 -27.49 33.91 15.71
CG MSE A 80 -26.05 34.44 15.85
SE MSE A 80 -25.93 36.42 15.60
CE MSE A 80 -26.36 37.10 17.39
N VAL A 81 -27.07 30.80 15.38
CA VAL A 81 -26.12 29.80 14.94
C VAL A 81 -25.09 30.46 14.01
N VAL A 82 -23.83 30.02 14.13
CA VAL A 82 -22.78 30.51 13.28
C VAL A 82 -22.11 29.31 12.68
N LEU A 83 -21.98 29.34 11.35
CA LEU A 83 -21.46 28.24 10.52
C LEU A 83 -20.30 28.76 9.68
N GLY A 84 -19.43 27.84 9.29
CA GLY A 84 -18.43 28.10 8.27
C GLY A 84 -19.11 27.97 6.92
N ALA A 85 -18.53 28.62 5.93
CA ALA A 85 -19.12 28.73 4.58
C ALA A 85 -19.26 27.40 3.86
N GLU A 86 -18.42 26.42 4.23
CA GLU A 86 -18.43 25.06 3.66
C GLU A 86 -19.27 24.09 4.51
N HIS A 87 -19.85 24.60 5.59
CA HIS A 87 -20.65 23.76 6.46
C HIS A 87 -21.85 23.12 5.72
N PRO A 88 -22.08 21.81 5.95
CA PRO A 88 -23.24 21.08 5.45
C PRO A 88 -24.52 21.95 5.50
N LEU A 89 -24.80 22.58 6.64
CA LEU A 89 -26.05 23.33 6.73
C LEU A 89 -25.94 24.79 6.25
N ALA A 90 -24.83 25.18 5.62
CA ALA A 90 -24.66 26.63 5.31
C ALA A 90 -25.46 27.06 4.09
N GLY A 91 -25.85 26.07 3.28
CA GLY A 91 -26.84 26.22 2.21
C GLY A 91 -28.27 26.52 2.72
N VAL A 92 -28.63 26.02 3.91
CA VAL A 92 -29.96 26.25 4.52
C VAL A 92 -30.42 27.69 4.34
N ASP A 93 -31.34 27.86 3.40
CA ASP A 93 -32.11 29.09 3.33
C ASP A 93 -33.06 29.29 4.54
N GLY A 94 -32.99 30.44 5.18
CA GLY A 94 -33.82 30.75 6.36
C GLY A 94 -33.22 30.21 7.65
N PRO A 95 -34.04 30.12 8.72
CA PRO A 95 -33.51 29.71 10.01
C PRO A 95 -33.15 28.21 10.11
N VAL A 96 -32.25 27.86 11.02
CA VAL A 96 -31.94 26.43 11.20
C VAL A 96 -32.74 25.91 12.38
N ARG A 97 -33.20 24.67 12.33
CA ARG A 97 -33.60 24.05 13.57
C ARG A 97 -32.39 23.37 14.16
N LEU A 98 -32.09 23.72 15.40
CA LEU A 98 -30.85 23.32 16.03
C LEU A 98 -30.75 21.81 16.04
N ALA A 99 -31.89 21.16 16.23
CA ALA A 99 -31.98 19.70 16.17
C ALA A 99 -31.25 19.12 14.95
N ASP A 100 -31.14 19.90 13.87
CA ASP A 100 -30.51 19.45 12.61
C ASP A 100 -28.98 19.41 12.69
N LEU A 101 -28.44 20.01 13.74
CA LEU A 101 -27.00 20.04 14.01
C LEU A 101 -26.62 19.13 15.18
N ALA A 102 -27.58 18.38 15.71
CA ALA A 102 -27.31 17.55 16.89
C ALA A 102 -26.14 16.59 16.69
N GLU A 103 -25.95 16.11 15.45
CA GLU A 103 -24.88 15.17 15.19
C GLU A 103 -23.61 15.79 14.55
N HIS A 104 -23.60 17.11 14.34
CA HIS A 104 -22.40 17.81 13.81
C HIS A 104 -21.60 18.34 14.99
N PRO A 105 -20.24 18.39 14.86
CA PRO A 105 -19.38 18.77 15.96
C PRO A 105 -19.62 20.23 16.33
N MSE A 106 -19.71 20.54 17.63
CA MSE A 106 -19.88 21.91 18.02
C MSE A 106 -18.57 22.52 18.57
O MSE A 106 -17.77 21.81 19.15
CB MSE A 106 -21.05 22.05 19.05
CG MSE A 106 -21.34 23.51 19.46
SE MSE A 106 -22.18 23.52 21.23
CE MSE A 106 -22.82 25.45 21.27
N VAL A 107 -18.38 23.83 18.34
CA VAL A 107 -17.33 24.65 18.98
C VAL A 107 -18.10 25.43 20.04
N LEU A 108 -17.82 25.15 21.31
CA LEU A 108 -18.52 25.73 22.45
C LEU A 108 -17.76 26.93 23.01
N LEU A 109 -18.43 28.08 23.08
CA LEU A 109 -17.90 29.20 23.84
C LEU A 109 -18.19 28.96 25.34
N ASP A 110 -17.16 28.66 26.11
CA ASP A 110 -17.41 28.35 27.50
C ASP A 110 -17.05 29.62 28.26
N ALA A 111 -17.98 30.56 28.35
CA ALA A 111 -17.69 31.82 29.06
C ALA A 111 -18.93 32.15 29.87
N PRO A 112 -19.06 31.56 31.11
CA PRO A 112 -20.29 31.80 31.87
C PRO A 112 -20.64 33.31 31.92
N PRO A 113 -21.92 33.65 31.79
CA PRO A 113 -23.12 32.77 31.77
C PRO A 113 -23.44 32.14 30.38
N SER A 114 -22.60 32.39 29.36
CA SER A 114 -22.90 31.86 28.01
C SER A 114 -22.95 30.35 27.93
N THR A 115 -22.14 29.67 28.73
CA THR A 115 -21.98 28.25 28.67
C THR A 115 -23.28 27.53 29.05
N ASN A 116 -23.89 27.91 30.20
CA ASN A 116 -25.15 27.32 30.65
C ASN A 116 -26.26 27.74 29.70
N HIS A 117 -26.23 29.01 29.26
CA HIS A 117 -27.26 29.47 28.30
C HIS A 117 -27.27 28.52 27.06
N ALA A 118 -26.08 28.23 26.54
CA ALA A 118 -25.91 27.49 25.31
C ALA A 118 -26.36 26.04 25.56
N MSE A 119 -25.94 25.41 26.66
CA MSE A 119 -26.41 24.04 27.01
C MSE A 119 -27.92 24.03 27.22
O MSE A 119 -28.58 23.02 26.91
CB MSE A 119 -25.76 23.50 28.29
CG MSE A 119 -24.30 23.22 28.23
SE MSE A 119 -23.71 22.30 26.60
CE MSE A 119 -21.87 21.87 27.20
N ASP A 120 -28.45 25.14 27.74
CA ASP A 120 -29.91 25.30 27.98
C ASP A 120 -30.67 25.33 26.68
N VAL A 121 -30.18 26.06 25.68
CA VAL A 121 -30.89 26.12 24.40
C VAL A 121 -30.82 24.85 23.52
N CYS A 122 -29.69 24.13 23.56
CA CYS A 122 -29.66 22.79 22.96
C CYS A 122 -30.61 21.87 23.69
N ARG A 123 -30.52 21.88 25.02
CA ARG A 123 -31.32 20.99 25.89
C ARG A 123 -32.75 21.15 25.49
N GLU A 124 -33.16 22.39 25.23
CA GLU A 124 -34.57 22.68 24.86
C GLU A 124 -34.93 22.19 23.44
N ALA A 125 -33.96 22.19 22.53
CA ALA A 125 -34.14 21.57 21.20
C ALA A 125 -34.04 20.02 21.23
N GLY A 126 -33.72 19.47 22.41
CA GLY A 126 -33.77 18.01 22.65
C GLY A 126 -32.43 17.27 22.74
N PHE A 127 -31.30 17.96 22.73
CA PHE A 127 -30.01 17.27 22.66
C PHE A 127 -28.93 17.86 23.54
N ALA A 128 -27.89 17.06 23.72
CA ALA A 128 -26.66 17.44 24.37
C ALA A 128 -25.65 17.52 23.22
N PRO A 129 -25.07 18.69 23.02
CA PRO A 129 -24.21 18.77 21.82
C PRO A 129 -22.91 17.97 21.96
N ARG A 130 -22.41 17.52 20.81
CA ARG A 130 -21.07 16.89 20.68
C ARG A 130 -20.04 18.00 20.55
N VAL A 131 -19.37 18.33 21.65
CA VAL A 131 -18.43 19.44 21.72
C VAL A 131 -17.06 18.91 21.31
N ALA A 132 -16.66 19.30 20.12
CA ALA A 132 -15.34 19.01 19.55
C ALA A 132 -14.26 19.95 20.11
N TYR A 133 -14.65 21.19 20.40
CA TYR A 133 -13.70 22.19 20.89
C TYR A 133 -14.39 23.15 21.83
N ARG A 134 -13.67 23.57 22.86
CA ARG A 134 -14.17 24.47 23.88
C ARG A 134 -13.16 25.60 24.01
N THR A 135 -13.66 26.83 24.21
CA THR A 135 -12.82 28.05 24.34
C THR A 135 -13.57 29.12 25.15
N ALA A 136 -12.87 29.90 25.95
CA ALA A 136 -13.57 31.06 26.54
C ALA A 136 -13.41 32.36 25.71
N ASN A 137 -12.73 32.23 24.56
CA ASN A 137 -12.41 33.36 23.71
C ASN A 137 -13.39 33.50 22.54
N PHE A 138 -14.10 34.61 22.47
CA PHE A 138 -15.17 34.79 21.47
C PHE A 138 -14.64 34.63 20.06
N GLU A 139 -13.52 35.27 19.78
CA GLU A 139 -12.96 35.20 18.42
C GLU A 139 -12.40 33.83 18.11
N THR A 140 -11.90 33.12 19.12
CA THR A 140 -11.49 31.77 18.85
C THR A 140 -12.68 30.92 18.38
N ALA A 141 -13.86 31.14 18.98
CA ALA A 141 -15.03 30.39 18.58
C ALA A 141 -15.38 30.72 17.13
N ARG A 142 -15.43 32.01 16.79
CA ARG A 142 -15.75 32.45 15.40
C ARG A 142 -14.70 31.98 14.43
N ALA A 143 -13.43 32.09 14.81
CA ALA A 143 -12.35 31.66 13.91
C ALA A 143 -12.35 30.14 13.64
N PHE A 144 -12.61 29.34 14.70
CA PHE A 144 -12.70 27.89 14.55
C PHE A 144 -13.89 27.51 13.61
N VAL A 145 -15.05 28.09 13.84
CA VAL A 145 -16.22 27.84 12.99
C VAL A 145 -15.96 28.28 11.53
N GLY A 146 -15.32 29.44 11.33
CA GLY A 146 -15.10 29.96 9.97
C GLY A 146 -14.17 29.03 9.19
N ARG A 147 -13.21 28.43 9.90
CA ARG A 147 -12.30 27.43 9.36
C ARG A 147 -12.91 26.01 9.15
N GLY A 148 -14.06 25.70 9.73
CA GLY A 148 -14.71 24.44 9.45
C GLY A 148 -14.65 23.44 10.59
N LEU A 149 -14.18 23.85 11.77
CA LEU A 149 -14.00 22.93 12.90
C LEU A 149 -15.29 22.62 13.70
N GLY A 150 -16.37 23.36 13.43
CA GLY A 150 -17.70 22.98 13.84
C GLY A 150 -18.70 24.15 13.70
N TRP A 151 -19.83 24.10 14.41
CA TRP A 151 -20.81 25.16 14.43
C TRP A 151 -20.80 25.74 15.84
N THR A 152 -21.23 26.98 16.00
CA THR A 152 -21.43 27.49 17.33
C THR A 152 -22.75 28.21 17.53
N LEU A 153 -23.02 28.64 18.74
CA LEU A 153 -24.04 29.64 18.95
C LEU A 153 -23.52 30.78 19.78
N LEU A 154 -23.91 32.00 19.39
CA LEU A 154 -23.37 33.24 19.94
C LEU A 154 -24.49 34.24 20.16
N LEU A 155 -24.30 35.05 21.20
CA LEU A 155 -25.27 36.03 21.66
C LEU A 155 -25.02 37.37 20.99
N GLN A 156 -23.86 37.51 20.38
CA GLN A 156 -23.59 38.74 19.68
C GLN A 156 -22.97 38.49 18.32
N ARG A 157 -23.03 39.52 17.50
CA ARG A 157 -22.61 39.43 16.12
C ARG A 157 -21.71 40.62 15.76
N PRO A 158 -20.38 40.39 15.64
CA PRO A 158 -19.48 41.41 15.09
C PRO A 158 -20.01 41.99 13.79
N ARG A 159 -19.79 43.27 13.59
CA ARG A 159 -20.36 43.95 12.42
C ARG A 159 -19.98 43.43 11.05
N VAL A 160 -18.75 42.89 10.93
CA VAL A 160 -18.24 42.31 9.69
C VAL A 160 -18.08 40.79 9.85
N ASP A 161 -18.76 40.00 9.00
CA ASP A 161 -18.78 38.53 9.18
C ASP A 161 -17.47 37.84 8.75
N VAL A 162 -16.34 38.30 9.32
CA VAL A 162 -15.02 37.84 8.92
C VAL A 162 -14.23 37.57 10.20
N THR A 163 -13.40 36.54 10.18
CA THR A 163 -12.66 36.14 11.32
C THR A 163 -11.27 36.71 11.20
N TYR A 164 -10.42 36.48 12.20
CA TYR A 164 -9.02 36.97 12.14
C TYR A 164 -8.19 36.35 11.01
N GLU A 165 -8.52 35.14 10.56
CA GLU A 165 -7.83 34.56 9.42
C GLU A 165 -8.36 35.07 8.07
N GLY A 166 -9.36 35.95 8.09
CA GLY A 166 -9.96 36.48 6.86
C GLY A 166 -10.97 35.53 6.25
N LEU A 167 -11.56 34.63 7.06
CA LEU A 167 -12.57 33.72 6.55
C LEU A 167 -13.98 34.20 6.90
N PRO A 168 -14.97 33.86 6.06
CA PRO A 168 -16.31 34.35 6.39
C PRO A 168 -16.98 33.42 7.37
N VAL A 169 -18.00 33.95 7.99
CA VAL A 169 -18.77 33.19 8.90
C VAL A 169 -20.22 33.42 8.42
N VAL A 170 -21.07 32.42 8.62
CA VAL A 170 -22.43 32.45 8.13
C VAL A 170 -23.34 32.32 9.34
N VAL A 171 -24.12 33.38 9.56
CA VAL A 171 -24.86 33.60 10.80
C VAL A 171 -26.30 33.30 10.44
N LYS A 172 -26.92 32.40 11.20
CA LYS A 172 -28.31 32.06 10.94
C LYS A 172 -29.18 32.12 12.17
N PRO A 173 -30.45 32.61 12.00
CA PRO A 173 -31.42 32.57 13.10
C PRO A 173 -31.85 31.11 13.39
N ILE A 174 -32.23 30.87 14.63
CA ILE A 174 -32.78 29.61 15.13
C ILE A 174 -34.31 29.63 15.22
N ALA A 175 -34.96 28.53 14.84
CA ALA A 175 -36.39 28.42 14.91
C ALA A 175 -36.77 27.03 15.41
N GLU A 176 -38.04 26.93 15.77
CA GLU A 176 -38.69 25.72 16.30
C GLU A 176 -37.93 24.90 17.33
N PRO A 177 -37.87 25.40 18.59
CA PRO A 177 -38.43 26.72 18.94
C PRO A 177 -37.43 27.85 18.74
N LYS A 178 -37.95 29.06 18.63
CA LYS A 178 -37.15 30.26 18.61
C LYS A 178 -36.56 30.39 20.04
N PRO A 179 -35.22 30.53 20.17
CA PRO A 179 -34.63 30.76 21.49
C PRO A 179 -34.96 32.11 22.15
N ALA A 180 -34.97 32.08 23.47
CA ALA A 180 -35.27 33.24 24.33
C ALA A 180 -34.23 34.34 24.00
N SER A 181 -34.68 35.59 23.85
CA SER A 181 -33.75 36.71 23.71
C SER A 181 -33.06 36.97 25.05
N VAL A 182 -31.86 37.55 24.96
CA VAL A 182 -31.09 37.86 26.13
C VAL A 182 -30.82 39.33 26.11
N ALA A 183 -31.16 39.97 27.22
CA ALA A 183 -30.88 41.37 27.44
C ALA A 183 -29.45 41.56 27.93
N VAL A 184 -28.83 42.58 27.36
CA VAL A 184 -27.66 43.20 27.89
C VAL A 184 -28.16 44.39 28.74
N VAL A 185 -27.71 44.41 30.00
CA VAL A 185 -28.10 45.43 30.97
C VAL A 185 -26.91 46.25 31.51
N VAL A 186 -27.17 47.50 31.91
CA VAL A 186 -26.34 48.19 32.93
C VAL A 186 -26.83 47.81 34.35
N ALA A 187 -25.94 47.40 35.23
CA ALA A 187 -26.35 46.93 36.55
C ALA A 187 -25.59 47.59 37.68
N TRP A 188 -26.23 47.68 38.84
CA TRP A 188 -25.56 48.17 40.03
C TRP A 188 -26.26 47.55 41.22
N HIS A 189 -25.64 47.59 42.38
CA HIS A 189 -26.20 46.90 43.55
C HIS A 189 -27.28 47.78 44.25
N GLN A 190 -28.47 47.20 44.49
CA GLN A 190 -29.57 47.78 45.29
C GLN A 190 -29.16 48.64 46.46
N GLU A 191 -28.08 48.25 47.12
CA GLU A 191 -27.72 48.85 48.40
C GLU A 191 -26.60 49.84 48.26
N ALA A 192 -26.03 49.93 47.05
CA ALA A 192 -24.99 50.93 46.81
C ALA A 192 -25.54 52.36 46.94
N THR A 193 -24.71 53.27 47.46
CA THR A 193 -25.01 54.68 47.42
C THR A 193 -24.32 55.16 46.20
N LEU A 194 -25.09 55.33 45.12
CA LEU A 194 -24.54 55.76 43.86
C LEU A 194 -23.89 57.14 43.90
N SER A 195 -22.74 57.27 43.24
CA SER A 195 -22.13 58.59 43.12
C SER A 195 -22.77 59.36 41.95
N ARG A 196 -22.47 60.64 41.88
CA ARG A 196 -23.02 61.52 40.89
C ARG A 196 -22.56 61.08 39.51
N VAL A 197 -21.31 60.64 39.41
CA VAL A 197 -20.75 60.22 38.13
C VAL A 197 -21.33 58.87 37.68
N ALA A 198 -21.60 57.97 38.63
CA ALA A 198 -22.21 56.65 38.37
C ALA A 198 -23.63 56.87 37.84
N ARG A 199 -24.38 57.70 38.55
CA ARG A 199 -25.73 58.07 38.14
C ARG A 199 -25.71 58.74 36.74
N ALA A 200 -24.78 59.65 36.51
CA ALA A 200 -24.65 60.28 35.18
C ALA A 200 -24.40 59.24 34.11
N PHE A 201 -23.57 58.22 34.47
CA PHE A 201 -23.26 57.12 33.54
C PHE A 201 -24.51 56.28 33.15
N ILE A 202 -25.25 55.85 34.16
CA ILE A 202 -26.44 55.10 33.98
C ILE A 202 -27.46 55.87 33.12
N ARG A 203 -27.68 57.15 33.41
CA ARG A 203 -28.65 57.97 32.68
C ARG A 203 -28.16 58.15 31.22
N PHE A 204 -26.85 58.31 31.06
CA PHE A 204 -26.27 58.59 29.76
C PHE A 204 -26.36 57.36 28.84
N VAL A 205 -26.10 56.16 29.36
CA VAL A 205 -26.15 54.97 28.50
C VAL A 205 -27.55 54.40 28.30
N THR A 206 -28.49 54.84 29.11
CA THR A 206 -29.89 54.44 28.96
C THR A 206 -30.78 55.56 28.35
N ALA A 207 -30.15 56.59 27.78
CA ALA A 207 -30.89 57.74 27.23
C ALA A 207 -31.46 57.43 25.85
N VAL B 3 -1.23 6.78 12.04
CA VAL B 3 -1.32 7.93 13.01
C VAL B 3 -2.74 8.11 13.57
N ALA B 4 -2.86 7.88 14.88
CA ALA B 4 -4.16 7.84 15.54
C ALA B 4 -3.90 8.13 17.02
N GLY B 5 -4.96 8.44 17.77
CA GLY B 5 -4.83 8.62 19.20
C GLY B 5 -5.04 10.04 19.74
N PRO B 6 -5.07 10.14 21.09
CA PRO B 6 -5.24 11.42 21.75
C PRO B 6 -3.94 12.24 21.61
N ILE B 7 -4.12 13.54 21.36
CA ILE B 7 -3.06 14.53 21.56
C ILE B 7 -3.72 15.76 22.21
N ALA B 8 -3.07 16.31 23.25
CA ALA B 8 -3.54 17.52 23.90
C ALA B 8 -2.65 18.67 23.54
N VAL B 9 -3.26 19.72 23.01
CA VAL B 9 -2.55 20.85 22.43
C VAL B 9 -2.96 22.09 23.20
N GLY B 10 -2.05 22.82 23.83
CA GLY B 10 -2.42 24.10 24.44
C GLY B 10 -1.89 25.30 23.65
N CYS B 11 -2.42 26.50 23.95
CA CYS B 11 -1.94 27.73 23.37
C CYS B 11 -2.44 28.91 24.20
N TYR B 12 -1.76 30.06 24.03
CA TYR B 12 -2.24 31.36 24.54
C TYR B 12 -3.50 31.81 23.82
N PRO B 13 -4.45 32.47 24.57
CA PRO B 13 -5.66 32.98 23.97
C PRO B 13 -5.40 33.77 22.71
N ALA B 14 -4.43 34.67 22.70
CA ALA B 14 -4.10 35.45 21.49
C ALA B 14 -3.74 34.66 20.23
N LEU B 15 -3.22 33.43 20.43
CA LEU B 15 -2.92 32.52 19.32
C LEU B 15 -4.08 31.68 18.81
N GLY B 16 -5.09 31.47 19.65
CA GLY B 16 -6.26 30.67 19.29
C GLY B 16 -6.97 31.02 17.99
N PRO B 17 -7.27 32.32 17.75
CA PRO B 17 -7.97 32.66 16.53
C PRO B 17 -7.06 32.95 15.34
N THR B 18 -5.76 33.10 15.59
CA THR B 18 -4.79 33.51 14.54
C THR B 18 -4.03 32.32 13.96
N ILE B 19 -3.46 31.48 14.80
CA ILE B 19 -2.54 30.44 14.38
C ILE B 19 -3.29 29.08 14.38
N LEU B 20 -4.06 28.85 15.41
CA LEU B 20 -4.60 27.54 15.63
C LEU B 20 -5.66 26.98 14.66
N PRO B 21 -6.59 27.83 14.15
CA PRO B 21 -7.70 27.23 13.39
C PRO B 21 -7.19 26.45 12.16
N SER B 22 -6.31 27.06 11.35
CA SER B 22 -5.87 26.45 10.11
C SER B 22 -5.05 25.19 10.45
N MSE B 23 -4.21 25.29 11.48
CA MSE B 23 -3.40 24.20 11.98
C MSE B 23 -4.16 22.94 12.38
O MSE B 23 -3.84 21.85 11.95
CB MSE B 23 -2.64 24.67 13.18
CG MSE B 23 -1.21 25.04 12.90
SE MSE B 23 -0.48 25.65 14.61
CE MSE B 23 -0.71 24.07 15.59
N LEU B 24 -5.17 23.12 13.21
CA LEU B 24 -6.02 22.06 13.73
C LEU B 24 -6.91 21.51 12.60
N TYR B 25 -7.51 22.37 11.78
CA TYR B 25 -8.28 21.91 10.63
C TYR B 25 -7.43 21.06 9.66
N ALA B 26 -6.25 21.54 9.30
CA ALA B 26 -5.39 20.81 8.34
C ALA B 26 -4.86 19.49 8.95
N PHE B 27 -4.52 19.50 10.23
CA PHE B 27 -3.91 18.34 10.82
C PHE B 27 -4.93 17.20 10.97
N THR B 28 -6.07 17.57 11.51
CA THR B 28 -7.21 16.72 11.72
C THR B 28 -7.80 16.19 10.39
N ALA B 29 -7.71 17.00 9.31
CA ALA B 29 -8.11 16.48 7.97
C ALA B 29 -7.09 15.47 7.46
N GLU B 30 -5.83 15.72 7.75
CA GLU B 30 -4.78 14.81 7.27
C GLU B 30 -4.82 13.49 8.02
N TYR B 31 -5.24 13.56 9.28
CA TYR B 31 -5.19 12.44 10.19
C TYR B 31 -6.53 12.26 10.88
N PRO B 32 -7.55 11.78 10.14
CA PRO B 32 -8.90 11.59 10.65
C PRO B 32 -8.99 10.87 11.99
N ARG B 33 -8.06 9.93 12.22
CA ARG B 33 -8.08 9.07 13.43
C ARG B 33 -7.40 9.69 14.68
N ALA B 34 -6.63 10.78 14.47
CA ALA B 34 -6.13 11.60 15.59
C ALA B 34 -7.29 12.29 16.29
N SER B 35 -7.20 12.41 17.61
CA SER B 35 -8.20 13.09 18.38
C SER B 35 -7.70 14.24 19.27
N VAL B 36 -7.93 15.48 18.84
CA VAL B 36 -7.31 16.62 19.53
C VAL B 36 -8.15 17.23 20.68
N GLU B 37 -7.50 17.31 21.84
CA GLU B 37 -8.01 18.10 22.96
C GLU B 37 -7.29 19.47 22.96
N PHE B 38 -8.10 20.52 22.81
CA PHE B 38 -7.62 21.84 22.65
C PHE B 38 -7.86 22.61 23.92
N ARG B 39 -6.82 23.24 24.45
CA ARG B 39 -6.94 24.07 25.65
C ARG B 39 -6.22 25.38 25.42
N GLU B 40 -6.87 26.51 25.73
CA GLU B 40 -6.23 27.81 25.78
C GLU B 40 -6.11 28.13 27.24
N ASP B 41 -4.96 28.71 27.63
CA ASP B 41 -4.73 29.13 28.97
C ASP B 41 -3.62 30.18 29.08
N THR B 42 -3.48 30.71 30.26
CA THR B 42 -2.53 31.77 30.45
C THR B 42 -1.11 31.16 30.53
N GLN B 43 -0.15 32.06 30.51
CA GLN B 43 1.25 31.77 30.48
C GLN B 43 1.58 30.75 31.57
N ASN B 44 1.16 31.04 32.80
CA ASN B 44 1.56 30.26 33.97
C ASN B 44 0.83 28.90 33.97
N ARG B 45 -0.46 28.93 33.65
CA ARG B 45 -1.31 27.72 33.63
C ARG B 45 -0.87 26.70 32.54
N LEU B 46 -0.65 27.17 31.32
CA LEU B 46 -0.07 26.30 30.26
C LEU B 46 1.23 25.70 30.68
N ARG B 47 2.11 26.52 31.25
CA ARG B 47 3.38 26.04 31.76
C ARG B 47 3.19 24.91 32.78
N THR B 48 2.26 25.10 33.72
CA THR B 48 1.94 24.06 34.72
C THR B 48 1.42 22.75 34.06
N GLN B 49 0.46 22.90 33.15
CA GLN B 49 -0.11 21.83 32.36
C GLN B 49 0.93 21.08 31.50
N LEU B 50 1.74 21.83 30.75
CA LEU B 50 2.71 21.22 29.82
C LEU B 50 3.80 20.45 30.57
N GLU B 51 4.28 21.05 31.67
CA GLU B 51 5.25 20.40 32.53
C GLU B 51 4.65 19.31 33.41
N GLY B 52 3.32 19.29 33.55
CA GLY B 52 2.62 18.22 34.32
C GLY B 52 2.20 16.94 33.57
N GLY B 53 2.23 16.98 32.24
CA GLY B 53 1.75 15.88 31.44
C GLY B 53 0.27 15.97 31.06
N GLU B 54 -0.33 17.13 31.31
CA GLU B 54 -1.69 17.43 30.91
C GLU B 54 -1.79 17.77 29.42
N LEU B 55 -0.74 18.41 28.88
CA LEU B 55 -0.62 18.81 27.43
C LEU B 55 0.57 18.05 26.79
N ASP B 56 0.43 17.68 25.52
CA ASP B 56 1.55 17.09 24.83
C ASP B 56 2.51 18.19 24.35
N VAL B 57 1.92 19.31 23.92
CA VAL B 57 2.57 20.26 23.07
C VAL B 57 1.85 21.61 23.38
N ALA B 58 2.54 22.74 23.30
CA ALA B 58 1.92 24.05 23.47
C ALA B 58 2.34 25.04 22.37
N ILE B 59 1.41 25.82 21.84
CA ILE B 59 1.76 26.87 20.87
C ILE B 59 1.86 28.22 21.60
N VAL B 60 3.06 28.80 21.71
CA VAL B 60 3.32 29.98 22.54
C VAL B 60 4.17 31.00 21.79
N TYR B 61 4.18 32.26 22.22
CA TYR B 61 5.24 33.19 21.78
C TYR B 61 6.54 32.71 22.34
N ASP B 62 7.61 32.91 21.58
CA ASP B 62 8.96 32.57 22.05
C ASP B 62 9.44 33.75 22.88
N LEU B 63 8.83 33.93 24.04
CA LEU B 63 9.15 35.00 25.00
C LEU B 63 9.03 34.45 26.40
N ASP B 64 10.02 34.73 27.26
CA ASP B 64 10.01 34.34 28.70
C ASP B 64 9.85 32.80 28.89
N LEU B 65 10.39 32.07 27.92
CA LEU B 65 10.19 30.64 27.79
C LEU B 65 11.23 29.89 28.63
N SER B 66 10.81 28.85 29.36
CA SER B 66 11.74 28.01 30.13
C SER B 66 12.81 27.45 29.18
N PRO B 67 14.10 27.69 29.52
CA PRO B 67 15.24 27.05 28.83
C PRO B 67 15.13 25.54 28.71
N GLU B 68 14.21 24.91 29.46
CA GLU B 68 14.02 23.44 29.38
C GLU B 68 12.99 22.97 28.34
N TRP B 69 12.31 23.91 27.72
CA TRP B 69 11.34 23.60 26.68
C TRP B 69 12.08 23.56 25.32
N GLN B 70 11.77 22.56 24.50
CA GLN B 70 12.20 22.52 23.11
C GLN B 70 11.19 23.24 22.25
N THR B 71 11.71 23.84 21.19
CA THR B 71 10.90 24.68 20.40
C THR B 71 11.15 24.49 18.93
N VAL B 72 10.12 24.78 18.15
CA VAL B 72 10.31 24.86 16.72
C VAL B 72 9.49 26.03 16.24
N PRO B 73 10.12 26.96 15.52
CA PRO B 73 9.46 28.11 14.95
C PRO B 73 8.35 27.71 14.00
N LEU B 74 7.27 28.47 14.05
CA LEU B 74 6.11 28.29 13.23
C LEU B 74 6.08 29.46 12.28
N MSE B 75 6.36 30.65 12.83
CA MSE B 75 6.43 31.93 12.14
C MSE B 75 7.01 32.99 13.05
O MSE B 75 7.19 32.78 14.25
CB MSE B 75 5.08 32.42 11.58
CG MSE B 75 3.81 32.22 12.44
SE MSE B 75 3.12 33.84 13.21
CE MSE B 75 3.29 35.20 11.78
N THR B 76 7.30 34.13 12.45
CA THR B 76 7.90 35.22 13.17
C THR B 76 7.38 36.55 12.63
N ARG B 77 7.15 37.49 13.54
CA ARG B 77 6.39 38.73 13.29
C ARG B 77 6.97 39.88 14.12
N GLU B 78 7.30 41.00 13.50
CA GLU B 78 7.57 42.23 14.27
C GLU B 78 6.32 42.75 15.00
N PRO B 79 6.50 43.27 16.23
CA PRO B 79 5.49 44.12 16.87
C PRO B 79 5.06 45.31 16.01
N MSE B 80 3.78 45.66 16.10
CA MSE B 80 3.22 46.77 15.31
C MSE B 80 2.45 47.68 16.24
O MSE B 80 1.89 47.23 17.21
CB MSE B 80 2.17 46.29 14.32
CG MSE B 80 2.59 45.31 13.30
SE MSE B 80 0.94 44.15 13.14
CE MSE B 80 1.65 42.60 14.11
N VAL B 81 2.35 48.94 15.83
CA VAL B 81 1.49 49.92 16.44
C VAL B 81 0.12 49.90 15.71
N VAL B 82 -0.96 49.99 16.49
CA VAL B 82 -2.28 50.12 15.89
C VAL B 82 -3.03 51.30 16.40
N LEU B 83 -3.66 51.99 15.46
CA LEU B 83 -4.15 53.31 15.68
C LEU B 83 -5.58 53.46 15.15
N GLY B 84 -6.37 54.39 15.71
CA GLY B 84 -7.66 54.74 15.11
C GLY B 84 -7.43 55.54 13.80
N ALA B 85 -8.38 55.52 12.87
CA ALA B 85 -8.28 56.24 11.56
C ALA B 85 -7.97 57.71 11.72
N GLU B 86 -8.41 58.28 12.82
CA GLU B 86 -8.28 59.70 13.03
C GLU B 86 -7.23 60.02 14.07
N HIS B 87 -6.45 59.02 14.48
CA HIS B 87 -5.31 59.27 15.34
C HIS B 87 -4.34 60.26 14.66
N PRO B 88 -3.76 61.21 15.44
CA PRO B 88 -2.87 62.23 14.85
C PRO B 88 -1.77 61.61 14.01
N LEU B 89 -1.31 60.41 14.42
CA LEU B 89 -0.22 59.72 13.72
C LEU B 89 -0.64 58.72 12.64
N ALA B 90 -1.95 58.53 12.39
CA ALA B 90 -2.43 57.49 11.44
C ALA B 90 -2.17 57.83 9.96
N GLY B 91 -1.91 59.12 9.71
CA GLY B 91 -1.88 59.65 8.37
C GLY B 91 -0.48 59.75 7.78
N VAL B 92 0.54 59.69 8.62
CA VAL B 92 1.90 59.84 8.15
C VAL B 92 2.46 58.50 7.68
N ASP B 93 3.13 58.56 6.53
CA ASP B 93 3.72 57.43 5.86
C ASP B 93 4.91 56.85 6.64
N GLY B 94 5.26 55.60 6.38
CA GLY B 94 6.45 54.98 6.98
C GLY B 94 6.21 54.53 8.42
N PRO B 95 7.27 54.02 9.09
CA PRO B 95 7.12 53.56 10.47
C PRO B 95 6.95 54.70 11.47
N VAL B 96 6.37 54.37 12.63
CA VAL B 96 6.29 55.36 13.71
C VAL B 96 7.44 55.19 14.70
N ARG B 97 8.11 56.29 15.07
CA ARG B 97 8.99 56.30 16.24
C ARG B 97 8.10 56.13 17.41
N LEU B 98 8.35 55.11 18.22
CA LEU B 98 7.42 54.85 19.29
C LEU B 98 7.42 56.00 20.31
N ALA B 99 8.53 56.76 20.36
CA ALA B 99 8.65 57.91 21.25
C ALA B 99 7.56 58.91 20.95
N ASP B 100 7.11 58.99 19.69
CA ASP B 100 6.10 59.96 19.32
C ASP B 100 4.71 59.66 19.92
N LEU B 101 4.53 58.45 20.50
CA LEU B 101 3.28 58.07 21.16
C LEU B 101 3.32 58.16 22.70
N ALA B 102 4.49 58.51 23.23
CA ALA B 102 4.74 58.67 24.66
C ALA B 102 3.64 59.42 25.40
N GLU B 103 3.03 60.41 24.76
CA GLU B 103 2.01 61.23 25.39
C GLU B 103 0.57 61.04 24.89
N HIS B 104 0.35 60.10 23.98
CA HIS B 104 -0.97 59.65 23.62
C HIS B 104 -1.36 58.48 24.52
N PRO B 105 -2.64 58.49 24.94
CA PRO B 105 -3.15 57.43 25.78
C PRO B 105 -3.00 56.04 25.10
N MSE B 106 -2.48 55.07 25.86
CA MSE B 106 -2.33 53.71 25.42
C MSE B 106 -3.44 52.79 25.93
O MSE B 106 -3.98 52.93 27.08
CB MSE B 106 -0.92 53.19 25.78
CG MSE B 106 -0.61 51.82 25.23
SE MSE B 106 0.83 50.85 26.11
CE MSE B 106 0.96 49.50 24.65
N VAL B 107 -3.84 51.87 25.06
CA VAL B 107 -4.70 50.78 25.45
C VAL B 107 -3.70 49.63 25.55
N LEU B 108 -3.42 49.18 26.78
CA LEU B 108 -2.49 48.06 27.03
C LEU B 108 -3.19 46.74 26.97
N LEU B 109 -2.79 45.87 26.02
CA LEU B 109 -3.08 44.45 26.08
C LEU B 109 -2.22 43.82 27.15
N ASP B 110 -2.85 43.50 28.27
CA ASP B 110 -2.17 42.89 29.40
C ASP B 110 -2.57 41.41 29.44
N ALA B 111 -1.84 40.64 28.63
CA ALA B 111 -2.01 39.25 28.47
C ALA B 111 -0.59 38.69 28.44
N PRO B 112 0.04 38.43 29.61
CA PRO B 112 1.41 37.92 29.61
C PRO B 112 1.58 36.70 28.67
N PRO B 113 2.74 36.62 27.98
CA PRO B 113 3.92 37.50 27.99
C PRO B 113 3.87 38.80 27.18
N SER B 114 2.71 39.19 26.64
CA SER B 114 2.68 40.39 25.83
C SER B 114 2.91 41.71 26.60
N THR B 115 2.47 41.75 27.86
CA THR B 115 2.58 42.91 28.73
C THR B 115 4.03 43.30 28.93
N ASN B 116 4.86 42.41 29.52
CA ASN B 116 6.23 42.90 29.67
C ASN B 116 6.99 43.14 28.39
N HIS B 117 6.55 42.52 27.29
CA HIS B 117 7.19 42.70 26.01
C HIS B 117 6.89 44.13 25.53
N ALA B 118 5.63 44.55 25.68
CA ALA B 118 5.24 45.90 25.33
C ALA B 118 5.96 46.95 26.20
N MSE B 119 5.94 46.72 27.50
CA MSE B 119 6.59 47.55 28.47
C MSE B 119 8.10 47.69 28.14
O MSE B 119 8.62 48.82 28.11
CB MSE B 119 6.31 46.94 29.84
CG MSE B 119 5.43 47.70 30.84
SE MSE B 119 4.02 48.94 30.25
CE MSE B 119 3.10 49.18 32.01
N ASP B 120 8.79 46.58 27.82
CA ASP B 120 10.22 46.62 27.37
C ASP B 120 10.40 47.39 26.05
N VAL B 121 9.49 47.19 25.10
CA VAL B 121 9.65 47.90 23.81
C VAL B 121 9.49 49.41 24.08
N CYS B 122 8.52 49.83 24.90
CA CYS B 122 8.40 51.24 25.22
C CYS B 122 9.66 51.75 25.94
N ARG B 123 10.20 50.95 26.86
CA ARG B 123 11.38 51.34 27.65
C ARG B 123 12.61 51.54 26.73
N GLU B 124 12.75 50.70 25.71
CA GLU B 124 13.85 50.83 24.72
C GLU B 124 13.64 52.09 23.83
N ALA B 125 12.40 52.56 23.73
CA ALA B 125 12.10 53.81 23.05
C ALA B 125 12.16 55.00 24.03
N GLY B 126 12.33 54.71 25.31
CA GLY B 126 12.64 55.71 26.29
C GLY B 126 11.53 56.28 27.16
N PHE B 127 10.37 55.60 27.20
CA PHE B 127 9.25 56.07 28.05
C PHE B 127 8.43 54.97 28.79
N ALA B 128 7.63 55.41 29.76
CA ALA B 128 6.59 54.57 30.33
C ALA B 128 5.26 55.10 29.78
N PRO B 129 4.43 54.26 29.14
CA PRO B 129 3.21 54.76 28.47
C PRO B 129 2.16 55.22 29.48
N ARG B 130 1.32 56.19 29.13
CA ARG B 130 0.10 56.43 29.89
C ARG B 130 -0.93 55.42 29.48
N VAL B 131 -1.17 54.46 30.35
CA VAL B 131 -2.13 53.39 30.10
C VAL B 131 -3.49 53.93 30.49
N ALA B 132 -4.34 54.17 29.50
CA ALA B 132 -5.67 54.73 29.77
C ALA B 132 -6.67 53.60 30.14
N TYR B 133 -6.51 52.46 29.43
CA TYR B 133 -7.36 51.27 29.53
C TYR B 133 -6.49 50.01 29.42
N ARG B 134 -6.90 48.95 30.13
CA ARG B 134 -6.20 47.66 30.19
C ARG B 134 -7.17 46.56 29.86
N THR B 135 -6.74 45.61 29.04
CA THR B 135 -7.57 44.44 28.72
C THR B 135 -6.68 43.21 28.51
N ALA B 136 -7.23 42.05 28.79
CA ALA B 136 -6.57 40.81 28.50
C ALA B 136 -7.06 40.27 27.15
N ASN B 137 -8.04 40.99 26.57
CA ASN B 137 -8.80 40.58 25.38
C ASN B 137 -8.28 41.30 24.13
N PHE B 138 -7.70 40.54 23.20
CA PHE B 138 -7.13 41.03 21.95
C PHE B 138 -8.10 41.96 21.23
N GLU B 139 -9.34 41.51 21.04
CA GLU B 139 -10.31 42.29 20.31
C GLU B 139 -10.72 43.52 21.10
N THR B 140 -10.71 43.44 22.42
CA THR B 140 -11.10 44.62 23.16
C THR B 140 -10.07 45.71 22.90
N ALA B 141 -8.77 45.36 22.93
CA ALA B 141 -7.73 46.31 22.56
C ALA B 141 -7.94 46.93 21.16
N ARG B 142 -8.18 46.06 20.18
CA ARG B 142 -8.44 46.55 18.82
C ARG B 142 -9.66 47.50 18.72
N ALA B 143 -10.77 47.09 19.33
CA ALA B 143 -12.02 47.87 19.30
C ALA B 143 -11.87 49.22 19.96
N PHE B 144 -11.25 49.24 21.12
CA PHE B 144 -10.99 50.49 21.85
C PHE B 144 -10.16 51.41 20.96
N VAL B 145 -9.16 50.83 20.29
CA VAL B 145 -8.28 51.65 19.41
C VAL B 145 -9.06 52.21 18.18
N GLY B 146 -9.78 51.38 17.44
CA GLY B 146 -10.59 51.80 16.30
C GLY B 146 -11.58 52.90 16.66
N ARG B 147 -12.13 52.81 17.87
CA ARG B 147 -12.98 53.89 18.42
C ARG B 147 -12.25 55.19 18.80
N GLY B 148 -10.93 55.18 18.96
CA GLY B 148 -10.23 56.42 19.32
C GLY B 148 -9.92 56.65 20.79
N LEU B 149 -9.93 55.57 21.56
CA LEU B 149 -9.59 55.57 22.97
C LEU B 149 -8.09 55.45 23.27
N GLY B 150 -7.26 55.16 22.27
CA GLY B 150 -5.81 55.29 22.50
C GLY B 150 -5.10 54.51 21.42
N TRP B 151 -3.82 54.23 21.59
CA TRP B 151 -3.08 53.36 20.63
C TRP B 151 -2.69 52.07 21.32
N THR B 152 -2.23 51.07 20.53
CA THR B 152 -1.76 49.86 21.15
C THR B 152 -0.62 49.25 20.35
N LEU B 153 0.04 48.31 20.98
CA LEU B 153 1.13 47.53 20.47
C LEU B 153 0.64 46.09 20.38
N LEU B 154 0.69 45.47 19.21
CA LEU B 154 0.23 44.09 19.11
C LEU B 154 1.21 43.17 18.35
N LEU B 155 1.25 41.90 18.72
CA LEU B 155 2.14 40.92 18.12
C LEU B 155 1.60 40.24 16.87
N GLN B 156 0.28 40.25 16.68
CA GLN B 156 -0.38 39.57 15.55
C GLN B 156 -1.31 40.53 14.86
N ARG B 157 -1.66 40.24 13.60
CA ARG B 157 -2.46 41.17 12.78
C ARG B 157 -3.63 40.41 12.15
N PRO B 158 -4.84 40.61 12.66
CA PRO B 158 -5.97 40.01 12.01
C PRO B 158 -5.96 40.48 10.54
N ARG B 159 -6.44 39.62 9.65
CA ARG B 159 -6.30 39.81 8.22
C ARG B 159 -7.07 41.00 7.69
N VAL B 160 -8.19 41.29 8.32
CA VAL B 160 -8.96 42.47 7.90
C VAL B 160 -8.81 43.49 9.00
N ASP B 161 -8.41 44.72 8.63
CA ASP B 161 -8.18 45.79 9.62
C ASP B 161 -9.52 46.52 10.04
N VAL B 162 -10.39 45.80 10.76
CA VAL B 162 -11.68 46.29 11.21
C VAL B 162 -11.93 45.61 12.53
N THR B 163 -12.73 46.25 13.37
CA THR B 163 -13.16 45.75 14.67
C THR B 163 -14.56 45.22 14.63
N TYR B 164 -14.88 44.53 15.70
CA TYR B 164 -16.21 44.02 15.95
C TYR B 164 -17.27 45.09 15.78
N GLU B 165 -16.91 46.37 16.05
CA GLU B 165 -17.83 47.50 15.91
C GLU B 165 -17.97 47.97 14.46
N GLY B 166 -17.12 47.46 13.57
CA GLY B 166 -17.14 47.88 12.16
C GLY B 166 -16.29 49.14 11.89
N LEU B 167 -15.38 49.47 12.80
CA LEU B 167 -14.50 50.62 12.60
C LEU B 167 -13.13 50.15 12.09
N PRO B 168 -12.46 50.99 11.30
CA PRO B 168 -11.15 50.59 10.83
C PRO B 168 -10.06 50.77 11.89
N VAL B 169 -8.97 50.04 11.71
CA VAL B 169 -7.78 50.26 12.50
CA VAL B 169 -7.76 50.25 12.50
C VAL B 169 -6.61 50.48 11.52
N VAL B 170 -5.60 51.27 11.95
CA VAL B 170 -4.44 51.51 11.08
C VAL B 170 -3.22 50.92 11.76
N VAL B 171 -2.58 50.03 11.05
CA VAL B 171 -1.47 49.25 11.53
C VAL B 171 -0.16 49.85 10.99
N LYS B 172 0.75 50.15 11.91
CA LYS B 172 2.07 50.70 11.56
C LYS B 172 3.27 49.91 12.04
N PRO B 173 4.30 49.81 11.18
CA PRO B 173 5.52 49.26 11.71
C PRO B 173 6.15 50.26 12.70
N ILE B 174 7.06 49.75 13.51
CA ILE B 174 7.74 50.56 14.55
C ILE B 174 9.20 50.82 14.15
N ALA B 175 9.72 52.01 14.47
CA ALA B 175 11.13 52.30 14.22
C ALA B 175 11.78 53.00 15.43
N GLU B 176 13.12 53.11 15.39
CA GLU B 176 13.94 53.74 16.42
C GLU B 176 13.80 53.22 17.88
N PRO B 177 14.17 51.95 18.12
CA PRO B 177 14.69 51.04 17.08
C PRO B 177 13.56 50.26 16.39
N LYS B 178 13.85 49.65 15.26
CA LYS B 178 13.02 48.57 14.76
C LYS B 178 13.07 47.42 15.77
N PRO B 179 11.90 47.00 16.31
CA PRO B 179 11.88 45.98 17.35
C PRO B 179 12.24 44.60 16.82
N ALA B 180 12.70 43.74 17.71
CA ALA B 180 12.99 42.39 17.31
C ALA B 180 11.71 41.66 16.83
N SER B 181 11.88 40.78 15.87
CA SER B 181 10.82 39.88 15.43
C SER B 181 10.51 38.92 16.59
N VAL B 182 9.23 38.66 16.83
CA VAL B 182 8.78 37.75 17.86
C VAL B 182 8.24 36.47 17.13
N ALA B 183 8.79 35.32 17.50
CA ALA B 183 8.38 34.02 16.91
C ALA B 183 7.26 33.37 17.74
N VAL B 184 6.41 32.65 17.02
CA VAL B 184 5.48 31.69 17.56
C VAL B 184 6.07 30.32 17.21
N VAL B 185 5.91 29.42 18.14
CA VAL B 185 6.73 28.26 18.30
C VAL B 185 5.76 27.15 18.75
N VAL B 186 5.99 25.90 18.30
CA VAL B 186 5.47 24.73 19.00
C VAL B 186 6.54 24.32 20.00
N ALA B 187 6.09 24.05 21.25
CA ALA B 187 6.98 23.72 22.36
C ALA B 187 6.55 22.45 23.07
N TRP B 188 7.53 21.81 23.70
CA TRP B 188 7.32 20.67 24.59
C TRP B 188 8.46 20.64 25.61
N HIS B 189 8.26 20.01 26.76
CA HIS B 189 9.33 19.88 27.73
C HIS B 189 10.36 18.89 27.21
N GLN B 190 11.63 19.19 27.47
CA GLN B 190 12.78 18.32 27.11
C GLN B 190 12.59 16.83 27.44
N GLU B 191 12.04 16.58 28.62
CA GLU B 191 11.98 15.24 29.22
C GLU B 191 10.67 14.53 28.99
N ALA B 192 9.99 14.97 27.93
CA ALA B 192 8.75 14.40 27.45
C ALA B 192 9.11 13.36 26.41
N THR B 193 8.39 12.24 26.43
CA THR B 193 8.48 11.32 25.33
C THR B 193 7.31 11.64 24.40
N LEU B 194 7.65 12.08 23.20
CA LEU B 194 6.66 12.47 22.20
C LEU B 194 6.02 11.18 21.68
N SER B 195 4.68 11.10 21.72
CA SER B 195 3.96 9.99 21.12
C SER B 195 4.12 10.14 19.60
N ARG B 196 3.70 9.13 18.87
CA ARG B 196 3.66 9.21 17.41
C ARG B 196 2.72 10.31 16.87
N VAL B 197 1.48 10.35 17.38
CA VAL B 197 0.55 11.43 17.02
C VAL B 197 1.18 12.83 17.29
N ALA B 198 1.88 12.99 18.42
CA ALA B 198 2.58 14.25 18.76
C ALA B 198 3.72 14.59 17.81
N ARG B 199 4.52 13.57 17.50
CA ARG B 199 5.65 13.72 16.56
C ARG B 199 5.10 14.08 15.18
N ALA B 200 4.07 13.36 14.76
CA ALA B 200 3.32 13.67 13.53
C ALA B 200 2.73 15.11 13.55
N PHE B 201 2.14 15.55 14.66
CA PHE B 201 1.64 16.92 14.74
C PHE B 201 2.75 17.96 14.53
N ILE B 202 3.86 17.84 15.27
CA ILE B 202 4.93 18.83 15.20
C ILE B 202 5.47 18.91 13.77
N ARG B 203 5.58 17.76 13.13
CA ARG B 203 6.14 17.70 11.77
C ARG B 203 5.27 18.24 10.66
N PHE B 204 3.96 18.11 10.87
CA PHE B 204 2.96 18.57 9.92
C PHE B 204 2.75 20.08 10.03
N VAL B 205 2.60 20.56 11.28
CA VAL B 205 2.23 21.97 11.45
C VAL B 205 3.41 22.90 11.14
N THR B 206 4.60 22.33 11.09
CA THR B 206 5.75 23.16 10.75
C THR B 206 6.22 23.01 9.32
N ALA B 207 5.60 22.13 8.57
CA ALA B 207 5.89 21.93 7.15
C ALA B 207 4.97 22.79 6.29
N VAL C 3 10.43 -13.97 41.23
CA VAL C 3 10.47 -12.62 40.56
C VAL C 3 10.65 -11.49 41.60
N ALA C 4 11.29 -10.40 41.19
CA ALA C 4 11.79 -9.42 42.16
C ALA C 4 11.71 -8.00 41.66
N GLY C 5 11.77 -7.05 42.59
CA GLY C 5 11.91 -5.64 42.24
C GLY C 5 10.67 -4.80 42.01
N PRO C 6 10.86 -3.52 41.62
CA PRO C 6 9.80 -2.53 41.53
C PRO C 6 8.92 -2.71 40.28
N ILE C 7 7.60 -2.59 40.42
CA ILE C 7 6.74 -2.27 39.28
C ILE C 7 5.93 -1.02 39.61
N ALA C 8 5.87 -0.06 38.66
CA ALA C 8 4.92 1.06 38.78
C ALA C 8 3.59 0.81 38.03
N VAL C 9 2.51 0.79 38.83
CA VAL C 9 1.15 0.49 38.39
C VAL C 9 0.30 1.75 38.58
N GLY C 10 -0.45 2.12 37.55
CA GLY C 10 -1.21 3.36 37.55
C GLY C 10 -2.67 3.09 37.29
N CYS C 11 -3.57 3.92 37.82
CA CYS C 11 -4.99 3.79 37.48
C CYS C 11 -5.71 5.15 37.50
N TYR C 12 -6.95 5.16 37.02
CA TYR C 12 -7.82 6.32 37.22
C TYR C 12 -8.36 6.32 38.66
N PRO C 13 -8.47 7.48 39.31
CA PRO C 13 -8.98 7.48 40.69
C PRO C 13 -10.20 6.58 40.95
N ALA C 14 -11.21 6.60 40.08
CA ALA C 14 -12.44 5.84 40.27
C ALA C 14 -12.16 4.37 40.39
N LEU C 15 -11.02 3.90 39.86
CA LEU C 15 -10.64 2.48 39.97
C LEU C 15 -9.82 2.17 41.23
N GLY C 16 -9.11 3.14 41.75
CA GLY C 16 -8.33 2.89 42.96
C GLY C 16 -9.06 2.08 44.03
N PRO C 17 -10.26 2.49 44.45
CA PRO C 17 -10.86 1.78 45.57
C PRO C 17 -11.64 0.50 45.22
N THR C 18 -11.91 0.30 43.93
CA THR C 18 -12.87 -0.71 43.52
C THR C 18 -12.17 -1.95 42.95
N ILE C 19 -11.14 -1.74 42.10
CA ILE C 19 -10.43 -2.85 41.41
C ILE C 19 -9.02 -3.10 42.00
N LEU C 20 -8.33 -2.01 42.29
CA LEU C 20 -6.92 -2.03 42.64
C LEU C 20 -6.61 -2.72 43.97
N PRO C 21 -7.41 -2.49 45.04
CA PRO C 21 -6.88 -3.07 46.30
C PRO C 21 -6.67 -4.61 46.30
N SER C 22 -7.66 -5.38 45.86
CA SER C 22 -7.54 -6.82 45.95
C SER C 22 -6.52 -7.32 44.91
N MSE C 23 -6.42 -6.60 43.81
CA MSE C 23 -5.42 -6.88 42.78
C MSE C 23 -4.01 -6.75 43.30
O MSE C 23 -3.20 -7.63 43.08
CB MSE C 23 -5.59 -5.89 41.66
CG MSE C 23 -5.10 -6.40 40.35
SE MSE C 23 -5.40 -5.02 39.04
CE MSE C 23 -3.95 -3.88 39.42
N LEU C 24 -3.71 -5.64 43.94
CA LEU C 24 -2.41 -5.46 44.58
C LEU C 24 -2.20 -6.33 45.83
N TYR C 25 -3.28 -6.57 46.60
CA TYR C 25 -3.10 -7.47 47.79
C TYR C 25 -2.62 -8.84 47.35
N ALA C 26 -3.28 -9.38 46.32
CA ALA C 26 -2.98 -10.73 45.81
C ALA C 26 -1.60 -10.78 45.14
N PHE C 27 -1.28 -9.78 44.29
CA PHE C 27 -0.02 -9.83 43.53
C PHE C 27 1.18 -9.84 44.49
N THR C 28 1.12 -9.01 45.51
CA THR C 28 2.21 -8.89 46.49
C THR C 28 2.31 -10.11 47.44
N ALA C 29 1.17 -10.67 47.81
CA ALA C 29 1.13 -11.95 48.53
C ALA C 29 1.77 -13.07 47.69
N GLU C 30 1.54 -13.06 46.39
CA GLU C 30 2.03 -14.11 45.49
C GLU C 30 3.52 -13.98 45.21
N TYR C 31 3.96 -12.73 45.08
CA TYR C 31 5.33 -12.34 44.79
C TYR C 31 5.81 -11.44 45.93
N PRO C 32 6.22 -12.04 47.06
CA PRO C 32 6.77 -11.13 48.04
C PRO C 32 8.05 -10.60 47.44
N ARG C 33 8.60 -9.52 47.99
CA ARG C 33 9.80 -8.91 47.39
C ARG C 33 9.67 -8.56 45.90
N ALA C 34 8.46 -8.66 45.34
CA ALA C 34 8.08 -7.77 44.22
C ALA C 34 7.53 -6.54 44.90
N SER C 35 7.68 -5.40 44.24
CA SER C 35 7.27 -4.11 44.80
C SER C 35 6.13 -3.48 43.96
N VAL C 36 5.25 -2.69 44.57
CA VAL C 36 4.46 -1.81 43.69
C VAL C 36 4.46 -0.31 44.00
N GLU C 37 4.87 0.44 42.98
CA GLU C 37 4.77 1.87 42.99
C GLU C 37 3.39 2.23 42.50
N PHE C 38 2.44 2.40 43.42
CA PHE C 38 1.09 2.72 42.98
C PHE C 38 0.84 4.21 42.76
N ARG C 39 0.29 4.58 41.60
CA ARG C 39 -0.14 5.94 41.33
C ARG C 39 -1.53 6.05 40.65
N GLU C 40 -2.43 6.82 41.24
CA GLU C 40 -3.60 7.14 40.48
C GLU C 40 -3.45 8.54 39.88
N ASP C 41 -3.96 8.70 38.67
CA ASP C 41 -3.83 10.00 38.06
C ASP C 41 -4.89 10.15 37.02
N THR C 42 -5.01 11.40 36.59
CA THR C 42 -5.98 11.79 35.58
C THR C 42 -5.62 11.25 34.21
N GLN C 43 -6.59 11.38 33.30
CA GLN C 43 -6.54 10.76 31.99
C GLN C 43 -5.23 11.12 31.26
N ASN C 44 -4.98 12.41 31.11
CA ASN C 44 -3.82 12.79 30.30
C ASN C 44 -2.49 12.48 30.98
N ARG C 45 -2.41 12.70 32.28
CA ARG C 45 -1.15 12.55 33.03
C ARG C 45 -0.72 11.08 33.13
N LEU C 46 -1.69 10.19 33.33
CA LEU C 46 -1.50 8.76 33.16
C LEU C 46 -0.94 8.32 31.81
N ARG C 47 -1.51 8.81 30.73
CA ARG C 47 -1.04 8.48 29.41
C ARG C 47 0.43 8.91 29.20
N THR C 48 0.69 10.18 29.50
CA THR C 48 2.03 10.77 29.47
C THR C 48 3.10 10.03 30.35
N GLN C 49 2.74 9.72 31.59
CA GLN C 49 3.54 8.87 32.48
C GLN C 49 3.78 7.43 31.88
N LEU C 50 2.72 6.80 31.35
CA LEU C 50 2.89 5.53 30.66
C LEU C 50 3.73 5.65 29.38
N GLU C 51 3.56 6.75 28.66
CA GLU C 51 4.34 6.96 27.42
C GLU C 51 5.82 7.26 27.71
N GLY C 52 6.07 7.83 28.89
CA GLY C 52 7.42 8.19 29.31
C GLY C 52 8.16 7.07 30.05
N GLY C 53 7.51 5.94 30.27
CA GLY C 53 8.14 4.82 30.95
C GLY C 53 8.08 4.95 32.46
N GLU C 54 7.47 6.04 32.92
CA GLU C 54 7.28 6.28 34.35
C GLU C 54 6.32 5.29 35.01
N LEU C 55 5.31 4.87 34.28
CA LEU C 55 4.50 3.70 34.64
C LEU C 55 4.83 2.55 33.75
N ASP C 56 4.73 1.34 34.30
CA ASP C 56 5.00 0.14 33.55
C ASP C 56 3.71 -0.38 32.94
N VAL C 57 2.64 -0.21 33.71
CA VAL C 57 1.35 -0.83 33.43
C VAL C 57 0.25 0.15 33.88
N ALA C 58 -0.90 0.15 33.22
CA ALA C 58 -2.03 0.97 33.68
C ALA C 58 -3.36 0.22 33.75
N ILE C 59 -4.10 0.42 34.85
CA ILE C 59 -5.50 -0.03 34.95
C ILE C 59 -6.49 1.07 34.59
N VAL C 60 -7.26 0.85 33.52
CA VAL C 60 -8.11 1.91 32.95
C VAL C 60 -9.39 1.39 32.32
N TYR C 61 -10.38 2.28 32.17
CA TYR C 61 -11.59 2.01 31.35
C TYR C 61 -11.12 1.97 29.90
N ASP C 62 -11.54 0.98 29.13
CA ASP C 62 -11.28 0.96 27.67
C ASP C 62 -12.22 1.99 27.02
N LEU C 63 -11.95 3.27 27.34
CA LEU C 63 -12.57 4.44 26.68
C LEU C 63 -11.48 5.40 26.29
N ASP C 64 -11.48 5.76 25.00
CA ASP C 64 -10.64 6.79 24.41
C ASP C 64 -9.16 6.56 24.62
N LEU C 65 -8.74 5.29 24.63
CA LEU C 65 -7.33 5.00 24.75
C LEU C 65 -6.62 5.13 23.41
N SER C 66 -5.33 5.47 23.46
CA SER C 66 -4.41 5.36 22.32
C SER C 66 -4.39 3.96 21.74
N PRO C 67 -4.42 3.86 20.40
CA PRO C 67 -4.17 2.59 19.69
C PRO C 67 -2.75 2.03 19.81
N GLU C 68 -1.80 2.78 20.38
CA GLU C 68 -0.50 2.21 20.79
C GLU C 68 -0.52 1.47 22.12
N TRP C 69 -1.68 1.24 22.74
CA TRP C 69 -1.72 0.51 24.01
C TRP C 69 -2.19 -0.90 23.77
N GLN C 70 -1.46 -1.86 24.29
CA GLN C 70 -1.93 -3.21 24.38
C GLN C 70 -2.88 -3.26 25.57
N THR C 71 -4.04 -3.88 25.38
CA THR C 71 -5.02 -3.96 26.44
C THR C 71 -5.49 -5.40 26.64
N VAL C 72 -5.69 -5.77 27.90
CA VAL C 72 -6.36 -7.01 28.23
C VAL C 72 -7.54 -6.78 29.20
N PRO C 73 -8.75 -7.22 28.80
CA PRO C 73 -9.87 -6.86 29.64
C PRO C 73 -9.90 -7.68 30.89
N LEU C 74 -10.18 -7.00 31.99
CA LEU C 74 -10.11 -7.62 33.28
C LEU C 74 -11.52 -7.97 33.68
N MSE C 75 -12.47 -7.21 33.09
CA MSE C 75 -13.87 -7.31 33.43
C MSE C 75 -14.64 -6.16 32.78
O MSE C 75 -14.06 -5.30 32.11
CB MSE C 75 -14.01 -7.16 34.92
CG MSE C 75 -13.16 -5.96 35.36
SE MSE C 75 -13.94 -5.08 36.82
CE MSE C 75 -15.09 -3.72 35.94
N THR C 76 -15.94 -6.12 33.06
CA THR C 76 -16.87 -5.30 32.29
C THR C 76 -17.97 -4.80 33.23
N ARG C 77 -18.31 -3.52 33.16
CA ARG C 77 -19.37 -2.97 34.02
C ARG C 77 -20.44 -2.31 33.14
N GLU C 78 -21.70 -2.54 33.46
CA GLU C 78 -22.78 -1.74 32.88
C GLU C 78 -23.00 -0.43 33.65
N PRO C 79 -23.04 0.71 32.92
CA PRO C 79 -23.50 1.98 33.53
C PRO C 79 -24.87 1.86 34.19
N MSE C 80 -24.95 2.38 35.40
CA MSE C 80 -26.17 2.37 36.16
CA MSE C 80 -26.21 2.39 36.09
C MSE C 80 -26.59 3.79 36.57
O MSE C 80 -25.74 4.69 36.68
CB MSE C 80 -25.99 1.51 37.39
CB MSE C 80 -26.28 1.30 37.19
CG MSE C 80 -24.87 2.00 38.33
CG MSE C 80 -26.68 -0.10 36.64
SE MSE C 80 -23.84 0.52 39.02
SE MSE C 80 -26.50 -1.61 37.86
CE MSE C 80 -22.58 0.26 37.56
CE MSE C 80 -28.23 -1.68 38.71
N VAL C 81 -27.88 3.95 36.82
CA VAL C 81 -28.43 5.17 37.40
C VAL C 81 -28.42 5.03 38.89
N VAL C 82 -27.96 6.08 39.57
CA VAL C 82 -28.11 6.08 41.03
C VAL C 82 -29.00 7.22 41.52
N LEU C 83 -29.83 6.86 42.50
CA LEU C 83 -30.95 7.65 42.97
C LEU C 83 -30.99 7.70 44.50
N GLY C 84 -31.47 8.80 45.06
CA GLY C 84 -31.76 8.81 46.49
C GLY C 84 -32.91 7.87 46.79
N ALA C 85 -33.03 7.42 48.04
CA ALA C 85 -34.09 6.46 48.45
C ALA C 85 -35.57 6.92 48.23
N GLU C 86 -35.78 8.24 48.24
CA GLU C 86 -37.14 8.79 48.14
C GLU C 86 -37.36 9.49 46.82
N HIS C 87 -36.46 9.25 45.88
CA HIS C 87 -36.61 9.77 44.54
C HIS C 87 -37.84 9.15 43.90
N PRO C 88 -38.65 10.00 43.23
CA PRO C 88 -39.91 9.56 42.58
C PRO C 88 -39.77 8.33 41.66
N LEU C 89 -38.56 8.07 41.15
CA LEU C 89 -38.27 6.87 40.34
C LEU C 89 -37.63 5.72 41.09
N ALA C 90 -37.28 5.92 42.36
CA ALA C 90 -36.62 4.86 43.15
C ALA C 90 -37.57 3.73 43.58
N GLY C 91 -38.87 4.00 43.56
CA GLY C 91 -39.90 3.03 43.96
C GLY C 91 -40.39 2.10 42.86
N VAL C 92 -40.23 2.49 41.60
CA VAL C 92 -40.77 1.75 40.46
C VAL C 92 -39.76 0.68 40.05
N ASP C 93 -40.22 -0.57 40.05
CA ASP C 93 -39.37 -1.76 39.86
C ASP C 93 -38.90 -1.94 38.40
N GLY C 94 -37.82 -2.71 38.24
CA GLY C 94 -37.20 -2.89 36.93
C GLY C 94 -36.24 -1.75 36.59
N PRO C 95 -35.75 -1.72 35.34
CA PRO C 95 -34.86 -0.69 34.87
C PRO C 95 -35.52 0.71 34.73
N VAL C 96 -34.71 1.76 34.74
CA VAL C 96 -35.21 3.09 34.39
C VAL C 96 -34.89 3.45 32.93
N ARG C 97 -35.87 4.09 32.29
CA ARG C 97 -35.69 4.77 31.04
C ARG C 97 -35.15 6.19 31.35
N LEU C 98 -33.97 6.50 30.79
CA LEU C 98 -33.20 7.72 31.11
C LEU C 98 -33.96 9.00 30.83
N ALA C 99 -34.68 9.00 29.70
CA ALA C 99 -35.57 10.11 29.34
C ALA C 99 -36.59 10.48 30.44
N ASP C 100 -36.97 9.54 31.31
CA ASP C 100 -37.85 9.85 32.47
C ASP C 100 -37.17 10.73 33.54
N LEU C 101 -35.84 10.84 33.43
CA LEU C 101 -35.00 11.65 34.29
C LEU C 101 -34.70 13.02 33.71
N ALA C 102 -35.13 13.23 32.46
CA ALA C 102 -34.69 14.36 31.64
C ALA C 102 -34.86 15.70 32.34
N GLU C 103 -35.87 15.82 33.18
CA GLU C 103 -36.13 17.09 33.90
C GLU C 103 -35.70 17.12 35.38
N HIS C 104 -35.23 15.97 35.90
CA HIS C 104 -34.66 15.94 37.23
C HIS C 104 -33.18 16.40 37.22
N PRO C 105 -32.77 17.19 38.23
CA PRO C 105 -31.40 17.67 38.24
C PRO C 105 -30.35 16.57 38.38
N MSE C 106 -29.31 16.61 37.56
CA MSE C 106 -28.27 15.60 37.61
C MSE C 106 -27.06 16.06 38.41
O MSE C 106 -26.63 17.21 38.32
CB MSE C 106 -27.83 15.22 36.18
CG MSE C 106 -26.99 13.97 36.08
SE MSE C 106 -25.92 13.90 34.43
CE MSE C 106 -25.02 12.11 34.65
N VAL C 107 -26.48 15.11 39.14
CA VAL C 107 -25.16 15.25 39.69
C VAL C 107 -24.13 14.62 38.75
N LEU C 108 -23.30 15.44 38.13
CA LEU C 108 -22.38 14.91 37.12
C LEU C 108 -20.99 14.54 37.66
N LEU C 109 -20.60 13.26 37.51
CA LEU C 109 -19.24 12.88 37.79
C LEU C 109 -18.38 13.24 36.58
N ASP C 110 -17.58 14.27 36.76
CA ASP C 110 -16.68 14.78 35.69
C ASP C 110 -15.25 14.32 35.99
N ALA C 111 -14.93 13.13 35.47
CA ALA C 111 -13.65 12.49 35.66
C ALA C 111 -13.36 11.77 34.36
N PRO C 112 -12.75 12.50 33.39
CA PRO C 112 -12.44 11.88 32.09
C PRO C 112 -11.72 10.57 32.29
N PRO C 113 -12.12 9.52 31.52
CA PRO C 113 -13.09 9.48 30.42
C PRO C 113 -14.58 9.29 30.76
N SER C 114 -14.93 9.34 32.04
CA SER C 114 -16.31 9.00 32.42
C SER C 114 -17.30 10.08 32.01
N THR C 115 -16.85 11.34 31.93
CA THR C 115 -17.72 12.46 31.60
C THR C 115 -18.36 12.36 30.22
N ASN C 116 -17.52 12.34 29.19
CA ASN C 116 -17.95 12.04 27.83
C ASN C 116 -18.76 10.76 27.68
N HIS C 117 -18.49 9.76 28.51
CA HIS C 117 -19.22 8.49 28.37
C HIS C 117 -20.65 8.69 28.87
N ALA C 118 -20.77 9.28 30.04
CA ALA C 118 -22.07 9.64 30.60
C ALA C 118 -22.90 10.52 29.65
N MSE C 119 -22.26 11.48 28.99
CA MSE C 119 -22.98 12.34 28.08
C MSE C 119 -23.43 11.58 26.84
O MSE C 119 -24.50 11.84 26.34
CB MSE C 119 -22.17 13.60 27.69
CG MSE C 119 -21.83 14.51 28.91
SE MSE C 119 -23.50 15.14 29.78
CE MSE C 119 -24.31 15.91 28.25
N ASP C 120 -22.63 10.61 26.40
CA ASP C 120 -22.95 9.75 25.24
C ASP C 120 -24.18 8.84 25.49
N VAL C 121 -24.30 8.32 26.71
CA VAL C 121 -25.44 7.52 27.13
C VAL C 121 -26.71 8.39 27.09
N CYS C 122 -26.62 9.60 27.65
CA CYS C 122 -27.69 10.58 27.57
C CYS C 122 -27.97 10.96 26.11
N ARG C 123 -26.95 11.31 25.33
CA ARG C 123 -27.17 11.55 23.90
C ARG C 123 -27.94 10.42 23.19
N GLU C 124 -27.57 9.18 23.49
CA GLU C 124 -28.19 8.00 22.88
C GLU C 124 -29.63 7.77 23.36
N ALA C 125 -29.93 8.28 24.55
CA ALA C 125 -31.24 8.17 25.17
C ALA C 125 -32.12 9.34 24.73
N GLY C 126 -31.50 10.29 24.02
CA GLY C 126 -32.20 11.33 23.31
C GLY C 126 -32.67 12.39 24.27
N PHE C 127 -31.73 12.87 25.09
CA PHE C 127 -32.00 14.03 25.94
C PHE C 127 -30.71 14.57 26.47
N ALA C 128 -30.76 15.86 26.79
CA ALA C 128 -29.68 16.54 27.46
C ALA C 128 -30.05 16.71 28.96
N PRO C 129 -29.17 16.19 29.85
CA PRO C 129 -29.37 16.32 31.30
C PRO C 129 -29.27 17.77 31.77
N ARG C 130 -30.07 18.13 32.77
CA ARG C 130 -29.88 19.42 33.46
C ARG C 130 -28.84 19.19 34.54
N VAL C 131 -27.59 19.62 34.37
CA VAL C 131 -26.62 19.34 35.43
C VAL C 131 -26.55 20.43 36.50
N ALA C 132 -26.87 20.01 37.74
CA ALA C 132 -27.03 20.87 38.88
C ALA C 132 -25.73 20.99 39.64
N TYR C 133 -24.93 19.92 39.66
CA TYR C 133 -23.71 19.85 40.45
C TYR C 133 -22.75 18.99 39.65
N ARG C 134 -21.47 19.27 39.80
CA ARG C 134 -20.46 18.54 39.08
C ARG C 134 -19.37 18.18 40.07
N THR C 135 -18.73 17.02 39.91
CA THR C 135 -17.60 16.71 40.76
C THR C 135 -16.65 15.72 40.09
N ALA C 136 -15.34 15.77 40.40
CA ALA C 136 -14.38 14.68 39.98
C ALA C 136 -14.31 13.45 40.93
N ASN C 137 -14.90 13.58 42.11
CA ASN C 137 -14.77 12.59 43.19
C ASN C 137 -15.98 11.67 43.17
N PHE C 138 -15.75 10.38 42.99
CA PHE C 138 -16.80 9.37 42.93
C PHE C 138 -17.76 9.43 44.11
N GLU C 139 -17.20 9.52 45.32
CA GLU C 139 -18.04 9.53 46.55
C GLU C 139 -18.84 10.82 46.74
N THR C 140 -18.28 11.92 46.27
CA THR C 140 -19.05 13.16 46.32
C THR C 140 -20.36 13.04 45.51
N ALA C 141 -20.29 12.48 44.30
CA ALA C 141 -21.47 12.30 43.47
C ALA C 141 -22.47 11.33 44.11
N ARG C 142 -22.01 10.19 44.63
CA ARG C 142 -22.92 9.29 45.37
C ARG C 142 -23.61 9.96 46.57
N ALA C 143 -22.81 10.69 47.33
CA ALA C 143 -23.32 11.33 48.55
C ALA C 143 -24.32 12.43 48.27
N PHE C 144 -24.07 13.18 47.18
CA PHE C 144 -24.98 14.22 46.76
C PHE C 144 -26.30 13.60 46.37
N VAL C 145 -26.27 12.52 45.58
CA VAL C 145 -27.47 11.76 45.24
C VAL C 145 -28.26 11.21 46.49
N GLY C 146 -27.55 10.48 47.36
CA GLY C 146 -28.10 9.98 48.64
C GLY C 146 -28.82 11.04 49.41
N ARG C 147 -28.31 12.25 49.33
CA ARG C 147 -28.86 13.36 50.12
C ARG C 147 -30.15 13.95 49.47
N GLY C 148 -30.23 13.86 48.15
CA GLY C 148 -31.38 14.36 47.37
C GLY C 148 -31.01 15.51 46.44
N LEU C 149 -29.73 15.68 46.13
CA LEU C 149 -29.31 16.79 45.28
C LEU C 149 -29.39 16.49 43.75
N GLY C 150 -29.59 15.24 43.38
CA GLY C 150 -29.89 14.89 42.00
C GLY C 150 -29.82 13.40 41.80
N TRP C 151 -29.74 12.97 40.54
CA TRP C 151 -29.46 11.58 40.24
C TRP C 151 -28.10 11.60 39.57
N THR C 152 -27.46 10.43 39.50
CA THR C 152 -26.23 10.32 38.71
C THR C 152 -26.20 9.04 37.87
N LEU C 153 -25.13 8.95 37.09
CA LEU C 153 -24.80 7.81 36.23
C LEU C 153 -23.37 7.37 36.57
N LEU C 154 -23.19 6.10 36.94
CA LEU C 154 -21.87 5.59 37.36
C LEU C 154 -21.54 4.29 36.72
N LEU C 155 -20.23 4.04 36.54
CA LEU C 155 -19.75 2.82 35.92
CA LEU C 155 -19.75 2.84 35.90
C LEU C 155 -19.38 1.76 36.93
N GLN C 156 -19.36 2.16 38.19
CA GLN C 156 -18.77 1.33 39.22
C GLN C 156 -19.79 1.27 40.37
N ARG C 157 -20.07 0.08 40.93
CA ARG C 157 -21.02 0.04 42.05
C ARG C 157 -20.36 -0.44 43.34
N PRO C 158 -20.08 0.49 44.31
CA PRO C 158 -19.61 0.00 45.63
C PRO C 158 -20.55 -1.09 46.20
N ARG C 159 -19.99 -2.01 46.99
CA ARG C 159 -20.73 -3.22 47.34
C ARG C 159 -21.87 -2.93 48.31
N VAL C 160 -21.69 -1.92 49.18
CA VAL C 160 -22.73 -1.48 50.10
CA VAL C 160 -22.79 -1.53 50.06
C VAL C 160 -23.43 -0.21 49.57
N ASP C 161 -24.75 -0.21 49.45
CA ASP C 161 -25.45 0.93 48.83
C ASP C 161 -25.70 2.06 49.85
N VAL C 162 -24.64 2.53 50.51
CA VAL C 162 -24.75 3.55 51.56
C VAL C 162 -23.65 4.56 51.23
N THR C 163 -23.90 5.83 51.48
CA THR C 163 -22.94 6.90 51.17
C THR C 163 -22.13 7.18 52.43
N TYR C 164 -21.16 8.09 52.33
CA TYR C 164 -20.39 8.56 53.52
C TYR C 164 -21.17 9.24 54.62
N GLU C 165 -22.37 9.73 54.31
CA GLU C 165 -23.22 10.33 55.33
C GLU C 165 -24.10 9.25 55.96
N GLY C 166 -24.07 8.03 55.42
CA GLY C 166 -24.89 6.97 55.97
C GLY C 166 -26.21 6.80 55.26
N LEU C 167 -26.39 7.48 54.14
CA LEU C 167 -27.67 7.53 53.51
C LEU C 167 -27.79 6.49 52.41
N PRO C 168 -28.97 5.87 52.25
CA PRO C 168 -29.02 4.78 51.24
C PRO C 168 -29.10 5.37 49.85
N VAL C 169 -28.54 4.64 48.90
CA VAL C 169 -28.63 4.98 47.48
C VAL C 169 -29.38 3.79 46.81
N VAL C 170 -30.09 4.07 45.72
CA VAL C 170 -30.83 3.04 44.99
C VAL C 170 -30.24 2.98 43.61
N VAL C 171 -29.66 1.82 43.27
CA VAL C 171 -28.97 1.64 42.01
C VAL C 171 -29.83 0.85 41.04
N LYS C 172 -30.10 1.45 39.88
CA LYS C 172 -31.01 0.86 38.89
C LYS C 172 -30.39 0.69 37.51
N PRO C 173 -30.73 -0.43 36.85
CA PRO C 173 -30.29 -0.61 35.48
C PRO C 173 -31.04 0.37 34.57
N ILE C 174 -30.47 0.60 33.39
CA ILE C 174 -30.99 1.55 32.44
C ILE C 174 -31.61 0.77 31.28
N ALA C 175 -32.80 1.17 30.82
CA ALA C 175 -33.45 0.57 29.64
C ALA C 175 -33.84 1.61 28.56
N GLU C 176 -34.18 1.06 27.39
CA GLU C 176 -34.74 1.80 26.22
C GLU C 176 -33.86 2.94 25.68
N PRO C 177 -32.62 2.62 25.23
CA PRO C 177 -31.95 1.32 25.15
C PRO C 177 -31.14 1.01 26.40
N LYS C 178 -30.88 -0.27 26.64
CA LYS C 178 -29.93 -0.64 27.66
C LYS C 178 -28.54 -0.28 27.12
N PRO C 179 -27.78 0.57 27.87
CA PRO C 179 -26.45 1.03 27.43
C PRO C 179 -25.40 -0.09 27.51
N ALA C 180 -24.40 -0.01 26.63
CA ALA C 180 -23.37 -1.01 26.51
C ALA C 180 -22.47 -1.19 27.77
N SER C 181 -21.84 -2.35 27.86
CA SER C 181 -20.77 -2.55 28.87
C SER C 181 -19.53 -1.70 28.60
N VAL C 182 -18.97 -1.15 29.67
CA VAL C 182 -17.63 -0.55 29.62
C VAL C 182 -16.63 -1.51 30.27
N ALA C 183 -15.58 -1.82 29.50
CA ALA C 183 -14.56 -2.75 29.93
C ALA C 183 -13.52 -2.05 30.84
N VAL C 184 -12.94 -2.79 31.78
CA VAL C 184 -11.78 -2.29 32.50
C VAL C 184 -10.66 -3.18 32.06
N VAL C 185 -9.53 -2.57 31.74
CA VAL C 185 -8.48 -3.20 30.97
C VAL C 185 -7.17 -2.99 31.74
N VAL C 186 -6.29 -3.98 31.72
CA VAL C 186 -4.88 -3.73 32.03
C VAL C 186 -4.18 -3.30 30.73
N ALA C 187 -3.45 -2.18 30.76
CA ALA C 187 -2.82 -1.63 29.55
C ALA C 187 -1.32 -1.39 29.70
N TRP C 188 -0.59 -1.51 28.59
CA TRP C 188 0.82 -1.15 28.52
C TRP C 188 1.19 -0.63 27.12
N HIS C 189 2.33 0.03 27.00
CA HIS C 189 2.71 0.61 25.69
C HIS C 189 3.24 -0.44 24.72
N GLN C 190 2.72 -0.45 23.50
CA GLN C 190 3.16 -1.46 22.52
C GLN C 190 4.69 -1.43 22.28
N GLU C 191 5.34 -0.30 22.58
CA GLU C 191 6.77 -0.11 22.26
C GLU C 191 7.67 -0.09 23.49
N ALA C 192 7.13 -0.48 24.63
CA ALA C 192 7.94 -0.60 25.81
C ALA C 192 8.46 -2.03 25.90
N THR C 193 9.64 -2.18 26.49
CA THR C 193 10.17 -3.49 26.84
C THR C 193 9.81 -3.81 28.31
N LEU C 194 8.75 -4.60 28.48
CA LEU C 194 8.23 -4.98 29.80
C LEU C 194 9.32 -5.65 30.63
N SER C 195 9.52 -5.15 31.86
CA SER C 195 10.35 -5.80 32.84
C SER C 195 9.74 -7.16 33.18
N ARG C 196 10.53 -8.01 33.82
CA ARG C 196 10.07 -9.31 34.23
C ARG C 196 8.98 -9.23 35.33
N VAL C 197 9.13 -8.28 36.25
CA VAL C 197 8.09 -8.02 37.23
C VAL C 197 6.78 -7.46 36.57
N ALA C 198 6.87 -6.64 35.51
CA ALA C 198 5.68 -6.21 34.76
C ALA C 198 4.93 -7.33 34.07
N ARG C 199 5.67 -8.22 33.39
CA ARG C 199 5.10 -9.42 32.78
C ARG C 199 4.47 -10.34 33.83
N ALA C 200 5.11 -10.48 34.99
CA ALA C 200 4.56 -11.27 36.08
C ALA C 200 3.20 -10.72 36.46
N PHE C 201 3.11 -9.39 36.56
CA PHE C 201 1.84 -8.68 36.90
C PHE C 201 0.70 -8.85 35.88
N ILE C 202 0.99 -8.63 34.61
CA ILE C 202 0.03 -8.73 33.53
C ILE C 202 -0.55 -10.14 33.43
N ARG C 203 0.27 -11.15 33.71
CA ARG C 203 -0.20 -12.51 33.63
C ARG C 203 -1.03 -12.86 34.85
N PHE C 204 -0.60 -12.37 36.01
CA PHE C 204 -1.29 -12.62 37.25
C PHE C 204 -2.71 -12.02 37.23
N VAL C 205 -2.85 -10.80 36.71
CA VAL C 205 -4.14 -10.08 36.77
C VAL C 205 -5.10 -10.51 35.66
N THR C 206 -4.57 -11.18 34.66
CA THR C 206 -5.34 -11.62 33.50
C THR C 206 -5.74 -13.11 33.59
N ALA C 207 -5.26 -13.78 34.63
CA ALA C 207 -5.69 -15.12 35.01
C ALA C 207 -5.44 -15.30 36.50
N VAL D 3 -31.26 35.16 51.59
CA VAL D 3 -32.51 35.33 50.78
C VAL D 3 -32.39 34.85 49.33
N ALA D 4 -31.54 35.43 48.48
CA ALA D 4 -31.55 35.02 47.04
C ALA D 4 -30.26 35.23 46.21
N GLY D 5 -30.08 34.47 45.14
CA GLY D 5 -28.96 34.72 44.21
C GLY D 5 -27.79 33.77 44.30
N PRO D 6 -26.78 33.97 43.43
CA PRO D 6 -25.66 33.01 43.31
C PRO D 6 -24.75 33.02 44.53
N ILE D 7 -24.25 31.85 44.92
CA ILE D 7 -23.14 31.76 45.86
C ILE D 7 -22.26 30.60 45.37
N ALA D 8 -20.95 30.82 45.36
CA ALA D 8 -20.04 29.82 44.87
C ALA D 8 -19.30 29.30 46.12
N VAL D 9 -19.56 28.04 46.46
CA VAL D 9 -18.91 27.42 47.62
C VAL D 9 -17.87 26.35 47.27
N GLY D 10 -16.63 26.54 47.76
CA GLY D 10 -15.58 25.55 47.48
C GLY D 10 -15.28 24.75 48.72
N CYS D 11 -14.67 23.58 48.56
CA CYS D 11 -14.22 22.74 49.67
C CYS D 11 -13.13 21.81 49.19
N TYR D 12 -12.40 21.24 50.13
CA TYR D 12 -11.42 20.20 49.81
C TYR D 12 -12.20 18.92 49.42
N PRO D 13 -11.66 18.10 48.50
CA PRO D 13 -12.37 16.85 48.17
C PRO D 13 -12.76 15.96 49.36
N ALA D 14 -11.97 15.89 50.43
CA ALA D 14 -12.33 15.05 51.61
C ALA D 14 -13.66 15.47 52.25
N LEU D 15 -14.00 16.74 52.09
CA LEU D 15 -15.12 17.34 52.79
C LEU D 15 -16.40 17.29 51.94
N GLY D 16 -16.23 17.06 50.65
CA GLY D 16 -17.33 17.03 49.70
C GLY D 16 -18.40 15.98 50.00
N PRO D 17 -18.04 14.72 50.28
CA PRO D 17 -19.06 13.69 50.61
C PRO D 17 -19.41 13.54 52.11
N THR D 18 -18.56 14.11 52.98
CA THR D 18 -18.73 13.95 54.44
C THR D 18 -19.63 15.02 55.04
N ILE D 19 -19.48 16.25 54.61
CA ILE D 19 -20.27 17.30 55.21
C ILE D 19 -20.98 18.28 54.30
N LEU D 20 -20.57 18.37 53.04
CA LEU D 20 -21.18 19.31 52.10
C LEU D 20 -22.56 18.92 51.66
N PRO D 21 -22.83 17.62 51.51
CA PRO D 21 -24.14 17.37 50.97
C PRO D 21 -25.31 17.87 51.84
N SER D 22 -25.29 17.53 53.12
CA SER D 22 -26.37 17.93 54.01
C SER D 22 -26.42 19.42 54.17
N MSE D 23 -25.24 20.02 54.24
CA MSE D 23 -25.07 21.45 54.25
C MSE D 23 -25.74 22.14 53.04
O MSE D 23 -26.56 23.02 53.22
CB MSE D 23 -23.57 21.72 54.27
CG MSE D 23 -23.15 23.12 54.33
SE MSE D 23 -21.26 23.15 54.98
CE MSE D 23 -20.60 24.36 53.70
N LEU D 24 -25.38 21.70 51.83
CA LEU D 24 -25.98 22.24 50.61
C LEU D 24 -27.48 22.00 50.56
N TYR D 25 -27.89 20.78 50.90
CA TYR D 25 -29.29 20.43 50.84
C TYR D 25 -30.12 21.27 51.84
N ALA D 26 -29.65 21.37 53.07
CA ALA D 26 -30.41 22.09 54.11
C ALA D 26 -30.49 23.59 53.80
N PHE D 27 -29.37 24.16 53.36
CA PHE D 27 -29.26 25.57 53.05
C PHE D 27 -30.21 25.92 51.93
N THR D 28 -30.21 25.07 50.92
CA THR D 28 -30.94 25.26 49.68
C THR D 28 -32.46 24.99 49.88
N ALA D 29 -32.79 24.15 50.86
CA ALA D 29 -34.20 23.91 51.29
C ALA D 29 -34.67 25.09 52.10
N GLU D 30 -33.77 25.67 52.91
CA GLU D 30 -34.15 26.88 53.68
C GLU D 30 -34.22 28.16 52.82
N TYR D 31 -33.33 28.28 51.86
CA TYR D 31 -33.38 29.41 50.93
C TYR D 31 -33.52 28.94 49.47
N PRO D 32 -34.78 28.66 49.03
CA PRO D 32 -35.00 28.15 47.68
C PRO D 32 -34.57 29.09 46.57
N ARG D 33 -34.37 30.36 46.88
CA ARG D 33 -34.00 31.31 45.83
C ARG D 33 -32.50 31.47 45.72
N ALA D 34 -31.77 30.78 46.59
CA ALA D 34 -30.30 30.84 46.53
C ALA D 34 -29.83 29.84 45.47
N SER D 35 -28.71 30.13 44.80
CA SER D 35 -28.27 29.25 43.71
C SER D 35 -26.78 28.96 43.90
N VAL D 36 -26.48 27.73 44.36
CA VAL D 36 -25.14 27.34 44.75
C VAL D 36 -24.32 26.81 43.59
N GLU D 37 -23.18 27.45 43.32
CA GLU D 37 -22.14 26.89 42.44
C GLU D 37 -21.18 26.11 43.33
N PHE D 38 -21.06 24.80 43.13
CA PHE D 38 -20.21 24.00 44.04
C PHE D 38 -18.91 23.61 43.37
N ARG D 39 -17.78 23.79 44.05
CA ARG D 39 -16.46 23.35 43.48
C ARG D 39 -15.64 22.61 44.51
N GLU D 40 -15.05 21.48 44.16
CA GLU D 40 -14.06 20.90 45.03
C GLU D 40 -12.74 21.23 44.40
N ASP D 41 -11.72 21.54 45.20
CA ASP D 41 -10.38 21.66 44.66
C ASP D 41 -9.35 21.45 45.74
N THR D 42 -8.15 21.20 45.26
CA THR D 42 -6.98 21.00 46.08
C THR D 42 -6.60 22.28 46.79
N GLN D 43 -5.87 22.13 47.91
CA GLN D 43 -5.46 23.24 48.76
C GLN D 43 -5.07 24.56 48.06
N ASN D 44 -4.09 24.51 47.15
CA ASN D 44 -3.62 25.75 46.48
C ASN D 44 -4.51 26.29 45.35
N ARG D 45 -5.20 25.41 44.64
CA ARG D 45 -6.15 25.88 43.62
C ARG D 45 -7.33 26.55 44.31
N LEU D 46 -7.81 25.92 45.38
CA LEU D 46 -8.94 26.44 46.16
C LEU D 46 -8.58 27.79 46.76
N ARG D 47 -7.34 27.88 47.23
CA ARG D 47 -6.79 29.12 47.72
C ARG D 47 -6.72 30.22 46.66
N THR D 48 -6.34 29.86 45.45
CA THR D 48 -6.30 30.85 44.39
C THR D 48 -7.70 31.40 44.03
N GLN D 49 -8.67 30.48 43.98
CA GLN D 49 -10.06 30.81 43.64
C GLN D 49 -10.74 31.69 44.68
N LEU D 50 -10.56 31.34 45.96
CA LEU D 50 -11.14 32.09 47.09
C LEU D 50 -10.53 33.47 47.16
N GLU D 51 -9.20 33.56 47.05
CA GLU D 51 -8.54 34.87 47.06
C GLU D 51 -8.75 35.68 45.77
N GLY D 52 -8.93 34.98 44.65
CA GLY D 52 -9.34 35.58 43.38
C GLY D 52 -10.78 36.14 43.29
N GLY D 53 -11.69 35.73 44.17
CA GLY D 53 -13.05 36.26 43.97
C GLY D 53 -13.94 35.35 43.12
N GLU D 54 -13.43 34.15 42.82
CA GLU D 54 -14.19 33.14 42.05
C GLU D 54 -15.13 32.35 42.95
N LEU D 55 -14.76 32.29 44.25
CA LEU D 55 -15.52 31.63 45.32
C LEU D 55 -15.95 32.63 46.38
N ASP D 56 -17.15 32.53 46.87
CA ASP D 56 -17.56 33.34 47.99
C ASP D 56 -16.94 32.87 49.31
N VAL D 57 -17.04 31.57 49.59
CA VAL D 57 -16.53 30.98 50.85
C VAL D 57 -16.00 29.64 50.52
N ALA D 58 -15.17 29.08 51.40
CA ALA D 58 -14.79 27.67 51.28
C ALA D 58 -14.89 26.90 52.58
N ILE D 59 -15.07 25.60 52.46
CA ILE D 59 -15.16 24.75 53.65
C ILE D 59 -13.85 23.93 53.65
N VAL D 60 -13.06 24.09 54.70
CA VAL D 60 -11.67 23.66 54.74
C VAL D 60 -11.33 23.24 56.16
N TYR D 61 -10.31 22.41 56.35
CA TYR D 61 -9.81 22.18 57.70
C TYR D 61 -9.06 23.43 58.12
N ASP D 62 -9.14 23.73 59.42
CA ASP D 62 -8.32 24.78 59.96
C ASP D 62 -6.93 24.18 60.22
N LEU D 63 -6.24 23.91 59.11
CA LEU D 63 -4.86 23.42 59.11
C LEU D 63 -4.09 24.21 58.05
N ASP D 64 -2.85 24.61 58.34
CA ASP D 64 -2.01 25.36 57.37
C ASP D 64 -2.77 26.44 56.58
N LEU D 65 -3.63 27.21 57.24
CA LEU D 65 -4.41 28.21 56.49
C LEU D 65 -3.73 29.55 56.49
N SER D 66 -3.96 30.36 55.46
CA SER D 66 -3.40 31.70 55.44
C SER D 66 -3.88 32.47 56.67
N PRO D 67 -2.96 33.21 57.35
CA PRO D 67 -3.34 34.11 58.45
C PRO D 67 -4.26 35.26 58.01
N GLU D 68 -4.29 35.55 56.69
CA GLU D 68 -5.21 36.54 56.14
C GLU D 68 -6.59 35.93 55.75
N TRP D 69 -6.85 34.68 56.14
CA TRP D 69 -8.20 34.17 55.95
C TRP D 69 -8.95 34.30 57.25
N GLN D 70 -10.19 34.78 57.17
CA GLN D 70 -11.13 34.77 58.31
C GLN D 70 -11.88 33.43 58.30
N THR D 71 -12.17 32.90 59.48
CA THR D 71 -12.77 31.58 59.59
C THR D 71 -13.80 31.59 60.72
N VAL D 72 -14.85 30.78 60.59
CA VAL D 72 -15.71 30.51 61.71
C VAL D 72 -15.87 28.98 61.86
N PRO D 73 -15.64 28.44 63.07
CA PRO D 73 -15.76 26.99 63.24
C PRO D 73 -17.16 26.36 62.91
N LEU D 74 -17.15 25.14 62.39
CA LEU D 74 -18.37 24.36 62.03
C LEU D 74 -18.56 23.16 62.96
N MSE D 75 -17.46 22.48 63.19
CA MSE D 75 -17.38 21.30 64.03
C MSE D 75 -15.90 21.05 64.23
O MSE D 75 -15.07 21.61 63.50
CB MSE D 75 -18.00 20.08 63.31
CG MSE D 75 -17.53 19.90 61.87
SE MSE D 75 -17.48 18.04 61.24
CE MSE D 75 -18.72 17.24 62.52
N THR D 76 -15.58 20.19 65.17
CA THR D 76 -14.24 19.79 65.39
C THR D 76 -14.22 18.27 65.68
N ARG D 77 -13.13 17.61 65.25
CA ARG D 77 -12.85 16.25 65.70
C ARG D 77 -11.39 15.82 65.76
N GLU D 78 -11.12 14.88 66.67
CA GLU D 78 -9.83 14.19 66.74
C GLU D 78 -9.60 13.33 65.51
N PRO D 79 -8.36 13.32 64.97
CA PRO D 79 -8.03 12.31 63.97
C PRO D 79 -8.22 10.90 64.54
N MSE D 80 -8.44 9.92 63.68
CA MSE D 80 -8.58 8.56 64.16
C MSE D 80 -7.69 7.60 63.35
O MSE D 80 -7.32 7.89 62.20
CB MSE D 80 -10.07 8.13 64.16
CG MSE D 80 -10.94 8.95 65.14
SE MSE D 80 -12.81 8.37 65.19
CE MSE D 80 -13.76 10.03 65.73
N VAL D 81 -7.30 6.51 63.97
CA VAL D 81 -6.62 5.41 63.24
C VAL D 81 -7.69 4.52 62.55
N VAL D 82 -7.33 3.95 61.40
CA VAL D 82 -8.20 2.99 60.71
C VAL D 82 -7.40 1.76 60.26
N LEU D 83 -7.91 0.58 60.62
CA LEU D 83 -7.25 -0.72 60.34
C LEU D 83 -8.17 -1.65 59.56
N GLY D 84 -7.59 -2.63 58.87
CA GLY D 84 -8.36 -3.71 58.27
C GLY D 84 -8.65 -4.72 59.38
N ALA D 85 -9.67 -5.53 59.19
CA ALA D 85 -10.04 -6.55 60.17
C ALA D 85 -8.90 -7.57 60.41
N GLU D 86 -7.94 -7.59 59.50
CA GLU D 86 -6.82 -8.53 59.54
C GLU D 86 -5.72 -7.98 60.44
N HIS D 87 -5.74 -6.68 60.75
CA HIS D 87 -4.61 -6.08 61.42
C HIS D 87 -4.47 -6.63 62.84
N PRO D 88 -3.21 -6.95 63.28
CA PRO D 88 -3.04 -7.46 64.65
C PRO D 88 -3.79 -6.69 65.73
N LEU D 89 -3.98 -5.38 65.55
CA LEU D 89 -4.64 -4.58 66.58
C LEU D 89 -6.13 -4.44 66.38
N ALA D 90 -6.67 -5.08 65.34
CA ALA D 90 -8.08 -4.90 65.01
C ALA D 90 -8.96 -5.47 66.11
N GLY D 91 -8.61 -6.64 66.65
CA GLY D 91 -9.46 -7.27 67.66
C GLY D 91 -9.03 -6.93 69.08
N VAL D 92 -8.24 -5.89 69.22
CA VAL D 92 -7.59 -5.59 70.48
C VAL D 92 -8.34 -4.45 71.17
N ASP D 93 -8.28 -4.51 72.51
CA ASP D 93 -9.30 -3.90 73.37
C ASP D 93 -9.74 -2.45 73.24
N GLY D 94 -8.86 -1.52 73.58
CA GLY D 94 -9.31 -0.11 73.69
C GLY D 94 -8.81 0.80 72.57
N PRO D 95 -8.60 2.10 72.89
CA PRO D 95 -8.03 3.07 71.95
C PRO D 95 -6.63 2.66 71.55
N VAL D 96 -6.10 3.14 70.43
CA VAL D 96 -4.76 2.72 70.01
C VAL D 96 -3.65 3.65 70.50
N ARG D 97 -2.61 3.01 71.05
CA ARG D 97 -1.29 3.61 71.31
C ARG D 97 -0.63 3.65 69.90
N LEU D 98 -0.39 4.84 69.38
CA LEU D 98 0.00 5.01 67.96
C LEU D 98 1.38 4.48 67.63
N ALA D 99 2.30 4.57 68.59
CA ALA D 99 3.65 4.09 68.40
C ALA D 99 3.65 2.59 68.11
N ASP D 100 2.63 1.88 68.58
CA ASP D 100 2.52 0.44 68.34
C ASP D 100 2.39 0.19 66.84
N LEU D 101 2.12 1.25 66.08
CA LEU D 101 1.88 1.09 64.66
C LEU D 101 3.10 1.44 63.86
N ALA D 102 4.08 2.09 64.50
CA ALA D 102 5.39 2.32 63.86
C ALA D 102 5.85 0.95 63.35
N GLU D 103 6.62 0.90 62.27
CA GLU D 103 7.07 -0.42 61.80
C GLU D 103 6.06 -1.11 60.91
N HIS D 104 4.77 -0.80 61.05
CA HIS D 104 3.72 -1.40 60.19
C HIS D 104 3.55 -0.52 58.97
N PRO D 105 3.43 -1.12 57.76
CA PRO D 105 3.17 -0.33 56.54
C PRO D 105 1.96 0.60 56.67
N MSE D 106 2.14 1.85 56.27
CA MSE D 106 1.05 2.81 56.30
C MSE D 106 0.52 3.04 54.90
O MSE D 106 1.25 3.04 53.90
CB MSE D 106 1.51 4.15 56.93
CG MSE D 106 0.34 5.11 57.25
SE MSE D 106 1.04 6.92 57.44
CE MSE D 106 -0.64 7.90 57.82
N VAL D 107 -0.79 3.18 54.79
CA VAL D 107 -1.33 3.72 53.55
C VAL D 107 -1.51 5.20 53.93
N LEU D 108 -0.86 6.09 53.21
CA LEU D 108 -0.92 7.52 53.44
C LEU D 108 -1.96 8.27 52.60
N LEU D 109 -2.91 8.96 53.23
CA LEU D 109 -3.65 9.98 52.49
C LEU D 109 -2.82 11.26 52.30
N ASP D 110 -2.27 11.38 51.09
CA ASP D 110 -1.50 12.56 50.67
C ASP D 110 -2.47 13.55 49.94
N ALA D 111 -3.23 14.29 50.74
CA ALA D 111 -4.12 15.30 50.21
C ALA D 111 -3.94 16.50 51.11
N PRO D 112 -2.95 17.39 50.81
CA PRO D 112 -2.79 18.61 51.62
C PRO D 112 -4.10 19.34 51.94
N PRO D 113 -4.29 19.72 53.23
CA PRO D 113 -3.36 19.71 54.37
C PRO D 113 -3.29 18.44 55.24
N SER D 114 -3.97 17.34 54.83
CA SER D 114 -3.94 16.10 55.65
C SER D 114 -2.53 15.48 55.84
N THR D 115 -1.70 15.55 54.84
CA THR D 115 -0.32 15.03 54.93
C THR D 115 0.58 15.60 56.05
N ASN D 116 0.77 16.93 56.12
CA ASN D 116 1.69 17.43 57.16
C ASN D 116 1.06 17.05 58.48
N HIS D 117 -0.27 17.11 58.54
CA HIS D 117 -0.93 16.80 59.82
C HIS D 117 -0.69 15.35 60.28
N ALA D 118 -0.76 14.41 59.36
CA ALA D 118 -0.47 13.00 59.61
C ALA D 118 0.98 12.81 60.05
N MSE D 119 1.88 13.54 59.41
CA MSE D 119 3.31 13.46 59.73
C MSE D 119 3.59 13.95 61.17
O MSE D 119 4.41 13.36 61.92
CB MSE D 119 4.12 14.21 58.68
CG MSE D 119 4.11 13.53 57.27
SE MSE D 119 4.63 11.61 57.29
CE MSE D 119 5.17 11.36 55.41
N ASP D 120 2.86 15.00 61.56
CA ASP D 120 3.04 15.67 62.86
C ASP D 120 2.48 14.84 64.03
N VAL D 121 1.33 14.19 63.81
CA VAL D 121 0.76 13.27 64.77
C VAL D 121 1.67 12.07 64.98
N CYS D 122 2.28 11.57 63.90
CA CYS D 122 3.19 10.43 64.02
C CYS D 122 4.42 10.87 64.80
N ARG D 123 4.94 12.04 64.43
CA ARG D 123 6.01 12.68 65.19
C ARG D 123 5.68 12.75 66.68
N GLU D 124 4.54 13.34 67.03
CA GLU D 124 4.09 13.39 68.42
C GLU D 124 4.19 12.04 69.08
N ALA D 125 3.91 10.98 68.31
CA ALA D 125 4.05 9.56 68.75
C ALA D 125 5.48 9.06 68.59
N GLY D 126 6.38 9.98 68.26
CA GLY D 126 7.81 9.71 68.16
C GLY D 126 8.29 8.79 67.06
N PHE D 127 7.61 8.79 65.93
CA PHE D 127 8.14 8.11 64.75
C PHE D 127 7.85 8.81 63.43
N ALA D 128 8.52 8.29 62.39
CA ALA D 128 8.21 8.61 60.99
C ALA D 128 7.59 7.33 60.40
N PRO D 129 6.38 7.46 59.79
CA PRO D 129 5.74 6.24 59.28
C PRO D 129 6.52 5.55 58.15
N ARG D 130 6.40 4.23 58.07
CA ARG D 130 6.86 3.43 56.92
C ARG D 130 5.69 3.41 55.92
N VAL D 131 5.64 4.40 55.04
CA VAL D 131 4.62 4.41 53.99
C VAL D 131 4.83 3.48 52.77
N ALA D 132 3.93 2.50 52.70
CA ALA D 132 3.78 1.49 51.65
C ALA D 132 3.08 1.97 50.38
N TYR D 133 1.98 2.73 50.54
CA TYR D 133 1.15 3.26 49.45
C TYR D 133 0.69 4.69 49.79
N ARG D 134 0.59 5.53 48.77
CA ARG D 134 0.14 6.91 48.86
C ARG D 134 -1.06 7.14 48.01
N THR D 135 -1.96 7.98 48.46
CA THR D 135 -3.14 8.30 47.62
C THR D 135 -3.72 9.64 48.04
N ALA D 136 -4.29 10.34 47.08
CA ALA D 136 -4.98 11.59 47.32
C ALA D 136 -6.49 11.36 47.54
N ASN D 137 -6.93 10.12 47.33
CA ASN D 137 -8.36 9.80 47.23
C ASN D 137 -8.73 9.14 48.57
N PHE D 138 -9.72 9.67 49.29
CA PHE D 138 -10.12 9.14 50.63
C PHE D 138 -10.54 7.67 50.62
N GLU D 139 -11.35 7.27 49.62
CA GLU D 139 -11.86 5.92 49.58
C GLU D 139 -10.78 4.95 49.11
N THR D 140 -9.87 5.40 48.26
CA THR D 140 -8.70 4.55 47.96
C THR D 140 -7.96 4.21 49.25
N ALA D 141 -7.68 5.20 50.08
CA ALA D 141 -7.08 4.96 51.36
C ALA D 141 -7.87 3.96 52.22
N ARG D 142 -9.17 4.17 52.40
CA ARG D 142 -9.94 3.23 53.24
C ARG D 142 -9.96 1.81 52.62
N ALA D 143 -10.17 1.73 51.29
CA ALA D 143 -10.24 0.46 50.58
C ALA D 143 -8.89 -0.28 50.69
N PHE D 144 -7.78 0.40 50.46
CA PHE D 144 -6.45 -0.20 50.71
C PHE D 144 -6.24 -0.73 52.14
N VAL D 145 -6.57 0.08 53.14
CA VAL D 145 -6.59 -0.36 54.55
C VAL D 145 -7.49 -1.59 54.81
N GLY D 146 -8.76 -1.54 54.33
CA GLY D 146 -9.72 -2.62 54.46
C GLY D 146 -9.20 -3.95 53.87
N ARG D 147 -8.45 -3.83 52.80
CA ARG D 147 -7.88 -4.96 52.12
C ARG D 147 -6.60 -5.47 52.84
N GLY D 148 -6.15 -4.78 53.88
CA GLY D 148 -4.96 -5.14 54.59
C GLY D 148 -3.66 -4.74 53.93
N LEU D 149 -3.69 -3.72 53.07
CA LEU D 149 -2.41 -3.21 52.55
C LEU D 149 -1.67 -2.25 53.54
N GLY D 150 -2.34 -1.78 54.60
CA GLY D 150 -1.70 -0.94 55.60
C GLY D 150 -2.70 -0.43 56.62
N TRP D 151 -2.23 0.46 57.50
CA TRP D 151 -3.10 1.24 58.39
C TRP D 151 -3.09 2.69 57.86
N THR D 152 -4.00 3.51 58.35
CA THR D 152 -3.93 4.94 58.02
C THR D 152 -4.45 5.75 59.18
N LEU D 153 -4.42 7.06 58.99
CA LEU D 153 -4.82 8.01 59.96
C LEU D 153 -5.73 8.95 59.18
N LEU D 154 -6.97 9.09 59.59
CA LEU D 154 -7.93 9.97 58.89
C LEU D 154 -8.58 11.05 59.82
N LEU D 155 -8.86 12.21 59.20
CA LEU D 155 -9.42 13.35 59.91
CA LEU D 155 -9.41 13.36 59.89
C LEU D 155 -10.92 13.24 60.03
N GLN D 156 -11.54 12.50 59.13
CA GLN D 156 -12.97 12.24 59.32
C GLN D 156 -13.35 10.77 59.14
N ARG D 157 -14.52 10.45 59.66
CA ARG D 157 -15.03 9.10 59.77
C ARG D 157 -16.38 9.03 59.01
N PRO D 158 -16.33 8.55 57.75
CA PRO D 158 -17.58 8.27 57.02
C PRO D 158 -18.53 7.40 57.88
N ARG D 159 -19.85 7.63 57.77
CA ARG D 159 -20.86 6.90 58.52
C ARG D 159 -21.18 5.66 57.72
N VAL D 160 -20.14 4.88 57.49
CA VAL D 160 -20.29 3.64 56.80
C VAL D 160 -18.95 3.00 56.99
N ASP D 161 -18.78 2.13 58.01
CA ASP D 161 -17.43 1.53 58.32
C ASP D 161 -17.12 0.31 57.41
N VAL D 162 -17.39 0.51 56.13
CA VAL D 162 -17.20 -0.51 55.12
C VAL D 162 -16.65 0.21 53.86
N THR D 163 -15.73 -0.44 53.18
CA THR D 163 -15.17 0.05 51.94
C THR D 163 -16.08 -0.29 50.74
N TYR D 164 -15.74 0.31 49.58
CA TYR D 164 -16.27 -0.07 48.28
C TYR D 164 -16.18 -1.54 47.92
N GLU D 165 -15.18 -2.26 48.43
CA GLU D 165 -15.10 -3.72 48.24
C GLU D 165 -16.06 -4.50 49.14
N GLY D 166 -16.62 -3.87 50.16
CA GLY D 166 -17.60 -4.51 51.01
C GLY D 166 -16.86 -5.02 52.24
N LEU D 167 -15.60 -4.62 52.41
CA LEU D 167 -14.81 -5.09 53.54
C LEU D 167 -14.95 -4.16 54.72
N PRO D 168 -14.90 -4.72 55.96
CA PRO D 168 -14.94 -3.84 57.14
C PRO D 168 -13.67 -3.04 57.26
N VAL D 169 -13.82 -1.88 57.88
CA VAL D 169 -12.71 -1.06 58.31
C VAL D 169 -12.94 -0.89 59.84
N VAL D 170 -11.88 -1.07 60.63
CA VAL D 170 -11.91 -0.93 62.11
C VAL D 170 -11.31 0.43 62.48
N VAL D 171 -12.18 1.37 62.87
CA VAL D 171 -11.77 2.76 63.13
C VAL D 171 -11.54 2.91 64.65
N LYS D 172 -10.38 3.45 65.02
CA LYS D 172 -10.01 3.48 66.43
C LYS D 172 -9.56 4.86 66.90
N PRO D 173 -10.02 5.27 68.09
CA PRO D 173 -9.56 6.54 68.61
C PRO D 173 -8.10 6.41 69.03
N ILE D 174 -7.38 7.53 69.05
CA ILE D 174 -5.97 7.48 69.40
C ILE D 174 -5.76 7.87 70.87
N ALA D 175 -5.16 6.97 71.63
CA ALA D 175 -5.11 7.13 73.08
C ALA D 175 -3.90 7.89 73.51
N GLU D 176 -2.77 7.57 72.90
CA GLU D 176 -1.50 8.15 73.34
C GLU D 176 -0.67 8.54 72.11
N PRO D 177 -0.21 9.82 72.08
CA PRO D 177 -0.84 10.96 72.82
C PRO D 177 -2.27 11.26 72.28
N LYS D 178 -3.11 11.93 73.05
CA LYS D 178 -4.46 12.22 72.56
C LYS D 178 -4.29 13.36 71.56
N PRO D 179 -4.61 13.11 70.27
CA PRO D 179 -4.35 14.17 69.27
C PRO D 179 -5.19 15.43 69.50
N ALA D 180 -4.67 16.55 69.04
CA ALA D 180 -5.43 17.79 69.04
C ALA D 180 -6.65 17.60 68.11
N SER D 181 -7.83 18.07 68.55
CA SER D 181 -9.00 18.07 67.70
C SER D 181 -8.78 19.02 66.50
N VAL D 182 -9.28 18.67 65.31
CA VAL D 182 -9.16 19.56 64.12
C VAL D 182 -10.49 20.17 63.74
N ALA D 183 -10.49 21.50 63.51
CA ALA D 183 -11.71 22.26 63.21
C ALA D 183 -11.86 22.17 61.72
N VAL D 184 -13.11 21.99 61.31
CA VAL D 184 -13.56 22.25 60.00
C VAL D 184 -14.27 23.61 60.11
N VAL D 185 -14.03 24.44 59.11
CA VAL D 185 -14.22 25.89 59.19
C VAL D 185 -14.85 26.42 57.86
N VAL D 186 -15.65 27.49 57.91
CA VAL D 186 -15.98 28.30 56.72
C VAL D 186 -14.95 29.43 56.70
N ALA D 187 -14.41 29.71 55.52
CA ALA D 187 -13.32 30.67 55.39
C ALA D 187 -13.55 31.53 54.17
N TRP D 188 -12.98 32.73 54.19
CA TRP D 188 -13.02 33.65 53.09
C TRP D 188 -11.86 34.55 53.32
N HIS D 189 -11.45 35.29 52.28
CA HIS D 189 -10.33 36.16 52.43
C HIS D 189 -10.76 37.38 53.26
N GLN D 190 -9.93 37.79 54.21
CA GLN D 190 -10.26 38.93 55.07
C GLN D 190 -10.52 40.22 54.32
N GLU D 191 -10.12 40.28 53.06
CA GLU D 191 -10.40 41.47 52.26
C GLU D 191 -11.75 41.42 51.54
N ALA D 192 -12.41 40.25 51.55
CA ALA D 192 -13.67 40.08 50.84
C ALA D 192 -14.80 40.83 51.54
N THR D 193 -15.72 41.42 50.77
CA THR D 193 -16.97 41.81 51.41
C THR D 193 -18.04 40.76 51.02
N LEU D 194 -18.78 40.25 52.00
CA LEU D 194 -19.68 39.12 51.73
C LEU D 194 -21.07 39.59 51.24
N SER D 195 -21.68 38.84 50.32
CA SER D 195 -23.06 39.16 49.88
C SER D 195 -24.05 38.75 50.99
N ARG D 196 -25.29 39.20 50.86
CA ARG D 196 -26.39 38.79 51.77
C ARG D 196 -26.48 37.27 51.81
N VAL D 197 -26.42 36.61 50.64
CA VAL D 197 -26.51 35.16 50.57
CA VAL D 197 -26.49 35.14 50.55
C VAL D 197 -25.31 34.44 51.21
N ALA D 198 -24.09 34.89 50.92
CA ALA D 198 -22.92 34.36 51.62
C ALA D 198 -23.07 34.53 53.15
N ARG D 199 -23.43 35.74 53.64
CA ARG D 199 -23.59 35.92 55.09
C ARG D 199 -24.66 34.97 55.64
N ALA D 200 -25.76 34.82 54.89
CA ALA D 200 -26.86 33.94 55.29
C ALA D 200 -26.40 32.50 55.33
N PHE D 201 -25.48 32.13 54.43
CA PHE D 201 -24.97 30.77 54.41
C PHE D 201 -24.12 30.46 55.65
N ILE D 202 -23.21 31.39 55.94
CA ILE D 202 -22.27 31.30 57.08
C ILE D 202 -23.14 31.26 58.37
N ARG D 203 -24.08 32.20 58.50
CA ARG D 203 -25.00 32.19 59.64
C ARG D 203 -25.68 30.81 59.78
N PHE D 204 -26.23 30.32 58.68
CA PHE D 204 -27.07 29.13 58.66
C PHE D 204 -26.32 27.90 59.04
N VAL D 205 -25.10 27.81 58.57
CA VAL D 205 -24.28 26.62 58.54
C VAL D 205 -23.49 26.41 59.85
N THR D 206 -23.29 27.48 60.60
CA THR D 206 -22.68 27.39 61.91
C THR D 206 -23.69 27.50 63.05
N ALA D 207 -24.99 27.49 62.75
CA ALA D 207 -26.02 27.50 63.80
C ALA D 207 -26.36 26.08 64.36
N VAL E 3 -39.43 -51.18 -37.81
CA VAL E 3 -39.22 -49.68 -38.04
C VAL E 3 -37.78 -49.29 -38.36
N ALA E 4 -37.57 -48.89 -39.62
CA ALA E 4 -36.25 -48.67 -40.15
C ALA E 4 -36.29 -47.62 -41.27
N GLY E 5 -35.14 -47.07 -41.63
CA GLY E 5 -35.08 -46.23 -42.79
C GLY E 5 -34.96 -44.72 -42.60
N PRO E 6 -34.91 -43.96 -43.73
CA PRO E 6 -34.60 -42.54 -43.71
C PRO E 6 -35.71 -41.65 -43.13
N ILE E 7 -35.36 -40.74 -42.24
CA ILE E 7 -36.30 -39.69 -41.80
C ILE E 7 -35.55 -38.34 -41.78
N ALA E 8 -36.16 -37.31 -42.33
CA ALA E 8 -35.56 -35.99 -42.33
C ALA E 8 -36.28 -35.12 -41.32
N VAL E 9 -35.57 -34.69 -40.30
CA VAL E 9 -36.17 -33.86 -39.29
C VAL E 9 -35.53 -32.48 -39.24
N GLY E 10 -36.36 -31.44 -39.32
CA GLY E 10 -35.93 -30.05 -39.21
C GLY E 10 -36.26 -29.39 -37.88
N CYS E 11 -35.52 -28.35 -37.52
CA CYS E 11 -35.88 -27.50 -36.40
C CYS E 11 -35.29 -26.12 -36.62
N TYR E 12 -35.88 -25.14 -35.93
CA TYR E 12 -35.28 -23.83 -35.76
C TYR E 12 -33.95 -23.95 -34.97
N PRO E 13 -32.93 -23.15 -35.33
CA PRO E 13 -31.68 -23.19 -34.58
C PRO E 13 -31.75 -23.04 -33.06
N ALA E 14 -32.71 -22.30 -32.48
CA ALA E 14 -32.72 -22.20 -31.00
C ALA E 14 -33.12 -23.51 -30.33
N LEU E 15 -33.84 -24.36 -31.08
CA LEU E 15 -34.24 -25.73 -30.64
C LEU E 15 -33.21 -26.87 -30.84
N GLY E 16 -32.26 -26.65 -31.71
CA GLY E 16 -31.17 -27.59 -31.99
C GLY E 16 -30.36 -28.08 -30.79
N PRO E 17 -29.88 -27.16 -29.93
CA PRO E 17 -29.12 -27.62 -28.79
C PRO E 17 -29.94 -27.78 -27.54
N THR E 18 -31.22 -27.37 -27.55
CA THR E 18 -32.04 -27.39 -26.34
C THR E 18 -32.90 -28.65 -26.21
N ILE E 19 -33.59 -29.00 -27.29
CA ILE E 19 -34.46 -30.12 -27.18
C ILE E 19 -34.10 -31.29 -28.14
N LEU E 20 -33.51 -31.01 -29.30
CA LEU E 20 -33.26 -32.04 -30.28
C LEU E 20 -32.21 -33.10 -29.85
N PRO E 21 -31.25 -32.73 -29.01
CA PRO E 21 -30.21 -33.71 -28.80
C PRO E 21 -30.79 -34.91 -28.01
N SER E 22 -31.50 -34.69 -26.92
CA SER E 22 -32.02 -35.83 -26.14
C SER E 22 -33.09 -36.57 -26.97
N MSE E 23 -33.80 -35.86 -27.83
CA MSE E 23 -34.86 -36.41 -28.65
C MSE E 23 -34.25 -37.35 -29.68
O MSE E 23 -34.74 -38.44 -29.88
CB MSE E 23 -35.55 -35.27 -29.35
CG MSE E 23 -36.89 -35.55 -29.89
SE MSE E 23 -37.68 -34.01 -30.83
CE MSE E 23 -37.84 -32.92 -29.28
N LEU E 24 -33.14 -36.93 -30.32
CA LEU E 24 -32.51 -37.71 -31.36
C LEU E 24 -31.75 -38.87 -30.71
N TYR E 25 -31.13 -38.63 -29.56
CA TYR E 25 -30.51 -39.74 -28.84
C TYR E 25 -31.51 -40.86 -28.44
N ALA E 26 -32.59 -40.51 -27.76
CA ALA E 26 -33.55 -41.50 -27.30
C ALA E 26 -34.23 -42.18 -28.49
N PHE E 27 -34.52 -41.40 -29.53
CA PHE E 27 -35.18 -41.99 -30.70
C PHE E 27 -34.30 -43.04 -31.42
N THR E 28 -33.05 -42.65 -31.71
CA THR E 28 -32.14 -43.61 -32.39
C THR E 28 -31.70 -44.79 -31.50
N ALA E 29 -31.76 -44.64 -30.18
CA ALA E 29 -31.49 -45.75 -29.25
C ALA E 29 -32.61 -46.78 -29.32
N GLU E 30 -33.85 -46.29 -29.44
CA GLU E 30 -35.05 -47.08 -29.39
C GLU E 30 -35.24 -47.70 -30.76
N TYR E 31 -34.81 -47.01 -31.82
CA TYR E 31 -34.85 -47.54 -33.18
C TYR E 31 -33.50 -47.43 -33.93
N PRO E 32 -32.57 -48.37 -33.67
CA PRO E 32 -31.19 -48.25 -34.25
C PRO E 32 -31.07 -48.32 -35.76
N ARG E 33 -32.11 -48.78 -36.44
CA ARG E 33 -32.08 -48.82 -37.89
C ARG E 33 -32.84 -47.67 -38.58
N ALA E 34 -33.45 -46.75 -37.81
CA ALA E 34 -33.83 -45.43 -38.40
C ALA E 34 -32.57 -44.67 -38.79
N SER E 35 -32.57 -43.91 -39.89
CA SER E 35 -31.43 -43.04 -40.13
C SER E 35 -31.88 -41.63 -40.26
N VAL E 36 -31.52 -40.82 -39.26
CA VAL E 36 -32.05 -39.47 -39.21
CA VAL E 36 -32.02 -39.44 -39.15
C VAL E 36 -31.15 -38.47 -39.91
N GLU E 37 -31.79 -37.75 -40.84
CA GLU E 37 -31.16 -36.63 -41.53
C GLU E 37 -31.65 -35.48 -40.71
N PHE E 38 -30.71 -34.84 -40.04
CA PHE E 38 -30.99 -33.67 -39.26
C PHE E 38 -30.61 -32.32 -39.93
N ARG E 39 -31.58 -31.38 -39.98
CA ARG E 39 -31.38 -30.03 -40.48
C ARG E 39 -31.91 -28.93 -39.58
N GLU E 40 -31.10 -27.90 -39.35
CA GLU E 40 -31.54 -26.69 -38.69
C GLU E 40 -31.70 -25.64 -39.75
N ASP E 41 -32.79 -24.89 -39.69
CA ASP E 41 -32.92 -23.75 -40.59
C ASP E 41 -33.88 -22.67 -40.12
N THR E 42 -33.78 -21.49 -40.73
CA THR E 42 -34.60 -20.36 -40.33
C THR E 42 -36.04 -20.63 -40.64
N GLN E 43 -36.89 -19.75 -40.15
CA GLN E 43 -38.34 -19.91 -40.26
C GLN E 43 -38.84 -20.18 -41.68
N ASN E 44 -38.47 -19.32 -42.61
CA ASN E 44 -38.96 -19.49 -43.98
C ASN E 44 -38.34 -20.61 -44.79
N ARG E 45 -37.05 -20.88 -44.56
CA ARG E 45 -36.37 -21.97 -45.26
C ARG E 45 -36.91 -23.32 -44.80
N LEU E 46 -37.07 -23.46 -43.49
CA LEU E 46 -37.69 -24.67 -42.92
C LEU E 46 -39.10 -24.86 -43.50
N ARG E 47 -39.87 -23.77 -43.62
CA ARG E 47 -41.23 -23.92 -44.17
C ARG E 47 -41.19 -24.42 -45.62
N THR E 48 -40.24 -23.88 -46.40
CA THR E 48 -40.06 -24.26 -47.81
C THR E 48 -39.67 -25.75 -47.94
N GLN E 49 -38.73 -26.19 -47.11
CA GLN E 49 -38.26 -27.56 -47.18
C GLN E 49 -39.33 -28.55 -46.74
N LEU E 50 -40.09 -28.16 -45.71
CA LEU E 50 -41.17 -29.00 -45.18
C LEU E 50 -42.27 -29.12 -46.23
N GLU E 51 -42.68 -27.98 -46.82
CA GLU E 51 -43.77 -28.02 -47.77
C GLU E 51 -43.35 -28.62 -49.11
N GLY E 52 -42.05 -28.52 -49.42
CA GLY E 52 -41.48 -29.14 -50.61
C GLY E 52 -41.18 -30.62 -50.52
N GLY E 53 -41.35 -31.26 -49.37
CA GLY E 53 -41.04 -32.70 -49.29
C GLY E 53 -39.56 -33.03 -49.01
N GLU E 54 -38.79 -32.04 -48.57
CA GLU E 54 -37.38 -32.25 -48.25
C GLU E 54 -37.17 -32.66 -46.79
N LEU E 55 -38.14 -32.27 -45.96
CA LEU E 55 -38.23 -32.67 -44.57
C LEU E 55 -39.47 -33.52 -44.36
N ASP E 56 -39.39 -34.51 -43.46
CA ASP E 56 -40.57 -35.27 -43.02
C ASP E 56 -41.37 -34.57 -41.92
N VAL E 57 -40.62 -34.10 -40.93
CA VAL E 57 -41.23 -33.49 -39.79
CA VAL E 57 -41.21 -33.48 -39.77
C VAL E 57 -40.34 -32.33 -39.34
N ALA E 58 -40.91 -31.39 -38.59
CA ALA E 58 -40.16 -30.28 -37.95
C ALA E 58 -40.56 -30.08 -36.51
N ILE E 59 -39.57 -29.68 -35.71
CA ILE E 59 -39.73 -29.19 -34.35
C ILE E 59 -39.60 -27.68 -34.37
N VAL E 60 -40.71 -27.00 -34.08
CA VAL E 60 -40.77 -25.57 -34.22
C VAL E 60 -41.60 -24.94 -33.09
N TYR E 61 -41.52 -23.62 -32.91
CA TYR E 61 -42.42 -22.96 -31.94
C TYR E 61 -43.78 -22.85 -32.59
N ASP E 62 -44.85 -22.87 -31.79
CA ASP E 62 -46.18 -22.68 -32.37
C ASP E 62 -46.50 -21.17 -32.32
N LEU E 63 -45.86 -20.45 -33.23
CA LEU E 63 -45.93 -19.00 -33.38
C LEU E 63 -45.82 -18.81 -34.88
N ASP E 64 -46.77 -18.07 -35.46
CA ASP E 64 -46.74 -17.72 -36.88
C ASP E 64 -46.67 -18.91 -37.83
N LEU E 65 -47.20 -20.05 -37.39
CA LEU E 65 -47.26 -21.25 -38.23
C LEU E 65 -48.39 -21.20 -39.27
N SER E 66 -48.15 -21.84 -40.40
CA SER E 66 -49.18 -22.06 -41.41
C SER E 66 -50.39 -22.80 -40.80
N PRO E 67 -51.62 -22.29 -41.10
CA PRO E 67 -52.93 -22.95 -40.90
C PRO E 67 -52.97 -24.40 -41.37
N GLU E 68 -52.36 -24.67 -42.52
CA GLU E 68 -52.29 -26.03 -43.07
C GLU E 68 -51.16 -26.98 -42.56
N TRP E 69 -50.54 -26.66 -41.43
CA TRP E 69 -49.58 -27.59 -40.85
C TRP E 69 -50.28 -28.30 -39.72
N GLN E 70 -50.05 -29.59 -39.69
CA GLN E 70 -50.53 -30.43 -38.65
C GLN E 70 -49.52 -30.34 -37.53
N THR E 71 -50.01 -30.11 -36.29
CA THR E 71 -49.17 -29.96 -35.13
C THR E 71 -49.57 -30.86 -33.96
N VAL E 72 -48.58 -31.20 -33.13
CA VAL E 72 -48.80 -31.90 -31.87
C VAL E 72 -47.97 -31.21 -30.81
N PRO E 73 -48.60 -30.81 -29.67
CA PRO E 73 -47.77 -30.14 -28.69
C PRO E 73 -46.75 -31.06 -27.99
N LEU E 74 -45.56 -30.53 -27.81
CA LEU E 74 -44.50 -31.24 -27.14
C LEU E 74 -44.36 -30.69 -25.77
N MSE E 75 -44.27 -29.37 -25.69
CA MSE E 75 -44.04 -28.71 -24.41
C MSE E 75 -44.36 -27.24 -24.54
O MSE E 75 -44.62 -26.74 -25.61
CB MSE E 75 -42.59 -28.86 -23.96
CG MSE E 75 -41.69 -27.96 -24.76
SE MSE E 75 -39.88 -28.54 -24.60
CE MSE E 75 -39.60 -27.96 -22.75
N THR E 76 -44.37 -26.59 -23.40
CA THR E 76 -44.82 -25.23 -23.30
C THR E 76 -43.88 -24.57 -22.31
N ARG E 77 -43.09 -23.61 -22.76
CA ARG E 77 -42.18 -22.89 -21.82
C ARG E 77 -42.63 -21.41 -21.66
N GLU E 78 -42.50 -20.88 -20.44
CA GLU E 78 -42.76 -19.45 -20.21
C GLU E 78 -41.57 -18.61 -20.68
N PRO E 79 -41.83 -17.47 -21.35
CA PRO E 79 -40.81 -16.48 -21.66
C PRO E 79 -40.12 -16.02 -20.36
N MSE E 80 -38.82 -15.79 -20.41
CA MSE E 80 -38.10 -15.32 -19.21
CA MSE E 80 -38.14 -15.27 -19.21
C MSE E 80 -37.14 -14.18 -19.51
O MSE E 80 -36.64 -14.06 -20.61
CB MSE E 80 -37.36 -16.48 -18.53
CB MSE E 80 -37.51 -16.39 -18.38
CG MSE E 80 -36.22 -17.04 -19.34
CG MSE E 80 -38.52 -17.01 -17.44
SE MSE E 80 -36.03 -18.95 -19.00
SE MSE E 80 -37.84 -18.58 -16.64
CE MSE E 80 -37.25 -19.60 -20.40
CE MSE E 80 -37.27 -17.95 -14.90
N VAL E 81 -36.86 -13.39 -18.50
CA VAL E 81 -35.95 -12.26 -18.69
C VAL E 81 -34.51 -12.68 -18.27
N VAL E 82 -33.53 -12.37 -19.09
CA VAL E 82 -32.16 -12.65 -18.65
CA VAL E 82 -32.12 -12.66 -18.72
C VAL E 82 -31.38 -11.34 -18.53
N LEU E 83 -30.67 -11.24 -17.40
CA LEU E 83 -29.96 -10.05 -16.94
C LEU E 83 -28.49 -10.33 -16.68
N GLY E 84 -27.59 -9.38 -16.92
CA GLY E 84 -26.21 -9.48 -16.34
C GLY E 84 -26.16 -9.40 -14.82
N ALA E 85 -25.13 -9.96 -14.17
CA ALA E 85 -25.07 -9.97 -12.67
C ALA E 85 -25.16 -8.60 -11.99
N GLU E 86 -24.69 -7.55 -12.64
CA GLU E 86 -24.75 -6.19 -12.10
C GLU E 86 -25.79 -5.25 -12.72
N HIS E 87 -26.76 -5.82 -13.43
CA HIS E 87 -27.82 -5.03 -14.01
C HIS E 87 -28.68 -4.45 -12.86
N PRO E 88 -29.09 -3.16 -12.97
CA PRO E 88 -29.83 -2.54 -11.85
C PRO E 88 -30.95 -3.41 -11.29
N LEU E 89 -31.58 -4.23 -12.15
CA LEU E 89 -32.73 -5.06 -11.74
C LEU E 89 -32.35 -6.45 -11.27
N ALA E 90 -31.09 -6.82 -11.40
CA ALA E 90 -30.71 -8.19 -11.10
C ALA E 90 -30.64 -8.42 -9.58
N GLY E 91 -30.38 -7.35 -8.85
CA GLY E 91 -30.28 -7.41 -7.39
C GLY E 91 -31.62 -7.52 -6.70
N VAL E 92 -32.64 -6.88 -7.27
CA VAL E 92 -34.02 -6.96 -6.75
C VAL E 92 -34.47 -8.43 -6.83
N ASP E 93 -34.88 -9.04 -5.72
CA ASP E 93 -35.26 -10.45 -5.88
C ASP E 93 -36.75 -10.70 -6.17
N GLY E 94 -37.06 -11.93 -6.60
CA GLY E 94 -38.36 -12.26 -7.15
C GLY E 94 -38.45 -12.00 -8.66
N PRO E 95 -39.64 -12.17 -9.22
CA PRO E 95 -39.79 -11.95 -10.65
C PRO E 95 -39.53 -10.48 -11.01
N VAL E 96 -39.27 -10.19 -12.30
CA VAL E 96 -39.02 -8.83 -12.76
C VAL E 96 -40.33 -8.23 -13.25
N ARG E 97 -40.54 -6.97 -12.93
CA ARG E 97 -41.68 -6.19 -13.41
C ARG E 97 -41.28 -5.71 -14.81
N LEU E 98 -41.98 -6.20 -15.81
CA LEU E 98 -41.59 -5.99 -17.19
C LEU E 98 -41.57 -4.51 -17.61
N ALA E 99 -42.56 -3.75 -17.14
CA ALA E 99 -42.54 -2.30 -17.23
C ALA E 99 -41.23 -1.68 -16.75
N ASP E 100 -40.56 -2.28 -15.75
CA ASP E 100 -39.31 -1.73 -15.23
C ASP E 100 -38.18 -1.78 -16.26
N LEU E 101 -38.34 -2.62 -17.26
CA LEU E 101 -37.39 -2.80 -18.35
C LEU E 101 -37.44 -1.77 -19.49
N ALA E 102 -38.53 -0.99 -19.59
CA ALA E 102 -38.75 -0.07 -20.71
C ALA E 102 -37.56 0.87 -21.09
N GLU E 103 -36.93 1.49 -20.09
CA GLU E 103 -35.79 2.39 -20.36
C GLU E 103 -34.43 1.71 -20.50
N HIS E 104 -34.38 0.40 -20.25
CA HIS E 104 -33.08 -0.27 -20.23
C HIS E 104 -32.75 -0.81 -21.63
N PRO E 105 -31.46 -0.74 -22.04
CA PRO E 105 -31.09 -1.23 -23.36
C PRO E 105 -31.32 -2.74 -23.48
N MSE E 106 -31.88 -3.19 -24.61
CA MSE E 106 -32.18 -4.57 -24.86
C MSE E 106 -31.16 -5.15 -25.84
O MSE E 106 -30.67 -4.46 -26.76
CB MSE E 106 -33.62 -4.74 -25.45
CG MSE E 106 -34.18 -6.11 -25.27
SE MSE E 106 -35.63 -6.48 -26.53
CE MSE E 106 -36.05 -8.36 -26.02
N VAL E 107 -30.84 -6.41 -25.61
CA VAL E 107 -30.12 -7.20 -26.59
C VAL E 107 -31.19 -8.10 -27.20
N LEU E 108 -31.53 -7.87 -28.47
CA LEU E 108 -32.64 -8.61 -29.11
C LEU E 108 -32.14 -9.88 -29.82
N LEU E 109 -32.73 -11.03 -29.47
CA LEU E 109 -32.60 -12.19 -30.31
C LEU E 109 -33.59 -12.05 -31.48
N ASP E 110 -33.05 -11.61 -32.61
CA ASP E 110 -33.80 -11.47 -33.84
C ASP E 110 -33.78 -12.82 -34.61
N ALA E 111 -34.53 -13.79 -34.13
CA ALA E 111 -34.56 -15.06 -34.83
C ALA E 111 -36.04 -15.43 -35.03
N PRO E 112 -36.67 -14.97 -36.14
CA PRO E 112 -38.11 -15.29 -36.39
C PRO E 112 -38.39 -16.81 -36.20
N PRO E 113 -39.50 -17.17 -35.49
CA PRO E 113 -40.54 -16.25 -34.99
C PRO E 113 -40.33 -15.62 -33.60
N SER E 114 -39.13 -15.74 -33.05
CA SER E 114 -38.96 -15.21 -31.71
C SER E 114 -39.06 -13.70 -31.61
N THR E 115 -38.70 -13.02 -32.71
CA THR E 115 -38.57 -11.56 -32.70
C THR E 115 -39.90 -10.88 -32.48
N ASN E 116 -40.90 -11.28 -33.27
CA ASN E 116 -42.24 -10.70 -33.14
C ASN E 116 -42.89 -11.01 -31.82
N HIS E 117 -42.64 -12.23 -31.32
CA HIS E 117 -43.09 -12.59 -29.96
C HIS E 117 -42.55 -11.66 -28.86
N ALA E 118 -41.23 -11.40 -28.86
CA ALA E 118 -40.62 -10.53 -27.83
C ALA E 118 -41.13 -9.11 -28.00
N MSE E 119 -41.25 -8.66 -29.24
CA MSE E 119 -41.84 -7.32 -29.51
C MSE E 119 -43.27 -7.26 -28.98
O MSE E 119 -43.67 -6.26 -28.48
CB MSE E 119 -41.86 -6.98 -31.02
CG MSE E 119 -40.50 -6.79 -31.69
SE MSE E 119 -39.34 -5.48 -30.75
CE MSE E 119 -40.14 -3.81 -31.42
N ASP E 120 -44.04 -8.34 -29.16
CA ASP E 120 -45.46 -8.37 -28.68
C ASP E 120 -45.47 -8.34 -27.14
N VAL E 121 -44.57 -9.09 -26.50
CA VAL E 121 -44.45 -9.05 -25.06
C VAL E 121 -44.17 -7.64 -24.50
N CYS E 122 -43.19 -6.95 -25.09
CA CYS E 122 -42.89 -5.55 -24.72
C CYS E 122 -44.12 -4.64 -24.94
N ARG E 123 -44.73 -4.68 -26.14
CA ARG E 123 -45.96 -3.87 -26.45
C ARG E 123 -47.01 -4.00 -25.36
N GLU E 124 -47.36 -5.24 -25.04
CA GLU E 124 -48.37 -5.57 -24.06
C GLU E 124 -48.00 -5.17 -22.60
N ALA E 125 -46.70 -4.98 -22.32
CA ALA E 125 -46.22 -4.42 -21.06
C ALA E 125 -46.09 -2.88 -21.09
N GLY E 126 -46.34 -2.29 -22.26
CA GLY E 126 -46.49 -0.85 -22.42
C GLY E 126 -45.37 -0.20 -23.17
N PHE E 127 -44.48 -0.96 -23.85
CA PHE E 127 -43.32 -0.33 -24.49
C PHE E 127 -42.75 -1.00 -25.72
N ALA E 128 -42.01 -0.19 -26.48
CA ALA E 128 -41.20 -0.63 -27.58
C ALA E 128 -39.79 -0.60 -27.03
N PRO E 129 -39.09 -1.76 -27.08
CA PRO E 129 -37.75 -1.77 -26.48
C PRO E 129 -36.70 -0.87 -27.13
N ARG E 130 -35.72 -0.46 -26.33
CA ARG E 130 -34.54 0.27 -26.82
C ARG E 130 -33.52 -0.84 -27.18
N VAL E 131 -33.35 -1.14 -28.47
CA VAL E 131 -32.55 -2.28 -28.89
C VAL E 131 -31.13 -1.73 -29.10
N ALA E 132 -30.22 -2.07 -28.20
CA ALA E 132 -28.81 -1.68 -28.31
C ALA E 132 -28.03 -2.60 -29.27
N TYR E 133 -28.33 -3.90 -29.26
CA TYR E 133 -27.69 -4.86 -30.18
C TYR E 133 -28.70 -5.90 -30.61
N ARG E 134 -28.40 -6.53 -31.75
CA ARG E 134 -29.21 -7.61 -32.31
C ARG E 134 -28.37 -8.80 -32.75
N THR E 135 -28.89 -10.01 -32.53
CA THR E 135 -28.23 -11.22 -33.02
C THR E 135 -29.24 -12.30 -33.39
N ALA E 136 -28.98 -13.05 -34.46
CA ALA E 136 -29.75 -14.30 -34.72
C ALA E 136 -29.28 -15.46 -33.84
N ASN E 137 -28.18 -15.32 -33.09
CA ASN E 137 -27.49 -16.45 -32.37
C ASN E 137 -27.86 -16.44 -30.85
N PHE E 138 -28.48 -17.52 -30.40
CA PHE E 138 -28.97 -17.67 -29.03
C PHE E 138 -27.89 -17.37 -28.03
N GLU E 139 -26.71 -17.97 -28.22
CA GLU E 139 -25.59 -17.77 -27.28
C GLU E 139 -24.95 -16.39 -27.28
N THR E 140 -24.85 -15.77 -28.45
CA THR E 140 -24.49 -14.38 -28.56
C THR E 140 -25.37 -13.49 -27.71
N ALA E 141 -26.67 -13.67 -27.75
CA ALA E 141 -27.60 -12.91 -26.89
C ALA E 141 -27.28 -13.13 -25.39
N ARG E 142 -27.24 -14.38 -24.89
CA ARG E 142 -26.81 -14.64 -23.52
C ARG E 142 -25.45 -14.02 -23.17
N ALA E 143 -24.46 -14.19 -24.05
CA ALA E 143 -23.11 -13.68 -23.80
C ALA E 143 -23.11 -12.14 -23.71
N PHE E 144 -23.80 -11.47 -24.63
CA PHE E 144 -23.94 -10.02 -24.58
C PHE E 144 -24.55 -9.54 -23.23
N VAL E 145 -25.59 -10.25 -22.83
CA VAL E 145 -26.32 -9.94 -21.57
C VAL E 145 -25.42 -10.17 -20.32
N GLY E 146 -24.69 -11.30 -20.26
CA GLY E 146 -23.77 -11.63 -19.13
C GLY E 146 -22.70 -10.53 -18.97
N ARG E 147 -22.25 -10.01 -20.11
CA ARG E 147 -21.26 -8.95 -20.15
C ARG E 147 -21.78 -7.55 -19.80
N GLY E 148 -23.09 -7.41 -19.62
CA GLY E 148 -23.77 -6.16 -19.29
C GLY E 148 -24.09 -5.22 -20.47
N LEU E 149 -24.24 -5.78 -21.68
CA LEU E 149 -24.58 -4.96 -22.87
C LEU E 149 -26.13 -4.73 -23.06
N GLY E 150 -26.92 -5.40 -22.25
CA GLY E 150 -28.36 -5.15 -22.19
C GLY E 150 -29.02 -6.29 -21.47
N TRP E 151 -30.37 -6.32 -21.51
CA TRP E 151 -31.20 -7.48 -21.02
C TRP E 151 -31.81 -8.20 -22.26
N THR E 152 -32.31 -9.41 -22.09
CA THR E 152 -33.01 -10.02 -23.18
C THR E 152 -34.21 -10.85 -22.72
N LEU E 153 -35.01 -11.26 -23.67
CA LEU E 153 -36.13 -12.14 -23.36
C LEU E 153 -35.91 -13.40 -24.15
N LEU E 154 -36.01 -14.56 -23.51
CA LEU E 154 -35.73 -15.83 -24.12
C LEU E 154 -36.77 -16.86 -23.75
N LEU E 155 -36.97 -17.78 -24.68
CA LEU E 155 -37.96 -18.86 -24.53
C LEU E 155 -37.34 -20.18 -24.10
N GLN E 156 -36.01 -20.30 -24.15
CA GLN E 156 -35.30 -21.50 -23.70
C GLN E 156 -34.36 -21.10 -22.56
N ARG E 157 -34.02 -22.07 -21.72
CA ARG E 157 -33.16 -21.84 -20.55
CA ARG E 157 -33.11 -21.82 -20.60
C ARG E 157 -32.03 -22.89 -20.50
N PRO E 158 -30.81 -22.56 -20.98
CA PRO E 158 -29.68 -23.49 -20.71
C PRO E 158 -29.63 -23.79 -19.20
N ARG E 159 -29.37 -25.06 -18.85
CA ARG E 159 -29.39 -25.49 -17.46
C ARG E 159 -28.32 -24.86 -16.56
N VAL E 160 -27.16 -24.49 -17.12
CA VAL E 160 -26.17 -23.72 -16.35
C VAL E 160 -26.20 -22.23 -16.72
N ASP E 161 -26.44 -21.39 -15.71
CA ASP E 161 -26.65 -19.97 -15.90
C ASP E 161 -25.32 -19.26 -16.07
N VAL E 162 -24.55 -19.71 -17.07
CA VAL E 162 -23.26 -19.09 -17.35
C VAL E 162 -23.11 -19.03 -18.86
N THR E 163 -22.41 -18.01 -19.33
CA THR E 163 -22.18 -17.78 -20.78
C THR E 163 -20.90 -18.45 -21.22
N TYR E 164 -20.68 -18.46 -22.54
CA TYR E 164 -19.38 -18.87 -23.09
C TYR E 164 -18.15 -18.25 -22.53
N GLU E 165 -18.25 -16.96 -22.19
CA GLU E 165 -17.14 -16.24 -21.54
C GLU E 165 -16.96 -16.58 -20.07
N GLY E 166 -17.92 -17.30 -19.49
CA GLY E 166 -17.83 -17.66 -18.07
C GLY E 166 -18.49 -16.71 -17.09
N LEU E 167 -19.26 -15.76 -17.61
CA LEU E 167 -19.97 -14.79 -16.77
C LEU E 167 -21.32 -15.32 -16.35
N PRO E 168 -21.78 -14.97 -15.12
CA PRO E 168 -23.10 -15.49 -14.77
C PRO E 168 -24.20 -14.67 -15.45
N VAL E 169 -25.37 -15.30 -15.57
CA VAL E 169 -26.59 -14.67 -16.01
C VAL E 169 -27.69 -14.94 -14.95
N VAL E 170 -28.52 -13.92 -14.77
CA VAL E 170 -29.60 -13.92 -13.78
C VAL E 170 -30.85 -14.14 -14.61
N VAL E 171 -31.49 -15.28 -14.42
CA VAL E 171 -32.65 -15.65 -15.21
C VAL E 171 -33.86 -15.44 -14.32
N LYS E 172 -34.74 -14.52 -14.75
CA LYS E 172 -35.86 -14.15 -13.91
C LYS E 172 -37.23 -14.46 -14.55
N PRO E 173 -38.15 -15.07 -13.77
CA PRO E 173 -39.49 -15.19 -14.34
C PRO E 173 -40.15 -13.79 -14.36
N ILE E 174 -41.22 -13.66 -15.12
CA ILE E 174 -41.82 -12.32 -15.29
C ILE E 174 -42.93 -12.17 -14.26
N ALA E 175 -42.96 -11.02 -13.58
CA ALA E 175 -43.94 -10.74 -12.55
C ALA E 175 -45.32 -10.62 -13.14
N GLU E 176 -46.36 -10.97 -12.40
CA GLU E 176 -47.72 -10.81 -12.96
C GLU E 176 -47.96 -9.37 -13.52
N PRO E 177 -48.66 -9.23 -14.68
CA PRO E 177 -49.29 -10.30 -15.50
C PRO E 177 -48.29 -11.08 -16.38
N LYS E 178 -48.26 -12.39 -16.20
CA LYS E 178 -47.34 -13.18 -17.01
C LYS E 178 -47.75 -13.23 -18.48
N PRO E 179 -46.80 -13.08 -19.42
CA PRO E 179 -47.16 -13.32 -20.84
C PRO E 179 -47.55 -14.82 -21.05
N ALA E 180 -48.39 -15.14 -22.03
CA ALA E 180 -48.74 -16.57 -22.24
C ALA E 180 -47.46 -17.39 -22.53
N SER E 181 -47.42 -18.63 -22.01
CA SER E 181 -46.41 -19.59 -22.35
C SER E 181 -46.38 -19.81 -23.88
N VAL E 182 -45.23 -20.24 -24.42
CA VAL E 182 -45.11 -20.54 -25.86
C VAL E 182 -44.98 -22.06 -26.04
N ALA E 183 -45.78 -22.60 -26.96
CA ALA E 183 -45.74 -24.02 -27.27
C ALA E 183 -44.60 -24.37 -28.22
N VAL E 184 -43.87 -25.46 -27.94
CA VAL E 184 -43.05 -26.16 -28.95
C VAL E 184 -43.85 -27.42 -29.39
N VAL E 185 -43.81 -27.72 -30.69
CA VAL E 185 -44.79 -28.55 -31.37
C VAL E 185 -43.95 -29.44 -32.35
N VAL E 186 -44.46 -30.62 -32.69
CA VAL E 186 -43.99 -31.41 -33.86
C VAL E 186 -44.98 -31.12 -34.98
N ALA E 187 -44.48 -30.79 -36.17
CA ALA E 187 -45.29 -30.31 -37.27
C ALA E 187 -44.88 -31.06 -38.53
N TRP E 188 -45.89 -31.32 -39.37
CA TRP E 188 -45.72 -31.79 -40.75
C TRP E 188 -46.80 -31.14 -41.59
N HIS E 189 -46.58 -31.10 -42.90
CA HIS E 189 -47.54 -30.50 -43.80
C HIS E 189 -48.83 -31.38 -43.91
N GLN E 190 -50.01 -30.74 -43.84
CA GLN E 190 -51.27 -31.49 -43.80
C GLN E 190 -51.47 -32.40 -45.00
N GLU E 191 -50.83 -32.04 -46.11
CA GLU E 191 -50.95 -32.78 -47.37
C GLU E 191 -49.97 -33.93 -47.51
N ALA E 192 -49.13 -34.13 -46.48
CA ALA E 192 -48.08 -35.16 -46.50
C ALA E 192 -48.61 -36.52 -46.07
N THR E 193 -48.03 -37.58 -46.64
CA THR E 193 -48.23 -38.92 -46.11
C THR E 193 -46.97 -39.24 -45.33
N LEU E 194 -47.16 -39.55 -44.05
CA LEU E 194 -45.99 -39.79 -43.22
C LEU E 194 -45.51 -41.23 -43.40
N SER E 195 -44.19 -41.44 -43.52
CA SER E 195 -43.71 -42.80 -43.53
C SER E 195 -43.99 -43.46 -42.17
N ARG E 196 -43.77 -44.76 -42.12
CA ARG E 196 -43.88 -45.52 -40.88
C ARG E 196 -42.81 -45.07 -39.87
N VAL E 197 -41.62 -44.73 -40.36
CA VAL E 197 -40.58 -44.23 -39.46
C VAL E 197 -40.95 -42.83 -38.89
N ALA E 198 -41.56 -41.96 -39.74
CA ALA E 198 -42.04 -40.66 -39.31
C ALA E 198 -43.18 -40.78 -38.30
N ARG E 199 -44.11 -41.73 -38.47
CA ARG E 199 -45.17 -41.91 -37.46
C ARG E 199 -44.57 -42.32 -36.10
N ALA E 200 -43.66 -43.30 -36.12
CA ALA E 200 -42.96 -43.77 -34.95
C ALA E 200 -42.20 -42.65 -34.23
N PHE E 201 -41.53 -41.79 -35.00
CA PHE E 201 -40.84 -40.65 -34.44
C PHE E 201 -41.83 -39.76 -33.72
N ILE E 202 -42.93 -39.38 -34.35
CA ILE E 202 -43.90 -38.46 -33.73
C ILE E 202 -44.53 -39.10 -32.48
N ARG E 203 -44.95 -40.36 -32.61
CA ARG E 203 -45.39 -41.14 -31.45
C ARG E 203 -44.34 -41.22 -30.33
N PHE E 204 -43.08 -41.43 -30.67
CA PHE E 204 -42.04 -41.57 -29.67
C PHE E 204 -41.74 -40.21 -28.95
N VAL E 205 -41.62 -39.12 -29.71
CA VAL E 205 -41.18 -37.88 -29.07
C VAL E 205 -42.31 -37.12 -28.37
N THR E 206 -43.57 -37.46 -28.68
CA THR E 206 -44.68 -36.81 -27.97
C THR E 206 -45.10 -37.52 -26.67
N ALA E 207 -44.40 -38.61 -26.29
CA ALA E 207 -44.76 -39.47 -25.14
C ALA E 207 -44.23 -38.99 -23.80
N VAL F 3 -11.61 10.08 -30.01
CA VAL F 3 -12.28 8.87 -30.58
C VAL F 3 -13.83 8.95 -30.51
N ALA F 4 -14.44 9.11 -31.69
CA ALA F 4 -15.89 9.22 -31.83
C ALA F 4 -16.36 8.76 -33.22
N GLY F 5 -17.67 8.63 -33.37
CA GLY F 5 -18.28 8.26 -34.66
C GLY F 5 -18.64 6.77 -34.79
N PRO F 6 -19.28 6.38 -35.92
CA PRO F 6 -19.76 5.01 -36.13
C PRO F 6 -18.67 4.05 -36.61
N ILE F 7 -18.66 2.87 -35.98
CA ILE F 7 -17.86 1.75 -36.48
C ILE F 7 -18.77 0.52 -36.69
N ALA F 8 -18.52 -0.20 -37.77
CA ALA F 8 -19.35 -1.42 -38.09
C ALA F 8 -18.43 -2.59 -38.07
N VAL F 9 -18.60 -3.44 -37.07
CA VAL F 9 -17.70 -4.56 -36.84
C VAL F 9 -18.44 -5.86 -37.21
N GLY F 10 -17.83 -6.68 -38.04
CA GLY F 10 -18.45 -7.99 -38.35
C GLY F 10 -17.65 -9.17 -37.83
N CYS F 11 -18.29 -10.32 -37.71
CA CYS F 11 -17.57 -11.50 -37.25
C CYS F 11 -18.26 -12.77 -37.71
N TYR F 12 -17.60 -13.92 -37.55
CA TYR F 12 -18.28 -15.14 -37.82
C TYR F 12 -19.13 -15.47 -36.60
N PRO F 13 -20.29 -16.13 -36.78
CA PRO F 13 -21.18 -16.53 -35.64
C PRO F 13 -20.44 -17.15 -34.45
N ALA F 14 -19.51 -18.05 -34.68
CA ALA F 14 -18.77 -18.73 -33.61
C ALA F 14 -17.92 -17.77 -32.73
N LEU F 15 -17.50 -16.63 -33.32
CA LEU F 15 -16.73 -15.64 -32.54
C LEU F 15 -17.67 -14.67 -31.77
N GLY F 16 -18.95 -14.68 -32.09
CA GLY F 16 -19.86 -13.69 -31.52
C GLY F 16 -20.03 -13.80 -30.02
N PRO F 17 -20.26 -15.03 -29.48
CA PRO F 17 -20.38 -15.23 -28.03
C PRO F 17 -19.05 -15.42 -27.32
N THR F 18 -18.01 -15.77 -28.06
CA THR F 18 -16.75 -16.13 -27.45
C THR F 18 -15.79 -14.94 -27.29
N ILE F 19 -15.64 -14.10 -28.33
CA ILE F 19 -14.61 -13.02 -28.34
C ILE F 19 -15.26 -11.64 -28.30
N LEU F 20 -16.35 -11.46 -29.06
CA LEU F 20 -16.96 -10.13 -29.22
C LEU F 20 -17.59 -9.45 -27.96
N PRO F 21 -18.18 -10.23 -27.04
CA PRO F 21 -18.81 -9.47 -25.96
C PRO F 21 -17.86 -8.58 -25.17
N SER F 22 -16.80 -9.19 -24.66
CA SER F 22 -15.82 -8.47 -23.88
C SER F 22 -15.14 -7.38 -24.72
N MSE F 23 -14.92 -7.66 -25.99
CA MSE F 23 -14.28 -6.71 -26.89
C MSE F 23 -15.11 -5.45 -27.04
O MSE F 23 -14.61 -4.33 -26.89
CB MSE F 23 -14.13 -7.39 -28.24
CG MSE F 23 -12.70 -7.61 -28.68
SE MSE F 23 -12.75 -8.04 -30.58
CE MSE F 23 -14.17 -6.89 -31.09
N LEU F 24 -16.38 -5.62 -27.35
CA LEU F 24 -17.29 -4.51 -27.55
C LEU F 24 -17.55 -3.74 -26.27
N TYR F 25 -17.75 -4.45 -25.16
CA TYR F 25 -17.88 -3.86 -23.85
C TYR F 25 -16.68 -3.03 -23.47
N ALA F 26 -15.48 -3.60 -23.58
CA ALA F 26 -14.28 -2.87 -23.23
C ALA F 26 -14.09 -1.66 -24.18
N PHE F 27 -14.20 -1.89 -25.49
CA PHE F 27 -14.01 -0.76 -26.42
C PHE F 27 -14.95 0.35 -26.11
N THR F 28 -16.20 -0.02 -25.88
CA THR F 28 -17.31 0.91 -25.74
C THR F 28 -17.24 1.62 -24.32
N ALA F 29 -16.65 0.97 -23.31
CA ALA F 29 -16.37 1.65 -22.05
C ALA F 29 -15.25 2.72 -22.22
N GLU F 30 -14.16 2.36 -22.90
CA GLU F 30 -13.09 3.30 -23.23
C GLU F 30 -13.59 4.50 -24.01
N TYR F 31 -14.39 4.23 -25.03
CA TYR F 31 -14.75 5.27 -25.99
C TYR F 31 -16.26 5.50 -26.09
N PRO F 32 -16.85 6.23 -25.12
CA PRO F 32 -18.32 6.34 -25.04
C PRO F 32 -18.90 7.09 -26.24
N ARG F 33 -18.04 7.87 -26.90
CA ARG F 33 -18.48 8.65 -28.06
C ARG F 33 -18.44 7.86 -29.38
N ALA F 34 -17.87 6.64 -29.35
CA ALA F 34 -17.92 5.75 -30.50
C ALA F 34 -19.27 5.07 -30.50
N SER F 35 -19.77 4.81 -31.69
CA SER F 35 -20.99 4.04 -31.83
C SER F 35 -20.73 2.81 -32.64
N VAL F 36 -20.95 1.64 -32.02
CA VAL F 36 -20.82 0.35 -32.73
C VAL F 36 -22.12 -0.35 -33.23
N GLU F 37 -21.99 -0.74 -34.48
CA GLU F 37 -22.93 -1.56 -35.20
C GLU F 37 -22.20 -2.90 -35.35
N PHE F 38 -22.86 -3.96 -34.95
CA PHE F 38 -22.27 -5.29 -34.87
C PHE F 38 -23.04 -6.21 -35.82
N ARG F 39 -22.35 -7.02 -36.60
CA ARG F 39 -23.03 -8.13 -37.28
C ARG F 39 -22.27 -9.42 -37.43
N GLU F 40 -23.00 -10.52 -37.26
CA GLU F 40 -22.44 -11.85 -37.45
C GLU F 40 -22.86 -12.28 -38.82
N ASP F 41 -21.96 -12.86 -39.60
CA ASP F 41 -22.38 -13.30 -40.89
C ASP F 41 -21.47 -14.39 -41.46
N THR F 42 -21.94 -15.01 -42.53
CA THR F 42 -21.22 -16.11 -43.09
C THR F 42 -20.02 -15.59 -43.91
N GLN F 43 -19.14 -16.51 -44.21
CA GLN F 43 -17.91 -16.24 -44.92
C GLN F 43 -18.07 -15.33 -46.12
N ASN F 44 -18.82 -15.70 -47.15
CA ASN F 44 -18.86 -14.83 -48.34
C ASN F 44 -19.60 -13.51 -48.11
N ARG F 45 -20.64 -13.55 -47.29
CA ARG F 45 -21.41 -12.34 -46.95
C ARG F 45 -20.57 -11.35 -46.19
N LEU F 46 -19.77 -11.80 -45.23
CA LEU F 46 -18.81 -10.93 -44.49
C LEU F 46 -17.82 -10.26 -45.42
N ARG F 47 -17.22 -11.03 -46.34
CA ARG F 47 -16.33 -10.49 -47.38
C ARG F 47 -17.01 -9.42 -48.25
N THR F 48 -18.18 -9.73 -48.77
CA THR F 48 -18.97 -8.74 -49.51
C THR F 48 -19.19 -7.43 -48.75
N GLN F 49 -19.56 -7.51 -47.47
CA GLN F 49 -19.78 -6.32 -46.65
C GLN F 49 -18.51 -5.53 -46.41
N LEU F 50 -17.40 -6.24 -46.25
CA LEU F 50 -16.14 -5.59 -46.06
C LEU F 50 -15.69 -4.88 -47.35
N GLU F 51 -15.67 -5.56 -48.50
CA GLU F 51 -15.33 -4.85 -49.74
C GLU F 51 -16.39 -3.81 -50.16
N GLY F 52 -17.58 -3.85 -49.61
CA GLY F 52 -18.60 -2.87 -49.98
C GLY F 52 -18.66 -1.68 -49.02
N GLY F 53 -17.81 -1.66 -48.00
CA GLY F 53 -17.86 -0.60 -47.00
C GLY F 53 -19.04 -0.67 -46.03
N GLU F 54 -19.79 -1.78 -46.00
CA GLU F 54 -20.86 -1.95 -45.01
C GLU F 54 -20.32 -2.29 -43.60
N LEU F 55 -19.10 -2.82 -43.58
CA LEU F 55 -18.36 -3.21 -42.38
C LEU F 55 -17.02 -2.50 -42.43
N ASP F 56 -16.51 -2.04 -41.29
CA ASP F 56 -15.24 -1.31 -41.28
C ASP F 56 -14.10 -2.29 -41.10
N VAL F 57 -14.40 -3.29 -40.28
CA VAL F 57 -13.45 -4.22 -39.73
C VAL F 57 -14.17 -5.55 -39.53
N ALA F 58 -13.42 -6.65 -39.47
CA ALA F 58 -14.02 -7.98 -39.18
C ALA F 58 -13.16 -8.77 -38.24
N ILE F 59 -13.81 -9.51 -37.35
CA ILE F 59 -13.07 -10.42 -36.45
C ILE F 59 -13.35 -11.81 -36.98
N VAL F 60 -12.31 -12.48 -37.47
CA VAL F 60 -12.43 -13.74 -38.15
C VAL F 60 -11.30 -14.70 -37.75
N TYR F 61 -11.50 -15.97 -38.02
CA TYR F 61 -10.36 -16.86 -38.03
C TYR F 61 -9.44 -16.54 -39.17
N ASP F 62 -8.16 -16.81 -38.92
CA ASP F 62 -7.17 -16.64 -39.95
C ASP F 62 -7.08 -17.90 -40.80
N LEU F 63 -8.20 -18.22 -41.46
CA LEU F 63 -8.35 -19.41 -42.31
C LEU F 63 -8.94 -18.93 -43.62
N ASP F 64 -8.29 -19.30 -44.72
CA ASP F 64 -8.77 -18.95 -46.07
C ASP F 64 -9.09 -17.49 -46.28
N LEU F 65 -8.34 -16.59 -45.67
CA LEU F 65 -8.60 -15.15 -45.79
C LEU F 65 -8.13 -14.68 -47.14
N SER F 66 -8.85 -13.72 -47.73
CA SER F 66 -8.42 -13.06 -48.95
C SER F 66 -7.11 -12.32 -48.68
N PRO F 67 -6.10 -12.52 -49.55
CA PRO F 67 -4.87 -11.73 -49.47
C PRO F 67 -5.09 -10.25 -49.68
N GLU F 68 -6.24 -9.85 -50.21
CA GLU F 68 -6.59 -8.43 -50.20
C GLU F 68 -6.92 -7.90 -48.80
N TRP F 69 -6.97 -8.77 -47.77
CA TRP F 69 -7.23 -8.27 -46.41
C TRP F 69 -5.95 -8.10 -45.63
N GLN F 70 -5.85 -6.99 -44.91
CA GLN F 70 -4.86 -6.79 -43.86
C GLN F 70 -5.37 -7.35 -42.56
N THR F 71 -4.47 -7.99 -41.81
CA THR F 71 -4.86 -8.65 -40.57
C THR F 71 -3.82 -8.42 -39.47
N VAL F 72 -4.30 -8.42 -38.22
CA VAL F 72 -3.39 -8.56 -37.09
C VAL F 72 -3.90 -9.58 -36.09
N PRO F 73 -3.01 -10.47 -35.60
CA PRO F 73 -3.52 -11.50 -34.69
C PRO F 73 -3.94 -10.89 -33.36
N LEU F 74 -4.97 -11.45 -32.76
CA LEU F 74 -5.53 -11.02 -31.47
C LEU F 74 -5.25 -12.10 -30.41
N MSE F 75 -5.22 -13.32 -30.92
CA MSE F 75 -5.04 -14.50 -30.12
C MSE F 75 -4.92 -15.71 -31.02
O MSE F 75 -5.25 -15.66 -32.21
CB MSE F 75 -6.19 -14.67 -29.14
CG MSE F 75 -7.55 -14.44 -29.77
SE MSE F 75 -8.79 -15.55 -28.87
CE MSE F 75 -8.26 -17.33 -29.65
N THR F 76 -4.44 -16.80 -30.44
CA THR F 76 -4.27 -18.03 -31.17
C THR F 76 -4.52 -19.18 -30.20
N ARG F 77 -5.13 -20.25 -30.69
CA ARG F 77 -5.11 -21.52 -29.97
C ARG F 77 -5.34 -22.70 -30.91
N GLU F 78 -4.99 -23.89 -30.45
CA GLU F 78 -5.17 -25.04 -31.29
C GLU F 78 -6.56 -25.63 -31.12
N PRO F 79 -7.03 -26.30 -32.17
CA PRO F 79 -8.27 -27.04 -32.06
C PRO F 79 -8.16 -28.06 -30.93
N MSE F 80 -9.30 -28.44 -30.38
CA MSE F 80 -9.39 -29.49 -29.35
C MSE F 80 -10.45 -30.52 -29.76
O MSE F 80 -11.35 -30.22 -30.54
CB MSE F 80 -9.86 -28.89 -28.03
CG MSE F 80 -9.04 -27.73 -27.53
SE MSE F 80 -10.20 -26.28 -26.78
CE MSE F 80 -10.44 -25.23 -28.43
N VAL F 81 -10.30 -31.74 -29.26
CA VAL F 81 -11.32 -32.76 -29.40
C VAL F 81 -12.28 -32.55 -28.25
N VAL F 82 -13.58 -32.74 -28.52
CA VAL F 82 -14.61 -32.62 -27.52
C VAL F 82 -15.35 -33.97 -27.50
N LEU F 83 -15.49 -34.55 -26.33
CA LEU F 83 -16.03 -35.87 -26.16
C LEU F 83 -17.14 -35.83 -25.14
N GLY F 84 -18.07 -36.77 -25.28
CA GLY F 84 -19.06 -36.94 -24.28
C GLY F 84 -18.34 -37.53 -23.09
N ALA F 85 -18.87 -37.27 -21.89
CA ALA F 85 -18.25 -37.75 -20.64
C ALA F 85 -18.08 -39.29 -20.52
N GLU F 86 -18.89 -40.08 -21.23
CA GLU F 86 -18.80 -41.53 -21.07
C GLU F 86 -18.10 -42.20 -22.25
N HIS F 87 -17.41 -41.40 -23.06
CA HIS F 87 -16.64 -41.89 -24.18
C HIS F 87 -15.40 -42.57 -23.56
N PRO F 88 -14.99 -43.74 -24.12
CA PRO F 88 -13.81 -44.50 -23.61
C PRO F 88 -12.51 -43.68 -23.50
N LEU F 89 -12.28 -42.77 -24.44
CA LEU F 89 -11.12 -41.84 -24.38
C LEU F 89 -11.22 -40.67 -23.39
N ALA F 90 -12.41 -40.37 -22.89
CA ALA F 90 -12.62 -39.24 -22.00
C ALA F 90 -11.88 -39.36 -20.64
N GLY F 91 -11.63 -40.58 -20.19
CA GLY F 91 -10.97 -40.80 -18.91
C GLY F 91 -9.51 -41.11 -19.07
N VAL F 92 -9.01 -41.00 -20.30
CA VAL F 92 -7.65 -41.39 -20.57
C VAL F 92 -6.83 -40.12 -20.53
N ASP F 93 -5.96 -40.03 -19.54
CA ASP F 93 -5.13 -38.85 -19.25
C ASP F 93 -4.26 -38.40 -20.44
N GLY F 94 -4.16 -37.09 -20.67
CA GLY F 94 -3.23 -36.53 -21.65
C GLY F 94 -3.94 -36.29 -22.99
N PRO F 95 -3.17 -35.88 -24.02
CA PRO F 95 -3.81 -35.59 -25.29
C PRO F 95 -4.32 -36.87 -25.98
N VAL F 96 -5.23 -36.69 -26.92
CA VAL F 96 -5.82 -37.75 -27.74
C VAL F 96 -5.02 -37.81 -29.07
N ARG F 97 -4.67 -39.03 -29.49
CA ARG F 97 -4.24 -39.26 -30.89
C ARG F 97 -5.52 -39.30 -31.67
N LEU F 98 -5.72 -38.34 -32.58
CA LEU F 98 -6.98 -38.25 -33.31
C LEU F 98 -7.33 -39.50 -34.11
N ALA F 99 -6.30 -40.14 -34.68
CA ALA F 99 -6.50 -41.39 -35.44
C ALA F 99 -7.32 -42.46 -34.68
N ASP F 100 -7.32 -42.49 -33.36
CA ASP F 100 -8.12 -43.61 -32.88
C ASP F 100 -9.59 -43.29 -32.59
N LEU F 101 -9.97 -42.10 -33.00
CA LEU F 101 -11.35 -41.72 -33.19
C LEU F 101 -11.77 -41.90 -34.65
N ALA F 102 -10.85 -42.34 -35.49
CA ALA F 102 -11.09 -42.56 -36.93
C ALA F 102 -12.39 -43.26 -37.25
N GLU F 103 -12.77 -44.27 -36.45
CA GLU F 103 -13.95 -45.07 -36.69
C GLU F 103 -15.19 -44.65 -35.88
N HIS F 104 -15.06 -43.66 -35.02
CA HIS F 104 -16.18 -43.27 -34.15
C HIS F 104 -16.98 -42.18 -34.86
N PRO F 105 -18.35 -42.20 -34.79
CA PRO F 105 -19.15 -41.14 -35.45
C PRO F 105 -18.73 -39.72 -35.01
N MSE F 106 -18.57 -38.82 -35.98
CA MSE F 106 -18.29 -37.47 -35.67
C MSE F 106 -19.54 -36.59 -35.85
O MSE F 106 -20.36 -36.82 -36.72
CB MSE F 106 -17.14 -36.97 -36.55
CG MSE F 106 -16.57 -35.65 -36.13
SE MSE F 106 -15.75 -34.78 -37.72
CE MSE F 106 -15.00 -33.21 -36.73
N VAL F 107 -19.64 -35.58 -34.99
CA VAL F 107 -20.62 -34.52 -35.17
C VAL F 107 -19.84 -33.37 -35.84
N LEU F 108 -20.18 -32.98 -37.07
CA LEU F 108 -19.31 -31.99 -37.72
C LEU F 108 -19.89 -30.56 -37.55
N LEU F 109 -19.09 -29.61 -37.05
CA LEU F 109 -19.47 -28.17 -37.16
C LEU F 109 -19.17 -27.66 -38.58
N ASP F 110 -20.22 -27.56 -39.39
CA ASP F 110 -20.09 -27.13 -40.75
C ASP F 110 -20.41 -25.63 -40.84
N ALA F 111 -19.42 -24.79 -40.48
CA ALA F 111 -19.52 -23.35 -40.50
C ALA F 111 -18.17 -22.90 -41.07
N PRO F 112 -18.03 -22.88 -42.42
CA PRO F 112 -16.82 -22.43 -43.09
C PRO F 112 -16.36 -21.12 -42.49
N PRO F 113 -15.05 -20.95 -42.23
CA PRO F 113 -13.91 -21.77 -42.65
C PRO F 113 -13.64 -22.98 -41.75
N SER F 114 -14.43 -23.20 -40.71
CA SER F 114 -14.12 -24.30 -39.80
C SER F 114 -14.22 -25.68 -40.46
N THR F 115 -15.15 -25.87 -41.39
CA THR F 115 -15.33 -27.18 -41.99
C THR F 115 -14.07 -27.75 -42.65
N ASN F 116 -13.50 -27.03 -43.58
CA ASN F 116 -12.29 -27.53 -44.25
C ASN F 116 -11.10 -27.65 -43.31
N HIS F 117 -11.05 -26.80 -42.29
CA HIS F 117 -10.00 -26.91 -41.32
C HIS F 117 -10.11 -28.18 -40.49
N ALA F 118 -11.32 -28.48 -40.03
CA ALA F 118 -11.59 -29.76 -39.38
C ALA F 118 -11.13 -30.90 -40.28
N MSE F 119 -11.44 -30.88 -41.57
CA MSE F 119 -11.01 -31.99 -42.47
C MSE F 119 -9.47 -32.05 -42.58
O MSE F 119 -8.89 -33.15 -42.61
CB MSE F 119 -11.61 -31.80 -43.88
CG MSE F 119 -13.14 -31.76 -43.92
SE MSE F 119 -13.90 -33.49 -43.25
CE MSE F 119 -15.74 -32.84 -43.11
N ASP F 120 -8.86 -30.87 -42.67
CA ASP F 120 -7.39 -30.74 -42.66
C ASP F 120 -6.74 -31.37 -41.45
N VAL F 121 -7.32 -31.16 -40.26
CA VAL F 121 -6.79 -31.75 -39.02
C VAL F 121 -6.91 -33.26 -39.10
N CYS F 122 -8.09 -33.75 -39.45
CA CYS F 122 -8.30 -35.18 -39.73
C CYS F 122 -7.30 -35.75 -40.76
N ARG F 123 -7.11 -35.04 -41.88
CA ARG F 123 -6.11 -35.36 -42.91
C ARG F 123 -4.69 -35.56 -42.33
N GLU F 124 -4.22 -34.59 -41.55
CA GLU F 124 -2.97 -34.71 -40.76
C GLU F 124 -2.89 -36.00 -39.92
N ALA F 125 -4.03 -36.43 -39.38
CA ALA F 125 -4.14 -37.70 -38.65
C ALA F 125 -4.34 -38.94 -39.56
N GLY F 126 -4.55 -38.73 -40.86
CA GLY F 126 -4.54 -39.80 -41.86
C GLY F 126 -5.84 -40.56 -42.06
N PHE F 127 -6.94 -39.89 -41.78
CA PHE F 127 -8.26 -40.39 -42.02
C PHE F 127 -9.23 -39.26 -42.42
N ALA F 128 -10.37 -39.71 -42.97
CA ALA F 128 -11.56 -38.92 -43.19
C ALA F 128 -12.59 -39.30 -42.11
N PRO F 129 -13.22 -38.32 -41.44
CA PRO F 129 -14.20 -38.68 -40.38
C PRO F 129 -15.44 -39.39 -40.91
N ARG F 130 -16.04 -40.25 -40.10
CA ARG F 130 -17.40 -40.76 -40.40
C ARG F 130 -18.43 -39.77 -39.87
N VAL F 131 -19.05 -38.97 -40.72
CA VAL F 131 -19.89 -37.83 -40.19
C VAL F 131 -21.31 -38.34 -39.88
N ALA F 132 -21.70 -38.36 -38.59
CA ALA F 132 -23.00 -38.84 -38.13
C ALA F 132 -24.04 -37.71 -38.25
N TYR F 133 -23.67 -36.49 -37.83
CA TYR F 133 -24.58 -35.32 -37.88
C TYR F 133 -23.74 -34.14 -38.26
N ARG F 134 -24.39 -33.12 -38.78
CA ARG F 134 -23.68 -31.87 -38.98
C ARG F 134 -24.55 -30.66 -38.71
N THR F 135 -23.91 -29.55 -38.32
CA THR F 135 -24.64 -28.35 -37.93
C THR F 135 -23.79 -27.13 -38.13
N ALA F 136 -24.41 -25.98 -38.39
CA ALA F 136 -23.68 -24.71 -38.41
C ALA F 136 -23.66 -24.00 -37.07
N ASN F 137 -24.35 -24.55 -36.06
CA ASN F 137 -24.55 -23.92 -34.75
C ASN F 137 -23.53 -24.55 -33.77
N PHE F 138 -22.70 -23.72 -33.17
CA PHE F 138 -21.63 -24.17 -32.30
C PHE F 138 -22.17 -24.99 -31.09
N GLU F 139 -23.18 -24.47 -30.44
CA GLU F 139 -23.80 -25.12 -29.30
C GLU F 139 -24.52 -26.45 -29.66
N THR F 140 -25.03 -26.55 -30.88
CA THR F 140 -25.69 -27.76 -31.29
C THR F 140 -24.67 -28.88 -31.42
N ALA F 141 -23.49 -28.53 -31.93
CA ALA F 141 -22.38 -29.46 -32.00
C ALA F 141 -21.97 -29.91 -30.62
N ARG F 142 -21.84 -28.99 -29.69
CA ARG F 142 -21.44 -29.39 -28.31
C ARG F 142 -22.52 -30.20 -27.66
N ALA F 143 -23.76 -29.79 -27.85
CA ALA F 143 -24.93 -30.49 -27.21
C ALA F 143 -25.07 -31.91 -27.69
N PHE F 144 -24.88 -32.09 -28.99
CA PHE F 144 -24.95 -33.44 -29.62
C PHE F 144 -23.83 -34.37 -29.11
N VAL F 145 -22.62 -33.83 -29.04
CA VAL F 145 -21.46 -34.53 -28.39
C VAL F 145 -21.73 -34.92 -26.88
N GLY F 146 -22.23 -33.98 -26.08
CA GLY F 146 -22.56 -34.28 -24.67
C GLY F 146 -23.55 -35.39 -24.52
N ARG F 147 -24.50 -35.49 -25.47
CA ARG F 147 -25.56 -36.44 -25.40
C ARG F 147 -25.04 -37.79 -25.88
N GLY F 148 -23.84 -37.77 -26.47
CA GLY F 148 -23.13 -38.97 -26.97
C GLY F 148 -23.35 -39.35 -28.45
N LEU F 149 -23.86 -38.43 -29.27
CA LEU F 149 -24.09 -38.65 -30.71
C LEU F 149 -22.82 -38.69 -31.52
N GLY F 150 -21.69 -38.36 -30.90
CA GLY F 150 -20.40 -38.42 -31.62
C GLY F 150 -19.37 -37.58 -30.89
N TRP F 151 -18.22 -37.41 -31.51
CA TRP F 151 -17.18 -36.53 -31.01
C TRP F 151 -17.13 -35.33 -32.01
N THR F 152 -16.39 -34.30 -31.64
CA THR F 152 -16.22 -33.20 -32.57
C THR F 152 -14.84 -32.56 -32.35
N LEU F 153 -14.48 -31.61 -33.21
CA LEU F 153 -13.32 -30.77 -33.04
CA LEU F 153 -13.33 -30.75 -33.05
C LEU F 153 -13.78 -29.32 -33.10
N LEU F 154 -13.32 -28.49 -32.15
CA LEU F 154 -13.70 -27.09 -32.16
C LEU F 154 -12.49 -26.19 -31.93
N LEU F 155 -12.59 -24.96 -32.41
CA LEU F 155 -11.51 -23.98 -32.36
C LEU F 155 -11.49 -23.14 -31.10
N GLN F 156 -12.60 -23.13 -30.40
CA GLN F 156 -12.74 -22.34 -29.19
C GLN F 156 -13.47 -23.14 -28.12
N ARG F 157 -13.19 -22.79 -26.87
CA ARG F 157 -13.72 -23.49 -25.71
C ARG F 157 -14.55 -22.58 -24.82
N PRO F 158 -15.87 -22.76 -24.86
CA PRO F 158 -16.66 -22.10 -23.84
C PRO F 158 -16.03 -22.36 -22.46
N ARG F 159 -15.96 -21.34 -21.63
CA ARG F 159 -15.37 -21.52 -20.30
C ARG F 159 -15.88 -22.76 -19.52
N VAL F 160 -17.20 -22.98 -19.49
CA VAL F 160 -17.78 -24.10 -18.76
C VAL F 160 -18.03 -25.29 -19.70
N ASP F 161 -17.41 -26.44 -19.42
CA ASP F 161 -17.55 -27.68 -20.22
C ASP F 161 -18.86 -28.42 -20.01
N VAL F 162 -19.99 -27.72 -20.22
CA VAL F 162 -21.34 -28.28 -20.03
C VAL F 162 -22.19 -27.70 -21.16
N THR F 163 -23.16 -28.46 -21.61
CA THR F 163 -23.96 -28.12 -22.77
C THR F 163 -25.23 -27.45 -22.25
N TYR F 164 -26.02 -26.92 -23.19
CA TYR F 164 -27.37 -26.42 -22.87
C TYR F 164 -28.21 -27.39 -22.11
N GLU F 165 -28.10 -28.69 -22.40
CA GLU F 165 -28.91 -29.65 -21.64
C GLU F 165 -28.36 -29.90 -20.25
N GLY F 166 -27.25 -29.24 -19.89
CA GLY F 166 -26.67 -29.52 -18.58
C GLY F 166 -25.83 -30.81 -18.56
N LEU F 167 -25.28 -31.25 -19.69
CA LEU F 167 -24.46 -32.50 -19.66
C LEU F 167 -23.02 -32.16 -19.78
N PRO F 168 -22.12 -32.92 -19.10
CA PRO F 168 -20.72 -32.57 -19.32
C PRO F 168 -20.17 -32.97 -20.69
N VAL F 169 -19.12 -32.27 -21.07
CA VAL F 169 -18.34 -32.54 -22.24
C VAL F 169 -16.88 -32.63 -21.71
N VAL F 170 -16.04 -33.48 -22.32
CA VAL F 170 -14.63 -33.53 -21.99
C VAL F 170 -13.85 -32.93 -23.17
N VAL F 171 -13.07 -31.91 -22.90
CA VAL F 171 -12.27 -31.25 -23.94
C VAL F 171 -10.82 -31.65 -23.77
N LYS F 172 -10.18 -32.06 -24.87
CA LYS F 172 -8.82 -32.63 -24.84
C LYS F 172 -7.92 -32.05 -25.91
N PRO F 173 -6.62 -31.85 -25.61
CA PRO F 173 -5.72 -31.51 -26.71
C PRO F 173 -5.50 -32.68 -27.67
N ILE F 174 -4.98 -32.36 -28.84
CA ILE F 174 -4.73 -33.36 -29.86
C ILE F 174 -3.22 -33.44 -29.96
N ALA F 175 -2.68 -34.64 -30.11
CA ALA F 175 -1.24 -34.77 -30.35
C ALA F 175 -0.95 -35.89 -31.35
N GLU F 176 0.33 -36.10 -31.66
CA GLU F 176 0.79 -37.11 -32.62
C GLU F 176 0.08 -37.14 -33.97
N PRO F 177 0.18 -36.06 -34.77
CA PRO F 177 0.89 -34.82 -34.51
C PRO F 177 0.02 -33.81 -33.73
N LYS F 178 0.65 -32.92 -32.96
CA LYS F 178 -0.04 -31.72 -32.46
C LYS F 178 -0.47 -30.78 -33.63
N PRO F 179 -1.74 -30.33 -33.64
CA PRO F 179 -2.24 -29.48 -34.70
C PRO F 179 -1.70 -28.05 -34.59
N ALA F 180 -1.56 -27.38 -35.73
CA ALA F 180 -1.28 -25.97 -35.79
C ALA F 180 -2.36 -25.17 -35.03
N SER F 181 -1.90 -24.14 -34.34
CA SER F 181 -2.74 -23.12 -33.69
C SER F 181 -3.42 -22.27 -34.75
N VAL F 182 -4.68 -21.92 -34.51
CA VAL F 182 -5.42 -21.08 -35.45
C VAL F 182 -5.58 -19.69 -34.83
N ALA F 183 -5.16 -18.67 -35.59
CA ALA F 183 -5.30 -17.26 -35.14
C ALA F 183 -6.73 -16.70 -35.35
N VAL F 184 -7.22 -15.99 -34.33
CA VAL F 184 -8.34 -15.09 -34.52
C VAL F 184 -7.68 -13.71 -34.77
N VAL F 185 -8.13 -13.06 -35.84
CA VAL F 185 -7.52 -11.79 -36.25
C VAL F 185 -8.60 -10.73 -36.40
N VAL F 186 -8.15 -9.47 -36.33
CA VAL F 186 -8.94 -8.32 -36.80
C VAL F 186 -8.45 -8.06 -38.24
N ALA F 187 -9.43 -7.77 -39.12
CA ALA F 187 -9.19 -7.69 -40.55
C ALA F 187 -9.90 -6.55 -41.18
N TRP F 188 -9.27 -6.05 -42.22
CA TRP F 188 -9.81 -4.95 -42.99
C TRP F 188 -9.26 -5.01 -44.40
N HIS F 189 -9.96 -4.31 -45.28
CA HIS F 189 -9.63 -4.39 -46.70
C HIS F 189 -8.41 -3.51 -46.95
N GLN F 190 -7.42 -4.03 -47.67
CA GLN F 190 -6.22 -3.19 -47.87
C GLN F 190 -6.56 -1.87 -48.64
N GLU F 191 -7.65 -1.83 -49.39
CA GLU F 191 -7.98 -0.58 -50.13
C GLU F 191 -8.89 0.42 -49.36
N ALA F 192 -9.40 0.00 -48.19
CA ALA F 192 -10.16 0.83 -47.26
C ALA F 192 -9.36 2.02 -46.78
N THR F 193 -9.97 3.20 -46.73
CA THR F 193 -9.44 4.27 -45.88
C THR F 193 -10.12 4.24 -44.51
N LEU F 194 -9.47 3.57 -43.59
CA LEU F 194 -9.86 3.43 -42.19
CA LEU F 194 -9.91 3.45 -42.20
C LEU F 194 -10.23 4.78 -41.52
N SER F 195 -11.38 4.83 -40.89
CA SER F 195 -11.69 5.99 -40.07
C SER F 195 -10.85 5.97 -38.76
N ARG F 196 -10.86 7.09 -38.10
CA ARG F 196 -10.37 7.22 -36.73
C ARG F 196 -10.90 6.15 -35.80
N VAL F 197 -12.21 5.96 -35.80
CA VAL F 197 -12.77 5.01 -34.84
C VAL F 197 -12.37 3.55 -35.18
N ALA F 198 -12.21 3.23 -36.46
CA ALA F 198 -11.77 1.90 -36.87
C ALA F 198 -10.29 1.71 -36.56
N ARG F 199 -9.49 2.73 -36.86
CA ARG F 199 -8.09 2.80 -36.40
C ARG F 199 -7.96 2.58 -34.90
N ALA F 200 -8.66 3.37 -34.09
CA ALA F 200 -8.68 3.20 -32.63
C ALA F 200 -9.10 1.78 -32.18
N PHE F 201 -10.02 1.17 -32.92
CA PHE F 201 -10.55 -0.14 -32.57
C PHE F 201 -9.50 -1.25 -32.79
N ILE F 202 -8.85 -1.24 -33.96
CA ILE F 202 -7.76 -2.16 -34.29
C ILE F 202 -6.62 -2.06 -33.27
N ARG F 203 -6.17 -0.85 -32.97
CA ARG F 203 -5.14 -0.64 -31.94
C ARG F 203 -5.57 -1.18 -30.56
N PHE F 204 -6.79 -0.85 -30.14
CA PHE F 204 -7.34 -1.29 -28.86
C PHE F 204 -7.44 -2.86 -28.67
N VAL F 205 -7.80 -3.60 -29.71
CA VAL F 205 -8.03 -5.03 -29.54
C VAL F 205 -6.76 -5.84 -29.66
N THR F 206 -5.75 -5.24 -30.28
CA THR F 206 -4.46 -5.91 -30.52
C THR F 206 -3.43 -5.37 -29.52
N ALA F 207 -3.90 -4.54 -28.57
CA ALA F 207 -3.01 -3.86 -27.64
C ALA F 207 -2.45 -4.90 -26.69
N VAL G 3 -6.10 -55.72 -7.17
CA VAL G 3 -5.90 -54.76 -6.02
C VAL G 3 -7.23 -54.63 -5.29
N ALA G 4 -7.24 -54.97 -3.99
CA ALA G 4 -8.46 -54.87 -3.19
C ALA G 4 -8.14 -54.41 -1.77
N GLY G 5 -9.12 -53.88 -1.05
CA GLY G 5 -8.89 -53.44 0.33
C GLY G 5 -9.18 -51.98 0.61
N PRO G 6 -9.39 -51.61 1.90
CA PRO G 6 -9.53 -50.25 2.42
C PRO G 6 -8.25 -49.41 2.26
N ILE G 7 -8.41 -48.16 1.81
CA ILE G 7 -7.33 -47.17 1.90
C ILE G 7 -8.01 -46.00 2.56
N ALA G 8 -7.38 -45.44 3.57
CA ALA G 8 -7.88 -44.20 4.17
C ALA G 8 -7.07 -42.99 3.63
N VAL G 9 -7.77 -42.08 2.96
CA VAL G 9 -7.15 -40.93 2.31
C VAL G 9 -7.55 -39.58 2.91
N GLY G 10 -6.56 -38.84 3.37
CA GLY G 10 -6.84 -37.52 3.94
C GLY G 10 -6.52 -36.37 3.01
N CYS G 11 -6.98 -35.17 3.34
CA CYS G 11 -6.57 -33.96 2.61
C CYS G 11 -6.89 -32.66 3.36
N TYR G 12 -6.24 -31.55 3.03
CA TYR G 12 -6.76 -30.25 3.50
C TYR G 12 -8.10 -29.95 2.82
N PRO G 13 -9.02 -29.27 3.52
CA PRO G 13 -10.28 -28.91 2.93
C PRO G 13 -10.22 -28.15 1.58
N ALA G 14 -9.22 -27.30 1.38
CA ALA G 14 -9.08 -26.53 0.11
C ALA G 14 -8.97 -27.41 -1.11
N LEU G 15 -8.42 -28.61 -0.89
CA LEU G 15 -8.12 -29.61 -1.93
C LEU G 15 -9.26 -30.58 -2.13
N GLY G 16 -10.12 -30.68 -1.11
CA GLY G 16 -11.27 -31.57 -1.13
C GLY G 16 -12.19 -31.49 -2.32
N PRO G 17 -12.67 -30.28 -2.68
CA PRO G 17 -13.51 -30.16 -3.88
C PRO G 17 -12.83 -29.88 -5.24
N THR G 18 -11.53 -29.59 -5.24
CA THR G 18 -10.81 -29.17 -6.44
C THR G 18 -9.99 -30.30 -7.10
N ILE G 19 -9.50 -31.21 -6.27
CA ILE G 19 -8.51 -32.17 -6.65
C ILE G 19 -8.95 -33.61 -6.37
N LEU G 20 -9.55 -33.83 -5.20
CA LEU G 20 -9.94 -35.18 -4.77
C LEU G 20 -11.07 -35.81 -5.56
N PRO G 21 -12.12 -35.06 -5.93
CA PRO G 21 -13.23 -35.82 -6.50
C PRO G 21 -12.85 -36.65 -7.70
N SER G 22 -12.16 -36.03 -8.65
CA SER G 22 -11.71 -36.65 -9.88
C SER G 22 -10.80 -37.86 -9.63
N MSE G 23 -9.93 -37.66 -8.66
CA MSE G 23 -8.93 -38.60 -8.28
C MSE G 23 -9.58 -39.87 -7.72
O MSE G 23 -9.24 -40.94 -8.15
CB MSE G 23 -8.10 -37.97 -7.18
CG MSE G 23 -6.62 -38.08 -7.38
SE MSE G 23 -5.83 -37.32 -5.72
CE MSE G 23 -6.80 -38.49 -4.56
N LEU G 24 -10.50 -39.70 -6.78
CA LEU G 24 -11.17 -40.81 -6.12
C LEU G 24 -12.11 -41.53 -7.05
N TYR G 25 -12.87 -40.79 -7.87
CA TYR G 25 -13.69 -41.40 -8.89
C TYR G 25 -12.83 -42.20 -9.91
N ALA G 26 -11.74 -41.60 -10.42
CA ALA G 26 -10.89 -42.36 -11.35
C ALA G 26 -10.25 -43.57 -10.63
N PHE G 27 -9.73 -43.39 -9.43
CA PHE G 27 -9.06 -44.51 -8.75
C PHE G 27 -9.98 -45.73 -8.50
N THR G 28 -11.20 -45.43 -8.15
CA THR G 28 -12.22 -46.35 -7.71
C THR G 28 -12.81 -47.05 -8.94
N ALA G 29 -12.88 -46.32 -10.05
CA ALA G 29 -13.32 -46.85 -11.34
C ALA G 29 -12.28 -47.82 -11.84
N GLU G 30 -11.00 -47.47 -11.65
CA GLU G 30 -9.88 -48.33 -12.07
C GLU G 30 -9.70 -49.52 -11.15
N TYR G 31 -9.91 -49.33 -9.83
CA TYR G 31 -9.79 -50.45 -8.87
C TYR G 31 -11.12 -50.68 -8.16
N PRO G 32 -12.04 -51.47 -8.76
CA PRO G 32 -13.42 -51.61 -8.20
C PRO G 32 -13.44 -52.27 -6.82
N ARG G 33 -12.35 -52.93 -6.46
CA ARG G 33 -12.28 -53.63 -5.18
C ARG G 33 -11.57 -52.79 -4.11
N ALA G 34 -11.11 -51.60 -4.49
CA ALA G 34 -10.59 -50.65 -3.53
C ALA G 34 -11.75 -50.04 -2.77
N SER G 35 -11.57 -49.81 -1.47
CA SER G 35 -12.63 -49.24 -0.66
C SER G 35 -12.01 -47.99 -0.05
N VAL G 36 -12.44 -46.82 -0.48
CA VAL G 36 -11.84 -45.61 0.09
C VAL G 36 -12.60 -45.03 1.25
N GLU G 37 -11.85 -44.72 2.30
CA GLU G 37 -12.30 -43.91 3.40
C GLU G 37 -11.67 -42.55 3.23
N PHE G 38 -12.51 -41.52 3.17
CA PHE G 38 -12.07 -40.17 2.94
C PHE G 38 -12.25 -39.29 4.19
N ARG G 39 -11.19 -38.61 4.62
CA ARG G 39 -11.31 -37.58 5.66
C ARG G 39 -10.68 -36.26 5.24
N GLU G 40 -11.40 -35.15 5.31
CA GLU G 40 -10.67 -33.89 5.21
C GLU G 40 -10.42 -33.27 6.61
N ASP G 41 -9.23 -32.72 6.82
CA ASP G 41 -8.87 -32.19 8.12
C ASP G 41 -7.78 -31.16 8.01
N THR G 42 -7.61 -30.45 9.12
CA THR G 42 -6.67 -29.37 9.25
C THR G 42 -5.24 -29.90 9.17
N GLN G 43 -4.31 -28.97 9.13
CA GLN G 43 -2.93 -29.33 8.98
C GLN G 43 -2.46 -30.31 10.06
N ASN G 44 -2.72 -29.99 11.32
CA ASN G 44 -2.17 -30.80 12.40
C ASN G 44 -2.89 -32.13 12.62
N ARG G 45 -4.22 -32.13 12.54
CA ARG G 45 -4.95 -33.36 12.81
C ARG G 45 -4.67 -34.47 11.75
N LEU G 46 -4.34 -34.02 10.54
CA LEU G 46 -3.90 -34.87 9.44
C LEU G 46 -2.61 -35.56 9.82
N ARG G 47 -1.67 -34.80 10.38
CA ARG G 47 -0.42 -35.34 10.92
C ARG G 47 -0.67 -36.43 11.96
N THR G 48 -1.49 -36.13 12.96
CA THR G 48 -1.77 -37.08 14.04
C THR G 48 -2.33 -38.41 13.51
N GLN G 49 -3.38 -38.30 12.70
CA GLN G 49 -4.01 -39.43 12.02
C GLN G 49 -3.02 -40.22 11.14
N LEU G 50 -2.26 -39.52 10.30
CA LEU G 50 -1.17 -40.14 9.54
C LEU G 50 -0.14 -40.88 10.41
N GLU G 51 0.53 -40.17 11.34
CA GLU G 51 1.48 -40.80 12.28
C GLU G 51 0.84 -41.82 13.25
N GLY G 52 -0.48 -41.78 13.38
CA GLY G 52 -1.17 -42.71 14.28
C GLY G 52 -1.65 -44.01 13.61
N GLY G 53 -1.78 -43.95 12.28
CA GLY G 53 -2.13 -45.12 11.50
C GLY G 53 -3.62 -45.19 11.19
N GLU G 54 -4.31 -44.04 11.33
CA GLU G 54 -5.74 -43.88 11.02
C GLU G 54 -5.97 -43.54 9.52
N LEU G 55 -4.98 -42.89 8.92
CA LEU G 55 -4.91 -42.59 7.47
C LEU G 55 -3.74 -43.37 6.85
N ASP G 56 -3.92 -43.86 5.62
CA ASP G 56 -2.84 -44.44 4.84
C ASP G 56 -2.04 -43.35 4.14
N VAL G 57 -2.73 -42.37 3.55
CA VAL G 57 -2.06 -41.39 2.71
C VAL G 57 -2.77 -40.03 2.84
N ALA G 58 -2.10 -38.93 2.49
CA ALA G 58 -2.73 -37.62 2.48
C ALA G 58 -2.38 -36.80 1.23
N ILE G 59 -3.36 -36.05 0.74
CA ILE G 59 -3.16 -35.11 -0.34
C ILE G 59 -3.02 -33.69 0.26
N VAL G 60 -1.84 -33.11 0.16
CA VAL G 60 -1.54 -31.84 0.81
C VAL G 60 -0.75 -30.89 -0.12
N TYR G 61 -0.67 -29.61 0.26
CA TYR G 61 0.22 -28.62 -0.38
C TYR G 61 1.68 -28.89 0.02
N ASP G 62 2.63 -28.65 -0.90
CA ASP G 62 4.08 -28.63 -0.55
C ASP G 62 4.43 -27.30 0.11
N LEU G 63 3.96 -27.16 1.36
CA LEU G 63 4.25 -26.03 2.23
C LEU G 63 4.27 -26.58 3.65
N ASP G 64 5.26 -26.17 4.45
CA ASP G 64 5.40 -26.58 5.88
C ASP G 64 5.27 -28.09 6.13
N LEU G 65 5.88 -28.88 5.25
CA LEU G 65 5.90 -30.33 5.35
C LEU G 65 6.68 -30.80 6.57
N SER G 66 6.30 -31.96 7.12
CA SER G 66 7.26 -32.84 7.79
C SER G 66 8.30 -33.13 6.67
N PRO G 67 9.58 -33.41 7.01
CA PRO G 67 10.17 -34.77 7.05
C PRO G 67 9.88 -35.56 8.28
N GLU G 68 9.75 -36.87 8.06
CA GLU G 68 8.77 -37.70 8.76
C GLU G 68 7.77 -38.04 7.64
N TRP G 69 7.79 -37.25 6.55
CA TRP G 69 6.85 -37.38 5.43
C TRP G 69 7.54 -37.48 4.07
N GLN G 70 7.28 -38.59 3.39
CA GLN G 70 7.73 -38.75 2.02
C GLN G 70 6.62 -38.21 1.10
N THR G 71 7.00 -37.69 -0.06
CA THR G 71 6.05 -37.05 -0.94
C THR G 71 6.41 -37.18 -2.42
N VAL G 72 5.39 -37.11 -3.28
CA VAL G 72 5.58 -36.98 -4.71
C VAL G 72 4.48 -36.03 -5.26
N PRO G 73 4.88 -35.02 -6.05
CA PRO G 73 3.88 -34.04 -6.44
C PRO G 73 3.02 -34.59 -7.56
N LEU G 74 1.88 -33.95 -7.81
CA LEU G 74 0.94 -34.45 -8.80
C LEU G 74 0.47 -33.34 -9.74
N MSE G 75 0.49 -32.12 -9.22
CA MSE G 75 0.63 -30.90 -10.03
C MSE G 75 1.17 -29.72 -9.24
O MSE G 75 1.48 -29.82 -8.05
CB MSE G 75 -0.61 -30.47 -10.83
CG MSE G 75 -1.98 -30.94 -10.43
SE MSE G 75 -2.82 -30.36 -8.78
CE MSE G 75 -2.29 -28.49 -8.52
N THR G 76 1.29 -28.61 -9.95
CA THR G 76 1.74 -27.38 -9.36
C THR G 76 0.94 -26.25 -9.92
N ARG G 77 0.62 -25.29 -9.07
CA ARG G 77 -0.21 -24.13 -9.43
C ARG G 77 0.47 -22.85 -8.94
N GLU G 78 0.49 -21.80 -9.74
CA GLU G 78 0.90 -20.51 -9.18
C GLU G 78 -0.25 -19.72 -8.48
N PRO G 79 -0.01 -19.16 -7.28
CA PRO G 79 -1.11 -18.44 -6.59
C PRO G 79 -1.57 -17.22 -7.37
N MSE G 80 -2.79 -16.77 -7.15
CA MSE G 80 -3.35 -15.74 -8.01
C MSE G 80 -4.14 -14.80 -7.15
O MSE G 80 -4.54 -15.16 -6.05
CB MSE G 80 -4.41 -16.30 -8.95
CG MSE G 80 -4.16 -17.58 -9.67
SE MSE G 80 -5.92 -18.50 -9.60
CE MSE G 80 -5.13 -20.06 -8.66
N VAL G 81 -4.41 -13.64 -7.69
CA VAL G 81 -5.29 -12.69 -7.01
C VAL G 81 -6.73 -12.83 -7.52
N VAL G 82 -7.68 -12.66 -6.61
CA VAL G 82 -9.12 -12.65 -6.97
C VAL G 82 -9.82 -11.40 -6.49
N LEU G 83 -10.53 -10.78 -7.40
CA LEU G 83 -11.11 -9.45 -7.14
C LEU G 83 -12.61 -9.51 -7.44
N GLY G 84 -13.39 -8.65 -6.82
CA GLY G 84 -14.79 -8.46 -7.24
C GLY G 84 -14.86 -7.71 -8.57
N ALA G 85 -15.99 -7.81 -9.28
CA ALA G 85 -16.11 -7.24 -10.64
C ALA G 85 -15.90 -5.72 -10.70
N GLU G 86 -16.16 -5.07 -9.58
CA GLU G 86 -16.09 -3.65 -9.49
C GLU G 86 -14.87 -3.13 -8.70
N HIS G 87 -13.95 -4.01 -8.31
CA HIS G 87 -12.66 -3.54 -7.80
C HIS G 87 -12.05 -2.54 -8.77
N PRO G 88 -11.49 -1.42 -8.25
CA PRO G 88 -10.72 -0.49 -9.12
C PRO G 88 -9.90 -1.20 -10.21
N LEU G 89 -9.34 -2.38 -9.85
CA LEU G 89 -8.35 -3.10 -10.68
C LEU G 89 -8.84 -4.32 -11.47
N ALA G 90 -10.13 -4.64 -11.37
CA ALA G 90 -10.63 -5.80 -12.10
C ALA G 90 -10.66 -5.55 -13.60
N GLY G 91 -10.78 -4.28 -14.00
CA GLY G 91 -10.88 -3.90 -15.41
C GLY G 91 -9.62 -3.43 -16.14
N VAL G 92 -8.47 -3.55 -15.49
CA VAL G 92 -7.18 -3.27 -16.10
C VAL G 92 -6.55 -4.57 -16.63
N ASP G 93 -6.24 -4.60 -17.93
CA ASP G 93 -5.74 -5.85 -18.51
C ASP G 93 -4.35 -6.22 -17.99
N GLY G 94 -4.03 -7.50 -18.09
CA GLY G 94 -2.77 -8.06 -17.66
C GLY G 94 -2.63 -8.37 -16.18
N PRO G 95 -1.44 -8.88 -15.76
CA PRO G 95 -1.36 -9.30 -14.38
C PRO G 95 -1.44 -8.14 -13.40
N VAL G 96 -1.73 -8.44 -12.13
CA VAL G 96 -1.79 -7.42 -11.07
C VAL G 96 -0.57 -7.38 -10.07
N ARG G 97 -0.06 -6.17 -9.80
CA ARG G 97 0.97 -5.97 -8.80
C ARG G 97 0.34 -5.99 -7.43
N LEU G 98 0.89 -6.85 -6.58
CA LEU G 98 0.41 -7.00 -5.21
C LEU G 98 0.50 -5.69 -4.49
N ALA G 99 1.59 -4.96 -4.79
CA ALA G 99 1.83 -3.65 -4.24
C ALA G 99 0.67 -2.68 -4.48
N ASP G 100 0.02 -2.77 -5.64
CA ASP G 100 -1.06 -1.84 -5.96
C ASP G 100 -2.30 -2.09 -5.07
N LEU G 101 -2.32 -3.26 -4.44
CA LEU G 101 -3.43 -3.69 -3.58
C LEU G 101 -3.12 -3.50 -2.10
N ALA G 102 -1.90 -3.03 -1.80
CA ALA G 102 -1.42 -2.90 -0.42
C ALA G 102 -2.35 -2.05 0.46
N GLU G 103 -2.91 -1.01 -0.12
CA GLU G 103 -3.78 -0.12 0.64
C GLU G 103 -5.28 -0.56 0.67
N HIS G 104 -5.59 -1.58 -0.11
CA HIS G 104 -6.96 -2.08 -0.27
C HIS G 104 -7.28 -3.19 0.73
N PRO G 105 -8.49 -3.15 1.29
CA PRO G 105 -8.80 -4.15 2.31
C PRO G 105 -8.82 -5.56 1.73
N MSE G 106 -8.08 -6.45 2.40
CA MSE G 106 -7.96 -7.85 2.05
C MSE G 106 -8.93 -8.77 2.82
O MSE G 106 -9.20 -8.60 4.02
CB MSE G 106 -6.54 -8.31 2.34
CG MSE G 106 -6.29 -9.72 1.82
SE MSE G 106 -4.61 -10.59 2.44
CE MSE G 106 -4.80 -12.23 1.32
N VAL G 107 -9.49 -9.75 2.11
CA VAL G 107 -10.15 -10.86 2.72
C VAL G 107 -9.14 -12.02 2.77
N LEU G 108 -8.84 -12.52 3.96
CA LEU G 108 -7.79 -13.54 4.10
C LEU G 108 -8.33 -14.95 4.33
N LEU G 109 -7.92 -15.90 3.49
CA LEU G 109 -8.15 -17.32 3.76
C LEU G 109 -7.13 -17.80 4.81
N ASP G 110 -7.58 -17.78 6.05
CA ASP G 110 -6.80 -18.22 7.20
C ASP G 110 -7.02 -19.72 7.36
N ALA G 111 -6.32 -20.49 6.55
CA ALA G 111 -6.42 -21.95 6.57
C ALA G 111 -5.03 -22.55 6.34
N PRO G 112 -4.25 -22.77 7.43
CA PRO G 112 -2.86 -23.22 7.30
C PRO G 112 -2.74 -24.51 6.51
N PRO G 113 -1.67 -24.61 5.66
CA PRO G 113 -0.58 -23.64 5.55
C PRO G 113 -0.79 -22.48 4.61
N SER G 114 -2.01 -22.20 4.19
CA SER G 114 -2.17 -21.11 3.22
C SER G 114 -1.83 -19.78 3.86
N THR G 115 -2.19 -19.61 5.12
CA THR G 115 -2.04 -18.34 5.82
C THR G 115 -0.64 -17.73 5.84
N ASN G 116 0.35 -18.53 6.24
CA ASN G 116 1.74 -18.06 6.30
C ASN G 116 2.18 -17.79 4.87
N HIS G 117 1.81 -18.69 3.96
CA HIS G 117 2.12 -18.52 2.55
C HIS G 117 1.71 -17.15 2.00
N ALA G 118 0.48 -16.77 2.29
CA ALA G 118 -0.15 -15.54 1.83
C ALA G 118 0.52 -14.30 2.43
N MSE G 119 0.71 -14.32 3.76
CA MSE G 119 1.54 -13.30 4.45
C MSE G 119 2.96 -13.20 3.88
O MSE G 119 3.46 -12.07 3.71
CB MSE G 119 1.62 -13.54 5.95
CG MSE G 119 0.25 -13.46 6.71
SE MSE G 119 -0.68 -11.79 6.42
CE MSE G 119 -1.29 -11.34 8.27
N ASP G 120 3.63 -14.34 3.66
CA ASP G 120 5.00 -14.32 3.06
C ASP G 120 5.09 -13.67 1.68
N VAL G 121 4.10 -13.90 0.85
CA VAL G 121 4.08 -13.42 -0.53
C VAL G 121 3.86 -11.88 -0.53
N CYS G 122 3.05 -11.40 0.41
CA CYS G 122 2.80 -9.98 0.51
C CYS G 122 4.04 -9.27 1.01
N ARG G 123 4.65 -9.82 2.06
CA ARG G 123 5.92 -9.30 2.57
C ARG G 123 7.00 -9.29 1.46
N GLU G 124 7.02 -10.32 0.62
CA GLU G 124 8.00 -10.38 -0.51
C GLU G 124 7.68 -9.37 -1.60
N ALA G 125 6.46 -8.80 -1.52
CA ALA G 125 6.02 -7.74 -2.42
C ALA G 125 6.18 -6.37 -1.74
N GLY G 126 6.60 -6.36 -0.47
CA GLY G 126 6.94 -5.11 0.20
C GLY G 126 5.99 -4.63 1.28
N PHE G 127 5.00 -5.44 1.63
CA PHE G 127 3.96 -4.97 2.51
C PHE G 127 3.36 -6.05 3.42
N ALA G 128 2.69 -5.61 4.48
CA ALA G 128 1.81 -6.44 5.28
C ALA G 128 0.42 -5.96 4.89
N PRO G 129 -0.47 -6.89 4.48
CA PRO G 129 -1.81 -6.50 4.06
C PRO G 129 -2.70 -5.97 5.20
N ARG G 130 -3.70 -5.16 4.83
CA ARG G 130 -4.76 -4.70 5.71
C ARG G 130 -5.90 -5.76 5.70
N VAL G 131 -5.90 -6.67 6.67
CA VAL G 131 -6.88 -7.73 6.66
C VAL G 131 -8.27 -7.28 7.20
N ALA G 132 -9.26 -7.11 6.33
CA ALA G 132 -10.62 -6.78 6.81
C ALA G 132 -11.48 -8.00 7.30
N TYR G 133 -11.25 -9.19 6.73
CA TYR G 133 -11.97 -10.40 7.10
C TYR G 133 -11.04 -11.61 7.03
N ARG G 134 -11.26 -12.59 7.89
CA ARG G 134 -10.51 -13.85 7.90
C ARG G 134 -11.54 -14.95 7.79
N THR G 135 -11.20 -16.03 7.10
CA THR G 135 -12.06 -17.21 7.10
C THR G 135 -11.23 -18.47 6.84
N ALA G 136 -11.67 -19.61 7.36
CA ALA G 136 -11.03 -20.85 7.02
C ALA G 136 -11.72 -21.50 5.81
N ASN G 137 -12.80 -20.87 5.30
CA ASN G 137 -13.73 -21.45 4.28
C ASN G 137 -13.33 -20.86 2.93
N PHE G 138 -12.75 -21.66 2.06
CA PHE G 138 -12.45 -21.23 0.68
C PHE G 138 -13.61 -20.48 0.01
N GLU G 139 -14.84 -21.00 0.02
CA GLU G 139 -15.91 -20.27 -0.67
C GLU G 139 -16.35 -18.99 0.02
N THR G 140 -16.25 -18.95 1.36
CA THR G 140 -16.48 -17.71 2.06
C THR G 140 -15.53 -16.62 1.54
N ALA G 141 -14.21 -16.92 1.45
CA ALA G 141 -13.22 -15.99 0.89
C ALA G 141 -13.71 -15.50 -0.47
N ARG G 142 -14.07 -16.44 -1.31
CA ARG G 142 -14.46 -16.07 -2.68
C ARG G 142 -15.73 -15.26 -2.69
N ALA G 143 -16.72 -15.67 -1.89
CA ALA G 143 -17.98 -14.97 -1.91
C ALA G 143 -17.83 -13.53 -1.38
N PHE G 144 -17.09 -13.36 -0.29
CA PHE G 144 -16.78 -11.99 0.22
C PHE G 144 -16.17 -11.09 -0.82
N VAL G 145 -15.17 -11.60 -1.53
CA VAL G 145 -14.46 -10.88 -2.60
C VAL G 145 -15.42 -10.52 -3.74
N GLY G 146 -16.25 -11.48 -4.17
CA GLY G 146 -17.25 -11.29 -5.23
C GLY G 146 -18.26 -10.17 -4.82
N ARG G 147 -18.59 -10.10 -3.54
CA ARG G 147 -19.50 -9.10 -3.09
C ARG G 147 -18.83 -7.74 -2.90
N GLY G 148 -17.50 -7.67 -2.85
CA GLY G 148 -16.85 -6.34 -2.72
C GLY G 148 -16.22 -5.98 -1.37
N LEU G 149 -16.07 -7.00 -0.54
CA LEU G 149 -15.53 -6.86 0.82
C LEU G 149 -13.97 -6.73 0.88
N GLY G 150 -13.31 -7.04 -0.22
CA GLY G 150 -11.85 -7.10 -0.19
C GLY G 150 -11.33 -7.83 -1.40
N TRP G 151 -10.01 -8.00 -1.49
CA TRP G 151 -9.37 -8.80 -2.53
C TRP G 151 -8.82 -9.97 -1.81
N THR G 152 -8.49 -11.04 -2.55
CA THR G 152 -7.77 -12.10 -1.91
C THR G 152 -6.64 -12.74 -2.72
N LEU G 153 -5.92 -13.61 -2.03
CA LEU G 153 -4.90 -14.45 -2.63
C LEU G 153 -5.26 -15.96 -2.47
N LEU G 154 -5.35 -16.72 -3.57
CA LEU G 154 -5.72 -18.15 -3.46
C LEU G 154 -4.82 -19.01 -4.28
N LEU G 155 -4.67 -20.25 -3.86
CA LEU G 155 -3.73 -21.19 -4.43
C LEU G 155 -4.43 -22.08 -5.46
N GLN G 156 -5.74 -22.00 -5.50
CA GLN G 156 -6.54 -22.86 -6.36
C GLN G 156 -7.60 -22.04 -7.11
N ARG G 157 -8.00 -22.52 -8.27
CA ARG G 157 -9.01 -21.81 -9.04
C ARG G 157 -10.22 -22.71 -9.46
N PRO G 158 -11.36 -22.59 -8.72
CA PRO G 158 -12.61 -23.18 -9.21
C PRO G 158 -12.80 -22.87 -10.66
N ARG G 159 -13.24 -23.86 -11.42
CA ARG G 159 -13.33 -23.74 -12.88
C ARG G 159 -14.14 -22.53 -13.32
N VAL G 160 -15.28 -22.31 -12.67
CA VAL G 160 -16.21 -21.23 -13.05
C VAL G 160 -16.04 -20.08 -12.07
N ASP G 161 -15.81 -18.89 -12.63
CA ASP G 161 -15.41 -17.71 -11.85
C ASP G 161 -16.62 -16.96 -11.25
N VAL G 162 -17.38 -17.67 -10.43
CA VAL G 162 -18.67 -17.21 -9.96
C VAL G 162 -18.78 -17.76 -8.55
N THR G 163 -19.46 -17.03 -7.67
CA THR G 163 -19.56 -17.43 -6.26
C THR G 163 -20.93 -18.01 -5.96
N TYR G 164 -21.11 -18.50 -4.73
CA TYR G 164 -22.41 -19.08 -4.31
C TYR G 164 -23.57 -18.13 -4.51
N GLU G 165 -23.31 -16.84 -4.41
CA GLU G 165 -24.32 -15.86 -4.59
C GLU G 165 -24.61 -15.61 -6.08
N GLY G 166 -23.80 -16.17 -7.00
CA GLY G 166 -24.01 -15.88 -8.40
C GLY G 166 -23.33 -14.62 -8.90
N LEU G 167 -22.39 -14.05 -8.13
CA LEU G 167 -21.59 -12.89 -8.51
C LEU G 167 -20.27 -13.33 -9.20
N PRO G 168 -19.82 -12.57 -10.22
CA PRO G 168 -18.53 -12.89 -10.85
C PRO G 168 -17.35 -12.61 -9.93
N VAL G 169 -16.24 -13.28 -10.19
CA VAL G 169 -14.98 -12.99 -9.56
C VAL G 169 -14.00 -12.83 -10.70
N VAL G 170 -13.07 -11.92 -10.54
CA VAL G 170 -12.02 -11.64 -11.54
C VAL G 170 -10.73 -12.24 -11.03
N VAL G 171 -10.27 -13.28 -11.72
CA VAL G 171 -9.07 -13.96 -11.29
C VAL G 171 -7.93 -13.37 -12.13
N LYS G 172 -6.89 -12.91 -11.45
CA LYS G 172 -5.75 -12.26 -12.13
C LYS G 172 -4.38 -12.91 -11.77
N PRO G 173 -3.52 -13.13 -12.80
CA PRO G 173 -2.15 -13.50 -12.44
C PRO G 173 -1.51 -12.39 -11.62
N ILE G 174 -0.52 -12.75 -10.80
CA ILE G 174 0.31 -11.78 -10.09
C ILE G 174 1.51 -11.36 -10.96
N ALA G 175 1.65 -10.04 -11.12
CA ALA G 175 2.73 -9.41 -11.90
C ALA G 175 4.04 -9.61 -11.17
N GLU G 176 5.15 -9.27 -11.80
CA GLU G 176 6.47 -9.50 -11.19
C GLU G 176 6.52 -8.74 -9.83
N PRO G 177 7.22 -9.30 -8.83
CA PRO G 177 7.94 -10.59 -9.00
C PRO G 177 6.97 -11.71 -8.75
N LYS G 178 6.86 -12.61 -9.71
CA LYS G 178 5.90 -13.71 -9.59
C LYS G 178 6.23 -14.62 -8.42
N PRO G 179 5.28 -14.79 -7.48
CA PRO G 179 5.44 -15.81 -6.40
C PRO G 179 5.74 -17.20 -7.02
N ALA G 180 6.55 -18.00 -6.34
CA ALA G 180 6.83 -19.33 -6.84
C ALA G 180 5.57 -20.21 -6.87
N SER G 181 5.50 -21.03 -7.90
CA SER G 181 4.44 -22.03 -8.09
C SER G 181 4.39 -22.92 -6.85
N VAL G 182 3.19 -23.28 -6.39
CA VAL G 182 3.00 -24.15 -5.21
C VAL G 182 2.56 -25.54 -5.64
N ALA G 183 3.23 -26.59 -5.13
CA ALA G 183 2.94 -27.92 -5.57
C ALA G 183 1.87 -28.56 -4.70
N VAL G 184 1.14 -29.52 -5.27
CA VAL G 184 0.25 -30.38 -4.50
C VAL G 184 0.86 -31.77 -4.58
N VAL G 185 0.94 -32.40 -3.42
CA VAL G 185 1.77 -33.54 -3.28
C VAL G 185 0.88 -34.61 -2.66
N VAL G 186 1.11 -35.88 -3.00
CA VAL G 186 0.65 -37.00 -2.14
C VAL G 186 1.72 -37.27 -1.06
N ALA G 187 1.28 -37.71 0.12
CA ALA G 187 2.12 -37.83 1.31
C ALA G 187 1.80 -39.08 2.14
N TRP G 188 2.86 -39.69 2.69
CA TRP G 188 2.73 -40.79 3.64
C TRP G 188 3.85 -40.70 4.69
N HIS G 189 3.63 -41.26 5.88
CA HIS G 189 4.68 -41.27 6.91
C HIS G 189 5.84 -42.20 6.50
N GLN G 190 7.08 -41.71 6.48
CA GLN G 190 8.21 -42.62 6.12
C GLN G 190 8.27 -43.94 6.93
N GLU G 191 7.86 -43.94 8.20
CA GLU G 191 7.83 -45.21 8.94
C GLU G 191 6.86 -46.23 8.34
N ALA G 192 5.71 -45.76 7.84
CA ALA G 192 4.59 -46.59 7.38
C ALA G 192 4.97 -47.68 6.39
N THR G 193 4.28 -48.82 6.49
CA THR G 193 4.32 -49.90 5.49
C THR G 193 3.08 -49.77 4.62
N LEU G 194 3.26 -49.31 3.37
CA LEU G 194 2.15 -49.04 2.46
C LEU G 194 1.56 -50.34 1.98
N SER G 195 0.24 -50.44 2.05
CA SER G 195 -0.48 -51.62 1.59
C SER G 195 -0.46 -51.68 0.06
N ARG G 196 -0.82 -52.83 -0.49
CA ARG G 196 -0.94 -52.98 -1.96
C ARG G 196 -1.87 -51.90 -2.55
N VAL G 197 -2.98 -51.62 -1.88
CA VAL G 197 -3.90 -50.59 -2.38
C VAL G 197 -3.34 -49.17 -2.18
N ALA G 198 -2.70 -48.90 -1.07
CA ALA G 198 -2.06 -47.58 -0.92
C ALA G 198 -1.01 -47.33 -2.01
N ARG G 199 -0.20 -48.36 -2.35
CA ARG G 199 0.81 -48.18 -3.40
C ARG G 199 0.18 -48.02 -4.78
N ALA G 200 -0.90 -48.74 -5.04
CA ALA G 200 -1.64 -48.56 -6.31
C ALA G 200 -2.16 -47.13 -6.43
N PHE G 201 -2.59 -46.54 -5.32
CA PHE G 201 -3.05 -45.16 -5.30
C PHE G 201 -1.97 -44.13 -5.66
N ILE G 202 -0.83 -44.21 -4.97
CA ILE G 202 0.30 -43.33 -5.23
C ILE G 202 0.70 -43.48 -6.74
N ARG G 203 0.81 -44.73 -7.22
CA ARG G 203 1.06 -45.03 -8.62
C ARG G 203 0.02 -44.37 -9.56
N PHE G 204 -1.27 -44.63 -9.30
CA PHE G 204 -2.37 -44.12 -10.10
C PHE G 204 -2.39 -42.58 -10.24
N VAL G 205 -2.26 -41.87 -9.11
CA VAL G 205 -2.37 -40.40 -9.13
C VAL G 205 -1.07 -39.72 -9.61
N THR G 206 0.00 -40.51 -9.77
CA THR G 206 1.33 -40.06 -10.22
C THR G 206 1.64 -40.57 -11.65
N ALA G 207 0.68 -41.23 -12.29
CA ALA G 207 0.96 -41.92 -13.56
C ALA G 207 0.85 -40.96 -14.75
N VAL H 3 -23.38 5.59 14.97
CA VAL H 3 -22.91 4.22 15.39
C VAL H 3 -21.48 3.87 14.92
N ALA H 4 -20.70 3.23 15.79
CA ALA H 4 -19.27 3.03 15.54
C ALA H 4 -18.64 1.96 16.43
N GLY H 5 -17.68 1.23 15.87
CA GLY H 5 -16.84 0.34 16.65
C GLY H 5 -16.94 -1.12 16.24
N PRO H 6 -16.37 -2.03 17.04
CA PRO H 6 -16.39 -3.50 16.79
C PRO H 6 -17.79 -4.15 16.92
N ILE H 7 -18.20 -4.94 15.93
CA ILE H 7 -19.23 -5.99 16.19
C ILE H 7 -18.71 -7.38 15.84
N ALA H 8 -18.94 -8.33 16.75
CA ALA H 8 -18.53 -9.71 16.56
C ALA H 8 -19.71 -10.55 16.06
N VAL H 9 -19.62 -10.91 14.77
CA VAL H 9 -20.65 -11.68 14.07
C VAL H 9 -20.14 -13.07 13.70
N GLY H 10 -20.77 -14.09 14.28
CA GLY H 10 -20.46 -15.48 13.94
C GLY H 10 -21.58 -16.20 13.20
N CYS H 11 -21.23 -17.26 12.48
CA CYS H 11 -22.24 -18.06 11.74
C CYS H 11 -21.67 -19.45 11.55
N TYR H 12 -22.48 -20.42 11.13
CA TYR H 12 -21.95 -21.72 10.70
C TYR H 12 -21.30 -21.61 9.31
N PRO H 13 -20.21 -22.36 9.07
CA PRO H 13 -19.55 -22.26 7.74
C PRO H 13 -20.49 -22.28 6.52
N ALA H 14 -21.51 -23.16 6.49
CA ALA H 14 -22.40 -23.29 5.30
C ALA H 14 -23.12 -21.99 5.01
N LEU H 15 -23.21 -21.15 6.04
CA LEU H 15 -23.85 -19.86 5.93
C LEU H 15 -22.89 -18.75 5.54
N GLY H 16 -21.59 -18.93 5.78
CA GLY H 16 -20.63 -17.95 5.34
C GLY H 16 -20.72 -17.40 3.93
N PRO H 17 -20.72 -18.27 2.90
CA PRO H 17 -20.79 -17.76 1.51
C PRO H 17 -22.22 -17.52 0.96
N THR H 18 -23.23 -17.82 1.73
CA THR H 18 -24.57 -17.80 1.12
C THR H 18 -25.35 -16.61 1.61
N ILE H 19 -25.47 -16.47 2.92
CA ILE H 19 -26.24 -15.38 3.51
C ILE H 19 -25.40 -14.17 3.92
N LEU H 20 -24.23 -14.43 4.51
CA LEU H 20 -23.39 -13.37 5.10
C LEU H 20 -22.80 -12.26 4.23
N PRO H 21 -22.37 -12.58 2.98
CA PRO H 21 -21.70 -11.52 2.19
C PRO H 21 -22.54 -10.23 1.90
N SER H 22 -23.76 -10.42 1.37
CA SER H 22 -24.70 -9.33 1.10
C SER H 22 -25.07 -8.59 2.36
N MSE H 23 -25.16 -9.33 3.47
CA MSE H 23 -25.50 -8.80 4.76
C MSE H 23 -24.40 -7.88 5.30
O MSE H 23 -24.68 -6.77 5.75
CB MSE H 23 -25.67 -9.96 5.72
CG MSE H 23 -26.95 -9.99 6.42
SE MSE H 23 -26.83 -11.47 7.73
CE MSE H 23 -25.34 -10.87 8.78
N LEU H 24 -23.16 -8.36 5.29
CA LEU H 24 -22.05 -7.58 5.78
C LEU H 24 -21.75 -6.40 4.84
N TYR H 25 -21.86 -6.66 3.55
CA TYR H 25 -21.65 -5.59 2.59
C TYR H 25 -22.66 -4.50 2.86
N ALA H 26 -23.95 -4.85 2.82
CA ALA H 26 -25.00 -3.80 3.00
C ALA H 26 -24.86 -3.07 4.35
N PHE H 27 -24.48 -3.75 5.43
CA PHE H 27 -24.33 -3.12 6.78
C PHE H 27 -23.11 -2.18 6.89
N THR H 28 -21.99 -2.56 6.30
CA THR H 28 -20.81 -1.72 6.46
C THR H 28 -20.84 -0.49 5.54
N ALA H 29 -21.59 -0.61 4.42
CA ALA H 29 -21.95 0.52 3.57
C ALA H 29 -22.85 1.54 4.30
N GLU H 30 -23.91 1.03 4.92
CA GLU H 30 -24.87 1.83 5.66
C GLU H 30 -24.25 2.53 6.92
N TYR H 31 -23.29 1.86 7.55
CA TYR H 31 -22.60 2.43 8.70
C TYR H 31 -21.11 2.27 8.55
N PRO H 32 -20.46 3.22 7.86
CA PRO H 32 -19.01 3.19 7.57
C PRO H 32 -18.08 3.07 8.79
N ARG H 33 -18.54 3.52 9.97
CA ARG H 33 -17.66 3.61 11.16
C ARG H 33 -17.78 2.38 12.03
N ALA H 34 -18.71 1.50 11.65
CA ALA H 34 -18.89 0.23 12.32
C ALA H 34 -17.86 -0.77 11.81
N SER H 35 -17.25 -1.52 12.72
CA SER H 35 -16.43 -2.66 12.35
C SER H 35 -17.31 -3.93 12.35
N VAL H 36 -16.96 -4.93 11.52
CA VAL H 36 -17.39 -6.27 11.86
C VAL H 36 -16.18 -7.21 12.04
N GLU H 37 -16.15 -7.91 13.17
CA GLU H 37 -15.21 -8.99 13.40
C GLU H 37 -15.97 -10.26 13.06
N PHE H 38 -15.58 -10.92 11.98
CA PHE H 38 -16.33 -12.08 11.45
C PHE H 38 -15.65 -13.40 11.82
N ARG H 39 -16.50 -14.35 12.20
CA ARG H 39 -16.07 -15.65 12.72
C ARG H 39 -17.07 -16.71 12.24
N GLU H 40 -16.51 -17.79 11.74
CA GLU H 40 -17.29 -18.96 11.43
C GLU H 40 -16.91 -19.99 12.45
N ASP H 41 -17.88 -20.67 12.99
CA ASP H 41 -17.51 -21.71 13.91
C ASP H 41 -18.53 -22.82 13.98
N THR H 42 -18.09 -23.85 14.64
CA THR H 42 -18.81 -25.07 14.93
C THR H 42 -20.10 -24.86 15.79
N GLN H 43 -21.08 -25.77 15.69
CA GLN H 43 -22.32 -25.66 16.51
C GLN H 43 -22.10 -25.34 17.98
N ASN H 44 -21.25 -26.10 18.69
CA ASN H 44 -21.09 -25.89 20.15
C ASN H 44 -20.20 -24.71 20.45
N ARG H 45 -19.16 -24.53 19.62
CA ARG H 45 -18.19 -23.47 19.84
C ARG H 45 -18.89 -22.13 19.63
N LEU H 46 -19.76 -22.04 18.63
CA LEU H 46 -20.45 -20.83 18.43
C LEU H 46 -21.41 -20.56 19.60
N ARG H 47 -22.04 -21.59 20.15
CA ARG H 47 -23.03 -21.41 21.23
C ARG H 47 -22.27 -20.94 22.48
N THR H 48 -21.14 -21.60 22.71
CA THR H 48 -20.21 -21.27 23.77
C THR H 48 -19.73 -19.79 23.75
N GLN H 49 -19.35 -19.34 22.56
CA GLN H 49 -18.93 -18.00 22.30
C GLN H 49 -20.01 -16.97 22.51
N LEU H 50 -21.19 -17.16 21.94
CA LEU H 50 -22.32 -16.26 22.25
C LEU H 50 -22.60 -16.21 23.76
N GLU H 51 -22.57 -17.35 24.44
CA GLU H 51 -22.79 -17.32 25.87
C GLU H 51 -21.79 -16.46 26.63
N GLY H 52 -20.51 -16.56 26.23
CA GLY H 52 -19.43 -15.83 26.88
C GLY H 52 -19.28 -14.37 26.43
N GLY H 53 -20.05 -13.96 25.42
CA GLY H 53 -19.94 -12.60 24.91
C GLY H 53 -18.80 -12.36 23.92
N GLU H 54 -18.12 -13.43 23.48
CA GLU H 54 -17.11 -13.25 22.43
C GLU H 54 -17.82 -12.86 21.14
N LEU H 55 -18.95 -13.50 20.86
CA LEU H 55 -19.84 -13.10 19.76
C LEU H 55 -20.94 -12.21 20.31
N ASP H 56 -21.29 -11.17 19.54
CA ASP H 56 -22.45 -10.35 19.88
C ASP H 56 -23.72 -10.98 19.29
N VAL H 57 -23.59 -11.54 18.09
CA VAL H 57 -24.71 -12.01 17.26
C VAL H 57 -24.24 -13.23 16.48
N ALA H 58 -25.16 -14.16 16.23
CA ALA H 58 -24.91 -15.33 15.38
C ALA H 58 -25.95 -15.51 14.26
N ILE H 59 -25.50 -15.98 13.10
CA ILE H 59 -26.43 -16.33 12.03
C ILE H 59 -26.41 -17.86 11.93
N VAL H 60 -27.50 -18.51 12.31
CA VAL H 60 -27.53 -19.98 12.44
C VAL H 60 -28.85 -20.59 11.91
N TYR H 61 -28.83 -21.89 11.66
CA TYR H 61 -30.06 -22.65 11.43
C TYR H 61 -30.83 -22.75 12.73
N ASP H 62 -32.14 -22.58 12.65
CA ASP H 62 -32.96 -22.75 13.81
C ASP H 62 -33.23 -24.25 14.10
N LEU H 63 -32.25 -24.94 14.72
CA LEU H 63 -32.32 -26.37 15.02
C LEU H 63 -31.60 -26.54 16.33
N ASP H 64 -32.31 -27.03 17.36
CA ASP H 64 -31.72 -27.38 18.69
C ASP H 64 -31.02 -26.18 19.36
N LEU H 65 -31.65 -25.01 19.23
CA LEU H 65 -31.04 -23.77 19.67
C LEU H 65 -31.38 -23.55 21.15
N SER H 66 -30.51 -22.86 21.89
CA SER H 66 -30.85 -22.46 23.25
C SER H 66 -32.12 -21.56 23.27
N PRO H 67 -33.04 -21.84 24.19
CA PRO H 67 -34.21 -20.96 24.40
C PRO H 67 -33.79 -19.66 25.06
N GLU H 68 -32.58 -19.59 25.64
CA GLU H 68 -32.04 -18.30 26.12
C GLU H 68 -31.70 -17.38 24.92
N TRP H 69 -31.82 -17.90 23.69
CA TRP H 69 -31.52 -17.14 22.49
C TRP H 69 -32.80 -16.51 21.94
N GLN H 70 -32.71 -15.22 21.77
CA GLN H 70 -33.64 -14.47 20.97
C GLN H 70 -33.34 -14.65 19.47
N THR H 71 -34.36 -14.97 18.69
CA THR H 71 -34.18 -15.21 17.25
C THR H 71 -35.15 -14.42 16.38
N VAL H 72 -34.68 -14.04 15.20
CA VAL H 72 -35.58 -13.55 14.17
C VAL H 72 -35.23 -14.28 12.85
N PRO H 73 -36.23 -14.90 12.22
CA PRO H 73 -35.99 -15.57 10.92
C PRO H 73 -35.70 -14.58 9.80
N LEU H 74 -34.67 -14.88 9.01
CA LEU H 74 -34.19 -14.06 7.91
C LEU H 74 -34.68 -14.69 6.60
N MSE H 75 -34.95 -16.00 6.69
CA MSE H 75 -35.46 -16.82 5.58
C MSE H 75 -35.66 -18.26 6.00
O MSE H 75 -35.17 -18.69 7.03
CB MSE H 75 -34.52 -16.80 4.37
CG MSE H 75 -33.08 -16.91 4.75
SE MSE H 75 -32.09 -17.82 3.43
CE MSE H 75 -32.32 -19.64 4.12
N THR H 76 -36.37 -18.97 5.15
CA THR H 76 -36.62 -20.38 5.30
C THR H 76 -36.12 -21.09 4.05
N ARG H 77 -35.69 -22.33 4.23
CA ARG H 77 -35.23 -23.13 3.09
C ARG H 77 -35.59 -24.63 3.23
N GLU H 78 -36.15 -25.20 2.17
CA GLU H 78 -36.36 -26.64 2.10
C GLU H 78 -35.09 -27.44 1.87
N PRO H 79 -34.95 -28.57 2.55
CA PRO H 79 -33.92 -29.52 2.10
C PRO H 79 -34.17 -29.97 0.64
N MSE H 80 -33.09 -30.07 -0.13
CA MSE H 80 -33.19 -30.52 -1.51
CA MSE H 80 -33.18 -30.52 -1.50
C MSE H 80 -32.18 -31.65 -1.73
O MSE H 80 -31.21 -31.76 -1.00
CB MSE H 80 -32.95 -29.35 -2.48
CB MSE H 80 -32.93 -29.37 -2.46
CG MSE H 80 -31.55 -28.76 -2.51
CG MSE H 80 -33.84 -28.21 -2.19
SE MSE H 80 -31.66 -26.78 -2.67
SE MSE H 80 -34.70 -27.58 -3.80
CE MSE H 80 -31.82 -26.39 -0.78
CE MSE H 80 -36.52 -27.45 -3.04
N VAL H 81 -32.45 -32.47 -2.73
CA VAL H 81 -31.57 -33.55 -3.12
C VAL H 81 -30.70 -32.95 -4.24
N VAL H 82 -29.41 -33.28 -4.20
CA VAL H 82 -28.51 -32.94 -5.27
C VAL H 82 -27.84 -34.18 -5.85
N LEU H 83 -27.74 -34.24 -7.18
CA LEU H 83 -27.34 -35.42 -7.93
C LEU H 83 -26.35 -35.00 -9.03
N GLY H 84 -25.45 -35.89 -9.44
CA GLY H 84 -24.66 -35.67 -10.66
C GLY H 84 -25.54 -35.80 -11.91
N ALA H 85 -25.11 -35.26 -13.06
CA ALA H 85 -25.91 -35.31 -14.31
C ALA H 85 -26.23 -36.73 -14.75
N GLU H 86 -25.28 -37.58 -14.39
CA GLU H 86 -25.17 -39.02 -14.54
C GLU H 86 -26.16 -39.89 -13.73
N HIS H 87 -26.69 -39.34 -12.65
CA HIS H 87 -27.41 -40.17 -11.70
C HIS H 87 -28.68 -40.80 -12.31
N PRO H 88 -28.96 -42.11 -12.03
CA PRO H 88 -30.18 -42.76 -12.60
C PRO H 88 -31.47 -41.96 -12.42
N LEU H 89 -31.61 -41.19 -11.35
CA LEU H 89 -32.79 -40.31 -11.33
C LEU H 89 -32.64 -38.80 -11.58
N ALA H 90 -31.51 -38.36 -12.10
CA ALA H 90 -31.33 -36.96 -12.46
C ALA H 90 -32.21 -36.54 -13.65
N GLY H 91 -32.60 -37.52 -14.45
CA GLY H 91 -33.38 -37.28 -15.66
C GLY H 91 -34.86 -36.98 -15.46
N VAL H 92 -35.49 -37.68 -14.52
CA VAL H 92 -36.93 -37.67 -14.40
C VAL H 92 -37.54 -36.44 -13.68
N ASP H 93 -38.54 -35.82 -14.34
CA ASP H 93 -39.09 -34.50 -13.97
C ASP H 93 -39.75 -34.53 -12.65
N GLY H 94 -39.80 -33.36 -12.03
CA GLY H 94 -40.55 -33.23 -10.79
C GLY H 94 -39.80 -33.80 -9.59
N PRO H 95 -40.40 -33.67 -8.42
CA PRO H 95 -39.68 -34.01 -7.20
C PRO H 95 -39.24 -35.49 -7.07
N VAL H 96 -38.23 -35.74 -6.22
CA VAL H 96 -37.68 -37.08 -6.03
C VAL H 96 -38.28 -37.62 -4.76
N ARG H 97 -38.50 -38.91 -4.73
CA ARG H 97 -38.96 -39.54 -3.50
C ARG H 97 -37.70 -40.01 -2.82
N LEU H 98 -37.44 -39.44 -1.65
CA LEU H 98 -36.23 -39.70 -0.88
C LEU H 98 -35.92 -41.18 -0.74
N ALA H 99 -36.98 -41.97 -0.53
CA ALA H 99 -36.90 -43.42 -0.44
C ALA H 99 -36.41 -44.16 -1.69
N ASP H 100 -36.59 -43.58 -2.87
CA ASP H 100 -35.99 -44.07 -4.10
C ASP H 100 -34.46 -44.08 -4.06
N LEU H 101 -33.90 -43.25 -3.17
CA LEU H 101 -32.44 -43.10 -3.01
C LEU H 101 -31.83 -44.03 -1.93
N ALA H 102 -32.68 -44.71 -1.17
CA ALA H 102 -32.21 -45.52 -0.01
C ALA H 102 -31.02 -46.46 -0.29
N GLU H 103 -31.01 -47.09 -1.43
CA GLU H 103 -30.00 -48.09 -1.73
C GLU H 103 -28.90 -47.52 -2.59
N HIS H 104 -28.86 -46.19 -2.73
CA HIS H 104 -27.87 -45.52 -3.61
C HIS H 104 -26.86 -44.88 -2.69
N PRO H 105 -25.56 -44.98 -3.03
CA PRO H 105 -24.58 -44.42 -2.10
C PRO H 105 -24.70 -42.88 -1.93
N MSE H 106 -24.58 -42.44 -0.69
CA MSE H 106 -24.65 -41.04 -0.33
C MSE H 106 -23.31 -40.41 0.03
O MSE H 106 -22.44 -41.03 0.67
CB MSE H 106 -25.59 -40.88 0.89
CG MSE H 106 -26.04 -39.42 1.16
SE MSE H 106 -26.71 -39.14 3.02
CE MSE H 106 -27.37 -37.26 2.68
N VAL H 107 -23.21 -39.12 -0.31
CA VAL H 107 -22.15 -38.24 0.11
C VAL H 107 -22.80 -37.40 1.21
N LEU H 108 -22.35 -37.56 2.46
CA LEU H 108 -22.99 -36.92 3.63
C LEU H 108 -22.22 -35.67 3.98
N LEU H 109 -22.88 -34.52 4.08
CA LEU H 109 -22.26 -33.34 4.68
C LEU H 109 -22.43 -33.46 6.20
N ASP H 110 -21.33 -33.68 6.88
CA ASP H 110 -21.33 -33.84 8.31
C ASP H 110 -20.78 -32.54 8.87
N ALA H 111 -21.68 -31.60 9.08
CA ALA H 111 -21.38 -30.30 9.65
C ALA H 111 -22.58 -30.02 10.55
N PRO H 112 -22.58 -30.53 11.82
CA PRO H 112 -23.70 -30.27 12.75
C PRO H 112 -24.14 -28.79 12.76
N PRO H 113 -25.45 -28.52 12.82
CA PRO H 113 -26.62 -29.39 12.97
C PRO H 113 -27.12 -30.10 11.69
N SER H 114 -26.44 -29.95 10.56
CA SER H 114 -26.91 -30.55 9.30
C SER H 114 -26.89 -32.07 9.29
N THR H 115 -25.93 -32.67 9.96
CA THR H 115 -25.77 -34.10 9.98
C THR H 115 -27.00 -34.77 10.55
N ASN H 116 -27.37 -34.43 11.79
CA ASN H 116 -28.57 -35.02 12.41
C ASN H 116 -29.85 -34.62 11.67
N HIS H 117 -29.91 -33.39 11.18
CA HIS H 117 -31.05 -33.03 10.32
C HIS H 117 -31.14 -34.01 9.12
N ALA H 118 -30.00 -34.27 8.46
CA ALA H 118 -29.98 -35.14 7.27
C ALA H 118 -30.46 -36.54 7.67
N MSE H 119 -29.86 -37.13 8.70
CA MSE H 119 -30.32 -38.40 9.25
C MSE H 119 -31.81 -38.44 9.60
O MSE H 119 -32.47 -39.45 9.35
CB MSE H 119 -29.47 -38.80 10.49
CG MSE H 119 -27.93 -38.85 10.18
SE MSE H 119 -27.41 -40.15 8.75
CE MSE H 119 -27.93 -41.79 9.73
N ASP H 120 -32.35 -37.38 10.18
CA ASP H 120 -33.73 -37.36 10.64
C ASP H 120 -34.64 -37.41 9.43
N VAL H 121 -34.22 -36.72 8.37
CA VAL H 121 -35.00 -36.59 7.18
C VAL H 121 -35.07 -37.95 6.44
N CYS H 122 -33.93 -38.64 6.29
CA CYS H 122 -33.94 -40.03 5.81
C CYS H 122 -34.72 -41.02 6.69
N ARG H 123 -34.62 -40.82 7.99
CA ARG H 123 -35.28 -41.73 8.92
C ARG H 123 -36.77 -41.66 8.74
N GLU H 124 -37.30 -40.44 8.68
CA GLU H 124 -38.73 -40.24 8.37
C GLU H 124 -39.16 -40.79 7.02
N ALA H 125 -38.25 -40.83 6.03
CA ALA H 125 -38.61 -41.41 4.75
C ALA H 125 -38.38 -42.92 4.83
N GLY H 126 -37.98 -43.40 6.03
CA GLY H 126 -37.85 -44.87 6.30
C GLY H 126 -36.51 -45.60 6.15
N PHE H 127 -35.36 -44.89 6.14
CA PHE H 127 -34.08 -45.55 5.97
C PHE H 127 -32.91 -44.81 6.64
N ALA H 128 -31.81 -45.56 6.81
CA ALA H 128 -30.53 -45.02 7.22
C ALA H 128 -29.67 -44.98 5.95
N PRO H 129 -29.20 -43.81 5.53
CA PRO H 129 -28.51 -43.89 4.21
C PRO H 129 -27.23 -44.75 4.21
N ARG H 130 -26.81 -45.14 3.02
CA ARG H 130 -25.56 -45.87 2.81
C ARG H 130 -24.54 -44.81 2.44
N VAL H 131 -23.78 -44.38 3.45
CA VAL H 131 -22.87 -43.26 3.33
C VAL H 131 -21.53 -43.73 2.77
N ALA H 132 -21.28 -43.33 1.54
CA ALA H 132 -20.02 -43.68 0.90
C ALA H 132 -18.89 -42.65 1.25
N TYR H 133 -19.27 -41.40 1.50
CA TYR H 133 -18.27 -40.34 1.75
C TYR H 133 -18.82 -39.37 2.71
N ARG H 134 -17.99 -38.88 3.62
CA ARG H 134 -18.39 -37.84 4.57
C ARG H 134 -17.47 -36.66 4.38
N THR H 135 -17.99 -35.45 4.56
CA THR H 135 -17.21 -34.21 4.56
C THR H 135 -17.87 -33.15 5.44
N ALA H 136 -17.09 -32.24 6.01
CA ALA H 136 -17.68 -31.05 6.71
C ALA H 136 -17.78 -29.81 5.79
N ASN H 137 -17.17 -29.91 4.59
CA ASN H 137 -17.09 -28.82 3.58
C ASN H 137 -18.24 -28.91 2.53
N PHE H 138 -19.08 -27.88 2.47
CA PHE H 138 -20.28 -27.83 1.60
C PHE H 138 -19.90 -28.09 0.12
N GLU H 139 -18.83 -27.44 -0.36
CA GLU H 139 -18.43 -27.58 -1.73
C GLU H 139 -17.80 -28.93 -2.02
N THR H 140 -17.14 -29.52 -1.05
CA THR H 140 -16.67 -30.92 -1.20
C THR H 140 -17.83 -31.88 -1.41
N ALA H 141 -18.92 -31.73 -0.64
CA ALA H 141 -20.11 -32.54 -0.90
C ALA H 141 -20.68 -32.30 -2.34
N ARG H 142 -20.94 -31.05 -2.71
CA ARG H 142 -21.34 -30.75 -4.09
C ARG H 142 -20.41 -31.32 -5.16
N ALA H 143 -19.12 -31.06 -5.04
CA ALA H 143 -18.18 -31.56 -6.02
C ALA H 143 -18.18 -33.10 -6.11
N PHE H 144 -18.31 -33.78 -4.96
CA PHE H 144 -18.28 -35.26 -4.96
C PHE H 144 -19.52 -35.78 -5.68
N VAL H 145 -20.65 -35.12 -5.44
CA VAL H 145 -21.90 -35.40 -6.07
C VAL H 145 -21.81 -35.13 -7.59
N GLY H 146 -21.40 -33.91 -8.00
CA GLY H 146 -21.10 -33.63 -9.42
C GLY H 146 -20.32 -34.70 -10.13
N ARG H 147 -19.35 -35.24 -9.40
CA ARG H 147 -18.40 -36.18 -9.98
C ARG H 147 -18.97 -37.58 -10.05
N GLY H 148 -20.16 -37.82 -9.45
CA GLY H 148 -20.76 -39.14 -9.53
C GLY H 148 -20.51 -40.09 -8.36
N LEU H 149 -19.98 -39.56 -7.26
CA LEU H 149 -19.65 -40.34 -6.04
C LEU H 149 -20.84 -40.65 -5.13
N GLY H 150 -21.98 -40.00 -5.40
CA GLY H 150 -23.17 -40.29 -4.61
C GLY H 150 -24.23 -39.22 -4.80
N TRP H 151 -25.23 -39.21 -3.95
CA TRP H 151 -26.24 -38.13 -3.96
C TRP H 151 -26.08 -37.43 -2.62
N THR H 152 -26.70 -36.27 -2.46
CA THR H 152 -26.64 -35.61 -1.15
C THR H 152 -27.88 -34.79 -0.88
N LEU H 153 -27.97 -34.29 0.34
CA LEU H 153 -29.11 -33.58 0.78
C LEU H 153 -28.56 -32.24 1.34
N LEU H 154 -29.02 -31.10 0.81
CA LEU H 154 -28.43 -29.81 1.22
C LEU H 154 -29.52 -28.78 1.53
N LEU H 155 -29.20 -27.85 2.43
CA LEU H 155 -30.14 -26.84 2.94
C LEU H 155 -29.96 -25.51 2.24
N GLN H 156 -28.92 -25.41 1.43
CA GLN H 156 -28.68 -24.18 0.74
C GLN H 156 -28.32 -24.51 -0.69
N ARG H 157 -28.74 -23.66 -1.60
CA ARG H 157 -28.47 -23.91 -3.02
C ARG H 157 -27.59 -22.77 -3.62
N PRO H 158 -26.32 -23.03 -3.93
CA PRO H 158 -25.56 -21.99 -4.66
C PRO H 158 -26.24 -21.61 -5.98
N ARG H 159 -26.15 -20.35 -6.40
CA ARG H 159 -26.89 -19.88 -7.56
C ARG H 159 -26.60 -20.50 -8.91
N VAL H 160 -25.37 -20.92 -9.12
CA VAL H 160 -25.04 -21.60 -10.35
C VAL H 160 -24.84 -23.11 -10.08
N ASP H 161 -25.47 -23.97 -10.92
CA ASP H 161 -25.51 -25.42 -10.65
C ASP H 161 -24.27 -26.11 -11.20
N VAL H 162 -23.10 -25.62 -10.76
CA VAL H 162 -21.83 -26.13 -11.26
C VAL H 162 -20.88 -26.24 -10.08
N THR H 163 -19.98 -27.21 -10.11
CA THR H 163 -19.12 -27.41 -8.96
C THR H 163 -17.79 -26.77 -9.24
N TYR H 164 -16.89 -26.82 -8.25
CA TYR H 164 -15.51 -26.33 -8.41
C TYR H 164 -14.75 -27.00 -9.51
N GLU H 165 -15.05 -28.26 -9.79
CA GLU H 165 -14.40 -28.93 -10.90
C GLU H 165 -14.98 -28.58 -12.24
N GLY H 166 -16.04 -27.80 -12.25
CA GLY H 166 -16.66 -27.39 -13.50
C GLY H 166 -17.72 -28.40 -13.95
N LEU H 167 -18.15 -29.27 -13.04
CA LEU H 167 -19.17 -30.24 -13.37
C LEU H 167 -20.58 -29.76 -13.01
N PRO H 168 -21.59 -30.22 -13.77
CA PRO H 168 -22.95 -29.83 -13.46
C PRO H 168 -23.53 -30.57 -12.22
N VAL H 169 -24.54 -29.99 -11.58
CA VAL H 169 -25.30 -30.64 -10.54
C VAL H 169 -26.82 -30.44 -10.84
N VAL H 170 -27.66 -31.45 -10.51
CA VAL H 170 -29.13 -31.36 -10.67
C VAL H 170 -29.68 -31.23 -9.24
N VAL H 171 -30.44 -30.17 -8.99
CA VAL H 171 -31.03 -29.97 -7.67
C VAL H 171 -32.52 -30.25 -7.75
N LYS H 172 -33.01 -31.13 -6.87
CA LYS H 172 -34.41 -31.56 -6.94
C LYS H 172 -35.21 -31.30 -5.67
N PRO H 173 -36.46 -30.88 -5.83
CA PRO H 173 -37.28 -30.86 -4.61
C PRO H 173 -37.59 -32.30 -4.14
N ILE H 174 -37.97 -32.44 -2.87
CA ILE H 174 -38.30 -33.74 -2.31
C ILE H 174 -39.82 -33.84 -2.20
N ALA H 175 -40.36 -34.95 -2.69
CA ALA H 175 -41.80 -35.22 -2.63
C ALA H 175 -42.12 -36.19 -1.52
N GLU H 176 -43.36 -36.12 -1.00
CA GLU H 176 -43.98 -37.13 -0.10
C GLU H 176 -43.11 -38.15 0.68
N PRO H 177 -42.80 -37.84 1.94
CA PRO H 177 -43.18 -36.57 2.57
C PRO H 177 -42.21 -35.47 2.10
N LYS H 178 -42.68 -34.21 2.07
CA LYS H 178 -41.79 -33.09 1.92
C LYS H 178 -41.23 -32.80 3.31
N PRO H 179 -39.89 -32.70 3.45
CA PRO H 179 -39.36 -32.36 4.77
C PRO H 179 -39.73 -30.94 5.15
N ALA H 180 -39.88 -30.68 6.44
CA ALA H 180 -40.18 -29.31 6.85
C ALA H 180 -39.05 -28.37 6.41
N SER H 181 -39.42 -27.14 6.07
CA SER H 181 -38.42 -26.08 5.83
C SER H 181 -37.54 -25.82 7.05
N VAL H 182 -36.30 -25.38 6.81
CA VAL H 182 -35.42 -25.00 7.91
C VAL H 182 -35.16 -23.50 7.84
N ALA H 183 -35.40 -22.84 8.97
CA ALA H 183 -35.22 -21.39 9.10
C ALA H 183 -33.77 -21.08 9.34
N VAL H 184 -33.35 -19.97 8.75
CA VAL H 184 -32.10 -19.34 9.10
C VAL H 184 -32.44 -18.09 9.86
N VAL H 185 -31.70 -17.86 10.94
CA VAL H 185 -32.13 -16.95 11.98
C VAL H 185 -30.94 -16.10 12.32
N VAL H 186 -31.19 -14.83 12.64
CA VAL H 186 -30.28 -13.94 13.42
C VAL H 186 -30.55 -14.14 14.90
N ALA H 187 -29.51 -14.43 15.68
CA ALA H 187 -29.74 -14.70 17.08
C ALA H 187 -28.83 -13.92 18.01
N TRP H 188 -29.33 -13.64 19.22
CA TRP H 188 -28.53 -12.97 20.24
C TRP H 188 -29.00 -13.42 21.58
N HIS H 189 -28.13 -13.35 22.58
CA HIS H 189 -28.46 -13.91 23.89
C HIS H 189 -29.37 -12.94 24.65
N GLN H 190 -30.49 -13.47 25.14
CA GLN H 190 -31.43 -12.72 25.99
C GLN H 190 -30.75 -11.87 27.05
N GLU H 191 -29.65 -12.36 27.61
CA GLU H 191 -29.08 -11.76 28.82
C GLU H 191 -27.90 -10.87 28.49
N ALA H 192 -27.58 -10.79 27.19
CA ALA H 192 -26.45 -10.04 26.72
C ALA H 192 -26.85 -8.60 26.75
N THR H 193 -25.91 -7.72 27.03
CA THR H 193 -26.17 -6.33 26.88
C THR H 193 -25.58 -5.93 25.54
N LEU H 194 -26.44 -5.69 24.56
CA LEU H 194 -25.95 -5.38 23.21
C LEU H 194 -25.30 -3.99 23.12
N SER H 195 -24.15 -3.94 22.43
CA SER H 195 -23.53 -2.66 22.06
C SER H 195 -24.45 -1.95 21.09
N ARG H 196 -24.19 -0.64 20.95
CA ARG H 196 -24.78 0.23 19.96
C ARG H 196 -24.77 -0.39 18.55
N VAL H 197 -23.58 -0.83 18.13
CA VAL H 197 -23.37 -1.44 16.84
C VAL H 197 -24.13 -2.75 16.68
N ALA H 198 -24.20 -3.59 17.74
CA ALA H 198 -24.99 -4.84 17.71
C ALA H 198 -26.51 -4.64 17.55
N ARG H 199 -27.08 -3.64 18.24
CA ARG H 199 -28.50 -3.25 18.03
C ARG H 199 -28.74 -2.73 16.62
N ALA H 200 -27.88 -1.82 16.15
CA ALA H 200 -27.98 -1.37 14.75
C ALA H 200 -27.98 -2.59 13.77
N PHE H 201 -27.09 -3.55 14.01
CA PHE H 201 -26.97 -4.70 13.09
C PHE H 201 -28.27 -5.44 13.02
N ILE H 202 -28.78 -5.82 14.17
CA ILE H 202 -30.00 -6.63 14.27
C ILE H 202 -31.16 -5.96 13.59
N ARG H 203 -31.39 -4.67 13.91
CA ARG H 203 -32.45 -3.87 13.23
C ARG H 203 -32.28 -3.86 11.71
N PHE H 204 -31.04 -3.56 11.26
CA PHE H 204 -30.70 -3.54 9.83
C PHE H 204 -31.05 -4.84 9.06
N VAL H 205 -30.54 -5.99 9.52
CA VAL H 205 -30.65 -7.21 8.73
C VAL H 205 -32.08 -7.78 8.74
N THR H 206 -32.90 -7.31 9.68
CA THR H 206 -34.26 -7.84 9.91
C THR H 206 -35.34 -7.02 9.20
N ALA H 207 -35.03 -5.79 8.76
CA ALA H 207 -35.89 -5.11 7.79
C ALA H 207 -35.09 -4.28 6.78
N VAL I 3 48.59 36.28 -2.12
CA VAL I 3 48.01 35.00 -2.75
C VAL I 3 46.49 34.98 -2.72
N ALA I 4 45.86 35.23 -3.86
CA ALA I 4 44.40 35.20 -3.87
C ALA I 4 43.83 34.76 -5.20
N GLY I 5 42.52 34.52 -5.21
CA GLY I 5 41.89 34.17 -6.45
C GLY I 5 41.84 32.65 -6.64
N PRO I 6 41.18 32.21 -7.74
CA PRO I 6 40.83 30.81 -8.02
C PRO I 6 42.01 29.89 -8.38
N ILE I 7 41.95 28.67 -7.87
CA ILE I 7 42.80 27.59 -8.35
C ILE I 7 41.92 26.36 -8.57
N ALA I 8 42.01 25.75 -9.77
CA ALA I 8 41.35 24.46 -10.01
C ALA I 8 42.29 23.29 -9.73
N VAL I 9 41.91 22.53 -8.73
CA VAL I 9 42.69 21.39 -8.32
C VAL I 9 41.93 20.12 -8.66
N GLY I 10 42.59 19.22 -9.39
CA GLY I 10 41.95 17.96 -9.75
C GLY I 10 42.62 16.71 -9.16
N CYS I 11 41.86 15.63 -9.03
CA CYS I 11 42.45 14.37 -8.56
C CYS I 11 41.66 13.16 -8.96
N TYR I 12 42.27 11.96 -8.89
CA TYR I 12 41.47 10.74 -9.04
C TYR I 12 40.64 10.57 -7.78
N PRO I 13 39.41 9.99 -7.90
CA PRO I 13 38.53 9.70 -6.76
C PRO I 13 39.23 9.00 -5.62
N ALA I 14 40.00 7.95 -5.88
CA ALA I 14 40.70 7.27 -4.77
C ALA I 14 41.60 8.19 -3.90
N LEU I 15 42.05 9.33 -4.46
CA LEU I 15 42.92 10.24 -3.68
C LEU I 15 42.12 11.37 -3.03
N GLY I 16 40.86 11.51 -3.43
CA GLY I 16 40.01 12.59 -2.90
C GLY I 16 39.80 12.58 -1.36
N PRO I 17 39.52 11.41 -0.76
CA PRO I 17 39.39 11.31 0.69
C PRO I 17 40.66 11.03 1.51
N THR I 18 41.78 10.71 0.88
CA THR I 18 43.00 10.30 1.60
C THR I 18 44.05 11.37 1.66
N ILE I 19 44.34 11.93 0.49
CA ILE I 19 45.38 12.91 0.39
C ILE I 19 44.85 14.34 0.33
N LEU I 20 43.74 14.56 -0.38
CA LEU I 20 43.22 15.91 -0.60
C LEU I 20 42.68 16.73 0.58
N PRO I 21 41.95 16.11 1.55
CA PRO I 21 41.34 17.00 2.56
C PRO I 21 42.37 17.80 3.37
N SER I 22 43.44 17.15 3.84
CA SER I 22 44.48 17.83 4.66
C SER I 22 45.14 18.92 3.85
N MSE I 23 45.47 18.59 2.60
CA MSE I 23 46.10 19.53 1.68
C MSE I 23 45.19 20.75 1.46
O MSE I 23 45.62 21.85 1.59
CB MSE I 23 46.27 18.83 0.30
CG MSE I 23 47.59 18.38 -0.12
SE MSE I 23 47.42 17.98 -2.05
CE MSE I 23 46.19 19.42 -2.35
N LEU I 24 43.92 20.58 1.08
CA LEU I 24 43.03 21.76 0.88
C LEU I 24 42.81 22.58 2.13
N TYR I 25 42.63 21.89 3.25
CA TYR I 25 42.45 22.60 4.53
C TYR I 25 43.72 23.39 4.90
N ALA I 26 44.88 22.72 4.96
CA ALA I 26 46.14 23.41 5.18
C ALA I 26 46.42 24.57 4.18
N PHE I 27 46.10 24.39 2.89
CA PHE I 27 46.46 25.44 1.91
C PHE I 27 45.57 26.69 2.07
N THR I 28 44.26 26.48 2.20
CA THR I 28 43.30 27.57 2.46
C THR I 28 43.44 28.20 3.82
N ALA I 29 43.87 27.43 4.82
CA ALA I 29 44.16 28.05 6.14
C ALA I 29 45.30 29.09 6.00
N GLU I 30 46.34 28.69 5.28
CA GLU I 30 47.53 29.54 5.01
C GLU I 30 47.21 30.74 4.12
N TYR I 31 46.32 30.54 3.15
CA TYR I 31 46.00 31.60 2.18
C TYR I 31 44.51 31.75 2.09
N PRO I 32 43.92 32.46 3.06
CA PRO I 32 42.45 32.63 3.23
C PRO I 32 41.73 33.26 2.03
N ARG I 33 42.48 33.96 1.19
CA ARG I 33 41.95 34.66 0.03
C ARG I 33 42.06 33.80 -1.24
N ALA I 34 42.74 32.65 -1.15
CA ALA I 34 42.73 31.76 -2.30
C ALA I 34 41.42 30.97 -2.32
N SER I 35 41.00 30.59 -3.51
CA SER I 35 39.70 29.97 -3.71
C SER I 35 39.78 28.64 -4.42
N VAL I 36 39.73 27.50 -3.73
CA VAL I 36 39.84 26.24 -4.52
C VAL I 36 38.59 25.65 -5.15
N GLU I 37 38.70 25.43 -6.45
CA GLU I 37 37.72 24.72 -7.23
C GLU I 37 38.22 23.29 -7.40
N PHE I 38 37.68 22.40 -6.57
CA PHE I 38 38.10 21.02 -6.42
C PHE I 38 37.28 20.16 -7.37
N ARG I 39 37.93 19.26 -8.08
CA ARG I 39 37.23 18.44 -9.04
C ARG I 39 37.88 17.07 -9.04
N GLU I 40 37.18 16.03 -8.64
CA GLU I 40 37.73 14.74 -8.85
C GLU I 40 37.20 14.13 -10.19
N ASP I 41 38.02 13.36 -10.87
CA ASP I 41 37.58 12.83 -12.17
C ASP I 41 38.42 11.67 -12.58
N THR I 42 37.97 10.95 -13.63
CA THR I 42 38.61 9.75 -14.19
C THR I 42 39.94 10.09 -14.90
N GLN I 43 40.77 9.05 -15.09
CA GLN I 43 42.09 9.16 -15.71
C GLN I 43 42.06 10.08 -16.92
N ASN I 44 41.32 9.67 -17.93
CA ASN I 44 41.21 10.43 -19.19
C ASN I 44 40.60 11.81 -19.08
N ARG I 45 39.53 11.94 -18.31
CA ARG I 45 38.83 13.23 -18.19
C ARG I 45 39.71 14.22 -17.46
N LEU I 46 40.36 13.77 -16.38
CA LEU I 46 41.30 14.64 -15.68
C LEU I 46 42.45 15.13 -16.61
N ARG I 47 43.05 14.20 -17.34
CA ARG I 47 44.02 14.54 -18.36
C ARG I 47 43.58 15.57 -19.37
N THR I 48 42.41 15.32 -19.99
CA THR I 48 41.76 16.28 -20.86
C THR I 48 41.63 17.71 -20.27
N GLN I 49 41.22 17.78 -19.00
CA GLN I 49 40.97 19.02 -18.26
C GLN I 49 42.31 19.74 -17.97
N LEU I 50 43.33 19.00 -17.55
CA LEU I 50 44.66 19.62 -17.37
C LEU I 50 45.30 20.07 -18.68
N GLU I 51 45.15 19.27 -19.74
CA GLU I 51 45.58 19.65 -21.11
C GLU I 51 44.83 20.88 -21.64
N GLY I 52 43.53 20.99 -21.32
CA GLY I 52 42.74 22.14 -21.77
C GLY I 52 42.80 23.35 -20.89
N GLY I 53 43.49 23.26 -19.77
CA GLY I 53 43.64 24.38 -18.87
C GLY I 53 42.39 24.58 -17.99
N GLU I 54 41.50 23.61 -17.95
CA GLU I 54 40.43 23.70 -16.97
C GLU I 54 40.82 23.30 -15.55
N LEU I 55 41.94 22.57 -15.41
CA LEU I 55 42.57 22.36 -14.12
C LEU I 55 43.90 23.05 -14.20
N ASP I 56 44.31 23.61 -13.06
CA ASP I 56 45.66 24.15 -12.91
C ASP I 56 46.73 23.14 -12.50
N VAL I 57 46.35 22.19 -11.65
CA VAL I 57 47.29 21.25 -11.05
C VAL I 57 46.46 20.04 -10.81
N ALA I 58 47.13 18.91 -10.81
CA ALA I 58 46.44 17.64 -10.51
C ALA I 58 47.27 16.84 -9.51
N ILE I 59 46.59 16.00 -8.73
CA ILE I 59 47.18 15.10 -7.75
C ILE I 59 46.80 13.70 -8.21
N VAL I 60 47.77 12.94 -8.71
CA VAL I 60 47.49 11.70 -9.41
C VAL I 60 48.61 10.69 -9.09
N TYR I 61 48.37 9.45 -9.44
CA TYR I 61 49.41 8.44 -9.38
C TYR I 61 50.33 8.70 -10.55
N ASP I 62 51.61 8.44 -10.36
CA ASP I 62 52.56 8.62 -11.43
C ASP I 62 52.55 7.28 -12.18
N LEU I 63 51.45 7.05 -12.91
CA LEU I 63 51.27 5.83 -13.73
C LEU I 63 50.81 6.28 -15.06
N ASP I 64 51.62 6.04 -16.09
CA ASP I 64 51.19 6.31 -17.46
C ASP I 64 50.94 7.80 -17.74
N LEU I 65 51.68 8.71 -17.10
CA LEU I 65 51.49 10.17 -17.30
C LEU I 65 52.18 10.61 -18.62
N SER I 66 51.68 11.67 -19.25
CA SER I 66 52.34 12.35 -20.31
C SER I 66 53.68 12.96 -19.79
N PRO I 67 54.74 12.96 -20.64
CA PRO I 67 56.01 13.62 -20.34
C PRO I 67 55.85 15.13 -20.38
N GLU I 68 54.79 15.68 -21.00
CA GLU I 68 54.58 17.13 -20.99
C GLU I 68 54.17 17.64 -19.61
N TRP I 69 53.97 16.74 -18.65
CA TRP I 69 53.56 17.15 -17.32
C TRP I 69 54.78 17.21 -16.41
N GLN I 70 54.99 18.33 -15.75
CA GLN I 70 55.96 18.40 -14.64
C GLN I 70 55.31 17.78 -13.42
N THR I 71 56.07 17.00 -12.68
CA THR I 71 55.54 16.30 -11.49
C THR I 71 56.56 16.38 -10.37
N VAL I 72 56.06 16.39 -9.14
CA VAL I 72 56.91 16.31 -7.94
C VAL I 72 56.22 15.27 -7.06
N PRO I 73 56.97 14.22 -6.58
CA PRO I 73 56.44 13.17 -5.70
C PRO I 73 56.05 13.78 -4.38
N LEU I 74 54.85 13.48 -3.94
CA LEU I 74 54.37 13.84 -2.62
C LEU I 74 54.68 12.68 -1.63
N MSE I 75 54.61 11.47 -2.17
CA MSE I 75 54.85 10.27 -1.41
C MSE I 75 54.78 9.09 -2.34
O MSE I 75 54.35 9.19 -3.49
CB MSE I 75 53.74 10.07 -0.42
CG MSE I 75 52.49 9.64 -1.17
SE MSE I 75 51.01 9.84 -0.09
CE MSE I 75 50.81 11.78 -0.30
N THR I 76 55.13 7.95 -1.77
CA THR I 76 55.20 6.74 -2.50
C THR I 76 54.41 5.71 -1.64
N ARG I 77 53.61 4.89 -2.31
CA ARG I 77 52.78 3.87 -1.64
C ARG I 77 53.13 2.46 -2.18
N GLU I 78 53.23 1.48 -1.28
CA GLU I 78 53.32 0.07 -1.68
C GLU I 78 51.93 -0.54 -1.84
N PRO I 79 51.64 -1.16 -2.99
CA PRO I 79 50.38 -1.95 -3.10
C PRO I 79 50.36 -2.99 -1.95
N MSE I 80 49.19 -3.21 -1.39
CA MSE I 80 49.04 -4.17 -0.33
C MSE I 80 47.78 -5.04 -0.60
O MSE I 80 46.88 -4.63 -1.32
CB MSE I 80 48.91 -3.41 1.00
CG MSE I 80 47.53 -2.70 1.13
SE MSE I 80 47.73 -1.14 2.24
CE MSE I 80 48.29 0.26 0.92
N VAL I 81 47.76 -6.21 0.02
CA VAL I 81 46.63 -7.13 -0.05
C VAL I 81 45.72 -6.83 1.10
N VAL I 82 44.41 -6.89 0.82
CA VAL I 82 43.41 -6.60 1.84
C VAL I 82 42.51 -7.80 1.87
N LEU I 83 42.33 -8.31 3.08
CA LEU I 83 41.54 -9.52 3.35
C LEU I 83 40.43 -9.24 4.40
N GLY I 84 39.42 -10.09 4.43
CA GLY I 84 38.40 -10.17 5.48
C GLY I 84 39.04 -11.01 6.59
N ALA I 85 38.56 -10.77 7.81
CA ALA I 85 39.14 -11.41 9.00
C ALA I 85 39.01 -12.96 8.96
N GLU I 86 38.02 -13.49 8.23
CA GLU I 86 37.82 -14.96 8.05
C GLU I 86 38.47 -15.55 6.76
N HIS I 87 39.26 -14.77 6.02
CA HIS I 87 39.79 -15.23 4.75
C HIS I 87 40.80 -16.31 5.10
N PRO I 88 40.94 -17.36 4.25
CA PRO I 88 41.92 -18.41 4.49
C PRO I 88 43.34 -17.95 4.71
N LEU I 89 43.71 -16.78 4.22
CA LEU I 89 45.12 -16.36 4.41
C LEU I 89 45.24 -15.30 5.48
N ALA I 90 44.12 -14.95 6.14
CA ALA I 90 44.15 -13.86 7.09
C ALA I 90 44.91 -14.23 8.36
N GLY I 91 45.03 -15.55 8.62
CA GLY I 91 45.83 -16.13 9.72
C GLY I 91 47.35 -16.09 9.52
N VAL I 92 47.80 -16.43 8.32
CA VAL I 92 49.19 -16.23 7.87
C VAL I 92 49.90 -15.04 8.56
N ASP I 93 50.89 -15.34 9.40
CA ASP I 93 51.58 -14.28 10.13
C ASP I 93 52.30 -13.25 9.23
N GLY I 94 53.20 -13.62 8.36
CA GLY I 94 53.92 -12.45 7.75
C GLY I 94 53.29 -11.67 6.58
N PRO I 95 54.14 -11.15 5.69
CA PRO I 95 53.69 -10.68 4.38
C PRO I 95 53.06 -11.82 3.59
N VAL I 96 52.27 -11.49 2.58
CA VAL I 96 51.60 -12.53 1.81
C VAL I 96 52.33 -12.65 0.48
N ARG I 97 52.54 -13.91 0.07
CA ARG I 97 52.94 -14.25 -1.27
C ARG I 97 51.77 -14.02 -2.21
N LEU I 98 51.89 -13.08 -3.15
CA LEU I 98 50.70 -12.74 -4.01
C LEU I 98 50.25 -13.97 -4.78
N ALA I 99 51.21 -14.73 -5.28
CA ALA I 99 50.90 -15.96 -6.03
C ALA I 99 50.02 -16.95 -5.26
N ASP I 100 50.06 -16.87 -3.92
CA ASP I 100 49.20 -17.75 -3.07
C ASP I 100 47.73 -17.37 -3.16
N LEU I 101 47.39 -16.17 -3.68
CA LEU I 101 45.95 -15.81 -3.84
C LEU I 101 45.40 -16.16 -5.22
N ALA I 102 46.24 -16.76 -6.07
CA ALA I 102 45.87 -16.93 -7.51
C ALA I 102 44.53 -17.67 -7.70
N GLU I 103 44.22 -18.62 -6.82
CA GLU I 103 42.92 -19.28 -6.92
C GLU I 103 41.77 -18.79 -6.03
N HIS I 104 42.02 -17.77 -5.25
CA HIS I 104 40.98 -17.16 -4.43
C HIS I 104 40.24 -16.08 -5.20
N PRO I 105 38.92 -15.98 -5.04
CA PRO I 105 38.25 -14.97 -5.82
C PRO I 105 38.65 -13.55 -5.43
N MSE I 106 38.76 -12.67 -6.42
CA MSE I 106 39.30 -11.32 -6.14
C MSE I 106 38.17 -10.28 -6.23
O MSE I 106 37.19 -10.47 -7.02
CB MSE I 106 40.35 -10.95 -7.17
CG MSE I 106 41.18 -9.70 -6.78
SE MSE I 106 42.06 -8.87 -8.29
CE MSE I 106 42.90 -7.39 -7.24
N VAL I 107 38.30 -9.21 -5.45
CA VAL I 107 37.42 -8.04 -5.62
C VAL I 107 38.34 -7.02 -6.26
N LEU I 108 38.06 -6.60 -7.46
CA LEU I 108 38.89 -5.67 -8.22
C LEU I 108 38.32 -4.24 -8.13
N LEU I 109 39.13 -3.26 -7.70
CA LEU I 109 38.77 -1.89 -7.82
C LEU I 109 39.10 -1.50 -9.28
N ASP I 110 38.06 -1.32 -10.07
CA ASP I 110 38.24 -1.00 -11.45
C ASP I 110 38.06 0.51 -11.60
N ALA I 111 39.16 1.24 -11.32
CA ALA I 111 39.26 2.70 -11.39
C ALA I 111 40.59 3.03 -11.99
N PRO I 112 40.68 3.07 -13.35
CA PRO I 112 41.94 3.32 -14.02
C PRO I 112 42.60 4.56 -13.40
N PRO I 113 43.93 4.53 -13.23
CA PRO I 113 44.94 3.58 -13.75
C PRO I 113 45.19 2.34 -12.85
N SER I 114 44.50 2.29 -11.70
CA SER I 114 44.49 1.14 -10.79
C SER I 114 44.16 -0.25 -11.35
N THR I 115 43.20 -0.31 -12.24
CA THR I 115 42.82 -1.58 -12.81
C THR I 115 44.00 -2.24 -13.54
N ASN I 116 44.59 -1.53 -14.49
CA ASN I 116 45.69 -2.07 -15.26
C ASN I 116 46.91 -2.34 -14.34
N HIS I 117 47.17 -1.44 -13.38
CA HIS I 117 48.17 -1.71 -12.34
C HIS I 117 47.98 -3.07 -11.59
N ALA I 118 46.75 -3.32 -11.14
CA ALA I 118 46.42 -4.54 -10.44
C ALA I 118 46.63 -5.78 -11.31
N MSE I 119 46.12 -5.74 -12.54
CA MSE I 119 46.33 -6.76 -13.51
C MSE I 119 47.82 -6.98 -13.76
O MSE I 119 48.28 -8.11 -13.79
CB MSE I 119 45.59 -6.43 -14.80
CG MSE I 119 44.10 -6.40 -14.69
SE MSE I 119 43.33 -7.97 -13.77
CE MSE I 119 43.76 -9.22 -15.20
N ASP I 120 48.58 -5.89 -13.91
CA ASP I 120 50.04 -6.01 -14.10
C ASP I 120 50.78 -6.65 -12.93
N VAL I 121 50.40 -6.30 -11.71
CA VAL I 121 51.07 -6.77 -10.51
C VAL I 121 50.78 -8.26 -10.40
N CYS I 122 49.53 -8.70 -10.61
CA CYS I 122 49.23 -10.13 -10.61
C CYS I 122 50.01 -10.87 -11.71
N ARG I 123 50.04 -10.31 -12.93
CA ARG I 123 50.68 -10.93 -14.10
C ARG I 123 52.16 -11.23 -13.79
N GLU I 124 52.84 -10.24 -13.20
CA GLU I 124 54.28 -10.39 -12.82
C GLU I 124 54.44 -11.49 -11.74
N ALA I 125 53.40 -11.72 -10.94
CA ALA I 125 53.36 -12.81 -9.95
C ALA I 125 52.89 -14.15 -10.62
N GLY I 126 52.68 -14.10 -11.93
CA GLY I 126 52.43 -15.32 -12.69
C GLY I 126 50.97 -15.70 -12.91
N PHE I 127 50.02 -14.80 -12.65
CA PHE I 127 48.60 -15.18 -12.77
C PHE I 127 47.63 -14.06 -13.21
N ALA I 128 46.50 -14.46 -13.78
CA ALA I 128 45.36 -13.57 -14.08
C ALA I 128 44.35 -13.82 -12.96
N PRO I 129 44.02 -12.78 -12.17
CA PRO I 129 43.15 -13.09 -11.08
C PRO I 129 41.73 -13.59 -11.51
N ARG I 130 41.07 -14.31 -10.58
CA ARG I 130 39.69 -14.79 -10.76
C ARG I 130 38.82 -13.72 -10.15
N VAL I 131 38.30 -12.87 -11.02
CA VAL I 131 37.62 -11.69 -10.57
C VAL I 131 36.17 -12.08 -10.33
N ALA I 132 35.77 -12.08 -9.05
CA ALA I 132 34.41 -12.29 -8.63
C ALA I 132 33.53 -11.01 -8.66
N TYR I 133 34.06 -9.87 -8.24
CA TYR I 133 33.33 -8.59 -8.25
C TYR I 133 34.29 -7.49 -8.66
N ARG I 134 33.76 -6.46 -9.35
CA ARG I 134 34.49 -5.29 -9.77
C ARG I 134 33.69 -4.15 -9.25
N THR I 135 34.37 -3.12 -8.79
CA THR I 135 33.71 -1.88 -8.41
C THR I 135 34.59 -0.73 -8.93
N ALA I 136 34.06 0.47 -9.18
CA ALA I 136 34.98 1.65 -9.30
C ALA I 136 35.08 2.47 -8.05
N ASN I 137 34.35 2.06 -7.01
CA ASN I 137 34.50 2.70 -5.72
C ASN I 137 35.35 1.95 -4.67
N PHE I 138 36.32 2.69 -4.13
CA PHE I 138 37.29 2.28 -3.13
C PHE I 138 36.65 1.66 -1.90
N GLU I 139 35.66 2.31 -1.33
CA GLU I 139 35.10 1.79 -0.13
C GLU I 139 34.26 0.55 -0.46
N THR I 140 33.66 0.47 -1.65
CA THR I 140 32.95 -0.78 -2.03
C THR I 140 33.86 -1.99 -2.09
N ALA I 141 35.03 -1.81 -2.75
CA ALA I 141 36.10 -2.78 -2.71
C ALA I 141 36.37 -3.18 -1.24
N ARG I 142 36.61 -2.22 -0.36
CA ARG I 142 36.99 -2.57 1.05
C ARG I 142 35.83 -3.22 1.79
N ALA I 143 34.62 -2.76 1.53
CA ALA I 143 33.45 -3.31 2.28
C ALA I 143 33.17 -4.73 1.80
N PHE I 144 33.31 -4.98 0.50
CA PHE I 144 33.15 -6.37 -0.06
C PHE I 144 34.18 -7.35 0.54
N VAL I 145 35.42 -6.88 0.67
CA VAL I 145 36.48 -7.69 1.25
C VAL I 145 36.20 -7.91 2.74
N GLY I 146 35.77 -6.87 3.44
CA GLY I 146 35.50 -7.04 4.88
C GLY I 146 34.38 -8.05 5.09
N ARG I 147 33.45 -8.09 4.13
CA ARG I 147 32.31 -8.99 4.20
C ARG I 147 32.70 -10.41 3.77
N GLY I 148 33.89 -10.60 3.20
CA GLY I 148 34.34 -11.97 2.86
C GLY I 148 34.09 -12.40 1.41
N LEU I 149 33.96 -11.41 0.51
CA LEU I 149 33.55 -11.70 -0.89
C LEU I 149 34.77 -11.88 -1.81
N GLY I 150 35.97 -11.67 -1.27
CA GLY I 150 37.22 -12.02 -1.97
C GLY I 150 38.36 -11.21 -1.36
N TRP I 151 39.49 -11.10 -2.07
CA TRP I 151 40.66 -10.35 -1.61
C TRP I 151 40.80 -9.20 -2.59
N THR I 152 41.51 -8.13 -2.21
CA THR I 152 41.81 -7.13 -3.15
C THR I 152 43.23 -6.57 -2.94
N LEU I 153 43.63 -5.79 -3.93
CA LEU I 153 44.91 -5.08 -3.96
C LEU I 153 44.58 -3.59 -3.93
N LEU I 154 45.10 -2.87 -2.94
CA LEU I 154 44.89 -1.44 -2.83
C LEU I 154 46.18 -0.67 -2.69
N LEU I 155 46.16 0.59 -3.12
CA LEU I 155 47.33 1.48 -3.07
C LEU I 155 47.32 2.40 -1.89
N GLN I 156 46.17 2.53 -1.20
CA GLN I 156 46.09 3.39 -0.02
C GLN I 156 45.43 2.61 1.09
N ARG I 157 45.73 3.02 2.29
CA ARG I 157 45.20 2.41 3.51
C ARG I 157 44.54 3.46 4.40
N PRO I 158 43.19 3.48 4.45
CA PRO I 158 42.51 4.29 5.48
C PRO I 158 43.05 4.00 6.90
N ARG I 159 43.10 5.05 7.72
CA ARG I 159 43.73 4.93 9.03
C ARG I 159 43.07 3.96 10.00
N VAL I 160 41.77 3.73 9.83
CA VAL I 160 41.04 2.84 10.74
C VAL I 160 40.59 1.64 9.89
N ASP I 161 41.08 0.43 10.23
CA ASP I 161 40.89 -0.74 9.36
C ASP I 161 39.46 -1.29 9.48
N VAL I 162 38.46 -0.41 9.36
CA VAL I 162 37.04 -0.79 9.42
C VAL I 162 36.26 -0.21 8.22
N THR I 163 35.28 -0.97 7.77
CA THR I 163 34.54 -0.63 6.59
C THR I 163 33.28 0.09 7.00
N TYR I 164 32.55 0.69 6.05
CA TYR I 164 31.23 1.25 6.35
C TYR I 164 30.30 0.28 7.09
N GLU I 165 30.49 -1.03 6.97
CA GLU I 165 29.58 -1.96 7.64
C GLU I 165 29.95 -2.19 9.11
N GLY I 166 31.12 -1.71 9.53
CA GLY I 166 31.58 -1.95 10.88
C GLY I 166 32.40 -3.22 10.95
N LEU I 167 32.79 -3.75 9.79
CA LEU I 167 33.61 -4.94 9.70
C LEU I 167 35.10 -4.63 9.56
N PRO I 168 35.99 -5.50 10.09
CA PRO I 168 37.40 -5.26 9.92
C PRO I 168 37.97 -5.72 8.60
N VAL I 169 39.05 -5.04 8.17
CA VAL I 169 39.82 -5.61 7.10
C VAL I 169 41.16 -5.92 7.67
N VAL I 170 41.82 -6.91 7.07
CA VAL I 170 43.19 -7.27 7.40
C VAL I 170 44.08 -6.88 6.22
N VAL I 171 45.05 -5.97 6.46
CA VAL I 171 45.91 -5.45 5.39
C VAL I 171 47.28 -6.13 5.53
N LYS I 172 47.80 -6.69 4.45
CA LYS I 172 49.10 -7.40 4.49
C LYS I 172 50.00 -6.91 3.40
N PRO I 173 51.28 -6.67 3.75
CA PRO I 173 52.31 -6.33 2.74
C PRO I 173 52.54 -7.56 1.91
N ILE I 174 53.06 -7.39 0.70
CA ILE I 174 53.36 -8.45 -0.21
C ILE I 174 54.83 -8.81 0.00
N ALA I 175 55.08 -10.12 0.10
CA ALA I 175 56.38 -10.68 0.33
C ALA I 175 57.26 -10.46 -0.90
N GLU I 176 58.55 -10.50 -0.67
CA GLU I 176 59.48 -10.40 -1.74
C GLU I 176 59.30 -11.61 -2.65
N PRO I 177 59.31 -11.40 -3.97
CA PRO I 177 59.51 -10.12 -4.72
C PRO I 177 58.24 -9.28 -4.81
N LYS I 178 58.30 -8.06 -4.37
CA LYS I 178 57.10 -7.29 -4.27
C LYS I 178 56.94 -6.38 -5.50
N PRO I 179 55.70 -5.95 -5.79
CA PRO I 179 55.57 -4.97 -6.83
C PRO I 179 56.29 -3.67 -6.40
N ALA I 180 56.65 -2.89 -7.39
CA ALA I 180 57.24 -1.59 -7.28
C ALA I 180 56.27 -0.65 -6.54
N SER I 181 56.87 0.26 -5.78
CA SER I 181 56.21 1.37 -5.10
C SER I 181 55.61 2.26 -6.16
N VAL I 182 54.46 2.86 -5.87
CA VAL I 182 53.80 3.77 -6.79
C VAL I 182 53.84 5.12 -6.16
N ALA I 183 54.30 6.13 -6.92
CA ALA I 183 54.31 7.54 -6.43
C ALA I 183 52.99 8.25 -6.64
N VAL I 184 52.66 9.12 -5.69
CA VAL I 184 51.61 10.11 -5.80
C VAL I 184 52.29 11.44 -6.02
N VAL I 185 51.82 12.18 -7.02
CA VAL I 185 52.57 13.29 -7.53
C VAL I 185 51.61 14.51 -7.63
N VAL I 186 52.14 15.75 -7.47
CA VAL I 186 51.48 16.95 -7.99
C VAL I 186 51.98 17.15 -9.43
N ALA I 187 51.06 17.45 -10.34
CA ALA I 187 51.35 17.53 -11.73
C ALA I 187 50.77 18.83 -12.30
N TRP I 188 51.49 19.42 -13.22
CA TRP I 188 51.02 20.58 -13.98
C TRP I 188 51.68 20.53 -15.35
N HIS I 189 51.09 21.22 -16.32
CA HIS I 189 51.48 21.04 -17.69
C HIS I 189 52.69 21.97 -17.95
N GLN I 190 53.78 21.42 -18.52
CA GLN I 190 54.94 22.21 -19.01
C GLN I 190 54.55 23.47 -19.80
N GLU I 191 53.52 23.38 -20.62
CA GLU I 191 53.13 24.52 -21.38
C GLU I 191 52.33 25.56 -20.65
N ALA I 192 51.78 25.24 -19.48
CA ALA I 192 51.06 26.26 -18.70
C ALA I 192 51.94 27.37 -18.22
N THR I 193 51.38 28.57 -18.25
CA THR I 193 52.00 29.63 -17.52
C THR I 193 51.19 29.75 -16.23
N LEU I 194 51.83 29.48 -15.10
CA LEU I 194 51.13 29.36 -13.84
C LEU I 194 50.68 30.71 -13.28
N SER I 195 49.48 30.71 -12.67
CA SER I 195 49.04 31.78 -11.78
C SER I 195 49.79 31.79 -10.46
N ARG I 196 49.65 32.90 -9.74
CA ARG I 196 50.33 33.07 -8.48
C ARG I 196 49.78 32.04 -7.49
N VAL I 197 48.46 31.85 -7.47
CA VAL I 197 47.89 30.79 -6.59
C VAL I 197 48.35 29.36 -6.95
N ALA I 198 48.49 29.05 -8.26
CA ALA I 198 48.94 27.72 -8.68
C ALA I 198 50.37 27.44 -8.25
N ARG I 199 51.25 28.44 -8.42
CA ARG I 199 52.63 28.29 -8.03
C ARG I 199 52.75 28.24 -6.48
N ALA I 200 52.00 29.08 -5.77
CA ALA I 200 51.95 29.00 -4.30
C ALA I 200 51.44 27.60 -3.84
N PHE I 201 50.45 27.07 -4.54
CA PHE I 201 49.95 25.72 -4.22
C PHE I 201 51.03 24.68 -4.35
N ILE I 202 51.77 24.73 -5.46
CA ILE I 202 52.75 23.67 -5.75
C ILE I 202 53.89 23.77 -4.72
N ARG I 203 54.42 24.99 -4.53
CA ARG I 203 55.41 25.22 -3.45
C ARG I 203 54.91 24.77 -2.07
N PHE I 204 53.67 25.08 -1.73
CA PHE I 204 53.14 24.72 -0.41
C PHE I 204 53.12 23.21 -0.17
N VAL I 205 52.61 22.50 -1.15
CA VAL I 205 52.28 21.11 -1.07
C VAL I 205 53.55 20.22 -1.19
N THR I 206 54.59 20.80 -1.75
CA THR I 206 55.83 20.10 -1.88
C THR I 206 56.79 20.60 -0.81
N ALA I 207 56.39 21.61 -0.03
CA ALA I 207 57.19 22.06 1.12
C ALA I 207 57.00 21.02 2.22
N VAL J 3 17.61 -23.42 -7.28
CA VAL J 3 18.07 -22.02 -7.67
C VAL J 3 19.56 -21.96 -8.03
N ALA J 4 19.84 -21.47 -9.23
CA ALA J 4 21.19 -21.50 -9.71
C ALA J 4 21.18 -20.59 -10.90
N GLY J 5 22.35 -20.20 -11.35
CA GLY J 5 22.45 -19.53 -12.62
C GLY J 5 22.83 -18.07 -12.52
N PRO J 6 23.00 -17.42 -13.69
CA PRO J 6 23.48 -16.06 -13.67
C PRO J 6 22.38 -15.08 -13.23
N ILE J 7 22.76 -14.15 -12.37
CA ILE J 7 21.99 -12.95 -12.07
C ILE J 7 22.87 -11.69 -12.06
N ALA J 8 22.38 -10.62 -12.67
CA ALA J 8 23.10 -9.35 -12.78
C ALA J 8 22.39 -8.27 -11.95
N VAL J 9 23.13 -7.73 -10.98
CA VAL J 9 22.57 -6.86 -9.97
C VAL J 9 23.33 -5.55 -9.99
N GLY J 10 22.59 -4.48 -10.19
CA GLY J 10 23.12 -3.14 -10.23
C GLY J 10 22.84 -2.39 -8.94
N CYS J 11 23.67 -1.37 -8.62
CA CYS J 11 23.32 -0.41 -7.55
C CYS J 11 23.99 0.93 -7.77
N TYR J 12 23.54 1.98 -7.07
CA TYR J 12 24.25 3.25 -7.03
C TYR J 12 25.47 3.17 -6.10
N PRO J 13 26.53 3.94 -6.40
CA PRO J 13 27.75 3.89 -5.56
C PRO J 13 27.51 4.04 -4.04
N ALA J 14 26.58 4.88 -3.63
CA ALA J 14 26.37 5.16 -2.19
C ALA J 14 25.85 3.93 -1.45
N LEU J 15 25.19 3.07 -2.21
CA LEU J 15 24.59 1.84 -1.74
C LEU J 15 25.56 0.63 -1.77
N GLY J 16 26.61 0.74 -2.56
CA GLY J 16 27.59 -0.32 -2.80
C GLY J 16 28.31 -0.84 -1.57
N PRO J 17 28.86 0.04 -0.72
CA PRO J 17 29.56 -0.45 0.47
C PRO J 17 28.69 -0.53 1.75
N THR J 18 27.44 -0.03 1.66
CA THR J 18 26.54 0.10 2.79
C THR J 18 25.52 -1.04 2.88
N ILE J 19 24.89 -1.37 1.76
CA ILE J 19 23.73 -2.26 1.70
C ILE J 19 24.10 -3.54 0.96
N LEU J 20 24.73 -3.36 -0.20
CA LEU J 20 25.07 -4.51 -1.03
C LEU J 20 25.93 -5.61 -0.40
N PRO J 21 26.96 -5.27 0.37
CA PRO J 21 27.91 -6.37 0.67
C PRO J 21 27.21 -7.50 1.44
N SER J 22 26.54 -7.11 2.52
CA SER J 22 25.66 -7.98 3.26
C SER J 22 24.66 -8.77 2.39
N MSE J 23 23.92 -8.10 1.51
CA MSE J 23 22.97 -8.84 0.65
C MSE J 23 23.66 -9.87 -0.21
O MSE J 23 23.17 -10.99 -0.30
CB MSE J 23 22.29 -7.90 -0.35
CG MSE J 23 21.29 -6.94 0.27
SE MSE J 23 20.52 -5.80 -1.14
CE MSE J 23 21.15 -6.63 -2.70
N LEU J 24 24.76 -9.47 -0.87
CA LEU J 24 25.43 -10.36 -1.79
C LEU J 24 26.01 -11.54 -1.08
N TYR J 25 26.66 -11.28 0.06
CA TYR J 25 27.25 -12.37 0.85
C TYR J 25 26.20 -13.40 1.33
N ALA J 26 25.13 -12.90 1.94
CA ALA J 26 24.12 -13.76 2.48
C ALA J 26 23.34 -14.48 1.33
N PHE J 27 23.18 -13.83 0.17
CA PHE J 27 22.48 -14.47 -0.94
C PHE J 27 23.26 -15.65 -1.55
N THR J 28 24.52 -15.43 -1.92
CA THR J 28 25.44 -16.48 -2.40
C THR J 28 25.73 -17.61 -1.40
N ALA J 29 25.69 -17.30 -0.10
CA ALA J 29 25.84 -18.29 0.97
C ALA J 29 24.62 -19.19 0.98
N GLU J 30 23.44 -18.60 0.89
CA GLU J 30 22.19 -19.34 0.80
C GLU J 30 22.08 -20.16 -0.52
N TYR J 31 22.57 -19.59 -1.63
CA TYR J 31 22.42 -20.16 -2.98
C TYR J 31 23.75 -20.20 -3.64
N PRO J 32 24.58 -21.19 -3.26
CA PRO J 32 25.94 -21.21 -3.75
C PRO J 32 26.04 -21.55 -5.24
N ARG J 33 24.91 -21.87 -5.86
CA ARG J 33 24.84 -22.08 -7.30
C ARG J 33 24.48 -20.80 -8.09
N ALA J 34 24.00 -19.75 -7.40
CA ALA J 34 23.84 -18.43 -8.05
C ALA J 34 25.19 -17.86 -8.39
N SER J 35 25.30 -17.27 -9.58
CA SER J 35 26.51 -16.53 -10.02
C SER J 35 26.14 -15.05 -10.26
N VAL J 36 26.54 -14.20 -9.33
CA VAL J 36 26.15 -12.80 -9.39
C VAL J 36 27.17 -11.86 -10.08
N GLU J 37 26.66 -11.18 -11.11
CA GLU J 37 27.37 -10.12 -11.81
C GLU J 37 26.92 -8.81 -11.21
N PHE J 38 27.86 -8.14 -10.53
CA PHE J 38 27.54 -6.96 -9.77
C PHE J 38 28.00 -5.75 -10.59
N ARG J 39 27.18 -4.70 -10.65
CA ARG J 39 27.62 -3.51 -11.39
C ARG J 39 27.19 -2.33 -10.58
N GLU J 40 28.14 -1.55 -10.13
CA GLU J 40 27.86 -0.33 -9.41
C GLU J 40 27.99 0.72 -10.48
N ASP J 41 26.96 1.56 -10.67
CA ASP J 41 27.04 2.57 -11.71
C ASP J 41 26.17 3.77 -11.36
N THR J 42 26.41 4.88 -12.06
CA THR J 42 25.70 6.13 -11.82
C THR J 42 24.23 6.06 -12.31
N GLN J 43 23.43 7.05 -11.94
CA GLN J 43 22.02 7.07 -12.19
C GLN J 43 21.63 6.71 -13.62
N ASN J 44 22.10 7.48 -14.57
CA ASN J 44 21.61 7.29 -15.88
C ASN J 44 22.21 6.09 -16.59
N ARG J 45 23.44 5.72 -16.22
CA ARG J 45 24.04 4.54 -16.79
C ARG J 45 23.36 3.27 -16.30
N LEU J 46 23.03 3.22 -15.01
CA LEU J 46 22.29 2.10 -14.46
C LEU J 46 20.88 1.97 -15.13
N ARG J 47 20.22 3.10 -15.30
CA ARG J 47 18.95 3.16 -16.00
C ARG J 47 18.98 2.56 -17.42
N THR J 48 19.98 2.95 -18.21
CA THR J 48 20.16 2.35 -19.55
C THR J 48 20.33 0.85 -19.43
N GLN J 49 21.27 0.42 -18.58
CA GLN J 49 21.60 -1.01 -18.39
C GLN J 49 20.36 -1.81 -17.98
N LEU J 50 19.61 -1.28 -17.03
CA LEU J 50 18.45 -1.98 -16.50
C LEU J 50 17.34 -2.02 -17.54
N GLU J 51 17.09 -0.90 -18.23
CA GLU J 51 16.02 -0.99 -19.29
C GLU J 51 16.47 -1.75 -20.53
N GLY J 52 17.79 -1.88 -20.76
CA GLY J 52 18.31 -2.69 -21.88
C GLY J 52 18.27 -4.20 -21.55
N GLY J 53 18.08 -4.59 -20.29
CA GLY J 53 18.16 -6.03 -19.93
C GLY J 53 19.62 -6.53 -19.82
N GLU J 54 20.54 -5.60 -19.60
CA GLU J 54 21.90 -5.91 -19.18
C GLU J 54 21.93 -6.22 -17.69
N LEU J 55 20.87 -5.85 -16.97
CA LEU J 55 20.76 -6.17 -15.54
C LEU J 55 19.41 -6.81 -15.32
N ASP J 56 19.35 -7.77 -14.40
CA ASP J 56 18.08 -8.35 -13.97
C ASP J 56 17.34 -7.38 -13.05
N VAL J 57 18.08 -6.84 -12.06
CA VAL J 57 17.55 -5.90 -11.04
C VAL J 57 18.56 -4.86 -10.59
N ALA J 58 18.04 -3.76 -10.06
CA ALA J 58 18.88 -2.69 -9.39
C ALA J 58 18.41 -2.30 -7.97
N ILE J 59 19.35 -2.23 -7.02
CA ILE J 59 19.09 -1.63 -5.71
C ILE J 59 19.32 -0.13 -5.84
N VAL J 60 18.28 0.69 -5.62
CA VAL J 60 18.31 2.08 -5.93
C VAL J 60 17.49 2.82 -4.86
N TYR J 61 17.69 4.13 -4.73
CA TYR J 61 16.80 4.91 -3.85
C TYR J 61 15.47 5.14 -4.54
N ASP J 62 14.36 5.20 -3.82
CA ASP J 62 13.11 5.56 -4.51
C ASP J 62 13.02 7.11 -4.68
N LEU J 63 13.82 7.61 -5.61
CA LEU J 63 13.94 9.04 -5.88
C LEU J 63 14.18 9.25 -7.36
N ASP J 64 13.34 10.08 -7.95
CA ASP J 64 13.40 10.45 -9.37
C ASP J 64 13.46 9.19 -10.24
N LEU J 65 12.81 8.11 -9.79
CA LEU J 65 12.71 6.90 -10.61
C LEU J 65 11.64 6.98 -11.67
N SER J 66 11.98 6.47 -12.86
CA SER J 66 11.02 6.28 -13.96
C SER J 66 9.67 5.69 -13.50
N PRO J 67 8.54 6.23 -14.02
CA PRO J 67 7.32 5.66 -13.52
C PRO J 67 7.07 4.33 -14.16
N GLU J 68 7.95 3.95 -15.08
CA GLU J 68 7.86 2.72 -15.84
C GLU J 68 8.66 1.57 -15.20
N TRP J 69 9.30 1.82 -14.06
CA TRP J 69 10.00 0.81 -13.30
C TRP J 69 9.09 0.25 -12.24
N GLN J 70 9.14 -1.05 -12.08
CA GLN J 70 8.49 -1.74 -10.94
C GLN J 70 9.53 -1.91 -9.82
N THR J 71 9.05 -1.78 -8.58
CA THR J 71 9.89 -1.80 -7.43
C THR J 71 9.27 -2.62 -6.25
N VAL J 72 10.15 -3.13 -5.41
CA VAL J 72 9.77 -3.62 -4.07
C VAL J 72 10.61 -2.92 -2.99
N PRO J 73 9.95 -2.23 -2.06
CA PRO J 73 10.65 -1.50 -1.01
C PRO J 73 11.33 -2.46 -0.03
N LEU J 74 12.54 -2.11 0.36
CA LEU J 74 13.42 -2.93 1.21
C LEU J 74 13.61 -2.34 2.63
N MSE J 75 13.87 -1.02 2.68
CA MSE J 75 14.13 -0.33 3.90
C MSE J 75 14.02 1.16 3.61
O MSE J 75 13.97 1.57 2.44
CB MSE J 75 15.55 -0.67 4.42
CG MSE J 75 16.64 0.08 3.67
SE MSE J 75 18.35 -0.83 3.74
CE MSE J 75 17.82 -2.44 2.71
N THR J 76 14.01 1.97 4.64
CA THR J 76 14.16 3.44 4.45
C THR J 76 15.37 4.02 5.21
N ARG J 77 15.82 5.22 4.78
CA ARG J 77 17.02 5.82 5.35
C ARG J 77 16.74 7.26 5.69
N GLU J 78 17.01 7.59 6.94
CA GLU J 78 16.85 8.92 7.50
C GLU J 78 18.01 9.84 7.11
N PRO J 79 17.72 10.98 6.47
CA PRO J 79 18.72 11.96 6.07
C PRO J 79 19.31 12.59 7.34
N MSE J 80 20.64 12.68 7.43
CA MSE J 80 21.25 13.22 8.66
C MSE J 80 22.33 14.28 8.35
O MSE J 80 22.93 14.29 7.27
CB MSE J 80 21.79 12.10 9.54
CG MSE J 80 20.72 11.27 10.19
SE MSE J 80 21.40 9.85 11.35
CE MSE J 80 21.30 10.73 13.11
N VAL J 81 22.58 15.15 9.31
CA VAL J 81 23.63 16.12 9.16
C VAL J 81 24.93 15.57 9.68
N VAL J 82 25.98 15.76 8.92
CA VAL J 82 27.31 15.41 9.40
C VAL J 82 28.30 16.59 9.47
N LEU J 83 28.94 16.69 10.61
CA LEU J 83 29.83 17.85 10.93
C LEU J 83 31.22 17.41 11.33
N GLY J 84 32.23 18.28 11.15
CA GLY J 84 33.52 17.98 11.73
C GLY J 84 33.43 18.26 13.24
N ALA J 85 34.43 17.81 14.00
CA ALA J 85 34.34 17.85 15.46
C ALA J 85 34.34 19.29 16.02
N GLU J 86 34.97 20.19 15.27
CA GLU J 86 35.15 21.59 15.67
C GLU J 86 34.17 22.57 15.04
N HIS J 87 33.19 22.05 14.30
CA HIS J 87 32.13 22.85 13.69
C HIS J 87 31.35 23.65 14.74
N PRO J 88 30.98 24.93 14.42
CA PRO J 88 30.25 25.75 15.38
C PRO J 88 29.01 25.05 15.96
N LEU J 89 28.32 24.21 15.16
CA LEU J 89 27.13 23.46 15.66
C LEU J 89 27.38 22.07 16.25
N ALA J 90 28.64 21.62 16.31
CA ALA J 90 28.96 20.23 16.70
C ALA J 90 28.75 19.92 18.19
N GLY J 91 28.82 20.97 19.00
CA GLY J 91 28.79 20.77 20.44
C GLY J 91 27.46 21.08 21.07
N VAL J 92 26.44 21.31 20.25
CA VAL J 92 25.12 21.55 20.78
C VAL J 92 24.24 20.29 20.71
N ASP J 93 23.81 19.72 21.85
CA ASP J 93 23.07 18.46 21.72
C ASP J 93 21.59 18.58 21.39
N GLY J 94 21.03 17.45 21.02
CA GLY J 94 19.77 17.42 20.29
C GLY J 94 20.03 17.60 18.80
N PRO J 95 18.96 17.49 18.00
CA PRO J 95 19.04 17.70 16.56
C PRO J 95 19.49 19.14 16.22
N VAL J 96 20.03 19.32 15.01
CA VAL J 96 20.43 20.64 14.52
C VAL J 96 19.34 21.13 13.58
N ARG J 97 18.98 22.41 13.71
CA ARG J 97 18.05 22.97 12.77
C ARG J 97 18.76 23.24 11.46
N LEU J 98 18.25 22.64 10.39
CA LEU J 98 18.86 22.80 9.07
C LEU J 98 19.02 24.26 8.71
N ALA J 99 18.02 25.06 9.14
CA ALA J 99 18.00 26.49 8.90
C ALA J 99 19.27 27.17 9.46
N ASP J 100 19.77 26.67 10.60
CA ASP J 100 20.98 27.12 11.32
C ASP J 100 22.26 26.87 10.52
N LEU J 101 22.18 26.10 9.43
CA LEU J 101 23.35 25.77 8.58
C LEU J 101 23.35 26.60 7.28
N ALA J 102 22.25 27.33 7.03
CA ALA J 102 22.12 28.34 5.95
C ALA J 102 23.42 29.04 5.52
N GLU J 103 24.09 29.66 6.50
CA GLU J 103 25.24 30.50 6.19
C GLU J 103 26.61 29.83 6.35
N HIS J 104 26.62 28.56 6.80
CA HIS J 104 27.84 27.74 6.88
C HIS J 104 28.13 27.05 5.54
N PRO J 105 29.42 26.95 5.16
CA PRO J 105 29.75 26.29 3.87
C PRO J 105 29.37 24.80 3.83
N MSE J 106 28.81 24.37 2.72
CA MSE J 106 28.42 22.96 2.65
C MSE J 106 29.40 22.15 1.79
O MSE J 106 29.89 22.61 0.75
CB MSE J 106 27.00 22.84 2.10
CG MSE J 106 26.43 21.42 2.10
SE MSE J 106 24.94 21.22 0.87
CE MSE J 106 24.32 19.42 1.36
N VAL J 107 29.66 20.92 2.18
CA VAL J 107 30.25 19.99 1.24
C VAL J 107 29.09 19.20 0.63
N LEU J 108 28.90 19.29 -0.69
CA LEU J 108 27.71 18.67 -1.31
C LEU J 108 28.06 17.31 -1.90
N LEU J 109 27.27 16.28 -1.55
CA LEU J 109 27.41 14.97 -2.21
C LEU J 109 26.64 15.09 -3.49
N ASP J 110 27.35 15.33 -4.59
CA ASP J 110 26.66 15.55 -5.88
C ASP J 110 26.74 14.19 -6.59
N ALA J 111 25.80 13.32 -6.21
CA ALA J 111 25.69 11.97 -6.71
C ALA J 111 24.18 11.71 -6.91
N PRO J 112 23.60 12.15 -8.07
CA PRO J 112 22.16 11.95 -8.37
C PRO J 112 21.66 10.52 -8.12
N PRO J 113 20.45 10.35 -7.52
CA PRO J 113 19.40 11.30 -7.13
C PRO J 113 19.62 12.05 -5.83
N SER J 114 20.68 11.74 -5.11
CA SER J 114 20.95 12.38 -3.80
C SER J 114 21.05 13.91 -3.82
N THR J 115 21.55 14.45 -4.93
CA THR J 115 21.82 15.89 -5.06
C THR J 115 20.55 16.74 -5.00
N ASN J 116 19.59 16.37 -5.83
CA ASN J 116 18.32 17.05 -5.82
C ASN J 116 17.63 16.78 -4.49
N HIS J 117 17.81 15.59 -3.91
CA HIS J 117 17.22 15.36 -2.61
C HIS J 117 17.72 16.34 -1.55
N ALA J 118 19.04 16.57 -1.50
CA ALA J 118 19.63 17.36 -0.47
C ALA J 118 19.14 18.80 -0.68
N MSE J 119 19.17 19.30 -1.92
CA MSE J 119 18.61 20.61 -2.28
C MSE J 119 17.14 20.76 -1.80
O MSE J 119 16.80 21.76 -1.15
CB MSE J 119 18.69 20.86 -3.78
CG MSE J 119 20.13 20.88 -4.39
SE MSE J 119 21.47 22.07 -3.47
CE MSE J 119 22.63 22.39 -5.05
N ASP J 120 16.32 19.77 -2.13
CA ASP J 120 14.90 19.77 -1.75
C ASP J 120 14.73 19.88 -0.24
N VAL J 121 15.54 19.17 0.54
CA VAL J 121 15.45 19.31 2.00
C VAL J 121 15.93 20.69 2.50
N CYS J 122 16.97 21.23 1.88
CA CYS J 122 17.41 22.61 2.17
C CYS J 122 16.30 23.65 1.84
N ARG J 123 15.76 23.63 0.62
CA ARG J 123 14.56 24.41 0.26
C ARG J 123 13.46 24.34 1.33
N GLU J 124 13.06 23.11 1.67
CA GLU J 124 12.04 22.83 2.67
C GLU J 124 12.41 23.45 4.02
N ALA J 125 13.68 23.83 4.16
CA ALA J 125 14.12 24.54 5.35
C ALA J 125 14.34 26.04 5.08
N GLY J 126 14.01 26.50 3.87
CA GLY J 126 14.09 27.92 3.49
C GLY J 126 15.40 28.46 2.91
N PHE J 127 16.26 27.59 2.36
CA PHE J 127 17.52 28.07 1.76
C PHE J 127 18.07 27.21 0.63
N ALA J 128 18.95 27.84 -0.16
CA ALA J 128 19.86 27.11 -1.05
C ALA J 128 21.27 27.18 -0.42
N PRO J 129 21.91 26.00 -0.20
CA PRO J 129 23.18 25.95 0.54
C PRO J 129 24.30 26.73 -0.16
N ARG J 130 25.19 27.32 0.61
CA ARG J 130 26.47 27.83 0.03
C ARG J 130 27.40 26.63 -0.17
N VAL J 131 27.59 26.19 -1.41
CA VAL J 131 28.30 24.94 -1.70
C VAL J 131 29.74 25.32 -1.97
N ALA J 132 30.61 24.95 -1.03
CA ALA J 132 32.04 25.25 -1.05
C ALA J 132 32.81 24.17 -1.81
N TYR J 133 32.36 22.90 -1.71
CA TYR J 133 33.00 21.77 -2.41
C TYR J 133 31.94 20.78 -2.89
N ARG J 134 32.24 20.06 -3.95
CA ARG J 134 31.27 19.15 -4.55
C ARG J 134 32.04 17.90 -4.82
N THR J 135 31.40 16.75 -4.54
CA THR J 135 32.02 15.48 -4.81
C THR J 135 30.95 14.44 -5.05
N ALA J 136 31.23 13.55 -6.00
CA ALA J 136 30.38 12.42 -6.28
C ALA J 136 30.69 11.26 -5.34
N ASN J 137 31.86 11.28 -4.69
CA ASN J 137 32.40 10.16 -3.91
C ASN J 137 31.99 10.25 -2.43
N PHE J 138 31.26 9.27 -1.90
CA PHE J 138 30.76 9.34 -0.54
C PHE J 138 31.84 9.66 0.52
N GLU J 139 32.99 8.99 0.48
CA GLU J 139 33.97 9.19 1.52
C GLU J 139 34.72 10.47 1.34
N THR J 140 34.86 10.96 0.12
CA THR J 140 35.41 12.30 -0.01
C THR J 140 34.57 13.34 0.75
N ALA J 141 33.24 13.31 0.60
CA ALA J 141 32.37 14.18 1.42
C ALA J 141 32.66 14.07 2.94
N ARG J 142 32.60 12.85 3.46
CA ARG J 142 32.84 12.65 4.91
C ARG J 142 34.21 13.11 5.33
N ALA J 143 35.22 12.82 4.50
CA ALA J 143 36.57 13.18 4.88
C ALA J 143 36.75 14.70 4.88
N PHE J 144 36.16 15.39 3.90
CA PHE J 144 36.24 16.88 3.82
C PHE J 144 35.64 17.49 5.07
N VAL J 145 34.44 16.99 5.38
CA VAL J 145 33.69 17.31 6.60
C VAL J 145 34.48 17.05 7.87
N GLY J 146 35.05 15.86 8.09
CA GLY J 146 35.88 15.61 9.28
C GLY J 146 37.10 16.55 9.40
N ARG J 147 37.62 16.97 8.25
CA ARG J 147 38.75 17.90 8.21
C ARG J 147 38.31 19.34 8.56
N GLY J 148 37.01 19.65 8.49
CA GLY J 148 36.51 21.02 8.71
C GLY J 148 36.29 21.88 7.46
N LEU J 149 36.09 21.23 6.31
CA LEU J 149 35.86 21.96 5.07
C LEU J 149 34.37 22.32 4.89
N GLY J 150 33.53 21.78 5.78
CA GLY J 150 32.11 22.13 5.75
C GLY J 150 31.20 21.14 6.43
N TRP J 151 29.89 21.31 6.26
CA TRP J 151 28.90 20.33 6.71
C TRP J 151 28.29 19.63 5.50
N THR J 152 27.65 18.49 5.71
CA THR J 152 26.97 17.80 4.63
C THR J 152 25.75 17.07 5.10
N LEU J 153 25.04 16.54 4.12
CA LEU J 153 23.78 15.83 4.38
C LEU J 153 23.85 14.48 3.69
N LEU J 154 23.71 13.42 4.49
CA LEU J 154 23.90 12.08 3.93
C LEU J 154 22.78 11.15 4.30
N LEU J 155 22.50 10.24 3.35
CA LEU J 155 21.48 9.20 3.55
C LEU J 155 22.01 7.90 4.17
N GLN J 156 23.33 7.69 4.16
CA GLN J 156 23.89 6.46 4.72
C GLN J 156 24.84 6.84 5.82
N ARG J 157 24.90 6.04 6.88
CA ARG J 157 25.76 6.35 8.04
C ARG J 157 26.67 5.17 8.26
N PRO J 158 27.93 5.29 7.79
CA PRO J 158 28.90 4.25 8.17
C PRO J 158 28.87 4.01 9.69
N ARG J 159 29.02 2.76 10.08
CA ARG J 159 28.91 2.36 11.48
C ARG J 159 29.93 3.06 12.40
N VAL J 160 31.11 3.34 11.89
CA VAL J 160 32.00 4.13 12.75
C VAL J 160 32.23 5.56 12.29
N ASP J 161 32.01 6.49 13.21
CA ASP J 161 32.07 7.93 12.92
C ASP J 161 33.53 8.43 12.81
N VAL J 162 34.22 7.96 11.75
CA VAL J 162 35.60 8.27 11.52
C VAL J 162 35.81 8.32 9.99
N THR J 163 36.77 9.12 9.54
CA THR J 163 37.06 9.19 8.08
C THR J 163 38.31 8.36 7.77
N TYR J 164 38.61 8.23 6.48
CA TYR J 164 39.87 7.61 6.02
C TYR J 164 41.07 8.29 6.64
N GLU J 165 40.93 9.55 7.03
CA GLU J 165 42.07 10.26 7.61
C GLU J 165 42.29 10.00 9.07
N GLY J 166 41.36 9.26 9.71
CA GLY J 166 41.41 9.03 11.14
C GLY J 166 40.77 10.13 11.97
N LEU J 167 39.99 11.03 11.33
CA LEU J 167 39.32 12.14 12.05
C LEU J 167 37.85 11.81 12.34
N PRO J 168 37.29 12.34 13.46
CA PRO J 168 35.91 12.04 13.78
C PRO J 168 34.99 12.84 12.87
N VAL J 169 33.78 12.34 12.68
CA VAL J 169 32.67 13.19 12.26
C VAL J 169 31.59 13.08 13.34
N VAL J 170 30.81 14.13 13.49
CA VAL J 170 29.64 14.17 14.40
C VAL J 170 28.42 14.12 13.50
N VAL J 171 27.59 13.11 13.72
CA VAL J 171 26.41 12.87 12.93
C VAL J 171 25.20 13.28 13.75
N LYS J 172 24.27 14.00 13.16
CA LYS J 172 23.21 14.61 13.93
C LYS J 172 21.88 14.52 13.24
N PRO J 173 20.81 14.10 13.98
CA PRO J 173 19.46 14.16 13.42
C PRO J 173 19.07 15.63 13.07
N ILE J 174 18.14 15.78 12.14
CA ILE J 174 17.64 17.09 11.78
C ILE J 174 16.45 17.37 12.70
N ALA J 175 16.43 18.56 13.31
CA ALA J 175 15.30 19.04 14.13
C ALA J 175 14.04 19.21 13.28
N GLU J 176 12.86 19.18 13.91
CA GLU J 176 11.57 19.31 13.21
C GLU J 176 11.38 20.62 12.39
N PRO J 177 10.73 20.53 11.21
CA PRO J 177 10.19 19.34 10.55
C PRO J 177 11.29 18.48 9.87
N LYS J 178 11.57 17.31 10.46
CA LYS J 178 12.49 16.32 9.92
C LYS J 178 12.04 15.74 8.56
N PRO J 179 12.94 15.76 7.55
CA PRO J 179 12.57 15.18 6.26
C PRO J 179 12.13 13.73 6.38
N ALA J 180 11.22 13.34 5.51
CA ALA J 180 10.87 11.95 5.33
C ALA J 180 12.12 11.15 4.94
N SER J 181 12.16 9.94 5.48
CA SER J 181 13.10 8.87 5.13
C SER J 181 12.96 8.51 3.67
N VAL J 182 14.10 8.18 3.05
CA VAL J 182 14.17 7.79 1.66
C VAL J 182 14.13 6.25 1.59
N ALA J 183 13.23 5.72 0.78
CA ALA J 183 13.16 4.27 0.52
C ALA J 183 14.36 3.79 -0.28
N VAL J 184 14.90 2.65 0.13
CA VAL J 184 15.82 1.90 -0.73
C VAL J 184 14.94 0.77 -1.31
N VAL J 185 15.05 0.52 -2.62
CA VAL J 185 14.17 -0.41 -3.31
CA VAL J 185 14.19 -0.46 -3.26
C VAL J 185 14.97 -1.36 -4.21
N VAL J 186 14.43 -2.54 -4.49
CA VAL J 186 14.95 -3.31 -5.59
C VAL J 186 14.09 -2.90 -6.79
N ALA J 187 14.69 -2.64 -7.95
CA ALA J 187 13.90 -2.12 -9.09
C ALA J 187 14.13 -2.87 -10.40
N TRP J 188 13.11 -2.93 -11.27
CA TRP J 188 13.32 -3.38 -12.66
C TRP J 188 12.36 -2.70 -13.62
N HIS J 189 12.70 -2.72 -14.88
CA HIS J 189 11.77 -2.21 -15.86
C HIS J 189 10.52 -3.08 -15.92
N GLN J 190 9.36 -2.44 -16.00
CA GLN J 190 8.06 -3.11 -16.01
C GLN J 190 7.82 -4.14 -17.13
N GLU J 191 8.51 -3.98 -18.24
CA GLU J 191 8.49 -5.02 -19.28
C GLU J 191 9.30 -6.31 -18.99
N ALA J 192 10.04 -6.34 -17.88
CA ALA J 192 10.93 -7.46 -17.66
C ALA J 192 10.20 -8.74 -17.26
N THR J 193 10.66 -9.87 -17.74
CA THR J 193 10.30 -11.15 -17.12
C THR J 193 11.53 -11.55 -16.33
N LEU J 194 11.31 -11.84 -15.06
CA LEU J 194 12.41 -12.15 -14.13
C LEU J 194 12.64 -13.66 -14.03
N SER J 195 13.91 -14.04 -13.97
CA SER J 195 14.29 -15.44 -13.82
C SER J 195 13.93 -16.01 -12.43
N ARG J 196 14.09 -17.33 -12.28
CA ARG J 196 13.96 -18.01 -11.00
C ARG J 196 15.00 -17.48 -10.00
N VAL J 197 16.24 -17.33 -10.46
CA VAL J 197 17.26 -16.78 -9.58
C VAL J 197 17.01 -15.28 -9.22
N ALA J 198 16.57 -14.44 -10.16
CA ALA J 198 16.22 -13.03 -9.82
C ALA J 198 15.03 -12.95 -8.84
N ARG J 199 13.97 -13.69 -9.10
CA ARG J 199 12.85 -13.83 -8.13
C ARG J 199 13.29 -14.36 -6.78
N ALA J 200 14.14 -15.38 -6.75
CA ALA J 200 14.72 -15.83 -5.48
C ALA J 200 15.46 -14.73 -4.74
N PHE J 201 16.27 -13.95 -5.46
CA PHE J 201 17.02 -12.86 -4.89
C PHE J 201 16.08 -11.88 -4.20
N ILE J 202 15.05 -11.48 -4.94
CA ILE J 202 14.05 -10.57 -4.44
C ILE J 202 13.34 -11.11 -3.18
N ARG J 203 12.96 -12.39 -3.19
CA ARG J 203 12.35 -13.02 -1.98
C ARG J 203 13.34 -13.06 -0.80
N PHE J 204 14.61 -13.34 -1.11
CA PHE J 204 15.69 -13.33 -0.09
C PHE J 204 15.91 -11.99 0.59
N VAL J 205 15.95 -10.92 -0.20
CA VAL J 205 16.30 -9.64 0.34
C VAL J 205 15.16 -8.92 1.06
N THR J 206 13.94 -9.46 0.97
CA THR J 206 12.78 -9.01 1.78
C THR J 206 12.62 -9.86 3.07
N ALA J 207 13.35 -10.99 3.15
CA ALA J 207 13.49 -11.81 4.37
C ALA J 207 13.51 -13.29 4.00
N VAL K 3 4.52 -26.62 -41.73
CA VAL K 3 5.03 -25.58 -40.73
C VAL K 3 5.06 -24.13 -41.27
N ALA K 4 4.31 -23.25 -40.58
CA ALA K 4 4.19 -21.83 -40.95
C ALA K 4 4.13 -20.89 -39.74
N GLY K 5 4.62 -19.68 -39.92
CA GLY K 5 4.65 -18.72 -38.79
C GLY K 5 6.04 -18.19 -38.46
N PRO K 6 6.10 -17.15 -37.59
CA PRO K 6 7.28 -16.49 -37.00
C PRO K 6 8.09 -17.38 -36.08
N ILE K 7 9.40 -17.24 -36.13
CA ILE K 7 10.28 -17.73 -35.08
C ILE K 7 11.34 -16.62 -34.85
N ALA K 8 11.65 -16.33 -33.59
CA ALA K 8 12.61 -15.31 -33.22
C ALA K 8 13.86 -16.07 -32.76
N VAL K 9 14.95 -15.91 -33.51
CA VAL K 9 16.20 -16.63 -33.20
C VAL K 9 17.34 -15.67 -32.87
N GLY K 10 17.94 -15.91 -31.72
CA GLY K 10 18.97 -15.00 -31.18
C GLY K 10 20.26 -15.74 -31.27
N CYS K 11 21.34 -15.00 -31.25
CA CYS K 11 22.66 -15.66 -31.21
C CYS K 11 23.64 -14.62 -30.69
N TYR K 12 24.86 -15.05 -30.33
CA TYR K 12 25.96 -14.11 -30.01
C TYR K 12 26.60 -13.54 -31.30
N PRO K 13 27.10 -12.27 -31.30
CA PRO K 13 27.70 -11.77 -32.52
C PRO K 13 28.70 -12.68 -33.18
N ALA K 14 29.51 -13.43 -32.42
CA ALA K 14 30.57 -14.23 -33.05
C ALA K 14 30.03 -15.43 -33.84
N LEU K 15 28.80 -15.79 -33.54
CA LEU K 15 28.11 -16.86 -34.19
C LEU K 15 27.37 -16.42 -35.45
N GLY K 16 27.05 -15.12 -35.52
CA GLY K 16 26.20 -14.58 -36.60
C GLY K 16 26.69 -14.83 -38.01
N PRO K 17 27.97 -14.56 -38.28
CA PRO K 17 28.48 -14.76 -39.66
C PRO K 17 29.07 -16.11 -39.91
N THR K 18 29.15 -16.90 -38.84
CA THR K 18 29.91 -18.15 -38.88
C THR K 18 29.01 -19.37 -39.02
N ILE K 19 28.02 -19.46 -38.14
CA ILE K 19 27.16 -20.66 -38.01
C ILE K 19 25.80 -20.29 -38.61
N LEU K 20 25.34 -19.06 -38.33
CA LEU K 20 23.96 -18.68 -38.66
C LEU K 20 23.57 -18.55 -40.09
N PRO K 21 24.44 -17.99 -41.00
CA PRO K 21 23.91 -17.90 -42.39
C PRO K 21 23.48 -19.21 -43.08
N SER K 22 24.35 -20.22 -43.12
CA SER K 22 24.00 -21.60 -43.59
C SER K 22 22.76 -22.18 -42.96
N MSE K 23 22.68 -22.03 -41.64
CA MSE K 23 21.59 -22.55 -40.85
C MSE K 23 20.27 -21.94 -41.27
O MSE K 23 19.31 -22.65 -41.61
CB MSE K 23 21.85 -22.23 -39.35
CG MSE K 23 21.00 -23.03 -38.43
SE MSE K 23 21.59 -22.61 -36.63
CE MSE K 23 20.47 -21.08 -36.38
N LEU K 24 20.21 -20.62 -41.26
CA LEU K 24 19.00 -19.91 -41.62
C LEU K 24 18.60 -20.15 -43.07
N TYR K 25 19.57 -20.14 -43.98
CA TYR K 25 19.30 -20.44 -45.37
C TYR K 25 18.66 -21.85 -45.54
N ALA K 26 19.29 -22.89 -45.00
CA ALA K 26 18.78 -24.24 -45.19
C ALA K 26 17.40 -24.38 -44.58
N PHE K 27 17.21 -23.89 -43.35
CA PHE K 27 15.92 -23.99 -42.64
C PHE K 27 14.81 -23.28 -43.40
N THR K 28 15.15 -22.09 -43.84
CA THR K 28 14.22 -21.25 -44.60
C THR K 28 13.87 -21.80 -46.02
N ALA K 29 14.78 -22.55 -46.66
CA ALA K 29 14.52 -23.18 -47.97
C ALA K 29 13.62 -24.39 -47.79
N GLU K 30 13.75 -25.01 -46.63
CA GLU K 30 13.01 -26.21 -46.29
C GLU K 30 11.58 -25.84 -45.86
N TYR K 31 11.46 -24.77 -45.08
CA TYR K 31 10.18 -24.29 -44.58
C TYR K 31 9.86 -22.89 -45.08
N PRO K 32 9.35 -22.79 -46.32
CA PRO K 32 9.08 -21.54 -47.02
C PRO K 32 8.17 -20.58 -46.26
N ARG K 33 7.32 -21.15 -45.42
CA ARG K 33 6.28 -20.44 -44.71
C ARG K 33 6.73 -19.92 -43.34
N ALA K 34 7.94 -20.30 -42.94
CA ALA K 34 8.52 -19.88 -41.65
C ALA K 34 9.09 -18.51 -41.89
N SER K 35 8.94 -17.66 -40.88
CA SER K 35 9.33 -16.28 -41.00
C SER K 35 10.35 -15.98 -39.89
N VAL K 36 11.62 -15.93 -40.21
CA VAL K 36 12.53 -15.79 -39.10
C VAL K 36 12.85 -14.35 -38.74
N GLU K 37 12.76 -14.07 -37.44
CA GLU K 37 13.12 -12.78 -36.92
C GLU K 37 14.48 -13.00 -36.27
N PHE K 38 15.53 -12.54 -36.94
CA PHE K 38 16.91 -12.72 -36.47
C PHE K 38 17.46 -11.62 -35.55
N ARG K 39 17.99 -12.01 -34.40
CA ARG K 39 18.60 -11.03 -33.50
C ARG K 39 20.00 -11.51 -33.03
N GLU K 40 21.03 -10.70 -33.21
CA GLU K 40 22.30 -10.89 -32.47
C GLU K 40 22.30 -10.06 -31.23
N ASP K 41 22.70 -10.62 -30.10
CA ASP K 41 22.90 -9.70 -28.98
C ASP K 41 23.93 -10.23 -28.01
N THR K 42 24.31 -9.39 -27.05
CA THR K 42 25.32 -9.70 -26.05
C THR K 42 24.79 -10.65 -24.97
N GLN K 43 25.68 -11.16 -24.14
CA GLN K 43 25.33 -12.23 -23.20
C GLN K 43 24.04 -11.98 -22.40
N ASN K 44 24.03 -10.95 -21.57
CA ASN K 44 22.88 -10.72 -20.65
C ASN K 44 21.66 -10.27 -21.41
N ARG K 45 21.83 -9.40 -22.40
CA ARG K 45 20.74 -8.95 -23.22
C ARG K 45 20.07 -10.08 -23.96
N LEU K 46 20.84 -11.03 -24.48
CA LEU K 46 20.23 -12.23 -25.10
C LEU K 46 19.49 -13.03 -24.02
N ARG K 47 20.10 -13.22 -22.85
CA ARG K 47 19.44 -13.97 -21.79
C ARG K 47 18.06 -13.35 -21.42
N THR K 48 18.01 -12.05 -21.12
CA THR K 48 16.74 -11.43 -20.64
C THR K 48 15.65 -11.36 -21.72
N GLN K 49 16.06 -11.32 -22.97
CA GLN K 49 15.16 -11.36 -24.11
C GLN K 49 14.56 -12.77 -24.25
N LEU K 50 15.39 -13.81 -24.11
CA LEU K 50 14.85 -15.16 -24.15
C LEU K 50 13.88 -15.39 -22.99
N GLU K 51 14.21 -14.90 -21.80
CA GLU K 51 13.32 -14.94 -20.62
C GLU K 51 11.93 -14.34 -20.87
N GLY K 52 11.84 -13.18 -21.56
CA GLY K 52 10.55 -12.50 -21.76
C GLY K 52 9.77 -12.99 -22.96
N GLY K 53 10.27 -14.01 -23.63
CA GLY K 53 9.57 -14.50 -24.81
C GLY K 53 9.87 -13.64 -26.03
N GLU K 54 10.95 -12.85 -25.99
CA GLU K 54 11.27 -11.99 -27.15
C GLU K 54 12.06 -12.74 -28.20
N LEU K 55 12.68 -13.82 -27.74
CA LEU K 55 13.36 -14.78 -28.57
C LEU K 55 12.76 -16.08 -28.19
N ASP K 56 12.64 -16.97 -29.16
CA ASP K 56 12.08 -18.29 -28.93
C ASP K 56 13.21 -19.33 -28.76
N VAL K 57 14.35 -19.07 -29.41
CA VAL K 57 15.43 -20.03 -29.53
C VAL K 57 16.72 -19.21 -29.63
N ALA K 58 17.84 -19.69 -29.06
CA ALA K 58 19.12 -19.00 -29.20
C ALA K 58 20.20 -20.01 -29.65
N ILE K 59 21.14 -19.55 -30.47
CA ILE K 59 22.33 -20.33 -30.84
C ILE K 59 23.47 -19.67 -30.05
N VAL K 60 24.03 -20.42 -29.11
CA VAL K 60 25.02 -19.87 -28.14
C VAL K 60 26.15 -20.82 -27.85
N TYR K 61 27.20 -20.32 -27.20
CA TYR K 61 28.22 -21.17 -26.63
C TYR K 61 27.67 -21.71 -25.32
N ASP K 62 27.92 -22.99 -25.04
CA ASP K 62 27.50 -23.57 -23.75
C ASP K 62 28.53 -23.18 -22.70
N LEU K 63 28.42 -21.93 -22.26
CA LEU K 63 29.27 -21.35 -21.20
C LEU K 63 28.40 -20.42 -20.43
N ASP K 64 28.33 -20.58 -19.11
CA ASP K 64 27.66 -19.58 -18.27
C ASP K 64 26.16 -19.40 -18.59
N LEU K 65 25.50 -20.48 -19.04
CA LEU K 65 24.08 -20.39 -19.42
C LEU K 65 23.15 -20.56 -18.21
N SER K 66 21.97 -19.93 -18.29
CA SER K 66 20.91 -20.18 -17.33
C SER K 66 20.64 -21.70 -17.22
N PRO K 67 20.48 -22.22 -15.97
CA PRO K 67 20.02 -23.60 -15.87
C PRO K 67 18.59 -23.82 -16.28
N GLU K 68 17.86 -22.77 -16.65
CA GLU K 68 16.48 -22.97 -17.06
C GLU K 68 16.44 -23.18 -18.54
N TRP K 69 17.59 -23.11 -19.19
CA TRP K 69 17.66 -23.42 -20.62
C TRP K 69 17.84 -24.91 -20.90
N GLN K 70 17.00 -25.42 -21.78
CA GLN K 70 17.25 -26.69 -22.41
C GLN K 70 18.24 -26.47 -23.56
N THR K 71 19.20 -27.36 -23.73
CA THR K 71 20.16 -27.17 -24.81
C THR K 71 20.37 -28.47 -25.54
N VAL K 72 20.70 -28.39 -26.84
CA VAL K 72 21.28 -29.53 -27.55
C VAL K 72 22.52 -29.20 -28.43
N PRO K 73 23.62 -29.95 -28.22
CA PRO K 73 24.84 -29.58 -28.90
C PRO K 73 24.70 -29.67 -30.42
N LEU K 74 25.21 -28.63 -31.09
CA LEU K 74 25.21 -28.53 -32.54
C LEU K 74 26.57 -28.91 -33.06
N MSE K 75 27.60 -28.58 -32.26
CA MSE K 75 29.00 -28.84 -32.58
C MSE K 75 29.90 -28.42 -31.44
O MSE K 75 29.49 -27.77 -30.49
CB MSE K 75 29.43 -28.02 -33.78
CG MSE K 75 29.61 -26.56 -33.42
SE MSE K 75 29.48 -25.48 -35.00
CE MSE K 75 31.25 -25.84 -35.80
N THR K 76 31.16 -28.78 -31.60
CA THR K 76 32.15 -28.42 -30.63
C THR K 76 33.28 -27.70 -31.35
N ARG K 77 33.84 -26.68 -30.69
CA ARG K 77 34.86 -25.82 -31.27
C ARG K 77 36.14 -25.81 -30.36
N GLU K 78 37.29 -26.25 -30.89
CA GLU K 78 38.53 -26.12 -30.14
C GLU K 78 39.01 -24.67 -30.26
N PRO K 79 39.44 -24.08 -29.15
CA PRO K 79 40.08 -22.74 -29.24
C PRO K 79 41.42 -22.86 -30.00
N MSE K 80 41.77 -21.87 -30.80
CA MSE K 80 43.03 -21.92 -31.53
CA MSE K 80 43.01 -21.93 -31.54
C MSE K 80 43.75 -20.60 -31.42
O MSE K 80 43.12 -19.57 -31.19
CB MSE K 80 42.82 -22.17 -33.01
CB MSE K 80 42.73 -22.28 -33.01
CG MSE K 80 41.53 -22.80 -33.37
CG MSE K 80 42.41 -23.78 -33.32
SE MSE K 80 40.83 -21.94 -34.97
SE MSE K 80 41.88 -24.03 -35.20
CE MSE K 80 38.96 -22.05 -34.43
CE MSE K 80 43.55 -24.78 -35.84
N VAL K 81 45.06 -20.66 -31.56
CA VAL K 81 45.88 -19.50 -31.61
C VAL K 81 45.82 -18.89 -33.04
N VAL K 82 45.73 -17.55 -33.08
CA VAL K 82 45.93 -16.81 -34.34
C VAL K 82 47.01 -15.73 -34.21
N LEU K 83 47.86 -15.75 -35.24
CA LEU K 83 49.08 -15.01 -35.35
C LEU K 83 49.16 -14.34 -36.73
N GLY K 84 49.86 -13.22 -36.78
CA GLY K 84 50.25 -12.59 -38.06
C GLY K 84 51.30 -13.49 -38.72
N ALA K 85 51.38 -13.42 -40.06
CA ALA K 85 52.29 -14.24 -40.88
C ALA K 85 53.76 -14.24 -40.52
N GLU K 86 54.22 -13.12 -39.96
CA GLU K 86 55.60 -12.93 -39.61
C GLU K 86 55.81 -12.90 -38.08
N HIS K 87 54.82 -13.38 -37.32
CA HIS K 87 55.05 -13.67 -35.90
C HIS K 87 56.18 -14.72 -35.74
N PRO K 88 57.10 -14.56 -34.73
CA PRO K 88 58.07 -15.63 -34.33
C PRO K 88 57.53 -17.09 -34.38
N LEU K 89 56.27 -17.28 -33.99
CA LEU K 89 55.74 -18.64 -33.81
C LEU K 89 55.01 -19.14 -35.04
N ALA K 90 54.77 -18.25 -36.01
CA ALA K 90 53.95 -18.56 -37.19
C ALA K 90 54.55 -19.67 -38.08
N GLY K 91 55.87 -19.72 -38.11
CA GLY K 91 56.57 -20.56 -39.09
C GLY K 91 56.92 -21.97 -38.68
N VAL K 92 56.65 -22.32 -37.42
CA VAL K 92 57.02 -23.60 -36.82
C VAL K 92 55.86 -24.56 -36.92
N ASP K 93 56.11 -25.79 -37.32
CA ASP K 93 55.02 -26.66 -37.66
C ASP K 93 54.52 -27.33 -36.41
N GLY K 94 53.32 -27.91 -36.48
CA GLY K 94 52.71 -28.51 -35.32
C GLY K 94 52.08 -27.46 -34.42
N PRO K 95 51.48 -27.89 -33.31
CA PRO K 95 50.74 -26.95 -32.47
C PRO K 95 51.60 -26.04 -31.58
N VAL K 96 50.98 -24.96 -31.10
CA VAL K 96 51.63 -24.02 -30.20
C VAL K 96 51.47 -24.38 -28.73
N ARG K 97 52.53 -24.17 -27.94
CA ARG K 97 52.45 -24.28 -26.48
C ARG K 97 52.22 -22.88 -26.04
N LEU K 98 51.06 -22.70 -25.45
CA LEU K 98 50.55 -21.35 -25.25
C LEU K 98 51.44 -20.43 -24.38
N ALA K 99 52.12 -21.01 -23.39
CA ALA K 99 53.14 -20.37 -22.55
C ALA K 99 54.30 -19.72 -23.31
N ASP K 100 54.58 -20.22 -24.51
CA ASP K 100 55.56 -19.60 -25.41
C ASP K 100 55.14 -18.17 -25.83
N LEU K 101 53.84 -17.88 -25.74
CA LEU K 101 53.33 -16.55 -26.07
C LEU K 101 53.24 -15.63 -24.87
N ALA K 102 53.54 -16.13 -23.66
CA ALA K 102 53.33 -15.38 -22.43
C ALA K 102 53.93 -13.96 -22.49
N GLU K 103 55.05 -13.80 -23.16
CA GLU K 103 55.68 -12.49 -23.21
C GLU K 103 55.33 -11.62 -24.41
N HIS K 104 54.50 -12.17 -25.32
CA HIS K 104 54.04 -11.45 -26.52
C HIS K 104 52.66 -10.74 -26.27
N PRO K 105 52.49 -9.50 -26.80
CA PRO K 105 51.26 -8.74 -26.62
C PRO K 105 50.04 -9.49 -27.20
N MSE K 106 48.96 -9.50 -26.45
CA MSE K 106 47.73 -10.18 -26.86
C MSE K 106 46.72 -9.13 -27.27
O MSE K 106 46.70 -8.05 -26.68
CB MSE K 106 47.12 -10.95 -25.70
CG MSE K 106 46.01 -11.95 -26.19
SE MSE K 106 44.94 -12.62 -24.62
CE MSE K 106 46.26 -13.82 -23.90
N VAL K 107 45.86 -9.49 -28.24
CA VAL K 107 44.69 -8.71 -28.59
C VAL K 107 43.54 -9.58 -28.08
N LEU K 108 42.86 -9.13 -27.04
CA LEU K 108 41.82 -9.94 -26.43
C LEU K 108 40.46 -9.71 -27.10
N LEU K 109 39.73 -10.78 -27.46
CA LEU K 109 38.34 -10.64 -27.88
C LEU K 109 37.53 -10.62 -26.59
N ASP K 110 37.11 -9.43 -26.20
CA ASP K 110 36.43 -9.30 -24.97
C ASP K 110 34.94 -9.28 -25.32
N ALA K 111 34.41 -10.48 -25.49
CA ALA K 111 33.04 -10.69 -25.84
C ALA K 111 32.45 -11.83 -24.99
N PRO K 112 31.99 -11.53 -23.75
CA PRO K 112 31.44 -12.65 -22.94
C PRO K 112 30.36 -13.51 -23.65
N PRO K 113 30.39 -14.84 -23.44
CA PRO K 113 31.21 -15.58 -22.45
C PRO K 113 32.61 -15.98 -22.97
N SER K 114 32.96 -15.54 -24.18
CA SER K 114 34.33 -15.75 -24.72
C SER K 114 35.51 -15.33 -23.88
N THR K 115 35.43 -14.16 -23.25
CA THR K 115 36.55 -13.58 -22.56
C THR K 115 37.02 -14.50 -21.43
N ASN K 116 36.07 -14.87 -20.56
CA ASN K 116 36.37 -15.72 -19.45
C ASN K 116 36.96 -17.03 -19.91
N HIS K 117 36.43 -17.59 -21.00
CA HIS K 117 36.94 -18.88 -21.44
C HIS K 117 38.43 -18.71 -21.86
N ALA K 118 38.71 -17.64 -22.60
CA ALA K 118 40.09 -17.33 -23.02
C ALA K 118 41.07 -17.14 -21.86
N MSE K 119 40.64 -16.43 -20.81
CA MSE K 119 41.42 -16.26 -19.60
C MSE K 119 41.69 -17.59 -18.88
O MSE K 119 42.79 -17.77 -18.31
CB MSE K 119 40.78 -15.19 -18.71
CG MSE K 119 40.64 -13.79 -19.42
SE MSE K 119 42.47 -13.06 -19.93
CE MSE K 119 42.65 -13.76 -21.70
N ASP K 120 40.76 -18.54 -18.95
CA ASP K 120 40.94 -19.84 -18.34
C ASP K 120 41.90 -20.71 -19.10
N VAL K 121 41.84 -20.66 -20.43
CA VAL K 121 42.84 -21.37 -21.25
C VAL K 121 44.27 -20.90 -20.86
N CYS K 122 44.48 -19.57 -20.78
CA CYS K 122 45.73 -18.99 -20.35
C CYS K 122 46.09 -19.44 -18.97
N ARG K 123 45.13 -19.38 -18.08
CA ARG K 123 45.36 -19.74 -16.69
C ARG K 123 45.75 -21.22 -16.58
N GLU K 124 45.13 -22.09 -17.39
CA GLU K 124 45.56 -23.52 -17.48
C GLU K 124 47.00 -23.69 -17.95
N ALA K 125 47.39 -22.80 -18.87
CA ALA K 125 48.71 -22.76 -19.43
C ALA K 125 49.74 -22.09 -18.53
N GLY K 126 49.31 -21.65 -17.33
CA GLY K 126 50.26 -21.15 -16.35
C GLY K 126 50.72 -19.69 -16.55
N PHE K 127 49.92 -18.88 -17.23
CA PHE K 127 50.33 -17.47 -17.29
C PHE K 127 49.17 -16.50 -17.41
N ALA K 128 49.52 -15.23 -17.19
CA ALA K 128 48.60 -14.14 -17.47
C ALA K 128 49.12 -13.39 -18.69
N PRO K 129 48.28 -13.27 -19.70
CA PRO K 129 48.68 -12.56 -20.88
C PRO K 129 48.79 -11.08 -20.64
N ARG K 130 49.73 -10.47 -21.36
CA ARG K 130 49.80 -9.03 -21.44
C ARG K 130 48.88 -8.52 -22.57
N VAL K 131 47.77 -7.90 -22.20
CA VAL K 131 46.73 -7.55 -23.15
C VAL K 131 47.04 -6.13 -23.66
N ALA K 132 47.38 -6.02 -24.93
CA ALA K 132 47.78 -4.78 -25.56
C ALA K 132 46.54 -4.08 -26.08
N TYR K 133 45.57 -4.86 -26.58
CA TYR K 133 44.29 -4.32 -27.12
C TYR K 133 43.15 -5.22 -26.82
N ARG K 134 41.97 -4.61 -26.61
CA ARG K 134 40.71 -5.33 -26.39
C ARG K 134 39.70 -4.89 -27.39
N THR K 135 38.83 -5.81 -27.83
CA THR K 135 37.74 -5.48 -28.73
C THR K 135 36.58 -6.46 -28.53
N ALA K 136 35.34 -6.04 -28.73
CA ALA K 136 34.14 -6.93 -28.69
C ALA K 136 33.89 -7.56 -30.07
N ASN K 137 34.65 -7.10 -31.05
CA ASN K 137 34.34 -7.41 -32.47
C ASN K 137 35.35 -8.40 -33.03
N PHE K 138 34.85 -9.53 -33.48
CA PHE K 138 35.66 -10.67 -33.95
C PHE K 138 36.65 -10.26 -35.03
N GLU K 139 36.18 -9.51 -36.03
CA GLU K 139 37.05 -9.13 -37.13
C GLU K 139 38.11 -8.10 -36.73
N THR K 140 37.77 -7.24 -35.79
CA THR K 140 38.82 -6.35 -35.29
C THR K 140 39.95 -7.13 -34.62
N ALA K 141 39.62 -8.15 -33.86
CA ALA K 141 40.67 -8.98 -33.30
C ALA K 141 41.56 -9.61 -34.39
N ARG K 142 40.95 -10.23 -35.38
CA ARG K 142 41.71 -10.95 -36.41
C ARG K 142 42.55 -9.92 -37.19
N ALA K 143 41.95 -8.78 -37.52
CA ALA K 143 42.65 -7.73 -38.28
C ALA K 143 43.87 -7.12 -37.54
N PHE K 144 43.67 -6.83 -36.25
CA PHE K 144 44.79 -6.37 -35.39
C PHE K 144 45.95 -7.36 -35.37
N VAL K 145 45.59 -8.62 -35.22
CA VAL K 145 46.57 -9.71 -35.22
C VAL K 145 47.25 -9.83 -36.63
N GLY K 146 46.47 -9.89 -37.70
CA GLY K 146 47.03 -9.91 -39.09
C GLY K 146 48.03 -8.79 -39.29
N ARG K 147 47.72 -7.64 -38.75
CA ARG K 147 48.58 -6.48 -38.95
C ARG K 147 49.85 -6.59 -38.13
N GLY K 148 49.83 -7.32 -36.99
CA GLY K 148 51.03 -7.38 -36.19
C GLY K 148 50.89 -6.83 -34.77
N LEU K 149 49.67 -6.50 -34.33
CA LEU K 149 49.49 -5.82 -33.00
C LEU K 149 49.47 -6.80 -31.81
N GLY K 150 49.31 -8.09 -32.10
CA GLY K 150 49.39 -9.09 -31.08
C GLY K 150 48.97 -10.43 -31.62
N TRP K 151 48.72 -11.38 -30.71
CA TRP K 151 48.24 -12.73 -31.09
C TRP K 151 46.91 -12.83 -30.45
N THR K 152 46.04 -13.74 -30.88
CA THR K 152 44.79 -13.84 -30.13
C THR K 152 44.38 -15.32 -30.02
N LEU K 153 43.28 -15.58 -29.35
CA LEU K 153 42.79 -16.93 -29.21
C LEU K 153 41.32 -16.85 -29.61
N LEU K 154 40.88 -17.69 -30.55
CA LEU K 154 39.52 -17.61 -31.07
C LEU K 154 38.86 -18.97 -31.11
N LEU K 155 37.53 -18.93 -31.06
CA LEU K 155 36.70 -20.15 -31.08
C LEU K 155 36.18 -20.55 -32.46
N GLN K 156 36.04 -19.60 -33.37
CA GLN K 156 35.62 -19.89 -34.74
C GLN K 156 36.78 -19.58 -35.68
N ARG K 157 36.74 -20.23 -36.84
CA ARG K 157 37.75 -20.00 -37.85
C ARG K 157 37.08 -19.67 -39.20
N PRO K 158 37.09 -18.38 -39.57
CA PRO K 158 36.71 -17.96 -40.94
C PRO K 158 37.38 -18.87 -41.98
N ARG K 159 36.65 -19.20 -43.04
CA ARG K 159 37.18 -20.17 -43.99
C ARG K 159 38.41 -19.65 -44.76
N VAL K 160 38.50 -18.36 -44.99
CA VAL K 160 39.72 -17.86 -45.67
C VAL K 160 40.57 -17.11 -44.65
N ASP K 161 41.86 -17.41 -44.60
CA ASP K 161 42.76 -16.93 -43.53
C ASP K 161 43.36 -15.54 -43.83
N VAL K 162 42.46 -14.61 -44.15
CA VAL K 162 42.77 -13.30 -44.61
C VAL K 162 41.84 -12.35 -43.88
N THR K 163 42.34 -11.17 -43.49
CA THR K 163 41.56 -10.18 -42.75
C THR K 163 40.99 -9.14 -43.68
N TYR K 164 40.17 -8.24 -43.11
CA TYR K 164 39.63 -7.10 -43.83
C TYR K 164 40.64 -6.17 -44.48
N GLU K 165 41.88 -6.21 -44.01
CA GLU K 165 42.96 -5.44 -44.65
C GLU K 165 43.59 -6.24 -45.80
N GLY K 166 43.17 -7.50 -45.92
CA GLY K 166 43.79 -8.42 -46.84
C GLY K 166 45.08 -9.10 -46.39
N LEU K 167 45.37 -9.08 -45.10
CA LEU K 167 46.64 -9.59 -44.61
C LEU K 167 46.42 -11.00 -44.13
N PRO K 168 47.38 -11.89 -44.37
CA PRO K 168 47.13 -13.27 -43.94
C PRO K 168 47.22 -13.40 -42.39
N VAL K 169 46.45 -14.35 -41.85
CA VAL K 169 46.66 -14.84 -40.49
C VAL K 169 47.05 -16.30 -40.50
N VAL K 170 47.84 -16.71 -39.51
CA VAL K 170 48.30 -18.09 -39.30
C VAL K 170 47.49 -18.66 -38.11
N VAL K 171 46.70 -19.72 -38.32
CA VAL K 171 45.85 -20.27 -37.28
C VAL K 171 46.47 -21.61 -36.80
N LYS K 172 46.77 -21.72 -35.51
CA LYS K 172 47.39 -22.95 -35.04
C LYS K 172 46.62 -23.58 -33.88
N PRO K 173 46.65 -24.92 -33.79
CA PRO K 173 46.07 -25.58 -32.60
C PRO K 173 47.01 -25.44 -31.37
N ILE K 174 46.47 -25.63 -30.17
CA ILE K 174 47.14 -25.43 -28.91
C ILE K 174 47.44 -26.80 -28.24
N ALA K 175 48.63 -27.00 -27.69
CA ALA K 175 48.99 -28.33 -27.18
C ALA K 175 49.48 -28.52 -25.77
N GLU K 176 49.93 -27.53 -25.03
CA GLU K 176 50.47 -28.03 -23.70
C GLU K 176 49.95 -27.37 -22.43
N PRO K 177 48.72 -27.74 -22.01
CA PRO K 177 47.81 -28.82 -22.44
C PRO K 177 46.94 -28.57 -23.68
N LYS K 178 46.21 -29.58 -24.13
CA LYS K 178 45.15 -29.38 -25.12
C LYS K 178 43.98 -28.72 -24.40
N PRO K 179 43.54 -27.56 -24.91
CA PRO K 179 42.42 -26.92 -24.26
C PRO K 179 41.12 -27.67 -24.50
N ALA K 180 40.14 -27.55 -23.61
CA ALA K 180 38.84 -28.23 -23.87
C ALA K 180 38.06 -27.54 -25.00
N SER K 181 37.28 -28.33 -25.75
CA SER K 181 36.42 -27.77 -26.79
C SER K 181 35.28 -26.98 -26.13
N VAL K 182 34.69 -26.07 -26.91
CA VAL K 182 33.51 -25.38 -26.50
C VAL K 182 32.36 -25.84 -27.37
N ALA K 183 31.25 -26.22 -26.74
CA ALA K 183 30.06 -26.60 -27.47
C ALA K 183 29.25 -25.37 -27.90
N VAL K 184 28.80 -25.36 -29.15
CA VAL K 184 27.74 -24.46 -29.60
C VAL K 184 26.47 -25.29 -29.53
N VAL K 185 25.44 -24.73 -28.92
CA VAL K 185 24.17 -25.43 -28.68
C VAL K 185 23.01 -24.61 -29.30
N VAL K 186 21.88 -25.26 -29.58
CA VAL K 186 20.61 -24.52 -29.74
C VAL K 186 19.97 -24.58 -28.30
N ALA K 187 19.46 -23.46 -27.79
CA ALA K 187 18.89 -23.41 -26.45
C ALA K 187 17.49 -22.80 -26.47
N TRP K 188 16.67 -23.11 -25.45
CA TRP K 188 15.34 -22.52 -25.30
C TRP K 188 14.92 -22.62 -23.83
N HIS K 189 13.90 -21.88 -23.45
CA HIS K 189 13.61 -21.83 -22.03
C HIS K 189 12.72 -23.04 -21.73
N GLN K 190 12.98 -23.73 -20.63
CA GLN K 190 12.18 -24.92 -20.26
C GLN K 190 10.71 -24.62 -19.86
N GLU K 191 10.39 -23.35 -19.57
CA GLU K 191 9.05 -22.91 -19.19
C GLU K 191 8.29 -22.40 -20.44
N ALA K 192 9.01 -22.34 -21.58
CA ALA K 192 8.48 -21.89 -22.87
C ALA K 192 7.53 -22.91 -23.47
N THR K 193 6.56 -22.40 -24.22
CA THR K 193 5.73 -23.31 -24.99
C THR K 193 6.16 -23.14 -26.43
N LEU K 194 6.79 -24.18 -26.96
CA LEU K 194 7.41 -24.04 -28.25
C LEU K 194 6.33 -24.15 -29.30
N SER K 195 6.35 -23.19 -30.23
CA SER K 195 5.50 -23.26 -31.36
C SER K 195 5.94 -24.41 -32.26
N ARG K 196 5.04 -24.79 -33.16
CA ARG K 196 5.28 -25.68 -34.27
C ARG K 196 6.53 -25.22 -35.08
N VAL K 197 6.66 -23.93 -35.34
CA VAL K 197 7.79 -23.48 -36.17
C VAL K 197 9.09 -23.71 -35.39
N ALA K 198 9.06 -23.44 -34.09
CA ALA K 198 10.27 -23.50 -33.25
C ALA K 198 10.71 -24.96 -32.98
N ARG K 199 9.73 -25.82 -32.76
CA ARG K 199 9.96 -27.27 -32.73
C ARG K 199 10.62 -27.77 -34.02
N ALA K 200 10.04 -27.40 -35.18
CA ALA K 200 10.63 -27.69 -36.52
C ALA K 200 12.07 -27.17 -36.58
N PHE K 201 12.25 -25.97 -36.08
CA PHE K 201 13.60 -25.36 -36.09
C PHE K 201 14.62 -26.19 -35.29
N ILE K 202 14.26 -26.56 -34.07
CA ILE K 202 15.14 -27.30 -33.17
C ILE K 202 15.48 -28.64 -33.82
N ARG K 203 14.49 -29.39 -34.27
CA ARG K 203 14.69 -30.70 -34.88
C ARG K 203 15.49 -30.56 -36.19
N PHE K 204 15.21 -29.51 -36.94
CA PHE K 204 15.91 -29.30 -38.18
C PHE K 204 17.39 -29.06 -38.00
N VAL K 205 17.77 -28.27 -37.01
CA VAL K 205 19.19 -27.89 -36.88
C VAL K 205 19.96 -28.96 -36.10
N THR K 206 19.24 -29.79 -35.36
CA THR K 206 19.92 -30.82 -34.58
C THR K 206 20.03 -32.15 -35.35
N ALA K 207 19.46 -32.27 -36.56
CA ALA K 207 19.44 -33.53 -37.31
C ALA K 207 20.84 -33.93 -37.82
N VAL L 3 58.21 11.35 -29.56
CA VAL L 3 56.74 11.48 -29.09
C VAL L 3 56.29 10.33 -28.19
N ALA L 4 55.73 10.72 -27.05
CA ALA L 4 55.55 9.83 -25.93
C ALA L 4 54.35 10.30 -25.11
N GLY L 5 53.64 9.34 -24.50
CA GLY L 5 52.46 9.63 -23.69
C GLY L 5 51.20 8.95 -24.15
N PRO L 6 50.13 9.05 -23.35
CA PRO L 6 48.87 8.46 -23.68
C PRO L 6 48.02 9.25 -24.64
N ILE L 7 47.21 8.49 -25.39
CA ILE L 7 46.23 9.01 -26.28
C ILE L 7 45.12 7.97 -26.29
N ALA L 8 43.85 8.42 -26.23
CA ALA L 8 42.72 7.50 -26.35
C ALA L 8 42.05 7.71 -27.70
N VAL L 9 42.03 6.64 -28.48
CA VAL L 9 41.51 6.72 -29.83
C VAL L 9 40.23 5.87 -29.91
N GLY L 10 39.13 6.44 -30.40
CA GLY L 10 37.96 5.59 -30.57
C GLY L 10 37.51 5.54 -31.99
N CYS L 11 36.62 4.63 -32.32
CA CYS L 11 36.08 4.54 -33.68
C CYS L 11 34.82 3.73 -33.66
N TYR L 12 34.06 3.78 -34.77
CA TYR L 12 32.91 2.89 -34.94
C TYR L 12 33.37 1.48 -35.22
N PRO L 13 32.59 0.49 -34.78
CA PRO L 13 32.99 -0.87 -35.02
C PRO L 13 33.38 -1.21 -36.49
N ALA L 14 32.65 -0.68 -37.47
CA ALA L 14 32.91 -0.98 -38.87
C ALA L 14 34.29 -0.52 -39.32
N LEU L 15 34.87 0.47 -38.62
CA LEU L 15 36.15 1.10 -39.05
C LEU L 15 37.34 0.43 -38.32
N GLY L 16 37.03 -0.31 -37.26
CA GLY L 16 38.04 -0.94 -36.39
C GLY L 16 38.93 -1.87 -37.18
N PRO L 17 38.34 -2.75 -38.00
CA PRO L 17 39.13 -3.70 -38.82
C PRO L 17 39.68 -3.15 -40.11
N THR L 18 39.04 -2.14 -40.68
CA THR L 18 39.40 -1.71 -42.02
C THR L 18 40.44 -0.61 -42.02
N ILE L 19 40.34 0.29 -41.07
CA ILE L 19 41.12 1.52 -41.07
C ILE L 19 42.16 1.49 -39.92
N LEU L 20 41.70 1.09 -38.75
CA LEU L 20 42.52 1.27 -37.53
C LEU L 20 43.75 0.38 -37.38
N PRO L 21 43.78 -0.88 -37.90
CA PRO L 21 44.97 -1.66 -37.56
C PRO L 21 46.25 -1.09 -38.17
N SER L 22 46.28 -0.78 -39.49
CA SER L 22 47.50 -0.22 -40.07
C SER L 22 47.86 1.11 -39.42
N MSE L 23 46.85 1.92 -39.11
CA MSE L 23 47.12 3.20 -38.45
C MSE L 23 47.84 3.03 -37.10
O MSE L 23 48.90 3.62 -36.88
CB MSE L 23 45.82 3.95 -38.19
CG MSE L 23 45.47 4.99 -39.12
SE MSE L 23 43.80 5.82 -38.41
CE MSE L 23 44.15 5.43 -36.59
N LEU L 24 47.22 2.24 -36.22
CA LEU L 24 47.72 1.99 -34.90
C LEU L 24 49.08 1.33 -34.95
N TYR L 25 49.29 0.42 -35.91
CA TYR L 25 50.55 -0.32 -35.94
C TYR L 25 51.66 0.60 -36.41
N ALA L 26 51.38 1.36 -37.47
CA ALA L 26 52.41 2.22 -38.05
C ALA L 26 52.77 3.30 -37.00
N PHE L 27 51.73 3.85 -36.35
CA PHE L 27 51.97 4.88 -35.30
C PHE L 27 52.75 4.40 -34.11
N THR L 28 52.35 3.27 -33.51
CA THR L 28 53.12 2.76 -32.38
C THR L 28 54.52 2.19 -32.75
N ALA L 29 54.72 1.79 -34.01
CA ALA L 29 56.03 1.36 -34.47
C ALA L 29 56.94 2.60 -34.61
N GLU L 30 56.40 3.69 -35.12
CA GLU L 30 57.13 4.97 -35.19
C GLU L 30 57.46 5.57 -33.80
N TYR L 31 56.47 5.55 -32.90
CA TYR L 31 56.61 6.19 -31.63
C TYR L 31 56.40 5.15 -30.54
N PRO L 32 57.43 4.31 -30.24
CA PRO L 32 57.29 3.23 -29.23
C PRO L 32 56.87 3.68 -27.83
N ARG L 33 57.03 4.98 -27.49
CA ARG L 33 56.58 5.43 -26.16
C ARG L 33 55.18 6.06 -26.10
N ALA L 34 54.48 6.11 -27.25
CA ALA L 34 53.07 6.50 -27.25
C ALA L 34 52.26 5.33 -26.75
N SER L 35 51.40 5.50 -25.73
CA SER L 35 50.50 4.39 -25.31
C SER L 35 49.08 4.69 -25.78
N VAL L 36 48.66 3.96 -26.79
CA VAL L 36 47.31 4.14 -27.25
C VAL L 36 46.27 3.27 -26.56
N GLU L 37 45.29 3.97 -25.99
CA GLU L 37 44.10 3.29 -25.50
C GLU L 37 43.08 3.26 -26.64
N PHE L 38 42.64 2.08 -27.05
CA PHE L 38 41.79 2.01 -28.19
C PHE L 38 40.38 1.55 -27.83
N ARG L 39 39.35 2.24 -28.35
CA ARG L 39 37.97 1.88 -28.01
C ARG L 39 37.11 1.90 -29.24
N GLU L 40 36.28 0.90 -29.44
CA GLU L 40 35.25 1.09 -30.42
C GLU L 40 33.90 1.24 -29.80
N ASP L 41 33.07 2.12 -30.40
CA ASP L 41 31.74 2.34 -29.86
C ASP L 41 30.73 2.85 -30.84
N THR L 42 29.46 2.77 -30.41
CA THR L 42 28.33 3.25 -31.17
C THR L 42 28.39 4.74 -31.46
N GLN L 43 27.59 5.17 -32.44
CA GLN L 43 27.45 6.58 -32.73
C GLN L 43 27.35 7.51 -31.48
N ASN L 44 26.32 7.33 -30.67
CA ASN L 44 26.05 8.25 -29.60
C ASN L 44 26.95 8.01 -28.43
N ARG L 45 27.39 6.77 -28.20
CA ARG L 45 28.28 6.55 -27.08
C ARG L 45 29.62 7.19 -27.38
N LEU L 46 30.05 7.09 -28.63
CA LEU L 46 31.34 7.62 -29.03
C LEU L 46 31.29 9.15 -28.94
N ARG L 47 30.15 9.72 -29.26
CA ARG L 47 29.99 11.15 -29.22
C ARG L 47 30.09 11.62 -27.74
N THR L 48 29.46 10.87 -26.84
CA THR L 48 29.46 11.22 -25.41
C THR L 48 30.86 11.12 -24.87
N GLN L 49 31.60 10.08 -25.29
CA GLN L 49 32.95 9.90 -24.81
C GLN L 49 33.95 10.93 -25.39
N LEU L 50 33.77 11.33 -26.64
CA LEU L 50 34.67 12.31 -27.21
C LEU L 50 34.43 13.71 -26.55
N GLU L 51 33.17 14.09 -26.41
CA GLU L 51 32.77 15.39 -25.89
C GLU L 51 33.07 15.45 -24.37
N GLY L 52 32.97 14.30 -23.71
CA GLY L 52 33.17 14.23 -22.28
C GLY L 52 34.63 14.18 -21.90
N GLY L 53 35.56 14.12 -22.86
CA GLY L 53 36.99 14.02 -22.48
C GLY L 53 37.57 12.64 -22.30
N GLU L 54 36.80 11.60 -22.66
CA GLU L 54 37.25 10.23 -22.45
C GLU L 54 38.04 9.74 -23.62
N LEU L 55 37.87 10.35 -24.79
CA LEU L 55 38.69 10.11 -25.97
C LEU L 55 39.31 11.43 -26.43
N ASP L 56 40.47 11.33 -27.08
CA ASP L 56 41.14 12.49 -27.73
C ASP L 56 40.72 12.69 -29.19
N VAL L 57 40.64 11.58 -29.94
CA VAL L 57 40.21 11.58 -31.35
C VAL L 57 39.28 10.39 -31.65
N ALA L 58 38.54 10.48 -32.76
CA ALA L 58 37.69 9.36 -33.12
C ALA L 58 37.78 9.17 -34.63
N ILE L 59 37.77 7.96 -35.10
CA ILE L 59 37.79 7.76 -36.56
C ILE L 59 36.32 7.39 -36.84
N VAL L 60 35.64 8.21 -37.62
CA VAL L 60 34.16 8.13 -37.81
C VAL L 60 33.84 8.38 -39.29
N TYR L 61 32.65 7.99 -39.74
CA TYR L 61 32.16 8.35 -41.06
C TYR L 61 31.79 9.80 -40.96
N ASP L 62 32.00 10.59 -42.01
CA ASP L 62 31.49 11.97 -41.97
C ASP L 62 29.98 12.05 -42.36
N LEU L 63 29.12 11.55 -41.45
CA LEU L 63 27.67 11.54 -41.60
C LEU L 63 27.11 11.89 -40.23
N ASP L 64 26.21 12.86 -40.20
CA ASP L 64 25.44 13.14 -38.99
C ASP L 64 26.28 13.71 -37.87
N LEU L 65 27.42 14.30 -38.20
CA LEU L 65 28.40 14.71 -37.20
C LEU L 65 28.01 16.08 -36.66
N SER L 66 28.19 16.30 -35.36
CA SER L 66 28.02 17.64 -34.78
C SER L 66 28.89 18.67 -35.52
N PRO L 67 28.38 19.90 -35.75
CA PRO L 67 29.18 21.06 -36.25
C PRO L 67 30.31 21.51 -35.31
N GLU L 68 30.22 21.19 -34.03
CA GLU L 68 31.29 21.45 -33.04
C GLU L 68 32.54 20.58 -33.19
N TRP L 69 32.51 19.64 -34.13
CA TRP L 69 33.63 18.73 -34.32
C TRP L 69 34.50 19.22 -35.50
N GLN L 70 35.82 19.25 -35.34
CA GLN L 70 36.76 19.47 -36.45
C GLN L 70 37.15 18.12 -37.01
N THR L 71 37.52 18.06 -38.28
CA THR L 71 37.79 16.77 -38.90
C THR L 71 38.82 16.96 -39.98
N VAL L 72 39.52 15.86 -40.30
CA VAL L 72 40.29 15.79 -41.52
C VAL L 72 39.84 14.52 -42.26
N PRO L 73 39.66 14.57 -43.60
CA PRO L 73 39.29 13.33 -44.27
C PRO L 73 40.52 12.43 -44.50
N LEU L 74 40.36 11.16 -44.22
CA LEU L 74 41.30 10.12 -44.55
C LEU L 74 41.14 9.51 -45.93
N MSE L 75 39.89 9.45 -46.42
CA MSE L 75 39.51 8.79 -47.66
C MSE L 75 38.01 9.04 -47.85
O MSE L 75 37.30 9.39 -46.91
CB MSE L 75 39.71 7.27 -47.56
CG MSE L 75 39.17 6.73 -46.29
SE MSE L 75 38.34 5.04 -46.58
CE MSE L 75 39.93 4.10 -47.13
N THR L 76 37.56 8.83 -49.07
CA THR L 76 36.18 9.02 -49.40
C THR L 76 35.79 7.92 -50.36
N ARG L 77 34.59 7.39 -50.21
CA ARG L 77 34.10 6.51 -51.25
C ARG L 77 32.61 6.41 -51.35
N GLU L 78 32.21 6.03 -52.55
CA GLU L 78 30.82 5.86 -52.90
C GLU L 78 30.31 4.64 -52.23
N PRO L 79 29.09 4.72 -51.70
CA PRO L 79 28.43 3.50 -51.17
C PRO L 79 28.22 2.49 -52.26
N MSE L 80 28.20 1.23 -51.87
CA MSE L 80 28.09 0.20 -52.87
C MSE L 80 27.04 -0.86 -52.53
O MSE L 80 26.66 -1.04 -51.35
CB MSE L 80 29.48 -0.39 -53.21
CG MSE L 80 30.12 -1.27 -52.17
SE MSE L 80 32.07 -0.79 -52.04
CE MSE L 80 31.87 0.48 -50.57
N VAL L 81 26.55 -1.49 -53.59
CA VAL L 81 25.67 -2.62 -53.44
C VAL L 81 26.46 -3.88 -53.36
N VAL L 82 26.05 -4.76 -52.50
CA VAL L 82 26.73 -6.04 -52.41
C VAL L 82 25.74 -7.20 -52.49
N LEU L 83 26.10 -8.18 -53.33
CA LEU L 83 25.25 -9.23 -53.78
C LEU L 83 25.97 -10.57 -53.51
N GLY L 84 25.20 -11.63 -53.26
CA GLY L 84 25.64 -13.02 -53.32
C GLY L 84 25.77 -13.43 -54.78
N ALA L 85 26.53 -14.48 -55.03
CA ALA L 85 26.84 -14.83 -56.41
C ALA L 85 25.67 -15.54 -57.12
N GLU L 86 24.71 -16.05 -56.34
CA GLU L 86 23.41 -16.51 -56.82
C GLU L 86 22.41 -15.40 -57.21
N HIS L 87 22.58 -14.17 -56.72
CA HIS L 87 21.64 -13.11 -57.07
C HIS L 87 21.52 -12.95 -58.59
N PRO L 88 20.30 -12.66 -59.13
CA PRO L 88 20.17 -12.53 -60.58
C PRO L 88 21.04 -11.46 -61.24
N LEU L 89 21.51 -10.48 -60.47
CA LEU L 89 22.27 -9.36 -61.03
C LEU L 89 23.78 -9.54 -60.83
N ALA L 90 24.18 -10.62 -60.15
CA ALA L 90 25.60 -10.87 -59.85
C ALA L 90 26.41 -10.84 -61.14
N GLY L 91 25.87 -11.47 -62.18
CA GLY L 91 26.61 -11.69 -63.40
C GLY L 91 26.30 -10.71 -64.51
N VAL L 92 25.72 -9.57 -64.15
CA VAL L 92 25.26 -8.59 -65.12
C VAL L 92 26.21 -7.39 -65.13
N ASP L 93 26.61 -7.01 -66.35
CA ASP L 93 27.53 -5.92 -66.54
C ASP L 93 26.98 -4.63 -66.05
N GLY L 94 27.86 -3.82 -65.50
CA GLY L 94 27.54 -2.44 -65.31
C GLY L 94 27.17 -2.21 -63.88
N PRO L 95 26.88 -0.97 -63.50
CA PRO L 95 26.53 -0.75 -62.12
C PRO L 95 25.07 -1.18 -61.92
N VAL L 96 24.69 -1.30 -60.64
CA VAL L 96 23.35 -1.71 -60.28
C VAL L 96 22.48 -0.51 -60.03
N ARG L 97 21.32 -0.56 -60.65
CA ARG L 97 20.37 0.46 -60.43
C ARG L 97 19.52 -0.01 -59.22
N LEU L 98 19.52 0.82 -58.18
CA LEU L 98 18.94 0.44 -56.89
C LEU L 98 17.53 -0.02 -56.97
N ALA L 99 16.73 0.71 -57.76
CA ALA L 99 15.35 0.39 -58.03
C ALA L 99 15.12 -1.08 -58.45
N ASP L 100 16.07 -1.69 -59.14
CA ASP L 100 15.91 -3.10 -59.54
C ASP L 100 15.93 -4.04 -58.33
N LEU L 101 16.37 -3.53 -57.17
CA LEU L 101 16.44 -4.39 -55.96
C LEU L 101 15.28 -4.14 -54.98
N ALA L 102 14.43 -3.15 -55.31
CA ALA L 102 13.26 -2.73 -54.50
C ALA L 102 12.40 -3.86 -53.92
N GLU L 103 12.13 -4.84 -54.74
CA GLU L 103 11.33 -5.95 -54.30
C GLU L 103 12.19 -7.11 -53.80
N HIS L 104 13.52 -6.97 -53.82
CA HIS L 104 14.37 -8.03 -53.30
C HIS L 104 14.62 -7.84 -51.77
N PRO L 105 14.54 -8.94 -51.01
CA PRO L 105 14.84 -8.96 -49.55
C PRO L 105 16.24 -8.36 -49.25
N MSE L 106 16.29 -7.46 -48.31
CA MSE L 106 17.51 -6.73 -48.01
C MSE L 106 18.02 -7.16 -46.67
O MSE L 106 17.25 -7.35 -45.74
CB MSE L 106 17.24 -5.22 -48.03
CG MSE L 106 18.46 -4.44 -47.61
SE MSE L 106 18.28 -2.57 -47.10
CE MSE L 106 20.19 -2.04 -47.35
N VAL L 107 19.33 -7.36 -46.59
CA VAL L 107 19.98 -7.55 -45.32
C VAL L 107 20.46 -6.15 -44.92
N LEU L 108 19.93 -5.61 -43.85
CA LEU L 108 20.32 -4.29 -43.42
C LEU L 108 21.40 -4.20 -42.32
N LEU L 109 22.48 -3.48 -42.61
CA LEU L 109 23.47 -3.09 -41.58
C LEU L 109 22.87 -1.93 -40.81
N ASP L 110 22.38 -2.22 -39.63
CA ASP L 110 21.76 -1.24 -38.81
C ASP L 110 22.82 -0.82 -37.75
N ALA L 111 23.72 0.05 -38.19
CA ALA L 111 24.79 0.53 -37.34
C ALA L 111 24.91 2.01 -37.65
N PRO L 112 24.11 2.87 -36.94
CA PRO L 112 24.15 4.32 -37.15
C PRO L 112 25.59 4.83 -37.16
N PRO L 113 25.93 5.71 -38.10
CA PRO L 113 25.03 6.37 -39.02
C PRO L 113 24.80 5.60 -40.35
N SER L 114 25.15 4.32 -40.42
CA SER L 114 24.98 3.65 -41.71
C SER L 114 23.50 3.40 -42.07
N THR L 115 22.64 3.20 -41.07
CA THR L 115 21.20 2.97 -41.23
C THR L 115 20.40 4.11 -41.92
N ASN L 116 20.44 5.36 -41.41
CA ASN L 116 19.73 6.42 -42.13
C ASN L 116 20.32 6.72 -43.49
N HIS L 117 21.63 6.56 -43.64
CA HIS L 117 22.24 6.75 -44.92
C HIS L 117 21.74 5.73 -45.97
N ALA L 118 21.71 4.44 -45.63
CA ALA L 118 21.10 3.41 -46.50
C ALA L 118 19.65 3.69 -46.89
N MSE L 119 18.86 4.08 -45.89
CA MSE L 119 17.45 4.41 -46.04
C MSE L 119 17.26 5.61 -46.94
O MSE L 119 16.37 5.63 -47.80
CB MSE L 119 16.80 4.65 -44.65
CG MSE L 119 16.77 3.41 -43.74
SE MSE L 119 15.77 1.88 -44.53
CE MSE L 119 13.98 2.68 -44.45
N ASP L 120 18.08 6.63 -46.72
CA ASP L 120 18.07 7.80 -47.56
C ASP L 120 18.44 7.48 -49.01
N VAL L 121 19.54 6.75 -49.24
CA VAL L 121 19.89 6.26 -50.60
C VAL L 121 18.77 5.55 -51.30
N CYS L 122 18.07 4.66 -50.59
CA CYS L 122 16.95 3.90 -51.15
C CYS L 122 15.84 4.85 -51.55
N ARG L 123 15.51 5.79 -50.68
CA ARG L 123 14.44 6.81 -50.90
C ARG L 123 14.64 7.75 -52.12
N GLU L 124 15.86 8.24 -52.29
CA GLU L 124 16.27 8.92 -53.53
C GLU L 124 16.20 8.03 -54.76
N ALA L 125 16.39 6.73 -54.60
CA ALA L 125 16.15 5.84 -55.74
C ALA L 125 14.64 5.57 -55.84
N GLY L 126 13.89 6.05 -54.86
CA GLY L 126 12.45 5.94 -54.92
C GLY L 126 11.72 4.87 -54.17
N PHE L 127 12.34 4.24 -53.15
CA PHE L 127 11.70 3.12 -52.41
C PHE L 127 12.16 2.95 -50.96
N ALA L 128 11.35 2.24 -50.16
CA ALA L 128 11.74 1.80 -48.83
C ALA L 128 12.03 0.30 -48.97
N PRO L 129 13.23 -0.15 -48.58
CA PRO L 129 13.59 -1.55 -48.73
C PRO L 129 12.71 -2.59 -47.97
N ARG L 130 12.66 -3.82 -48.49
CA ARG L 130 11.98 -4.93 -47.83
C ARG L 130 13.05 -5.63 -47.02
N VAL L 131 13.14 -5.27 -45.75
CA VAL L 131 14.22 -5.77 -44.85
C VAL L 131 13.87 -7.12 -44.25
N ALA L 132 14.60 -8.15 -44.69
CA ALA L 132 14.41 -9.53 -44.23
C ALA L 132 15.21 -9.79 -42.95
N TYR L 133 16.42 -9.20 -42.84
CA TYR L 133 17.34 -9.31 -41.71
C TYR L 133 18.07 -7.99 -41.38
N ARG L 134 18.30 -7.75 -40.08
CA ARG L 134 19.11 -6.62 -39.59
C ARG L 134 20.24 -7.14 -38.74
N THR L 135 21.39 -6.48 -38.86
CA THR L 135 22.45 -6.72 -37.89
C THR L 135 23.26 -5.48 -37.74
N ALA L 136 23.88 -5.30 -36.58
CA ALA L 136 24.87 -4.26 -36.32
C ALA L 136 26.29 -4.67 -36.76
N ASN L 137 26.45 -5.90 -37.28
CA ASN L 137 27.79 -6.55 -37.39
C ASN L 137 28.11 -6.60 -38.88
N PHE L 138 29.24 -6.02 -39.28
CA PHE L 138 29.56 -5.87 -40.72
C PHE L 138 29.70 -7.24 -41.41
N GLU L 139 30.34 -8.18 -40.74
CA GLU L 139 30.57 -9.53 -41.33
C GLU L 139 29.33 -10.39 -41.38
N THR L 140 28.44 -10.19 -40.41
CA THR L 140 27.14 -10.80 -40.47
C THR L 140 26.33 -10.39 -41.71
N ALA L 141 26.27 -9.08 -41.99
CA ALA L 141 25.58 -8.58 -43.19
C ALA L 141 26.25 -9.21 -44.39
N ARG L 142 27.56 -9.10 -44.51
CA ARG L 142 28.22 -9.74 -45.68
C ARG L 142 28.00 -11.24 -45.79
N ALA L 143 28.03 -11.96 -44.66
CA ALA L 143 27.89 -13.40 -44.74
C ALA L 143 26.50 -13.83 -45.20
N PHE L 144 25.48 -13.09 -44.72
CA PHE L 144 24.08 -13.36 -45.02
C PHE L 144 23.86 -13.09 -46.50
N VAL L 145 24.49 -12.02 -47.00
CA VAL L 145 24.45 -11.63 -48.43
C VAL L 145 25.12 -12.72 -49.28
N GLY L 146 26.34 -13.12 -48.93
CA GLY L 146 27.08 -14.14 -49.66
C GLY L 146 26.34 -15.46 -49.70
N ARG L 147 25.57 -15.72 -48.62
CA ARG L 147 24.78 -16.94 -48.55
C ARG L 147 23.46 -16.85 -49.30
N GLY L 148 23.06 -15.70 -49.82
CA GLY L 148 21.86 -15.63 -50.62
C GLY L 148 20.64 -15.26 -49.78
N LEU L 149 20.86 -14.68 -48.63
CA LEU L 149 19.77 -14.24 -47.75
C LEU L 149 19.20 -12.82 -48.10
N GLY L 150 19.82 -12.16 -49.05
CA GLY L 150 19.47 -10.77 -49.29
C GLY L 150 20.60 -10.06 -49.98
N TRP L 151 20.34 -8.80 -50.37
CA TRP L 151 21.34 -7.89 -50.86
C TRP L 151 21.60 -6.86 -49.80
N THR L 152 22.76 -6.17 -49.87
CA THR L 152 22.94 -5.04 -48.95
C THR L 152 23.61 -3.86 -49.59
N LEU L 153 23.72 -2.78 -48.81
N LEU L 153 23.82 -2.81 -48.79
CA LEU L 153 24.47 -1.58 -49.17
CA LEU L 153 24.45 -1.56 -49.21
C LEU L 153 25.49 -1.41 -48.10
C LEU L 153 25.42 -1.16 -48.12
N LEU L 154 26.69 -1.04 -48.49
CA LEU L 154 27.78 -0.85 -47.55
C LEU L 154 28.68 0.34 -47.91
N LEU L 155 29.26 0.92 -46.88
CA LEU L 155 30.00 2.15 -46.96
C LEU L 155 31.50 1.91 -47.19
N GLN L 156 31.93 0.68 -46.92
CA GLN L 156 33.31 0.23 -47.04
C GLN L 156 33.42 -1.12 -47.73
N ARG L 157 34.61 -1.40 -48.28
CA ARG L 157 34.82 -2.62 -49.03
C ARG L 157 36.06 -3.34 -48.46
N PRO L 158 35.82 -4.34 -47.60
CA PRO L 158 37.01 -4.97 -47.07
C PRO L 158 37.84 -5.48 -48.24
N ARG L 159 39.14 -5.54 -48.03
CA ARG L 159 40.07 -6.15 -49.01
C ARG L 159 40.06 -7.65 -48.94
N VAL L 160 38.86 -8.18 -48.89
CA VAL L 160 38.69 -9.59 -49.01
C VAL L 160 37.23 -9.84 -49.43
N ASP L 161 36.99 -10.06 -50.71
CA ASP L 161 35.57 -10.21 -51.28
C ASP L 161 35.01 -11.65 -51.01
N VAL L 162 35.31 -12.16 -49.82
CA VAL L 162 34.82 -13.50 -49.47
C VAL L 162 34.37 -13.40 -48.04
N THR L 163 33.37 -14.21 -47.68
CA THR L 163 32.82 -14.19 -46.34
C THR L 163 33.50 -15.19 -45.43
N TYR L 164 33.23 -15.08 -44.11
CA TYR L 164 33.61 -16.17 -43.17
C TYR L 164 33.27 -17.60 -43.57
N GLU L 165 32.21 -17.78 -44.34
CA GLU L 165 31.85 -19.16 -44.74
C GLU L 165 32.63 -19.57 -45.98
N GLY L 166 33.49 -18.65 -46.46
CA GLY L 166 34.30 -18.87 -47.69
C GLY L 166 33.61 -18.67 -49.04
N LEU L 167 32.44 -18.01 -49.00
CA LEU L 167 31.61 -17.78 -50.12
C LEU L 167 31.92 -16.40 -50.69
N PRO L 168 31.84 -16.27 -52.03
CA PRO L 168 32.02 -14.93 -52.62
C PRO L 168 30.89 -13.89 -52.36
N VAL L 169 31.35 -12.64 -52.36
CA VAL L 169 30.50 -11.47 -52.38
C VAL L 169 30.87 -10.68 -53.69
N VAL L 170 29.82 -10.26 -54.38
CA VAL L 170 29.96 -9.55 -55.64
C VAL L 170 29.56 -8.09 -55.36
N VAL L 171 30.57 -7.23 -55.28
CA VAL L 171 30.49 -5.85 -54.91
C VAL L 171 30.36 -5.01 -56.20
N LYS L 172 29.33 -4.16 -56.21
CA LYS L 172 28.88 -3.48 -57.41
C LYS L 172 28.69 -1.98 -57.17
N PRO L 173 29.17 -1.13 -58.08
CA PRO L 173 28.91 0.29 -58.08
C PRO L 173 27.40 0.52 -58.27
N ILE L 174 26.91 1.61 -57.69
CA ILE L 174 25.51 2.00 -57.83
C ILE L 174 25.35 2.97 -59.01
N ALA L 175 24.40 2.62 -59.88
CA ALA L 175 24.01 3.38 -61.08
C ALA L 175 23.45 4.77 -60.74
N GLU L 176 22.97 5.46 -61.75
CA GLU L 176 22.30 6.77 -61.56
C GLU L 176 20.98 6.61 -60.80
N PRO L 177 20.60 7.60 -59.99
CA PRO L 177 21.29 8.81 -59.61
C PRO L 177 22.41 8.45 -58.61
N LYS L 178 23.64 8.75 -59.01
CA LYS L 178 24.84 8.35 -58.29
C LYS L 178 24.86 8.90 -56.87
N PRO L 179 24.95 8.01 -55.83
CA PRO L 179 25.01 8.53 -54.47
C PRO L 179 26.31 9.31 -54.18
N ALA L 180 26.23 10.34 -53.32
CA ALA L 180 27.44 11.07 -52.90
C ALA L 180 28.42 10.11 -52.25
N SER L 181 29.68 10.43 -52.46
CA SER L 181 30.80 9.79 -51.77
C SER L 181 30.71 10.08 -50.28
N VAL L 182 31.12 9.13 -49.44
CA VAL L 182 31.11 9.36 -47.99
C VAL L 182 32.55 9.36 -47.47
N ALA L 183 32.94 10.38 -46.71
CA ALA L 183 34.28 10.47 -46.18
C ALA L 183 34.41 9.69 -44.84
N VAL L 184 35.57 9.12 -44.60
CA VAL L 184 36.00 8.69 -43.31
C VAL L 184 36.98 9.72 -42.88
N VAL L 185 36.82 10.19 -41.66
CA VAL L 185 37.61 11.26 -41.10
C VAL L 185 38.30 10.88 -39.76
N VAL L 186 39.39 11.56 -39.39
CA VAL L 186 39.73 11.67 -37.98
C VAL L 186 38.97 12.93 -37.47
N ALA L 187 38.39 12.85 -36.26
CA ALA L 187 37.57 13.89 -35.73
C ALA L 187 37.96 14.20 -34.30
N TRP L 188 37.69 15.45 -33.89
CA TRP L 188 37.93 15.86 -32.52
C TRP L 188 37.01 17.05 -32.20
N HIS L 189 36.75 17.21 -30.91
CA HIS L 189 35.88 18.21 -30.41
C HIS L 189 36.68 19.51 -30.31
N GLN L 190 36.29 20.50 -31.08
CA GLN L 190 36.97 21.81 -31.09
C GLN L 190 37.09 22.54 -29.74
N GLU L 191 36.11 22.38 -28.84
CA GLU L 191 36.25 22.99 -27.51
C GLU L 191 37.55 22.46 -26.93
N ALA L 192 37.77 21.15 -27.02
CA ALA L 192 38.96 20.54 -26.38
C ALA L 192 40.30 20.93 -27.04
N THR L 193 41.35 20.83 -26.23
CA THR L 193 42.72 21.19 -26.62
C THR L 193 43.45 19.89 -26.99
N LEU L 194 43.98 19.76 -28.20
CA LEU L 194 44.72 18.53 -28.57
C LEU L 194 46.09 18.41 -27.86
N SER L 195 46.30 17.32 -27.12
CA SER L 195 47.63 17.06 -26.58
C SER L 195 48.61 16.91 -27.70
N ARG L 196 49.89 17.04 -27.36
CA ARG L 196 50.97 16.76 -28.27
C ARG L 196 50.83 15.40 -28.97
N VAL L 197 50.51 14.35 -28.23
CA VAL L 197 50.46 12.99 -28.83
C VAL L 197 49.31 12.92 -29.82
N ALA L 198 48.18 13.54 -29.49
CA ALA L 198 47.06 13.69 -30.39
C ALA L 198 47.39 14.48 -31.65
N ARG L 199 48.02 15.66 -31.53
CA ARG L 199 48.43 16.42 -32.75
C ARG L 199 49.37 15.51 -33.59
N ALA L 200 50.35 14.84 -32.95
CA ALA L 200 51.25 13.85 -33.65
C ALA L 200 50.51 12.71 -34.34
N PHE L 201 49.50 12.20 -33.69
CA PHE L 201 48.67 11.17 -34.31
C PHE L 201 48.02 11.66 -35.59
N ILE L 202 47.39 12.82 -35.54
CA ILE L 202 46.58 13.37 -36.64
C ILE L 202 47.53 13.63 -37.80
N ARG L 203 48.72 14.16 -37.52
CA ARG L 203 49.71 14.44 -38.57
C ARG L 203 50.29 13.16 -39.17
N PHE L 204 50.47 12.14 -38.35
CA PHE L 204 51.09 10.92 -38.82
C PHE L 204 50.12 10.10 -39.69
N VAL L 205 48.88 9.92 -39.21
CA VAL L 205 47.90 9.04 -39.89
C VAL L 205 47.38 9.63 -41.22
N THR L 206 47.48 10.95 -41.37
CA THR L 206 47.13 11.60 -42.61
C THR L 206 48.28 11.79 -43.59
N ALA L 207 49.48 11.34 -43.25
CA ALA L 207 50.67 11.56 -44.07
C ALA L 207 50.81 10.50 -45.18
P PO4 M . -18.86 15.89 24.69
O1 PO4 M . -19.49 15.53 26.04
O2 PO4 M . -17.81 16.95 24.96
O3 PO4 M . -18.25 14.66 24.02
O4 PO4 M . -19.87 16.48 23.73
P PO4 N . -30.94 56.10 37.94
O1 PO4 N . -31.72 55.45 39.08
O2 PO4 N . -31.25 57.59 37.84
O3 PO4 N . -29.46 55.93 38.18
O4 PO4 N . -31.37 55.46 36.63
P PO4 O . -15.42 32.80 37.57
O1 PO4 O . -16.91 32.84 37.33
O2 PO4 O . -14.88 34.23 37.73
O3 PO4 O . -15.01 32.14 38.83
O4 PO4 O . -14.75 32.15 36.34
P PO4 P . -12.82 41.06 12.96
O1 PO4 P . -12.67 39.57 13.35
O2 PO4 P . -12.78 41.94 14.20
O3 PO4 P . -11.60 41.43 12.07
O4 PO4 P . -14.20 41.19 12.27
P PO4 Q . -6.54 39.59 41.57
O1 PO4 Q . -7.95 40.06 41.92
O2 PO4 Q . -5.53 40.36 42.42
O3 PO4 Q . -6.43 38.11 41.86
O4 PO4 Q . -6.26 39.84 40.09
P PO4 R . -32.93 46.43 21.28
O1 PO4 R . -34.38 46.14 20.95
O2 PO4 R . -32.87 47.43 22.43
O3 PO4 R . -32.31 45.13 21.68
O4 PO4 R . -32.13 46.98 20.11
P PO4 S . -0.42 36.84 12.32
O1 PO4 S . -1.81 36.76 12.95
O2 PO4 S . 0.33 38.10 12.70
O3 PO4 S . 0.34 35.62 12.77
O4 PO4 S . -0.55 36.89 10.81
P PO4 T . 11.56 9.87 13.56
O1 PO4 T . 10.28 9.14 13.90
O2 PO4 T . 11.32 11.35 13.63
O3 PO4 T . 12.64 9.52 14.55
O4 PO4 T . 12.00 9.59 12.14
P PO4 U . -0.52 34.32 33.85
O1 PO4 U . -1.33 33.70 34.98
O2 PO4 U . 0.75 34.98 34.34
O3 PO4 U . -0.14 33.17 32.96
O4 PO4 U . -1.34 35.33 33.06
P PO4 V . 0.71 40.77 7.21
O1 PO4 V . -0.09 40.04 8.27
O2 PO4 V . 0.73 42.26 7.46
O3 PO4 V . 2.15 40.32 7.22
O4 PO4 V . 0.05 40.49 5.86
P PO4 W . -2.14 8.00 8.26
O1 PO4 W . -2.53 6.80 7.40
O2 PO4 W . -3.27 9.03 8.12
O3 PO4 W . -2.01 7.57 9.70
O4 PO4 W . -0.79 8.54 7.78
P PO4 X . -5.69 15.68 32.53
O1 PO4 X . -6.39 14.74 31.57
O2 PO4 X . -6.72 16.28 33.49
O3 PO4 X . -4.60 15.03 33.36
O4 PO4 X . -4.89 16.76 31.81
P PO4 Y . -33.97 -2.16 25.82
O1 PO4 Y . -34.37 -3.59 26.07
O2 PO4 Y . -34.05 -1.39 27.11
O3 PO4 Y . -32.54 -2.08 25.30
O4 PO4 Y . -34.88 -1.53 24.80
P PO4 Z . -34.26 11.55 47.74
O1 PO4 Z . -35.69 12.08 47.71
O2 PO4 Z . -33.59 11.90 49.07
O3 PO4 Z . -34.34 10.05 47.79
O4 PO4 Z . -33.56 12.02 46.47
P PO4 AA . -18.58 -13.62 48.11
O1 PO4 AA . -18.88 -15.11 47.97
O2 PO4 AA . -19.83 -12.81 48.40
O3 PO4 AA . -17.56 -13.42 49.19
O4 PO4 AA . -18.05 -13.08 46.81
P PO4 BA . 1.06 -15.63 27.07
O1 PO4 BA . -0.33 -15.28 26.57
O2 PO4 BA . 1.00 -15.76 28.57
O3 PO4 BA . 1.52 -16.96 26.49
O4 PO4 BA . 2.05 -14.58 26.62
P PO4 CA . 6.87 -7.14 25.31
O1 PO4 CA . 6.36 -8.50 25.73
O2 PO4 CA . 5.69 -6.26 24.94
O3 PO4 CA . 7.69 -6.52 26.44
O4 PO4 CA . 7.76 -7.27 24.08
P PO4 DA . -17.55 8.27 66.43
O1 PO4 DA . -18.58 7.68 65.46
O2 PO4 DA . -17.85 9.76 66.48
O3 PO4 DA . -17.70 7.66 67.81
O4 PO4 DA . -16.11 8.03 65.99
P PO4 EA . -2.49 22.03 44.98
O1 PO4 EA . -1.39 22.80 44.28
O2 PO4 EA . -3.78 22.79 44.76
O3 PO4 EA . -2.57 20.65 44.37
O4 PO4 EA . -2.24 21.87 46.48
P PO4 FA . 0.97 31.58 54.02
O1 PO4 FA . 0.30 30.22 53.70
O2 PO4 FA . 0.54 32.19 55.37
O3 PO4 FA . 2.52 31.34 54.10
O4 PO4 FA . 0.65 32.66 52.97
P PO4 GA . -20.14 11.96 63.76
O1 PO4 GA . -20.80 10.76 63.09
O2 PO4 GA . -20.61 12.09 65.22
O3 PO4 GA . -18.64 11.77 63.77
O4 PO4 GA . -20.56 13.19 62.99
P PO4 HA . -17.82 13.55 59.69
O1 PO4 HA . -18.26 12.55 58.61
O2 PO4 HA . -19.02 13.89 60.58
O3 PO4 HA . -16.67 12.98 60.52
O4 PO4 HA . -17.28 14.83 59.11
P PO4 IA . -34.82 -14.68 -6.75
O1 PO4 IA . -35.23 -14.52 -8.20
O2 PO4 IA . -36.03 -14.48 -5.85
O3 PO4 IA . -34.26 -16.06 -6.54
O4 PO4 IA . -33.76 -13.66 -6.36
P PO4 JA . -29.35 -23.73 -49.85
O1 PO4 JA . -30.56 -24.62 -50.06
O2 PO4 JA . -28.73 -24.10 -48.52
O3 PO4 JA . -28.31 -23.94 -50.92
O4 PO4 JA . -29.75 -22.27 -49.84
P PO4 KA . -35.73 -16.77 -43.42
O1 PO4 KA . -36.95 -16.57 -42.54
O2 PO4 KA . -34.52 -16.29 -42.65
O3 PO4 KA . -35.51 -18.21 -43.80
O4 PO4 KA . -35.85 -16.02 -44.73
P PO4 LA . -7.43 -22.29 -15.41
O1 PO4 LA . -8.77 -22.48 -14.73
O2 PO4 LA . -6.57 -21.33 -14.62
O3 PO4 LA . -6.67 -23.57 -15.45
O4 PO4 LA . -7.71 -21.82 -16.83
P PO4 MA . -3.50 7.66 -36.70
O1 PO4 MA . -3.98 8.42 -37.92
O2 PO4 MA . -4.56 7.81 -35.63
O3 PO4 MA . -3.31 6.21 -37.11
O4 PO4 MA . -2.14 8.24 -36.29
P PO4 NA . -3.89 1.03 -38.02
O1 PO4 NA . -4.72 -0.05 -38.63
O2 PO4 NA . -4.48 2.36 -38.43
O3 PO4 NA . -3.95 0.93 -36.51
O4 PO4 NA . -2.46 0.91 -38.52
P PO4 OA . -21.82 -17.84 -47.76
O1 PO4 OA . -22.44 -18.98 -47.00
O2 PO4 OA . -22.20 -16.54 -47.09
O3 PO4 OA . -20.32 -18.05 -47.74
O4 PO4 OA . -22.30 -17.84 -49.21
P PO4 PA . -9.09 -22.75 -21.45
O1 PO4 PA . -10.60 -22.74 -21.36
O2 PO4 PA . -8.68 -21.39 -21.90
O3 PO4 PA . -8.55 -23.14 -20.08
O4 PO4 PA . -8.56 -23.77 -22.41
P PO4 QA . -26.74 -4.00 -34.08
O1 PO4 QA . -27.92 -3.29 -33.43
O2 PO4 QA . -25.48 -3.17 -33.98
O3 PO4 QA . -26.51 -5.37 -33.40
O4 PO4 QA . -27.07 -4.18 -35.58
P PO4 RA . -11.76 -19.37 -26.65
O1 PO4 RA . -13.26 -19.64 -26.71
O2 PO4 RA . -11.44 -18.66 -25.33
O3 PO4 RA . -11.01 -20.69 -26.74
O4 PO4 RA . -11.37 -18.42 -27.76
P PO4 SA . -7.88 8.93 -27.19
O1 PO4 SA . -9.37 8.81 -26.95
O2 PO4 SA . -7.16 8.95 -25.85
O3 PO4 SA . -7.32 7.76 -27.97
O4 PO4 SA . -7.63 10.20 -27.94
P PO4 TA . -6.00 6.45 -31.44
O1 PO4 TA . -6.09 5.27 -30.48
O2 PO4 TA . -6.98 7.53 -31.01
O3 PO4 TA . -4.60 7.04 -31.41
O4 PO4 TA . -6.27 6.00 -32.87
P PO4 UA . -8.44 -27.91 -18.17
O1 PO4 UA . -9.68 -28.72 -18.46
O2 PO4 UA . -8.75 -26.88 -17.10
O3 PO4 UA . -7.37 -28.87 -17.68
O4 PO4 UA . -7.95 -27.23 -19.45
P PO4 VA . -22.09 -45.93 -35.19
O1 PO4 VA . -22.42 -47.31 -35.74
O2 PO4 VA . -22.90 -45.62 -33.94
O3 PO4 VA . -20.63 -45.94 -34.80
O4 PO4 VA . -22.39 -44.90 -36.24
P PO4 WA . -3.38 -23.60 -26.80
O1 PO4 WA . -4.37 -23.98 -25.71
O2 PO4 WA . -3.07 -22.12 -26.71
O3 PO4 WA . -2.10 -24.40 -26.63
O4 PO4 WA . -3.99 -23.94 -28.13
P PO4 XA . -32.46 -37.15 -19.60
O1 PO4 XA . -33.72 -37.59 -18.88
O2 PO4 XA . -32.00 -35.81 -19.07
O3 PO4 XA . -31.35 -38.16 -19.38
O4 PO4 XA . -32.78 -37.04 -21.07
P PO4 YA . -5.86 -33.90 -20.53
O1 PO4 YA . -6.59 -34.72 -21.56
O2 PO4 YA . -6.66 -32.62 -20.32
O3 PO4 YA . -5.75 -34.68 -19.23
O4 PO4 YA . -4.47 -33.57 -21.08
P PO4 ZA . -8.58 -16.92 -18.17
O1 PO4 ZA . -9.80 -17.73 -18.52
O2 PO4 ZA . -9.01 -15.80 -17.22
O3 PO4 ZA . -7.52 -17.86 -17.62
O4 PO4 ZA . -8.01 -16.28 -19.45
P PO4 AB . -10.35 0.31 3.65
O1 PO4 AB . -11.60 0.09 2.82
O2 PO4 AB . -10.52 1.58 4.45
O3 PO4 AB . -10.17 -0.87 4.59
O4 PO4 AB . -9.15 0.44 2.75
P PO4 BB . -5.36 -27.92 14.18
O1 PO4 BB . -6.71 -28.43 13.60
O2 PO4 BB . -5.71 -26.70 15.09
O3 PO4 BB . -4.70 -29.04 15.02
O4 PO4 BB . -4.36 -27.46 13.07
P PO4 CB . -37.55 -36.81 16.25
O1 PO4 CB . -38.35 -38.04 15.87
O2 PO4 CB . -38.51 -35.66 16.39
O3 PO4 CB . -36.90 -37.06 17.59
O4 PO4 CB . -36.63 -36.46 15.10
P PO4 DB . -29.36 -20.03 -0.15
O1 PO4 DB . -30.48 -21.07 -0.20
O2 PO4 DB . -29.29 -19.55 1.27
O3 PO4 DB . -28.03 -20.63 -0.62
O4 PO4 DB . -29.67 -18.87 -1.10
P PO4 EB . -31.72 1.89 19.44
O1 PO4 EB . -32.87 0.92 19.52
O2 PO4 EB . -31.51 2.66 20.74
O3 PO4 EB . -30.42 1.21 19.12
O4 PO4 EB . -32.04 2.92 18.38
P PO4 FB . -13.17 -33.80 -16.43
O1 PO4 FB . -14.42 -34.66 -16.36
O2 PO4 FB . -13.04 -32.99 -15.13
O3 PO4 FB . -12.00 -34.73 -16.65
O4 PO4 FB . -13.30 -32.79 -17.57
P PO4 GB . 49.68 -3.65 10.99
O1 PO4 GB . 48.26 -4.19 10.83
O2 PO4 GB . 49.73 -2.71 12.18
O3 PO4 GB . 50.56 -4.88 11.13
O4 PO4 GB . 50.25 -2.90 9.82
P PO4 HB . 50.31 7.59 7.05
O1 PO4 HB . 49.06 7.05 7.70
O2 PO4 HB . 51.33 7.48 8.17
O3 PO4 HB . 50.69 6.77 5.83
O4 PO4 HB . 50.18 9.02 6.55
P PO4 IB . 57.31 25.96 -9.60
O1 PO4 IB . 55.81 26.15 -9.58
O2 PO4 IB . 57.99 26.99 -8.73
O3 PO4 IB . 57.66 24.63 -8.96
O4 PO4 IB . 57.76 26.02 -11.05
P PO4 JB . 57.25 -15.85 -6.47
O1 PO4 JB . 56.87 -17.10 -7.24
O2 PO4 JB . 57.14 -16.08 -4.96
O3 PO4 JB . 58.70 -15.50 -6.80
O4 PO4 JB . 56.31 -14.76 -6.93
P PO4 KB . 47.35 6.20 2.70
O1 PO4 KB . 45.90 5.82 2.55
O2 PO4 KB . 47.51 6.97 4.02
O3 PO4 KB . 48.15 4.92 2.69
O4 PO4 KB . 47.64 7.15 1.53
P PO4 LB . 52.86 -21.77 -6.91
O1 PO4 LB . 51.89 -22.82 -7.39
O2 PO4 LB . 52.09 -20.77 -6.07
O3 PO4 LB . 53.92 -22.48 -6.05
O4 PO4 LB . 53.54 -21.09 -8.07
P PO4 MB . 47.85 35.94 2.11
O1 PO4 MB . 46.59 35.22 1.66
O2 PO4 MB . 47.50 37.06 3.07
O3 PO4 MB . 48.77 34.95 2.81
O4 PO4 MB . 48.62 36.49 0.93
P PO4 NB . 23.73 2.50 6.43
O1 PO4 NB . 22.82 1.70 5.54
O2 PO4 NB . 23.02 3.71 7.04
O3 PO4 NB . 24.14 1.56 7.57
O4 PO4 NB . 24.91 3.03 5.66
P PO4 OB . 33.43 30.51 5.23
O1 PO4 OB . 32.36 30.05 6.19
O2 PO4 OB . 33.60 31.98 5.47
O3 PO4 OB . 34.71 29.80 5.55
O4 PO4 OB . 33.04 30.29 3.78
P PO4 PB . 25.08 9.69 -15.14
O1 PO4 PB . 24.01 10.05 -14.11
O2 PO4 PB . 26.37 10.35 -14.71
O3 PO4 PB . 25.29 8.17 -15.19
O4 PO4 PB . 24.68 10.15 -16.52
P PO4 QB . 18.19 31.53 -1.07
O1 PO4 QB . 17.13 30.59 -1.56
O2 PO4 QB . 18.10 31.66 0.45
O3 PO4 QB . 19.59 31.05 -1.44
O4 PO4 QB . 17.92 32.84 -1.76
P PO4 RB . 24.56 7.42 18.47
O1 PO4 RB . 23.90 6.46 17.50
O2 PO4 RB . 24.06 7.15 19.88
O3 PO4 RB . 26.07 7.19 18.43
O4 PO4 RB . 24.23 8.85 18.08
P PO4 SB . 17.59 -2.30 7.94
O1 PO4 SB . 16.10 -2.44 7.69
O2 PO4 SB . 17.95 -2.72 9.35
O3 PO4 SB . 18.34 -3.18 6.95
O4 PO4 SB . 17.96 -0.83 7.79
P PO4 TB . 30.72 17.00 -9.17
O1 PO4 TB . 30.04 16.21 -8.07
O2 PO4 TB . 32.03 17.61 -8.72
O3 PO4 TB . 31.01 16.03 -10.30
O4 PO4 TB . 29.77 18.10 -9.62
P PO4 UB . 25.61 -7.72 -21.58
O1 PO4 UB . 24.43 -7.81 -22.46
O2 PO4 UB . 25.23 -6.71 -20.51
O3 PO4 UB . 26.12 -9.05 -21.06
O4 PO4 UB . 26.71 -7.18 -22.50
P PO4 VB . 4.37 -33.58 -33.46
O1 PO4 VB . 4.34 -35.09 -33.35
O2 PO4 VB . 3.45 -33.00 -32.41
O3 PO4 VB . 5.77 -33.07 -33.19
O4 PO4 VB . 3.97 -33.14 -34.85
P PO4 WB . 47.80 -32.87 -23.41
O1 PO4 WB . 46.31 -32.66 -23.19
O2 PO4 WB . 48.54 -32.62 -22.12
O3 PO4 WB . 48.05 -34.30 -23.84
O4 PO4 WB . 48.37 -32.02 -24.52
P PO4 XB . 53.31 -10.11 -38.00
O1 PO4 XB . 53.08 -11.43 -38.67
O2 PO4 XB . 52.72 -10.13 -36.59
O3 PO4 XB . 54.79 -9.81 -37.78
O4 PO4 XB . 52.66 -9.08 -38.94
P PO4 YB . 45.02 -25.78 -42.18
O1 PO4 YB . 44.58 -26.58 -40.98
O2 PO4 YB . 45.91 -24.63 -41.76
O3 PO4 YB . 45.81 -26.69 -43.10
O4 PO4 YB . 43.81 -25.25 -42.93
P PO4 ZB . 11.24 -35.53 -30.45
O1 PO4 ZB . 9.74 -35.41 -30.63
O2 PO4 ZB . 11.54 -35.52 -28.97
O3 PO4 ZB . 11.73 -36.83 -31.04
O4 PO4 ZB . 11.91 -34.37 -31.14
P PO4 AC . 35.52 -3.92 -24.49
O1 PO4 AC . 35.31 -5.32 -25.03
O2 PO4 AC . 34.64 -3.67 -23.29
O3 PO4 AC . 36.96 -3.77 -24.03
O4 PO4 AC . 35.18 -2.96 -25.61
P PO4 BC . 16.85 -2.34 -26.28
O1 PO4 BC . 15.51 -2.85 -26.77
O2 PO4 BC . 16.72 -1.00 -25.59
O3 PO4 BC . 17.38 -3.33 -25.25
O4 PO4 BC . 17.80 -2.21 -27.46
P PO4 CC . 55.77 -5.28 -27.14
O1 PO4 CC . 54.52 -4.75 -26.44
O2 PO4 CC . 56.92 -4.36 -26.76
O3 PO4 CC . 56.17 -6.70 -26.74
O4 PO4 CC . 55.53 -5.33 -28.64
P PO4 DC . 1.86 -23.40 -32.88
O1 PO4 DC . 0.65 -24.23 -32.42
O2 PO4 DC . 1.98 -22.06 -32.17
O3 PO4 DC . 3.04 -24.21 -32.44
O4 PO4 DC . 1.84 -23.23 -34.39
P PO4 EC . 53.72 20.81 -32.07
O1 PO4 EC . 52.97 19.52 -31.89
O2 PO4 EC . 53.96 21.34 -30.70
O3 PO4 EC . 54.92 20.52 -32.90
O4 PO4 EC . 52.98 21.90 -32.80
P PO4 FC . 55.33 16.27 -35.96
O1 PO4 FC . 54.18 15.62 -35.19
O2 PO4 FC . 56.62 15.93 -35.21
O3 PO4 FC . 55.42 15.66 -37.35
O4 PO4 FC . 55.16 17.76 -36.11
P PO4 GC . 23.79 4.50 -30.86
O1 PO4 GC . 23.77 3.30 -31.80
O2 PO4 GC . 23.82 4.12 -29.38
O3 PO4 GC . 25.03 5.29 -31.12
O4 PO4 GC . 22.64 5.40 -31.25
P PO4 HC . 41.63 -0.34 -22.43
O1 PO4 HC . 41.27 -1.55 -21.59
O2 PO4 HC . 40.76 0.82 -22.03
O3 PO4 HC . 43.10 0.00 -22.23
O4 PO4 HC . 41.34 -0.64 -23.89
P PO4 IC . 40.81 22.60 -34.17
O1 PO4 IC . 39.99 21.43 -33.72
O2 PO4 IC . 40.77 23.49 -32.93
O3 PO4 IC . 42.25 22.19 -34.53
O4 PO4 IC . 40.09 23.29 -35.32
P PO4 JC . 23.61 17.89 -33.80
O1 PO4 JC . 22.22 17.50 -33.32
O2 PO4 JC . 24.41 18.51 -32.68
O3 PO4 JC . 24.29 16.63 -34.29
O4 PO4 JC . 23.50 18.91 -34.93
#